data_4LEM
#
_entry.id   4LEM
#
_cell.length_a   164.299
_cell.length_b   164.299
_cell.length_c   259.114
_cell.angle_alpha   90.00
_cell.angle_beta   90.00
_cell.angle_gamma   120.00
#
_symmetry.space_group_name_H-M   'P 31 2 1'
#
loop_
_entity.id
_entity.type
_entity.pdbx_description
1 polymer '1-pyrroline-5-carboxylate dehydrogenase'
2 non-polymer COBALAMIN
3 non-polymer 'MAGNESIUM ION'
4 water water
#
_entity_poly.entity_id   1
_entity_poly.type   'polypeptide(L)'
_entity_poly.pdbx_seq_one_letter_code
;MGSSHHHHHHSSGLVPRGSHMDAITQVPVPANEPVHDYAPKSPERTRLRTELASLADHPIDLPHVIGGRHRMGDGERIDV
VQPHRHAARLGTLTNATHADAAAAVEAAMSAKSDWAALPFDERAAVFLRAADLLAGPWREKIAAATMLGQSKSVYQAEID
AVCELIDFWRFNVAFARQILEQQPISGPGEWNRIDYRPLDGFVYAITPFNFTSIAGNLPTAPALMGNTVIWKPSITQTLA
AYLTMQLLEAAGLPPGVINLVTGDGFAVSDVALADPRLAGIHFTGSTATFGHLWQWVGTNIGRYHSYPRLVGETGGKDFV
VAHASARPDVLRTALIRGAFDYQGQK(CME)SAVSRAFIAHSVWQRMGDELLAKAAELRYGDITDLSNYGGALIDQRAFV
KNVDAIERAKGAAAVTVAVGGEYDDSEGYFVRPTVLLSDDPTDESFVIEYFGPLLSVHVYPDERYEQILDVIDTGSRYAL
TGAVIADDRQAVLTALDRLRFAAGNFYVNDKPTGAVVGRQPFGGARGSDTNDKAGSPLNLLRWTSARSIKETFVAATDHI
YPHMAVD
;
_entity_poly.pdbx_strand_id   A,B,C,D,E,F
#
loop_
_chem_comp.id
_chem_comp.type
_chem_comp.name
_chem_comp.formula
B12 non-polymer COBALAMIN 'C62 H89 Co N13 O14 P 2'
MG non-polymer 'MAGNESIUM ION' 'Mg 2'
#
# COMPACT_ATOMS: atom_id res chain seq x y z
N HIS A 20 -29.94 5.47 9.57
CA HIS A 20 -28.55 5.90 9.24
C HIS A 20 -27.54 4.73 8.77
N MET A 21 -26.25 5.06 8.66
CA MET A 21 -25.20 4.07 8.34
C MET A 21 -23.88 4.57 8.91
N ASP A 22 -23.13 3.71 9.60
CA ASP A 22 -21.80 4.11 10.07
C ASP A 22 -20.76 3.17 9.50
N ALA A 23 -20.16 3.62 8.40
CA ALA A 23 -19.29 2.78 7.64
C ALA A 23 -18.53 3.56 6.59
N ILE A 24 -17.39 3.03 6.16
CA ILE A 24 -16.69 3.49 4.94
C ILE A 24 -16.62 2.24 4.05
N THR A 25 -17.59 2.13 3.14
CA THR A 25 -17.83 0.90 2.39
C THR A 25 -16.95 0.85 1.16
N GLN A 26 -16.78 -0.35 0.62
CA GLN A 26 -16.04 -0.63 -0.60
C GLN A 26 -17.05 -1.15 -1.58
N VAL A 27 -16.83 -0.94 -2.89
CA VAL A 27 -17.67 -1.67 -3.87
C VAL A 27 -17.00 -2.98 -4.31
N PRO A 28 -17.77 -3.91 -4.91
CA PRO A 28 -17.17 -5.07 -5.51
C PRO A 28 -16.13 -4.68 -6.53
N VAL A 29 -15.14 -5.56 -6.66
CA VAL A 29 -14.00 -5.36 -7.52
C VAL A 29 -14.39 -5.81 -8.91
N PRO A 30 -14.34 -4.91 -9.89
CA PRO A 30 -14.73 -5.34 -11.24
C PRO A 30 -13.62 -6.10 -11.94
N ALA A 31 -14.03 -7.10 -12.72
CA ALA A 31 -13.19 -7.83 -13.65
C ALA A 31 -13.97 -7.85 -15.02
N ASN A 32 -13.26 -7.94 -16.14
CA ASN A 32 -13.96 -8.05 -17.43
C ASN A 32 -14.82 -9.29 -17.52
N GLU A 33 -16.04 -9.10 -18.05
CA GLU A 33 -16.98 -10.17 -18.30
C GLU A 33 -16.50 -11.07 -19.43
N PRO A 34 -16.48 -12.37 -19.20
CA PRO A 34 -16.08 -13.31 -20.26
C PRO A 34 -17.02 -13.33 -21.44
N VAL A 35 -16.45 -13.55 -22.62
CA VAL A 35 -17.17 -13.56 -23.89
C VAL A 35 -17.60 -14.99 -24.16
N HIS A 36 -18.89 -15.23 -24.32
CA HIS A 36 -19.36 -16.54 -24.67
C HIS A 36 -19.16 -16.77 -26.15
N ASP A 37 -18.76 -17.99 -26.54
CA ASP A 37 -18.47 -18.30 -27.94
C ASP A 37 -19.68 -18.67 -28.81
N TYR A 38 -20.74 -19.17 -28.16
CA TYR A 38 -21.93 -19.65 -28.84
C TYR A 38 -21.59 -20.72 -29.89
N ALA A 39 -20.64 -21.60 -29.55
CA ALA A 39 -20.27 -22.74 -30.41
C ALA A 39 -21.46 -23.69 -30.62
N PRO A 40 -21.45 -24.44 -31.72
CA PRO A 40 -22.49 -25.44 -31.92
C PRO A 40 -22.70 -26.30 -30.67
N LYS A 41 -23.97 -26.60 -30.38
CA LYS A 41 -24.36 -27.43 -29.24
C LYS A 41 -24.13 -26.80 -27.89
N SER A 42 -23.66 -25.54 -27.84
CA SER A 42 -23.44 -24.85 -26.57
C SER A 42 -24.84 -24.46 -26.03
N PRO A 43 -25.04 -24.42 -24.69
CA PRO A 43 -26.31 -24.00 -24.09
C PRO A 43 -26.75 -22.56 -24.50
N GLU A 44 -25.78 -21.67 -24.59
CA GLU A 44 -26.06 -20.27 -24.91
C GLU A 44 -26.59 -20.12 -26.34
N ARG A 45 -26.11 -20.95 -27.25
CA ARG A 45 -26.56 -20.91 -28.63
C ARG A 45 -28.03 -21.28 -28.70
N THR A 46 -28.44 -22.32 -27.96
CA THR A 46 -29.85 -22.71 -27.87
C THR A 46 -30.69 -21.57 -27.29
N ARG A 47 -30.19 -20.96 -26.24
CA ARG A 47 -30.94 -19.89 -25.63
C ARG A 47 -31.02 -18.70 -26.58
N LEU A 48 -29.92 -18.40 -27.24
CA LEU A 48 -29.97 -17.36 -28.26
C LEU A 48 -31.04 -17.61 -29.37
N ARG A 49 -31.12 -18.83 -29.89
CA ARG A 49 -32.11 -19.07 -30.95
C ARG A 49 -33.52 -18.86 -30.42
N THR A 50 -33.72 -19.25 -29.17
CA THR A 50 -35.00 -19.01 -28.53
C THR A 50 -35.29 -17.48 -28.53
N GLU A 51 -34.34 -16.68 -28.05
CA GLU A 51 -34.55 -15.25 -28.00
C GLU A 51 -34.65 -14.60 -29.37
N LEU A 52 -33.90 -15.10 -30.36
CA LEU A 52 -34.01 -14.53 -31.71
C LEU A 52 -35.42 -14.70 -32.25
N ALA A 53 -35.95 -15.92 -32.19
CA ALA A 53 -37.33 -16.21 -32.63
C ALA A 53 -38.34 -15.31 -31.90
N SER A 54 -38.24 -15.25 -30.59
CA SER A 54 -39.21 -14.45 -29.80
C SER A 54 -39.26 -13.00 -30.29
N LEU A 55 -38.11 -12.39 -30.54
CA LEU A 55 -38.12 -10.97 -30.94
C LEU A 55 -38.53 -10.83 -32.39
N ALA A 56 -38.08 -11.76 -33.22
CA ALA A 56 -38.33 -11.66 -34.65
C ALA A 56 -39.77 -11.84 -34.98
N ASP A 57 -40.40 -12.80 -34.31
CA ASP A 57 -41.77 -13.20 -34.58
C ASP A 57 -42.78 -12.38 -33.85
N HIS A 58 -42.38 -11.56 -32.88
CA HIS A 58 -43.31 -10.75 -32.12
C HIS A 58 -43.01 -9.28 -32.03
N PRO A 59 -43.13 -8.58 -33.14
CA PRO A 59 -42.81 -7.17 -33.12
C PRO A 59 -43.66 -6.35 -32.18
N ILE A 60 -43.09 -5.24 -31.70
CA ILE A 60 -43.74 -4.50 -30.63
C ILE A 60 -43.71 -3.03 -30.90
N ASP A 61 -44.59 -2.33 -30.23
CA ASP A 61 -44.52 -0.91 -30.08
C ASP A 61 -43.25 -0.57 -29.32
N LEU A 62 -42.56 0.48 -29.73
CA LEU A 62 -41.36 0.97 -29.04
C LEU A 62 -41.66 2.38 -28.57
N PRO A 63 -42.07 2.51 -27.32
CA PRO A 63 -42.63 3.74 -26.77
C PRO A 63 -41.57 4.57 -26.15
N HIS A 64 -41.92 5.80 -25.87
CA HIS A 64 -41.17 6.67 -25.02
C HIS A 64 -41.35 6.14 -23.63
N VAL A 65 -40.39 6.48 -22.76
CA VAL A 65 -40.43 6.06 -21.36
C VAL A 65 -40.15 7.34 -20.60
N ILE A 66 -41.23 7.95 -20.12
CA ILE A 66 -41.16 9.20 -19.44
C ILE A 66 -41.73 9.12 -18.04
N GLY A 67 -40.90 9.39 -17.03
CA GLY A 67 -41.33 9.37 -15.66
C GLY A 67 -41.81 7.99 -15.29
N GLY A 68 -41.20 6.97 -15.89
CA GLY A 68 -41.66 5.59 -15.72
C GLY A 68 -42.84 5.13 -16.58
N ARG A 69 -43.45 6.00 -17.35
CA ARG A 69 -44.66 5.64 -18.10
C ARG A 69 -44.26 5.39 -19.53
N HIS A 70 -44.62 4.20 -20.03
CA HIS A 70 -44.32 3.75 -21.36
C HIS A 70 -45.46 4.16 -22.24
N ARG A 71 -45.23 5.11 -23.17
CA ARG A 71 -46.31 5.73 -23.97
C ARG A 71 -45.81 5.99 -25.35
N MET A 72 -46.60 5.63 -26.35
CA MET A 72 -46.46 6.11 -27.74
C MET A 72 -46.86 7.54 -27.73
N GLY A 73 -46.31 8.39 -28.62
CA GLY A 73 -46.76 9.78 -28.67
C GLY A 73 -47.49 10.02 -29.97
N ASP A 74 -47.76 11.30 -30.26
CA ASP A 74 -48.49 11.68 -31.48
C ASP A 74 -47.66 11.92 -32.72
N GLY A 75 -46.37 11.66 -32.62
CA GLY A 75 -45.50 11.92 -33.74
C GLY A 75 -45.60 10.83 -34.77
N GLU A 76 -44.91 11.04 -35.87
CA GLU A 76 -44.88 10.07 -36.93
C GLU A 76 -44.39 8.69 -36.49
N ARG A 77 -45.01 7.67 -37.08
CA ARG A 77 -44.69 6.31 -36.83
C ARG A 77 -43.56 5.84 -37.76
N ILE A 78 -42.57 5.20 -37.13
CA ILE A 78 -41.40 4.82 -37.85
C ILE A 78 -41.07 3.37 -37.50
N ASP A 79 -41.00 2.50 -38.51
CA ASP A 79 -40.67 1.09 -38.25
C ASP A 79 -39.20 0.86 -38.07
N VAL A 80 -38.87 -0.09 -37.19
CA VAL A 80 -37.54 -0.55 -36.98
C VAL A 80 -37.55 -1.93 -37.56
N VAL A 81 -36.60 -2.22 -38.45
CA VAL A 81 -36.60 -3.48 -39.18
C VAL A 81 -35.28 -4.17 -39.04
N GLN A 82 -35.21 -5.41 -39.49
CA GLN A 82 -33.95 -6.10 -39.63
C GLN A 82 -33.17 -5.61 -40.87
N PRO A 83 -31.96 -5.07 -40.66
CA PRO A 83 -31.33 -4.44 -41.84
C PRO A 83 -30.94 -5.43 -42.95
N HIS A 84 -30.62 -6.63 -42.53
CA HIS A 84 -30.39 -7.79 -43.38
C HIS A 84 -31.67 -8.49 -43.87
N ARG A 85 -32.84 -7.94 -43.58
CA ARG A 85 -34.09 -8.51 -44.04
C ARG A 85 -35.15 -7.48 -43.84
N HIS A 86 -35.05 -6.42 -44.61
CA HIS A 86 -35.73 -5.18 -44.26
C HIS A 86 -37.26 -5.20 -44.43
N ALA A 87 -37.80 -6.30 -44.97
CA ALA A 87 -39.23 -6.54 -45.02
C ALA A 87 -39.76 -6.94 -43.63
N ALA A 88 -38.85 -7.32 -42.74
CA ALA A 88 -39.20 -7.88 -41.44
C ALA A 88 -39.08 -6.83 -40.32
N ARG A 89 -40.25 -6.37 -39.90
CA ARG A 89 -40.35 -5.32 -38.86
C ARG A 89 -40.08 -5.92 -37.47
N LEU A 90 -39.37 -5.18 -36.64
CA LEU A 90 -39.16 -5.53 -35.23
C LEU A 90 -40.02 -4.75 -34.27
N GLY A 91 -40.43 -3.56 -34.70
CA GLY A 91 -41.20 -2.70 -33.88
C GLY A 91 -41.49 -1.40 -34.60
N THR A 92 -42.24 -0.52 -33.95
CA THR A 92 -42.65 0.74 -34.48
C THR A 92 -42.58 1.75 -33.35
N LEU A 93 -41.87 2.84 -33.57
CA LEU A 93 -41.70 3.91 -32.58
C LEU A 93 -42.42 5.14 -33.05
N THR A 94 -42.56 6.14 -32.20
CA THR A 94 -43.13 7.40 -32.60
C THR A 94 -42.07 8.50 -32.44
N ASN A 95 -41.97 9.33 -33.48
CA ASN A 95 -41.02 10.36 -33.50
C ASN A 95 -41.43 11.31 -32.41
N ALA A 96 -40.59 11.47 -31.40
CA ALA A 96 -40.83 12.44 -30.37
C ALA A 96 -41.19 13.86 -30.89
N THR A 97 -42.19 14.47 -30.25
CA THR A 97 -42.61 15.81 -30.56
C THR A 97 -42.04 16.69 -29.49
N HIS A 98 -42.27 17.98 -29.62
CA HIS A 98 -41.78 18.92 -28.65
C HIS A 98 -42.39 18.66 -27.31
N ALA A 99 -43.70 18.42 -27.30
CA ALA A 99 -44.41 18.08 -26.05
C ALA A 99 -43.81 16.83 -25.35
N ASP A 100 -43.52 15.79 -26.10
CA ASP A 100 -42.92 14.64 -25.49
C ASP A 100 -41.57 15.04 -24.84
N ALA A 101 -40.82 15.87 -25.54
CA ALA A 101 -39.49 16.24 -25.10
C ALA A 101 -39.57 17.07 -23.86
N ALA A 102 -40.53 18.00 -23.84
CA ALA A 102 -40.74 18.81 -22.64
C ALA A 102 -41.11 17.95 -21.44
N ALA A 103 -41.92 16.94 -21.66
CA ALA A 103 -42.33 16.05 -20.62
C ALA A 103 -41.16 15.19 -20.09
N ALA A 104 -40.31 14.69 -20.98
CA ALA A 104 -39.08 14.02 -20.56
C ALA A 104 -38.21 14.90 -19.67
N VAL A 105 -38.11 16.17 -20.01
CA VAL A 105 -37.33 17.07 -19.21
C VAL A 105 -37.93 17.28 -17.84
N GLU A 106 -39.23 17.60 -17.77
CA GLU A 106 -39.92 17.72 -16.45
C GLU A 106 -39.86 16.47 -15.62
N ALA A 107 -39.92 15.30 -16.26
CA ALA A 107 -39.79 14.08 -15.49
C ALA A 107 -38.39 13.92 -14.90
N ALA A 108 -37.35 14.26 -15.66
CA ALA A 108 -35.99 14.21 -15.17
C ALA A 108 -35.85 15.18 -14.00
N MET A 109 -36.37 16.42 -14.16
CA MET A 109 -36.35 17.36 -13.06
C MET A 109 -37.15 16.90 -11.84
N SER A 110 -38.26 16.17 -12.00
CA SER A 110 -39.06 15.72 -10.81
C SER A 110 -38.41 14.61 -10.03
N ALA A 111 -37.66 13.77 -10.73
CA ALA A 111 -37.03 12.65 -10.11
C ALA A 111 -35.69 13.08 -9.46
N LYS A 112 -35.19 14.25 -9.75
CA LYS A 112 -33.84 14.60 -9.34
C LYS A 112 -33.66 14.45 -7.82
N SER A 113 -34.59 15.01 -7.09
CA SER A 113 -34.44 15.22 -5.68
C SER A 113 -34.28 13.91 -4.93
N ASP A 114 -35.19 12.98 -5.15
CA ASP A 114 -35.06 11.67 -4.53
C ASP A 114 -33.87 10.85 -5.03
N TRP A 115 -33.44 11.05 -6.27
CA TRP A 115 -32.33 10.23 -6.81
C TRP A 115 -31.03 10.72 -6.24
N ALA A 116 -30.82 12.03 -6.23
CA ALA A 116 -29.58 12.60 -5.77
C ALA A 116 -29.47 12.40 -4.24
N ALA A 117 -30.60 12.34 -3.55
CA ALA A 117 -30.58 12.04 -2.10
C ALA A 117 -30.35 10.58 -1.80
N LEU A 118 -30.40 9.66 -2.75
CA LEU A 118 -29.98 8.29 -2.41
C LEU A 118 -28.49 8.30 -2.14
N PRO A 119 -28.05 7.55 -1.10
CA PRO A 119 -26.61 7.34 -0.93
C PRO A 119 -25.97 6.76 -2.17
N PHE A 120 -24.71 7.12 -2.39
CA PHE A 120 -23.95 6.54 -3.47
C PHE A 120 -24.15 5.01 -3.63
N ASP A 121 -24.02 4.29 -2.53
CA ASP A 121 -24.12 2.83 -2.61
C ASP A 121 -25.43 2.32 -3.15
N GLU A 122 -26.49 3.05 -2.89
CA GLU A 122 -27.82 2.57 -3.36
C GLU A 122 -27.97 2.86 -4.88
N ARG A 123 -27.50 4.01 -5.33
CA ARG A 123 -27.42 4.31 -6.76
C ARG A 123 -26.50 3.30 -7.43
N ALA A 124 -25.37 3.02 -6.82
CA ALA A 124 -24.46 2.07 -7.44
C ALA A 124 -25.06 0.72 -7.57
N ALA A 125 -25.80 0.29 -6.55
CA ALA A 125 -26.38 -1.04 -6.59
C ALA A 125 -27.35 -1.23 -7.75
N VAL A 126 -28.01 -0.17 -8.17
CA VAL A 126 -28.90 -0.31 -9.32
C VAL A 126 -28.08 -0.82 -10.50
N PHE A 127 -26.90 -0.20 -10.75
CA PHE A 127 -26.12 -0.54 -11.98
C PHE A 127 -25.37 -1.86 -11.84
N LEU A 128 -24.88 -2.16 -10.65
CA LEU A 128 -24.32 -3.52 -10.39
C LEU A 128 -25.38 -4.56 -10.57
N ARG A 129 -26.60 -4.29 -10.14
CA ARG A 129 -27.64 -5.32 -10.32
C ARG A 129 -27.97 -5.47 -11.80
N ALA A 130 -28.11 -4.37 -12.49
CA ALA A 130 -28.37 -4.46 -13.95
C ALA A 130 -27.25 -5.23 -14.64
N ALA A 131 -26.01 -5.02 -14.18
CA ALA A 131 -24.86 -5.74 -14.73
C ALA A 131 -24.97 -7.25 -14.59
N ASP A 132 -25.36 -7.70 -13.41
CA ASP A 132 -25.61 -9.14 -13.19
C ASP A 132 -26.82 -9.69 -13.90
N LEU A 133 -27.87 -8.89 -14.04
CA LEU A 133 -29.01 -9.31 -14.83
C LEU A 133 -28.62 -9.50 -16.28
N LEU A 134 -27.79 -8.61 -16.80
CA LEU A 134 -27.38 -8.69 -18.20
C LEU A 134 -26.43 -9.84 -18.37
N ALA A 135 -25.61 -10.10 -17.35
CA ALA A 135 -24.71 -11.25 -17.44
C ALA A 135 -25.45 -12.56 -17.45
N GLY A 136 -26.62 -12.62 -16.79
CA GLY A 136 -27.31 -13.89 -16.61
C GLY A 136 -28.61 -13.90 -17.34
N PRO A 137 -29.72 -13.59 -16.64
CA PRO A 137 -31.06 -13.85 -17.27
C PRO A 137 -31.40 -13.06 -18.52
N TRP A 138 -30.91 -11.83 -18.64
CA TRP A 138 -31.22 -11.00 -19.80
C TRP A 138 -30.21 -11.08 -20.96
N ARG A 139 -29.22 -11.97 -20.83
CA ARG A 139 -28.02 -11.94 -21.68
C ARG A 139 -28.36 -12.17 -23.14
N GLU A 140 -28.90 -13.32 -23.48
CA GLU A 140 -29.16 -13.65 -24.87
C GLU A 140 -30.31 -12.81 -25.47
N LYS A 141 -31.23 -12.37 -24.63
CA LYS A 141 -32.26 -11.45 -25.05
C LYS A 141 -31.68 -10.08 -25.58
N ILE A 142 -30.74 -9.49 -24.85
CA ILE A 142 -30.19 -8.19 -25.21
C ILE A 142 -29.25 -8.38 -26.40
N ALA A 143 -28.48 -9.44 -26.40
CA ALA A 143 -27.68 -9.80 -27.58
C ALA A 143 -28.54 -9.99 -28.82
N ALA A 144 -29.60 -10.80 -28.71
CA ALA A 144 -30.44 -11.04 -29.86
C ALA A 144 -31.04 -9.71 -30.38
N ALA A 145 -31.44 -8.83 -29.47
CA ALA A 145 -32.05 -7.58 -29.91
C ALA A 145 -31.08 -6.76 -30.75
N THR A 146 -29.82 -6.82 -30.33
CA THR A 146 -28.74 -6.13 -30.98
C THR A 146 -28.45 -6.82 -32.34
N MET A 147 -28.46 -8.14 -32.36
CA MET A 147 -28.23 -8.85 -33.62
C MET A 147 -29.27 -8.45 -34.64
N LEU A 148 -30.55 -8.45 -34.25
CA LEU A 148 -31.61 -8.26 -35.20
C LEU A 148 -31.71 -6.81 -35.68
N GLY A 149 -31.64 -5.85 -34.77
CA GLY A 149 -31.87 -4.48 -35.09
C GLY A 149 -30.67 -3.78 -35.74
N GLN A 150 -29.47 -4.18 -35.34
CA GLN A 150 -28.26 -3.52 -35.78
C GLN A 150 -27.46 -4.38 -36.78
N SER A 151 -27.91 -5.62 -36.96
CA SER A 151 -27.34 -6.51 -37.94
C SER A 151 -25.91 -6.93 -37.53
N LYS A 152 -25.78 -7.34 -36.27
CA LYS A 152 -24.54 -7.87 -35.73
C LYS A 152 -24.61 -9.39 -35.71
N SER A 153 -23.50 -10.04 -36.06
CA SER A 153 -23.25 -11.42 -35.72
C SER A 153 -23.33 -11.57 -34.18
N VAL A 154 -23.52 -12.82 -33.75
CA VAL A 154 -23.58 -13.12 -32.33
C VAL A 154 -22.33 -12.65 -31.59
N TYR A 155 -21.15 -12.92 -32.14
CA TYR A 155 -19.91 -12.43 -31.52
C TYR A 155 -19.86 -10.91 -31.44
N GLN A 156 -20.22 -10.21 -32.53
CA GLN A 156 -20.30 -8.76 -32.44
C GLN A 156 -21.33 -8.23 -31.37
N ALA A 157 -22.46 -8.91 -31.22
CA ALA A 157 -23.45 -8.56 -30.19
C ALA A 157 -22.90 -8.85 -28.82
N GLU A 158 -22.25 -9.98 -28.67
CA GLU A 158 -21.73 -10.41 -27.38
C GLU A 158 -20.67 -9.49 -26.82
N ILE A 159 -19.69 -9.10 -27.62
CA ILE A 159 -18.67 -8.18 -27.10
C ILE A 159 -19.23 -6.78 -26.88
N ASP A 160 -20.35 -6.43 -27.50
CA ASP A 160 -20.90 -5.05 -27.33
C ASP A 160 -22.02 -5.02 -26.29
N ALA A 161 -23.17 -5.52 -26.72
CA ALA A 161 -24.41 -5.45 -25.96
C ALA A 161 -24.33 -6.14 -24.60
N VAL A 162 -23.57 -7.22 -24.51
CA VAL A 162 -23.40 -7.93 -23.28
C VAL A 162 -22.14 -7.47 -22.56
N CYS A 163 -20.96 -7.81 -23.08
CA CYS A 163 -19.74 -7.66 -22.30
C CYS A 163 -19.35 -6.21 -22.06
N GLU A 164 -19.40 -5.39 -23.11
CA GLU A 164 -18.89 -4.05 -22.92
C GLU A 164 -19.86 -3.28 -22.05
N LEU A 165 -21.15 -3.57 -22.22
CA LEU A 165 -22.11 -2.84 -21.45
C LEU A 165 -22.00 -3.23 -19.97
N ILE A 166 -21.89 -4.53 -19.69
CA ILE A 166 -21.66 -4.99 -18.31
C ILE A 166 -20.40 -4.33 -17.74
N ASP A 167 -19.34 -4.27 -18.54
CA ASP A 167 -18.04 -3.78 -18.07
C ASP A 167 -18.14 -2.29 -17.76
N PHE A 168 -18.85 -1.52 -18.58
CA PHE A 168 -19.06 -0.12 -18.28
C PHE A 168 -19.73 0.02 -16.92
N TRP A 169 -20.80 -0.71 -16.70
CA TRP A 169 -21.48 -0.60 -15.38
C TRP A 169 -20.58 -0.99 -14.24
N ARG A 170 -19.94 -2.15 -14.28
CA ARG A 170 -19.15 -2.55 -13.11
C ARG A 170 -17.93 -1.70 -12.93
N PHE A 171 -17.25 -1.37 -14.02
CA PHE A 171 -16.09 -0.49 -13.92
C PHE A 171 -16.47 0.92 -13.58
N ASN A 172 -17.55 1.49 -14.16
CA ASN A 172 -17.92 2.84 -13.67
C ASN A 172 -18.20 2.93 -12.16
N VAL A 173 -18.78 1.89 -11.59
CA VAL A 173 -19.07 1.90 -10.16
C VAL A 173 -17.78 1.96 -9.38
N ALA A 174 -16.78 1.19 -9.79
CA ALA A 174 -15.47 1.22 -9.14
C ALA A 174 -14.76 2.57 -9.37
N PHE A 175 -14.84 3.10 -10.60
CA PHE A 175 -14.25 4.40 -10.83
C PHE A 175 -14.87 5.48 -9.97
N ALA A 176 -16.20 5.48 -9.90
CA ALA A 176 -16.87 6.49 -9.09
C ALA A 176 -16.41 6.38 -7.63
N ARG A 177 -16.37 5.18 -7.11
CA ARG A 177 -15.95 4.98 -5.72
C ARG A 177 -14.53 5.41 -5.50
N GLN A 178 -13.70 5.24 -6.50
CA GLN A 178 -12.33 5.69 -6.39
C GLN A 178 -12.27 7.21 -6.41
N ILE A 179 -13.10 7.88 -7.19
CA ILE A 179 -13.11 9.35 -7.16
C ILE A 179 -13.53 9.89 -5.79
N LEU A 180 -14.52 9.24 -5.18
CA LEU A 180 -15.04 9.73 -3.91
C LEU A 180 -14.01 9.75 -2.85
N GLU A 181 -12.99 8.90 -2.95
CA GLU A 181 -11.93 8.88 -1.93
C GLU A 181 -10.71 9.69 -2.23
N GLN A 182 -10.71 10.45 -3.34
CA GLN A 182 -9.67 11.46 -3.57
C GLN A 182 -9.98 12.66 -2.67
N GLN A 183 -9.14 12.88 -1.68
CA GLN A 183 -9.42 13.83 -0.67
C GLN A 183 -8.17 14.53 -0.36
N PRO A 184 -8.28 15.78 0.11
CA PRO A 184 -7.15 16.58 0.30
C PRO A 184 -6.47 16.38 1.68
N ILE A 185 -5.39 17.14 1.85
CA ILE A 185 -4.56 17.24 3.03
C ILE A 185 -5.21 18.22 4.00
N SER A 186 -5.26 17.81 5.24
CA SER A 186 -5.60 18.71 6.33
C SER A 186 -4.34 19.16 7.06
N GLY A 187 -4.06 20.45 7.03
CA GLY A 187 -2.96 21.00 7.84
C GLY A 187 -3.33 21.17 9.29
N PRO A 188 -2.40 21.71 10.10
CA PRO A 188 -2.73 21.78 11.56
C PRO A 188 -3.94 22.65 11.83
N GLY A 189 -4.78 22.23 12.76
CA GLY A 189 -5.88 23.07 13.19
C GLY A 189 -7.09 23.10 12.30
N GLU A 190 -7.15 22.21 11.31
CA GLU A 190 -8.22 22.25 10.37
C GLU A 190 -8.55 20.86 9.85
N TRP A 191 -9.70 20.75 9.20
CA TRP A 191 -10.13 19.57 8.51
C TRP A 191 -10.67 19.94 7.10
N ASN A 192 -10.06 19.40 6.04
CA ASN A 192 -10.44 19.75 4.67
C ASN A 192 -11.05 18.50 4.07
N ARG A 193 -12.18 18.62 3.34
CA ARG A 193 -12.80 17.48 2.69
C ARG A 193 -13.33 17.86 1.33
N ILE A 194 -13.69 16.90 0.53
CA ILE A 194 -14.21 17.20 -0.81
C ILE A 194 -15.52 16.44 -1.03
N ASP A 195 -16.49 17.16 -1.58
CA ASP A 195 -17.85 16.69 -1.77
C ASP A 195 -18.08 16.69 -3.28
N TYR A 196 -18.29 15.54 -3.86
CA TYR A 196 -18.48 15.41 -5.29
C TYR A 196 -19.97 15.50 -5.63
N ARG A 197 -20.45 16.73 -5.77
CA ARG A 197 -21.88 17.00 -5.99
C ARG A 197 -22.31 16.59 -7.39
N PRO A 198 -23.54 16.14 -7.51
CA PRO A 198 -24.10 16.00 -8.86
C PRO A 198 -24.28 17.37 -9.48
N LEU A 199 -24.55 17.42 -10.78
CA LEU A 199 -24.85 18.67 -11.44
C LEU A 199 -26.27 19.21 -11.06
N ASP A 200 -26.58 20.46 -11.39
CA ASP A 200 -27.93 21.01 -11.24
C ASP A 200 -28.55 20.82 -12.59
N GLY A 201 -29.81 20.62 -12.70
CA GLY A 201 -30.34 20.35 -14.06
C GLY A 201 -29.98 19.02 -14.74
N PHE A 202 -30.52 18.83 -15.93
CA PHE A 202 -30.60 17.51 -16.58
C PHE A 202 -29.52 17.27 -17.63
N VAL A 203 -29.25 16.00 -17.89
CA VAL A 203 -28.25 15.67 -18.86
C VAL A 203 -28.94 15.05 -20.00
N TYR A 204 -28.54 15.45 -21.21
CA TYR A 204 -29.13 14.99 -22.43
C TYR A 204 -28.15 14.03 -23.12
N ALA A 205 -28.51 12.75 -23.17
CA ALA A 205 -27.70 11.74 -23.80
C ALA A 205 -28.23 11.35 -25.17
N ILE A 206 -27.38 11.34 -26.17
CA ILE A 206 -27.75 11.07 -27.55
C ILE A 206 -26.80 10.02 -27.99
N THR A 207 -27.29 8.88 -28.45
CA THR A 207 -26.45 7.71 -28.61
C THR A 207 -26.60 7.13 -30.02
N PRO A 208 -25.52 6.55 -30.58
CA PRO A 208 -25.44 6.19 -32.01
C PRO A 208 -25.96 4.79 -32.25
N PHE A 209 -26.06 4.34 -33.50
CA PHE A 209 -26.48 2.96 -33.78
C PHE A 209 -25.46 1.87 -33.50
N ASN A 210 -24.18 2.23 -33.48
CA ASN A 210 -23.07 1.28 -33.68
C ASN A 210 -22.92 0.29 -32.52
N PHE A 211 -23.23 0.74 -31.29
CA PHE A 211 -23.00 -0.03 -30.06
C PHE A 211 -24.17 0.07 -29.08
N THR A 212 -24.74 -1.07 -28.68
CA THR A 212 -25.73 -1.11 -27.61
C THR A 212 -25.09 -0.66 -26.26
N SER A 213 -23.77 -0.89 -26.10
CA SER A 213 -23.00 -0.53 -24.93
C SER A 213 -22.91 0.95 -24.72
N ILE A 214 -22.57 1.66 -25.77
CA ILE A 214 -22.50 3.12 -25.71
C ILE A 214 -23.86 3.70 -25.44
N ALA A 215 -24.83 3.13 -26.13
CA ALA A 215 -26.20 3.56 -26.01
C ALA A 215 -26.65 3.39 -24.54
N GLY A 216 -26.31 2.29 -23.90
CA GLY A 216 -26.64 2.17 -22.46
C GLY A 216 -25.78 2.99 -21.49
N ASN A 217 -24.52 3.22 -21.85
CA ASN A 217 -23.60 3.83 -20.92
C ASN A 217 -23.78 5.33 -20.89
N LEU A 218 -24.00 5.94 -22.05
CA LEU A 218 -24.04 7.38 -22.05
C LEU A 218 -25.08 7.98 -21.12
N PRO A 219 -26.27 7.39 -21.08
CA PRO A 219 -27.28 7.87 -20.15
C PRO A 219 -27.10 7.38 -18.69
N THR A 220 -26.58 6.19 -18.48
CA THR A 220 -26.38 5.68 -17.12
C THR A 220 -25.18 6.26 -16.37
N ALA A 221 -24.10 6.61 -17.08
CA ALA A 221 -22.93 7.10 -16.40
C ALA A 221 -23.23 8.36 -15.59
N PRO A 222 -23.88 9.39 -16.21
CA PRO A 222 -24.15 10.52 -15.33
C PRO A 222 -25.16 10.20 -14.21
N ALA A 223 -26.12 9.33 -14.48
CA ALA A 223 -27.10 8.96 -13.51
C ALA A 223 -26.43 8.36 -12.27
N LEU A 224 -25.38 7.57 -12.49
CA LEU A 224 -24.64 6.95 -11.37
C LEU A 224 -24.24 8.03 -10.36
N MET A 225 -23.86 9.19 -10.89
CA MET A 225 -23.25 10.23 -10.07
C MET A 225 -24.30 11.14 -9.43
N GLY A 226 -25.59 10.80 -9.63
CA GLY A 226 -26.68 11.54 -8.99
C GLY A 226 -27.50 12.43 -9.92
N ASN A 227 -27.30 12.31 -11.23
CA ASN A 227 -28.00 13.15 -12.16
C ASN A 227 -29.20 12.46 -12.78
N THR A 228 -30.10 13.24 -13.39
CA THR A 228 -31.17 12.65 -14.16
C THR A 228 -31.02 13.04 -15.60
N VAL A 229 -31.67 12.29 -16.48
CA VAL A 229 -31.27 12.27 -17.84
C VAL A 229 -32.45 12.16 -18.80
N ILE A 230 -32.32 12.74 -20.00
CA ILE A 230 -33.13 12.34 -21.11
C ILE A 230 -32.23 11.69 -22.12
N TRP A 231 -32.71 10.59 -22.69
CA TRP A 231 -31.95 9.82 -23.60
C TRP A 231 -32.67 9.65 -24.91
N LYS A 232 -31.98 10.04 -25.98
CA LYS A 232 -32.46 9.88 -27.34
C LYS A 232 -31.58 8.89 -28.12
N PRO A 233 -32.04 7.65 -28.25
CA PRO A 233 -31.21 6.69 -28.95
C PRO A 233 -31.39 6.78 -30.46
N SER A 234 -30.49 6.10 -31.13
CA SER A 234 -30.57 6.05 -32.54
C SER A 234 -31.76 5.14 -32.97
N ILE A 235 -32.46 5.50 -34.03
CA ILE A 235 -33.65 4.75 -34.47
C ILE A 235 -33.35 3.26 -34.67
N THR A 236 -32.33 2.98 -35.45
CA THR A 236 -32.02 1.58 -35.80
C THR A 236 -31.50 0.71 -34.62
N GLN A 237 -31.23 1.37 -33.49
CA GLN A 237 -30.86 0.70 -32.23
C GLN A 237 -31.97 0.68 -31.15
N THR A 238 -33.12 1.27 -31.47
CA THR A 238 -34.18 1.40 -30.54
C THR A 238 -34.74 0.12 -29.97
N LEU A 239 -34.69 -0.99 -30.69
CA LEU A 239 -35.19 -2.23 -30.08
C LEU A 239 -34.36 -2.53 -28.83
N ALA A 240 -33.02 -2.59 -28.98
CA ALA A 240 -32.14 -2.94 -27.85
C ALA A 240 -32.17 -1.85 -26.84
N ALA A 241 -32.33 -0.60 -27.29
CA ALA A 241 -32.47 0.50 -26.29
C ALA A 241 -33.67 0.37 -25.36
N TYR A 242 -34.83 0.04 -25.94
CA TYR A 242 -36.05 -0.07 -25.18
C TYR A 242 -35.90 -1.22 -24.19
N LEU A 243 -35.35 -2.36 -24.67
CA LEU A 243 -35.10 -3.52 -23.81
C LEU A 243 -34.04 -3.21 -22.71
N THR A 244 -33.02 -2.35 -23.01
CA THR A 244 -32.09 -1.82 -21.98
C THR A 244 -32.84 -1.04 -20.94
N MET A 245 -33.75 -0.21 -21.39
CA MET A 245 -34.56 0.55 -20.45
C MET A 245 -35.36 -0.41 -19.49
N GLN A 246 -35.94 -1.46 -20.03
CA GLN A 246 -36.68 -2.43 -19.22
C GLN A 246 -35.75 -3.15 -18.25
N LEU A 247 -34.54 -3.45 -18.69
CA LEU A 247 -33.59 -4.17 -17.82
C LEU A 247 -33.22 -3.31 -16.66
N LEU A 248 -33.04 -2.02 -16.95
CA LEU A 248 -32.78 -1.05 -15.89
C LEU A 248 -33.93 -0.87 -14.88
N GLU A 249 -35.18 -0.88 -15.36
CA GLU A 249 -36.32 -0.80 -14.49
C GLU A 249 -36.31 -2.03 -13.64
N ALA A 250 -36.07 -3.20 -14.22
CA ALA A 250 -36.05 -4.43 -13.43
C ALA A 250 -34.92 -4.47 -12.41
N ALA A 251 -33.82 -3.70 -12.60
CA ALA A 251 -32.75 -3.58 -11.59
C ALA A 251 -33.11 -2.60 -10.52
N GLY A 252 -34.22 -1.89 -10.71
CA GLY A 252 -34.70 -0.95 -9.67
C GLY A 252 -34.45 0.50 -10.00
N LEU A 253 -34.18 0.85 -11.27
CA LEU A 253 -33.90 2.29 -11.57
C LEU A 253 -35.20 3.08 -11.30
N PRO A 254 -35.15 4.12 -10.49
CA PRO A 254 -36.42 4.76 -10.26
C PRO A 254 -37.02 5.52 -11.46
N PRO A 255 -38.36 5.71 -11.47
CA PRO A 255 -38.99 6.43 -12.57
C PRO A 255 -38.47 7.82 -12.69
N GLY A 256 -38.27 8.24 -13.93
CA GLY A 256 -37.88 9.63 -14.20
C GLY A 256 -36.36 9.88 -14.15
N VAL A 257 -35.59 8.93 -13.65
CA VAL A 257 -34.15 9.12 -13.60
C VAL A 257 -33.54 9.09 -14.96
N ILE A 258 -33.92 8.14 -15.77
CA ILE A 258 -33.62 8.17 -17.16
C ILE A 258 -34.92 8.11 -17.96
N ASN A 259 -35.07 9.00 -18.93
CA ASN A 259 -36.31 9.11 -19.68
C ASN A 259 -36.02 8.91 -21.13
N LEU A 260 -36.61 7.89 -21.73
CA LEU A 260 -36.31 7.55 -23.12
C LEU A 260 -37.28 8.20 -24.09
N VAL A 261 -36.76 9.02 -25.03
CA VAL A 261 -37.54 9.59 -26.13
C VAL A 261 -36.98 9.14 -27.48
N THR A 262 -37.83 8.50 -28.28
CA THR A 262 -37.47 7.94 -29.53
C THR A 262 -37.57 8.90 -30.70
N GLY A 263 -36.96 8.46 -31.81
CA GLY A 263 -36.98 9.22 -33.07
C GLY A 263 -35.73 9.95 -33.55
N ASP A 264 -35.90 11.01 -34.32
CA ASP A 264 -34.77 11.60 -35.06
C ASP A 264 -33.95 12.62 -34.28
N GLY A 265 -34.44 12.96 -33.10
CA GLY A 265 -33.85 13.94 -32.24
C GLY A 265 -34.16 15.40 -32.45
N PHE A 266 -34.82 15.76 -33.56
CA PHE A 266 -34.87 17.19 -33.92
C PHE A 266 -35.62 18.02 -32.88
N ALA A 267 -36.78 17.54 -32.51
CA ALA A 267 -37.59 18.21 -31.53
C ALA A 267 -36.98 18.12 -30.15
N VAL A 268 -36.34 17.00 -29.85
CA VAL A 268 -35.77 16.79 -28.53
C VAL A 268 -34.63 17.78 -28.34
N SER A 269 -33.81 17.94 -29.40
CA SER A 269 -32.72 18.96 -29.31
C SER A 269 -33.27 20.34 -29.21
N ASP A 270 -34.33 20.64 -29.95
CA ASP A 270 -35.00 21.98 -29.83
C ASP A 270 -35.33 22.28 -28.39
N VAL A 271 -35.95 21.33 -27.71
CA VAL A 271 -36.43 21.55 -26.32
C VAL A 271 -35.24 21.54 -25.33
N ALA A 272 -34.36 20.59 -25.47
CA ALA A 272 -33.28 20.45 -24.51
C ALA A 272 -32.39 21.66 -24.60
N LEU A 273 -32.00 22.02 -25.80
CA LEU A 273 -31.11 23.17 -26.00
C LEU A 273 -31.76 24.48 -25.58
N ALA A 274 -33.08 24.59 -25.67
CA ALA A 274 -33.74 25.84 -25.25
C ALA A 274 -33.97 25.90 -23.73
N ASP A 275 -33.87 24.77 -23.04
CA ASP A 275 -34.20 24.77 -21.63
C ASP A 275 -33.05 25.31 -20.75
N PRO A 276 -33.33 26.29 -19.87
CA PRO A 276 -32.29 26.85 -19.01
C PRO A 276 -31.64 25.87 -18.06
N ARG A 277 -32.29 24.74 -17.82
CA ARG A 277 -31.77 23.74 -16.92
C ARG A 277 -30.85 22.66 -17.56
N LEU A 278 -30.49 22.83 -18.82
CA LEU A 278 -29.57 21.88 -19.48
C LEU A 278 -28.20 21.93 -18.79
N ALA A 279 -27.83 20.84 -18.14
CA ALA A 279 -26.51 20.80 -17.47
C ALA A 279 -25.40 20.24 -18.32
N GLY A 280 -25.77 19.42 -19.27
CA GLY A 280 -24.78 18.79 -20.14
C GLY A 280 -25.39 17.96 -21.26
N ILE A 281 -24.55 17.59 -22.24
CA ILE A 281 -24.90 16.67 -23.33
C ILE A 281 -23.79 15.68 -23.46
N HIS A 282 -24.16 14.40 -23.48
CA HIS A 282 -23.24 13.24 -23.57
C HIS A 282 -23.55 12.54 -24.88
N PHE A 283 -22.65 12.59 -25.85
CA PHE A 283 -23.01 12.26 -27.20
C PHE A 283 -21.88 11.68 -27.94
N THR A 284 -22.16 11.28 -29.17
CA THR A 284 -21.09 11.06 -30.12
C THR A 284 -21.33 11.91 -31.38
N GLY A 285 -20.23 12.30 -32.02
CA GLY A 285 -20.29 13.14 -33.21
C GLY A 285 -18.93 13.56 -33.71
N SER A 286 -19.00 14.23 -34.85
CA SER A 286 -17.87 14.68 -35.59
C SER A 286 -17.39 16.00 -34.98
N THR A 287 -16.23 16.44 -35.43
CA THR A 287 -15.66 17.71 -35.04
C THR A 287 -16.62 18.84 -35.36
N ALA A 288 -17.26 18.77 -36.53
CA ALA A 288 -18.21 19.85 -36.92
C ALA A 288 -19.40 19.88 -35.94
N THR A 289 -19.83 18.70 -35.46
CA THR A 289 -20.91 18.64 -34.47
C THR A 289 -20.48 19.26 -33.14
N PHE A 290 -19.33 18.87 -32.63
CA PHE A 290 -18.83 19.57 -31.44
C PHE A 290 -18.79 21.06 -31.64
N GLY A 291 -18.28 21.51 -32.82
CA GLY A 291 -18.12 22.94 -33.08
C GLY A 291 -19.45 23.70 -33.10
N HIS A 292 -20.45 23.04 -33.69
CA HIS A 292 -21.80 23.55 -33.78
C HIS A 292 -22.39 23.67 -32.38
N LEU A 293 -22.24 22.65 -31.57
CA LEU A 293 -22.73 22.78 -30.19
C LEU A 293 -21.97 23.81 -29.38
N TRP A 294 -20.64 23.84 -29.50
CA TRP A 294 -19.88 24.90 -28.83
C TRP A 294 -20.39 26.29 -29.23
N GLN A 295 -20.62 26.47 -30.52
CA GLN A 295 -21.02 27.79 -31.02
C GLN A 295 -22.37 28.12 -30.42
N TRP A 296 -23.29 27.16 -30.39
CA TRP A 296 -24.61 27.43 -29.86
C TRP A 296 -24.57 27.79 -28.36
N VAL A 297 -23.81 27.00 -27.59
CA VAL A 297 -23.83 27.16 -26.12
C VAL A 297 -23.15 28.46 -25.74
N GLY A 298 -22.04 28.77 -26.43
CA GLY A 298 -21.31 30.01 -26.17
C GLY A 298 -22.11 31.25 -26.50
N THR A 299 -22.76 31.22 -27.67
CA THR A 299 -23.53 32.36 -28.16
C THR A 299 -24.70 32.64 -27.21
N ASN A 300 -25.29 31.57 -26.70
CA ASN A 300 -26.48 31.62 -25.85
C ASN A 300 -26.23 31.34 -24.39
N ILE A 301 -25.00 31.53 -23.92
CA ILE A 301 -24.66 31.08 -22.56
C ILE A 301 -25.45 31.76 -21.45
N GLY A 302 -25.87 33.00 -21.73
CA GLY A 302 -26.66 33.79 -20.77
C GLY A 302 -28.00 33.18 -20.48
N ARG A 303 -28.47 32.24 -21.28
CA ARG A 303 -29.72 31.61 -20.96
C ARG A 303 -29.64 30.37 -20.08
N TYR A 304 -28.44 29.92 -19.69
CA TYR A 304 -28.40 28.65 -18.97
C TYR A 304 -28.11 28.89 -17.54
N HIS A 305 -28.73 28.17 -16.62
CA HIS A 305 -28.34 28.36 -15.19
C HIS A 305 -26.90 27.89 -14.88
N SER A 306 -26.46 26.81 -15.50
CA SER A 306 -25.15 26.24 -15.41
C SER A 306 -24.48 26.32 -16.76
N TYR A 307 -23.16 26.26 -16.81
CA TYR A 307 -22.43 26.16 -18.06
C TYR A 307 -22.55 24.72 -18.58
N PRO A 308 -23.24 24.54 -19.72
CA PRO A 308 -23.43 23.19 -20.18
C PRO A 308 -22.09 22.49 -20.48
N ARG A 309 -22.02 21.21 -20.13
CA ARG A 309 -20.89 20.38 -20.37
C ARG A 309 -21.12 19.47 -21.57
N LEU A 310 -20.22 19.59 -22.52
CA LEU A 310 -20.31 18.87 -23.74
C LEU A 310 -19.21 17.78 -23.74
N VAL A 311 -19.65 16.53 -23.65
CA VAL A 311 -18.80 15.43 -23.38
C VAL A 311 -19.07 14.40 -24.45
N GLY A 312 -18.04 14.03 -25.18
CA GLY A 312 -18.25 13.15 -26.30
C GLY A 312 -17.01 12.54 -26.88
N GLU A 313 -17.24 11.76 -27.92
CA GLU A 313 -16.19 11.17 -28.76
C GLU A 313 -16.63 11.27 -30.26
N THR A 314 -15.66 11.13 -31.16
CA THR A 314 -15.92 11.07 -32.61
C THR A 314 -15.64 9.67 -33.16
N GLY A 315 -16.11 9.42 -34.39
CA GLY A 315 -15.62 8.25 -35.16
C GLY A 315 -14.34 8.62 -35.90
N GLY A 316 -13.90 7.71 -36.76
CA GLY A 316 -12.87 7.98 -37.72
C GLY A 316 -12.60 6.72 -38.53
N LYS A 317 -11.48 6.68 -39.24
CA LYS A 317 -11.11 5.51 -40.01
C LYS A 317 -9.62 5.22 -39.76
N ASP A 318 -9.27 3.96 -39.74
CA ASP A 318 -8.02 3.57 -39.18
C ASP A 318 -7.10 3.01 -40.24
N PHE A 319 -5.84 2.80 -39.84
CA PHE A 319 -4.90 2.23 -40.75
C PHE A 319 -4.08 1.16 -40.08
N VAL A 320 -3.54 0.31 -40.93
CA VAL A 320 -2.51 -0.67 -40.59
C VAL A 320 -1.32 -0.53 -41.51
N VAL A 321 -0.12 -0.62 -40.95
CA VAL A 321 1.12 -0.68 -41.73
C VAL A 321 1.88 -1.93 -41.37
N ALA A 322 2.26 -2.66 -42.42
CA ALA A 322 3.03 -3.87 -42.34
C ALA A 322 4.49 -3.63 -42.83
N HIS A 323 5.41 -3.84 -41.91
CA HIS A 323 6.83 -3.85 -42.14
C HIS A 323 7.18 -5.16 -42.83
N ALA A 324 8.33 -5.21 -43.49
CA ALA A 324 8.87 -6.49 -44.08
C ALA A 324 8.91 -7.63 -43.11
N SER A 325 9.09 -7.33 -41.84
CA SER A 325 9.15 -8.38 -40.80
C SER A 325 7.76 -8.81 -40.29
N ALA A 326 6.69 -8.44 -40.97
CA ALA A 326 5.34 -8.76 -40.46
C ALA A 326 5.04 -10.21 -40.64
N ARG A 327 4.41 -10.84 -39.66
CA ARG A 327 3.83 -12.15 -39.87
C ARG A 327 2.64 -12.09 -40.84
N PRO A 328 2.79 -12.76 -41.99
CA PRO A 328 1.78 -12.64 -43.05
C PRO A 328 0.38 -13.06 -42.62
N ASP A 329 0.23 -14.14 -41.88
CA ASP A 329 -1.10 -14.59 -41.42
C ASP A 329 -1.71 -13.70 -40.34
N VAL A 330 -0.85 -13.16 -39.47
CA VAL A 330 -1.32 -12.19 -38.49
C VAL A 330 -1.88 -10.97 -39.19
N LEU A 331 -1.19 -10.53 -40.22
CA LEU A 331 -1.59 -9.30 -40.93
C LEU A 331 -2.87 -9.57 -41.69
N ARG A 332 -2.91 -10.69 -42.37
CA ARG A 332 -4.08 -11.00 -43.13
C ARG A 332 -5.35 -11.00 -42.26
N THR A 333 -5.31 -11.74 -41.15
CA THR A 333 -6.37 -11.82 -40.17
C THR A 333 -6.74 -10.46 -39.57
N ALA A 334 -5.74 -9.67 -39.24
CA ALA A 334 -5.95 -8.35 -38.68
C ALA A 334 -6.61 -7.47 -39.68
N LEU A 335 -6.26 -7.66 -40.93
CA LEU A 335 -6.88 -6.84 -41.97
C LEU A 335 -8.32 -7.25 -42.18
N ILE A 336 -8.59 -8.54 -42.16
CA ILE A 336 -9.95 -9.02 -42.43
C ILE A 336 -10.90 -8.61 -41.33
N ARG A 337 -10.46 -8.85 -40.09
CA ARG A 337 -11.30 -8.51 -38.91
C ARG A 337 -11.42 -7.01 -38.76
N GLY A 338 -10.29 -6.33 -38.87
CA GLY A 338 -10.31 -4.89 -38.66
C GLY A 338 -11.18 -4.12 -39.62
N ALA A 339 -11.24 -4.59 -40.86
CA ALA A 339 -12.06 -3.93 -41.91
C ALA A 339 -13.48 -4.50 -42.11
N PHE A 340 -13.68 -5.77 -41.85
CA PHE A 340 -14.96 -6.43 -42.20
C PHE A 340 -15.80 -6.93 -41.00
N ASP A 341 -15.23 -6.93 -39.80
CA ASP A 341 -16.01 -7.19 -38.56
C ASP A 341 -17.10 -6.17 -38.55
N TYR A 342 -18.32 -6.64 -38.29
CA TYR A 342 -19.51 -5.77 -38.27
C TYR A 342 -19.62 -4.91 -39.54
N GLN A 343 -19.23 -5.49 -40.68
CA GLN A 343 -19.38 -4.80 -41.98
C GLN A 343 -18.74 -3.43 -41.98
N GLY A 344 -17.70 -3.24 -41.17
CA GLY A 344 -16.96 -2.00 -41.19
C GLY A 344 -17.62 -0.88 -40.46
N GLN A 345 -18.59 -1.19 -39.59
CA GLN A 345 -19.46 -0.15 -39.02
C GLN A 345 -19.24 0.15 -37.52
N LYS A 346 -18.09 -0.24 -36.98
CA LYS A 346 -17.72 0.24 -35.63
C LYS A 346 -17.48 1.73 -35.61
N CME A 347 -17.08 2.29 -34.47
CA CME A 347 -16.85 3.75 -34.40
CB CME A 347 -16.51 4.15 -32.98
SG CME A 347 -17.88 3.85 -31.88
SD CME A 347 -19.46 4.88 -32.62
CE CME A 347 -19.27 6.47 -31.88
CZ CME A 347 -18.39 7.45 -32.69
OH CME A 347 -18.82 7.70 -34.06
C CME A 347 -15.80 4.15 -35.40
O CME A 347 -15.90 5.22 -36.09
N SER A 348 -14.79 3.29 -35.50
CA SER A 348 -13.86 3.33 -36.59
C SER A 348 -13.63 1.91 -37.09
N ALA A 349 -13.09 1.80 -38.31
CA ALA A 349 -12.77 0.52 -38.94
C ALA A 349 -11.51 0.74 -39.73
N VAL A 350 -10.79 -0.33 -40.06
CA VAL A 350 -9.62 -0.24 -40.88
C VAL A 350 -9.96 -0.01 -42.36
N SER A 351 -9.57 1.15 -42.88
CA SER A 351 -9.85 1.52 -44.25
C SER A 351 -8.65 1.51 -45.14
N ARG A 352 -7.45 1.68 -44.56
CA ARG A 352 -6.19 1.72 -45.31
C ARG A 352 -5.09 0.85 -44.72
N ALA A 353 -4.55 0.00 -45.55
CA ALA A 353 -3.44 -0.84 -45.21
C ALA A 353 -2.25 -0.44 -46.14
N PHE A 354 -1.06 -0.34 -45.53
CA PHE A 354 0.22 -0.02 -46.18
C PHE A 354 1.10 -1.24 -45.96
N ILE A 355 1.32 -2.01 -47.01
CA ILE A 355 1.94 -3.29 -46.93
C ILE A 355 3.27 -3.35 -47.75
N ALA A 356 4.35 -3.78 -47.07
CA ALA A 356 5.64 -3.99 -47.68
C ALA A 356 5.47 -4.99 -48.81
N HIS A 357 6.04 -4.67 -49.95
CA HIS A 357 5.93 -5.52 -51.16
C HIS A 357 6.22 -6.98 -50.90
N SER A 358 7.30 -7.31 -50.20
CA SER A 358 7.62 -8.73 -49.95
C SER A 358 6.55 -9.49 -49.09
N VAL A 359 5.95 -8.81 -48.14
CA VAL A 359 4.80 -9.40 -47.41
C VAL A 359 3.55 -9.56 -48.30
N TRP A 360 3.31 -8.60 -49.20
CA TRP A 360 2.16 -8.70 -50.13
C TRP A 360 2.28 -9.91 -51.07
N GLN A 361 3.47 -10.16 -51.59
CA GLN A 361 3.78 -11.39 -52.34
C GLN A 361 3.33 -12.64 -51.59
N ARG A 362 3.47 -12.60 -50.26
CA ARG A 362 3.18 -13.74 -49.45
C ARG A 362 1.71 -13.87 -49.02
N MET A 363 0.95 -12.79 -48.83
CA MET A 363 -0.44 -12.99 -48.37
C MET A 363 -1.53 -12.24 -49.15
N GLY A 364 -1.14 -11.48 -50.15
CA GLY A 364 -2.09 -10.86 -51.06
C GLY A 364 -3.14 -11.78 -51.65
N ASP A 365 -2.75 -12.87 -52.26
CA ASP A 365 -3.75 -13.74 -52.89
C ASP A 365 -4.67 -14.30 -51.86
N GLU A 366 -4.11 -14.71 -50.71
CA GLU A 366 -4.93 -15.26 -49.63
C GLU A 366 -5.93 -14.18 -49.06
N LEU A 367 -5.49 -12.94 -48.88
CA LEU A 367 -6.39 -11.89 -48.46
C LEU A 367 -7.63 -11.73 -49.36
N LEU A 368 -7.34 -11.65 -50.65
CA LEU A 368 -8.40 -11.51 -51.64
C LEU A 368 -9.28 -12.72 -51.66
N ALA A 369 -8.70 -13.89 -51.60
CA ALA A 369 -9.53 -15.09 -51.64
C ALA A 369 -10.46 -15.21 -50.42
N LYS A 370 -9.91 -14.91 -49.23
CA LYS A 370 -10.68 -14.98 -47.99
C LYS A 370 -11.72 -13.91 -48.01
N ALA A 371 -11.43 -12.74 -48.55
CA ALA A 371 -12.47 -11.74 -48.58
C ALA A 371 -13.61 -12.12 -49.56
N ALA A 372 -13.25 -12.76 -50.68
CA ALA A 372 -14.29 -13.20 -51.63
C ALA A 372 -15.22 -14.23 -51.02
N GLU A 373 -14.67 -15.20 -50.26
CA GLU A 373 -15.44 -16.24 -49.57
C GLU A 373 -16.20 -15.74 -48.32
N LEU A 374 -15.85 -14.57 -47.79
CA LEU A 374 -16.44 -14.10 -46.53
C LEU A 374 -17.99 -13.96 -46.64
N ARG A 375 -18.74 -14.60 -45.76
CA ARG A 375 -20.22 -14.59 -45.90
C ARG A 375 -20.92 -13.53 -45.07
N TYR A 376 -21.68 -12.68 -45.75
CA TYR A 376 -22.54 -11.72 -45.13
C TYR A 376 -23.97 -12.10 -45.50
N GLY A 377 -24.84 -12.19 -44.49
CA GLY A 377 -26.21 -12.57 -44.72
C GLY A 377 -27.05 -12.35 -43.52
N ASP A 378 -28.15 -13.10 -43.44
CA ASP A 378 -29.08 -13.02 -42.33
C ASP A 378 -28.34 -13.54 -41.12
N ILE A 379 -28.25 -12.70 -40.10
CA ILE A 379 -27.42 -13.04 -38.93
C ILE A 379 -28.09 -14.05 -38.02
N THR A 380 -29.33 -14.44 -38.32
CA THR A 380 -29.92 -15.53 -37.63
C THR A 380 -29.34 -16.81 -38.10
N ASP A 381 -28.65 -16.77 -39.24
CA ASP A 381 -27.84 -17.92 -39.62
C ASP A 381 -26.45 -17.64 -39.07
N LEU A 382 -26.07 -18.47 -38.10
CA LEU A 382 -24.90 -18.23 -37.27
C LEU A 382 -23.61 -18.50 -37.99
N SER A 383 -23.72 -19.18 -39.15
CA SER A 383 -22.57 -19.50 -39.93
C SER A 383 -22.06 -18.25 -40.69
N ASN A 384 -22.89 -17.23 -40.90
CA ASN A 384 -22.36 -16.00 -41.52
C ASN A 384 -21.32 -15.27 -40.65
N TYR A 385 -20.33 -14.67 -41.28
CA TYR A 385 -19.36 -13.82 -40.59
C TYR A 385 -19.96 -12.52 -40.08
N GLY A 386 -20.91 -12.01 -40.86
CA GLY A 386 -21.57 -10.76 -40.54
C GLY A 386 -22.85 -10.56 -41.32
N GLY A 387 -23.45 -9.39 -41.15
CA GLY A 387 -24.71 -9.07 -41.76
C GLY A 387 -24.73 -7.98 -42.82
N ALA A 388 -25.66 -7.05 -42.67
CA ALA A 388 -25.91 -6.00 -43.64
C ALA A 388 -25.58 -4.68 -43.06
N LEU A 389 -25.51 -3.68 -43.92
CA LEU A 389 -25.36 -2.29 -43.45
C LEU A 389 -26.64 -1.83 -42.78
N ILE A 390 -26.50 -0.76 -42.01
CA ILE A 390 -27.50 -0.45 -41.01
C ILE A 390 -28.79 0.11 -41.62
N ASP A 391 -28.69 0.91 -42.66
CA ASP A 391 -29.87 1.47 -43.30
C ASP A 391 -29.59 1.88 -44.74
N GLN A 392 -30.61 2.37 -45.41
CA GLN A 392 -30.57 2.66 -46.85
C GLN A 392 -29.60 3.81 -47.10
N ARG A 393 -29.67 4.84 -46.27
CA ARG A 393 -28.72 5.96 -46.30
C ARG A 393 -27.28 5.46 -46.32
N ALA A 394 -26.93 4.61 -45.34
CA ALA A 394 -25.58 3.99 -45.31
C ALA A 394 -25.27 3.24 -46.59
N PHE A 395 -26.27 2.56 -47.12
CA PHE A 395 -26.06 1.69 -48.28
C PHE A 395 -25.74 2.57 -49.52
N VAL A 396 -26.51 3.63 -49.72
CA VAL A 396 -26.21 4.57 -50.81
C VAL A 396 -24.78 5.12 -50.73
N LYS A 397 -24.31 5.45 -49.53
CA LYS A 397 -22.98 6.02 -49.36
C LYS A 397 -21.90 5.03 -49.76
N ASN A 398 -22.12 3.78 -49.45
CA ASN A 398 -21.21 2.76 -49.87
C ASN A 398 -21.24 2.60 -51.36
N VAL A 399 -22.43 2.50 -51.95
CA VAL A 399 -22.55 2.33 -53.40
C VAL A 399 -21.81 3.46 -54.09
N ASP A 400 -21.98 4.68 -53.62
CA ASP A 400 -21.34 5.81 -54.23
C ASP A 400 -19.85 5.66 -54.11
N ALA A 401 -19.36 5.08 -53.01
CA ALA A 401 -17.93 4.97 -52.83
C ALA A 401 -17.36 3.90 -53.70
N ILE A 402 -18.09 2.83 -53.88
CA ILE A 402 -17.67 1.77 -54.80
C ILE A 402 -17.65 2.26 -56.28
N GLU A 403 -18.64 3.01 -56.70
CA GLU A 403 -18.65 3.50 -58.07
C GLU A 403 -17.58 4.54 -58.30
N ARG A 404 -17.34 5.40 -57.32
CA ARG A 404 -16.18 6.32 -57.35
C ARG A 404 -14.88 5.58 -57.55
N ALA A 405 -14.67 4.55 -56.77
CA ALA A 405 -13.46 3.79 -56.90
C ALA A 405 -13.32 3.18 -58.29
N LYS A 406 -14.40 2.65 -58.83
CA LYS A 406 -14.33 2.04 -60.15
C LYS A 406 -13.94 3.07 -61.21
N GLY A 407 -14.55 4.24 -61.16
CA GLY A 407 -14.28 5.32 -62.07
C GLY A 407 -12.87 5.91 -61.98
N ALA A 408 -12.27 5.91 -60.79
CA ALA A 408 -10.98 6.55 -60.54
C ALA A 408 -9.86 5.69 -61.08
N ALA A 409 -8.90 6.36 -61.72
CA ALA A 409 -7.73 5.75 -62.34
C ALA A 409 -6.76 5.20 -61.30
N ALA A 410 -6.56 5.93 -60.21
CA ALA A 410 -5.70 5.48 -59.09
C ALA A 410 -5.93 4.02 -58.60
N VAL A 411 -7.19 3.58 -58.72
CA VAL A 411 -7.75 2.48 -57.92
C VAL A 411 -8.30 1.37 -58.78
N THR A 412 -8.05 0.14 -58.40
CA THR A 412 -8.64 -1.05 -59.02
C THR A 412 -9.48 -1.78 -57.97
N VAL A 413 -10.55 -2.41 -58.38
CA VAL A 413 -11.30 -3.24 -57.49
C VAL A 413 -10.74 -4.63 -57.60
N ALA A 414 -10.00 -5.05 -56.58
CA ALA A 414 -9.34 -6.36 -56.58
C ALA A 414 -10.26 -7.50 -56.21
N VAL A 415 -11.28 -7.24 -55.40
CA VAL A 415 -12.25 -8.27 -55.02
C VAL A 415 -13.46 -7.59 -54.46
N GLY A 416 -14.62 -8.22 -54.59
CA GLY A 416 -15.83 -7.60 -54.12
C GLY A 416 -16.37 -6.47 -54.96
N GLY A 417 -16.95 -5.48 -54.28
CA GLY A 417 -17.61 -4.37 -54.96
C GLY A 417 -19.08 -4.64 -55.33
N GLU A 418 -19.59 -5.83 -55.10
CA GLU A 418 -20.98 -6.14 -55.43
C GLU A 418 -21.84 -5.63 -54.28
N TYR A 419 -23.08 -5.27 -54.60
CA TYR A 419 -24.03 -4.79 -53.65
C TYR A 419 -25.44 -5.03 -54.13
N ASP A 420 -26.35 -5.14 -53.19
CA ASP A 420 -27.73 -5.44 -53.51
C ASP A 420 -28.62 -5.19 -52.29
N ASP A 421 -29.59 -4.29 -52.46
CA ASP A 421 -30.47 -3.85 -51.41
C ASP A 421 -31.92 -4.37 -51.52
N SER A 422 -32.12 -5.42 -52.31
CA SER A 422 -33.44 -5.91 -52.62
C SER A 422 -34.07 -6.69 -51.41
N GLU A 423 -33.23 -7.35 -50.60
CA GLU A 423 -33.68 -8.09 -49.42
C GLU A 423 -33.12 -7.50 -48.13
N GLY A 424 -31.83 -7.13 -48.13
CA GLY A 424 -31.18 -6.47 -46.99
C GLY A 424 -30.25 -5.45 -47.58
N TYR A 425 -29.59 -4.66 -46.70
CA TYR A 425 -28.69 -3.60 -47.19
C TYR A 425 -27.26 -4.16 -47.36
N PHE A 426 -27.16 -5.14 -48.24
CA PHE A 426 -25.95 -5.95 -48.31
C PHE A 426 -24.90 -5.40 -49.27
N VAL A 427 -23.68 -5.28 -48.76
CA VAL A 427 -22.51 -4.92 -49.54
C VAL A 427 -21.40 -5.89 -49.20
N ARG A 428 -20.71 -6.38 -50.21
CA ARG A 428 -19.74 -7.43 -50.07
C ARG A 428 -18.45 -6.87 -49.56
N PRO A 429 -17.66 -7.70 -48.85
CA PRO A 429 -16.31 -7.23 -48.54
C PRO A 429 -15.58 -6.84 -49.82
N THR A 430 -14.94 -5.70 -49.78
CA THR A 430 -14.33 -5.18 -50.99
C THR A 430 -12.93 -4.76 -50.69
N VAL A 431 -12.01 -5.15 -51.56
CA VAL A 431 -10.60 -4.68 -51.44
C VAL A 431 -10.18 -3.85 -52.66
N LEU A 432 -9.76 -2.60 -52.43
CA LEU A 432 -9.25 -1.70 -53.44
C LEU A 432 -7.73 -1.70 -53.44
N LEU A 433 -7.12 -1.70 -54.65
CA LEU A 433 -5.69 -1.56 -54.82
C LEU A 433 -5.37 -0.19 -55.38
N SER A 434 -4.60 0.55 -54.63
CA SER A 434 -4.26 1.90 -54.92
C SER A 434 -2.77 1.90 -55.22
N ASP A 435 -2.41 2.30 -56.42
CA ASP A 435 -1.01 2.43 -56.84
C ASP A 435 -0.23 3.44 -56.03
N ASP A 436 -0.90 4.54 -55.66
CA ASP A 436 -0.34 5.51 -54.78
C ASP A 436 -0.99 5.48 -53.39
N PRO A 437 -0.26 5.95 -52.34
CA PRO A 437 -0.81 5.89 -50.99
C PRO A 437 -2.25 6.41 -51.00
N THR A 438 -3.15 5.64 -50.40
CA THR A 438 -4.56 5.98 -50.51
C THR A 438 -4.86 7.27 -49.69
N ASP A 439 -5.59 8.20 -50.28
CA ASP A 439 -5.94 9.49 -49.68
C ASP A 439 -7.07 9.35 -48.66
N GLU A 440 -6.81 9.83 -47.45
CA GLU A 440 -7.75 9.70 -46.30
C GLU A 440 -9.13 10.31 -46.57
N SER A 441 -9.18 11.41 -47.27
CA SER A 441 -10.50 12.06 -47.55
C SER A 441 -11.48 11.12 -48.23
N PHE A 442 -11.02 10.08 -48.92
CA PHE A 442 -11.98 9.21 -49.58
C PHE A 442 -12.65 8.23 -48.66
N VAL A 443 -11.91 7.77 -47.65
CA VAL A 443 -12.36 6.65 -46.84
C VAL A 443 -13.38 7.04 -45.74
N ILE A 444 -13.51 8.34 -45.49
CA ILE A 444 -14.32 8.81 -44.40
C ILE A 444 -15.74 9.15 -44.86
N GLU A 445 -16.05 9.03 -46.15
CA GLU A 445 -17.37 9.43 -46.64
C GLU A 445 -18.36 8.23 -46.63
N TYR A 446 -17.96 7.10 -46.06
CA TYR A 446 -18.86 5.96 -45.85
C TYR A 446 -18.38 5.18 -44.63
N PHE A 447 -19.29 4.37 -44.07
CA PHE A 447 -18.89 3.25 -43.20
C PHE A 447 -19.33 1.95 -43.80
N GLY A 448 -18.40 1.03 -44.04
CA GLY A 448 -18.71 -0.16 -44.76
C GLY A 448 -17.48 -1.00 -45.02
N PRO A 449 -17.67 -2.17 -45.59
CA PRO A 449 -16.59 -3.15 -45.71
C PRO A 449 -15.71 -2.90 -46.93
N LEU A 450 -15.08 -1.72 -46.98
CA LEU A 450 -14.21 -1.30 -48.10
C LEU A 450 -12.84 -1.06 -47.56
N LEU A 451 -11.91 -1.94 -47.88
CA LEU A 451 -10.51 -1.79 -47.44
C LEU A 451 -9.68 -1.39 -48.64
N SER A 452 -8.89 -0.34 -48.51
CA SER A 452 -7.86 0.04 -49.47
C SER A 452 -6.45 -0.35 -49.06
N VAL A 453 -5.78 -1.04 -49.98
CA VAL A 453 -4.43 -1.53 -49.80
C VAL A 453 -3.49 -0.80 -50.73
N HIS A 454 -2.42 -0.28 -50.18
CA HIS A 454 -1.34 0.27 -50.92
C HIS A 454 -0.08 -0.55 -50.65
N VAL A 455 0.50 -1.13 -51.69
CA VAL A 455 1.72 -1.93 -51.57
C VAL A 455 2.97 -1.08 -51.75
N TYR A 456 3.89 -1.09 -50.79
CA TYR A 456 5.03 -0.15 -50.83
C TYR A 456 6.35 -1.00 -50.83
N PRO A 457 7.41 -0.42 -51.40
CA PRO A 457 8.68 -1.16 -51.47
C PRO A 457 9.31 -1.22 -50.10
N ASP A 458 9.68 -2.43 -49.69
CA ASP A 458 10.15 -2.75 -48.33
C ASP A 458 11.05 -1.69 -47.78
N GLU A 459 11.98 -1.22 -48.61
CA GLU A 459 13.02 -0.29 -48.13
C GLU A 459 12.49 1.12 -47.88
N ARG A 460 11.26 1.42 -48.31
CA ARG A 460 10.62 2.72 -48.08
C ARG A 460 9.77 2.80 -46.78
N TYR A 461 9.95 1.84 -45.87
CA TYR A 461 9.23 1.84 -44.60
C TYR A 461 9.15 3.22 -43.92
N GLU A 462 10.25 3.90 -43.69
CA GLU A 462 10.22 5.19 -43.00
C GLU A 462 9.53 6.21 -43.83
N GLN A 463 9.71 6.17 -45.13
CA GLN A 463 8.97 7.07 -46.03
C GLN A 463 7.45 6.87 -45.92
N ILE A 464 7.05 5.64 -45.79
CA ILE A 464 5.63 5.35 -45.71
C ILE A 464 5.06 5.81 -44.37
N LEU A 465 5.83 5.66 -43.32
CA LEU A 465 5.41 6.11 -42.02
C LEU A 465 5.18 7.61 -42.05
N ASP A 466 6.05 8.32 -42.79
CA ASP A 466 5.91 9.77 -42.96
C ASP A 466 4.66 10.15 -43.76
N VAL A 467 4.38 9.43 -44.85
CA VAL A 467 3.19 9.64 -45.66
C VAL A 467 1.92 9.35 -44.82
N ILE A 468 1.93 8.29 -44.02
CA ILE A 468 0.82 8.04 -43.09
C ILE A 468 0.67 9.21 -42.12
N ASP A 469 1.76 9.68 -41.53
CA ASP A 469 1.67 10.81 -40.60
C ASP A 469 1.14 12.08 -41.22
N THR A 470 1.70 12.44 -42.34
CA THR A 470 1.30 13.62 -43.07
C THR A 470 -0.18 13.54 -43.55
N GLY A 471 -0.69 12.34 -43.78
CA GLY A 471 -1.93 12.18 -44.49
C GLY A 471 -3.03 11.62 -43.61
N SER A 472 -2.84 11.63 -42.31
CA SER A 472 -3.85 11.02 -41.48
C SER A 472 -4.23 11.99 -40.37
N ARG A 473 -5.47 12.41 -40.44
CA ARG A 473 -6.07 13.35 -39.52
C ARG A 473 -7.32 12.73 -38.82
N TYR A 474 -7.81 11.62 -39.36
CA TYR A 474 -9.05 11.06 -38.96
C TYR A 474 -8.95 9.64 -38.43
N ALA A 475 -7.74 9.17 -38.17
CA ALA A 475 -7.58 7.86 -37.54
C ALA A 475 -7.78 7.87 -36.03
N LEU A 476 -8.70 7.04 -35.55
CA LEU A 476 -8.81 6.84 -34.13
C LEU A 476 -7.71 5.91 -33.68
N THR A 477 -7.48 4.87 -34.48
CA THR A 477 -6.49 3.90 -34.15
C THR A 477 -5.57 3.59 -35.34
N GLY A 478 -4.41 3.07 -35.01
CA GLY A 478 -3.45 2.57 -35.97
C GLY A 478 -2.76 1.32 -35.48
N ALA A 479 -2.25 0.53 -36.39
CA ALA A 479 -1.49 -0.66 -36.02
C ALA A 479 -0.20 -0.85 -36.85
N VAL A 480 0.82 -1.41 -36.22
CA VAL A 480 2.03 -1.86 -36.91
C VAL A 480 2.10 -3.33 -36.74
N ILE A 481 2.25 -4.05 -37.86
CA ILE A 481 2.58 -5.45 -37.87
C ILE A 481 4.06 -5.59 -38.26
N ALA A 482 4.87 -6.12 -37.33
CA ALA A 482 6.32 -6.24 -37.42
C ALA A 482 6.84 -6.99 -36.21
N ASP A 483 7.65 -8.02 -36.43
CA ASP A 483 8.40 -8.72 -35.38
C ASP A 483 9.68 -8.02 -34.97
N ASP A 484 10.26 -7.28 -35.91
CA ASP A 484 11.46 -6.52 -35.69
C ASP A 484 11.24 -5.36 -34.68
N ARG A 485 12.01 -5.34 -33.59
CA ARG A 485 11.75 -4.39 -32.54
C ARG A 485 12.04 -2.93 -32.97
N GLN A 486 13.07 -2.70 -33.76
CA GLN A 486 13.33 -1.32 -34.18
C GLN A 486 12.18 -0.86 -35.00
N ALA A 487 11.65 -1.73 -35.87
CA ALA A 487 10.57 -1.32 -36.78
C ALA A 487 9.32 -0.91 -35.95
N VAL A 488 9.05 -1.70 -34.92
CA VAL A 488 7.95 -1.44 -33.99
C VAL A 488 8.15 -0.08 -33.32
N LEU A 489 9.36 0.13 -32.81
CA LEU A 489 9.63 1.33 -32.05
C LEU A 489 9.65 2.57 -32.93
N THR A 490 10.13 2.42 -34.14
CA THR A 490 10.09 3.49 -35.12
C THR A 490 8.63 3.88 -35.43
N ALA A 491 7.74 2.89 -35.44
CA ALA A 491 6.32 3.17 -35.68
C ALA A 491 5.69 3.87 -34.47
N LEU A 492 6.00 3.40 -33.26
CA LEU A 492 5.48 4.03 -32.05
C LEU A 492 5.93 5.45 -31.92
N ASP A 493 7.12 5.80 -32.38
CA ASP A 493 7.59 7.21 -32.30
C ASP A 493 7.05 8.08 -33.44
N ARG A 494 7.22 7.59 -34.65
CA ARG A 494 6.92 8.35 -35.81
C ARG A 494 5.43 8.55 -36.02
N LEU A 495 4.63 7.56 -35.66
CA LEU A 495 3.18 7.71 -35.70
C LEU A 495 2.56 8.11 -34.33
N ARG A 496 3.38 8.56 -33.38
CA ARG A 496 2.91 8.91 -32.03
C ARG A 496 1.65 9.77 -32.02
N PHE A 497 1.54 10.71 -32.97
CA PHE A 497 0.46 11.65 -33.05
C PHE A 497 -0.50 11.36 -34.18
N ALA A 498 -0.29 10.28 -34.90
CA ALA A 498 -1.08 10.04 -36.09
C ALA A 498 -2.40 9.36 -35.80
N ALA A 499 -2.54 8.83 -34.60
CA ALA A 499 -3.69 8.09 -34.19
C ALA A 499 -3.75 8.20 -32.65
N GLY A 500 -4.92 7.94 -32.08
CA GLY A 500 -5.06 7.85 -30.64
C GLY A 500 -4.39 6.55 -30.29
N ASN A 501 -5.19 5.52 -30.04
CA ASN A 501 -4.70 4.21 -29.63
C ASN A 501 -3.98 3.46 -30.69
N PHE A 502 -2.88 2.82 -30.28
CA PHE A 502 -1.92 2.26 -31.22
C PHE A 502 -1.70 0.80 -30.88
N TYR A 503 -1.62 -0.05 -31.90
CA TYR A 503 -1.62 -1.49 -31.72
C TYR A 503 -0.35 -2.12 -32.41
N VAL A 504 0.27 -3.07 -31.73
CA VAL A 504 1.44 -3.80 -32.23
C VAL A 504 1.09 -5.26 -32.39
N ASN A 505 1.12 -5.73 -33.63
CA ASN A 505 0.87 -7.14 -33.99
C ASN A 505 -0.53 -7.63 -33.59
N ASP A 506 -1.52 -6.78 -33.86
CA ASP A 506 -2.93 -7.13 -33.72
C ASP A 506 -3.76 -6.11 -34.52
N LYS A 507 -5.01 -6.43 -34.75
CA LYS A 507 -5.95 -5.46 -35.35
C LYS A 507 -6.18 -4.30 -34.42
N PRO A 508 -6.25 -3.09 -34.98
CA PRO A 508 -6.59 -1.94 -34.25
C PRO A 508 -8.12 -1.83 -34.22
N THR A 509 -8.71 -1.88 -33.06
CA THR A 509 -10.19 -1.81 -32.90
C THR A 509 -10.60 -1.14 -31.55
N GLY A 510 -11.90 -1.09 -31.29
CA GLY A 510 -12.44 -0.69 -29.98
C GLY A 510 -11.78 -1.36 -28.77
N ALA A 511 -11.30 -0.51 -27.87
CA ALA A 511 -10.92 -0.87 -26.50
C ALA A 511 -11.86 -1.86 -25.77
N VAL A 512 -11.24 -2.70 -24.95
CA VAL A 512 -11.89 -3.40 -23.86
C VAL A 512 -11.82 -2.50 -22.64
N VAL A 513 -12.89 -2.46 -21.83
CA VAL A 513 -12.99 -1.45 -20.79
C VAL A 513 -11.91 -1.68 -19.77
N GLY A 514 -11.19 -0.61 -19.44
CA GLY A 514 -10.08 -0.67 -18.46
C GLY A 514 -8.72 -1.11 -19.03
N ARG A 515 -8.71 -1.45 -20.31
CA ARG A 515 -7.53 -1.96 -20.96
C ARG A 515 -6.99 -0.99 -21.97
N GLN A 516 -7.85 -0.37 -22.80
CA GLN A 516 -7.37 0.65 -23.75
C GLN A 516 -8.19 1.93 -23.66
N PRO A 517 -8.11 2.64 -22.52
CA PRO A 517 -8.83 3.89 -22.39
C PRO A 517 -8.26 4.99 -23.29
N PHE A 518 -8.95 6.12 -23.36
CA PHE A 518 -8.45 7.33 -24.05
C PHE A 518 -8.33 7.17 -25.57
N GLY A 519 -7.38 7.85 -26.23
CA GLY A 519 -7.31 7.84 -27.69
C GLY A 519 -8.00 9.06 -28.28
N GLY A 520 -8.61 8.89 -29.45
CA GLY A 520 -9.19 10.03 -30.21
C GLY A 520 -8.31 10.32 -31.40
N ALA A 521 -8.85 11.06 -32.37
CA ALA A 521 -8.13 11.36 -33.59
C ALA A 521 -7.21 12.57 -33.44
N ARG A 522 -6.40 12.83 -34.47
CA ARG A 522 -5.32 13.70 -34.26
C ARG A 522 -5.94 14.98 -33.78
N GLY A 523 -5.34 15.51 -32.71
CA GLY A 523 -5.64 16.82 -32.16
C GLY A 523 -6.98 16.96 -31.45
N SER A 524 -7.68 15.85 -31.28
CA SER A 524 -8.94 15.91 -30.57
C SER A 524 -8.76 16.13 -29.05
N ASP A 525 -9.86 16.48 -28.36
CA ASP A 525 -9.82 16.70 -26.92
C ASP A 525 -10.93 15.93 -26.27
N THR A 526 -10.81 14.61 -26.27
CA THR A 526 -11.85 13.75 -25.78
C THR A 526 -11.39 12.72 -24.70
N ASN A 527 -10.27 12.96 -24.02
CA ASN A 527 -9.86 12.04 -22.91
C ASN A 527 -10.86 11.94 -21.79
N ASP A 528 -11.89 12.77 -21.79
CA ASP A 528 -12.97 12.62 -20.80
C ASP A 528 -14.11 11.72 -21.25
N LYS A 529 -13.90 11.02 -22.34
CA LYS A 529 -14.94 10.16 -22.84
C LYS A 529 -15.06 8.89 -21.97
N ALA A 530 -16.09 8.11 -22.21
CA ALA A 530 -16.32 6.88 -21.49
C ALA A 530 -15.11 6.00 -21.49
N GLY A 531 -14.88 5.36 -20.34
CA GLY A 531 -13.85 4.32 -20.25
C GLY A 531 -12.81 4.57 -19.18
N SER A 532 -12.91 5.71 -18.48
CA SER A 532 -12.02 6.00 -17.38
C SER A 532 -12.79 6.83 -16.37
N PRO A 533 -12.16 7.08 -15.23
CA PRO A 533 -12.82 7.86 -14.24
C PRO A 533 -13.05 9.29 -14.67
N LEU A 534 -12.26 9.81 -15.61
CA LEU A 534 -12.45 11.20 -16.05
C LEU A 534 -13.87 11.53 -16.54
N ASN A 535 -14.55 10.56 -17.12
CA ASN A 535 -15.90 10.75 -17.61
C ASN A 535 -16.87 11.01 -16.46
N LEU A 536 -16.74 10.27 -15.38
CA LEU A 536 -17.63 10.41 -14.26
C LEU A 536 -17.40 11.73 -13.55
N LEU A 537 -16.18 12.23 -13.58
CA LEU A 537 -15.92 13.50 -12.96
C LEU A 537 -16.68 14.59 -13.66
N ARG A 538 -16.87 14.44 -14.98
CA ARG A 538 -17.58 15.45 -15.75
C ARG A 538 -18.99 15.59 -15.27
N TRP A 539 -19.56 14.51 -14.67
CA TRP A 539 -20.91 14.52 -14.11
C TRP A 539 -20.96 14.88 -12.63
N THR A 540 -19.88 15.44 -12.10
CA THR A 540 -19.86 15.91 -10.73
C THR A 540 -19.32 17.32 -10.70
N SER A 541 -19.62 18.06 -9.64
CA SER A 541 -19.05 19.37 -9.40
C SER A 541 -18.49 19.34 -7.99
N ALA A 542 -17.17 19.21 -7.89
CA ALA A 542 -16.53 18.98 -6.60
C ALA A 542 -16.41 20.31 -5.91
N ARG A 543 -16.68 20.30 -4.60
CA ARG A 543 -16.39 21.41 -3.76
C ARG A 543 -15.54 20.97 -2.57
N SER A 544 -14.67 21.89 -2.15
CA SER A 544 -13.90 21.72 -0.98
C SER A 544 -14.63 22.31 0.24
N ILE A 545 -14.59 21.57 1.34
CA ILE A 545 -15.11 22.06 2.61
C ILE A 545 -13.95 22.14 3.58
N LYS A 546 -13.82 23.28 4.22
CA LYS A 546 -12.78 23.43 5.28
C LYS A 546 -13.41 23.90 6.57
N GLU A 547 -13.11 23.20 7.68
CA GLU A 547 -13.45 23.65 8.98
C GLU A 547 -12.17 23.99 9.76
N THR A 548 -12.13 25.21 10.29
CA THR A 548 -11.12 25.68 11.19
C THR A 548 -11.61 25.61 12.64
N PHE A 549 -10.82 24.91 13.44
CA PHE A 549 -11.19 24.60 14.82
C PHE A 549 -10.99 25.78 15.77
N VAL A 550 -9.91 26.51 15.64
CA VAL A 550 -9.67 27.66 16.48
C VAL A 550 -9.21 28.85 15.65
N ALA A 551 -10.12 29.47 14.91
CA ALA A 551 -9.74 30.59 14.02
C ALA A 551 -9.27 31.82 14.76
N ALA A 552 -8.62 32.71 14.04
CA ALA A 552 -8.16 33.92 14.64
C ALA A 552 -9.31 34.80 15.21
N THR A 553 -9.01 35.47 16.30
CA THR A 553 -9.93 36.42 16.90
C THR A 553 -9.44 37.88 16.76
N ASP A 554 -8.29 38.10 16.12
CA ASP A 554 -7.79 39.47 15.86
C ASP A 554 -7.30 39.46 14.41
N HIS A 555 -7.54 40.55 13.70
CA HIS A 555 -7.33 40.56 12.23
C HIS A 555 -5.95 41.06 11.88
N ILE A 556 -5.28 41.58 12.89
CA ILE A 556 -4.00 42.24 12.69
C ILE A 556 -2.89 41.23 12.39
N TYR A 557 -1.96 41.62 11.54
CA TYR A 557 -0.88 40.70 11.12
C TYR A 557 0.48 41.05 11.77
N PRO A 558 1.31 40.02 12.03
CA PRO A 558 2.64 40.25 12.64
C PRO A 558 3.49 41.30 11.96
N HIS A 559 3.45 41.37 10.62
CA HIS A 559 4.21 42.43 9.93
C HIS A 559 3.86 43.83 10.34
N MET A 560 2.72 43.97 11.02
CA MET A 560 2.18 45.30 11.33
C MET A 560 2.75 45.91 12.61
N ALA A 561 3.30 45.10 13.53
CA ALA A 561 3.78 45.59 14.89
C ALA A 561 4.73 46.78 14.83
N HIS B 20 21.29 7.32 -22.05
CA HIS B 20 20.04 6.63 -21.65
C HIS B 20 19.77 6.58 -20.08
N MET B 21 18.66 5.95 -19.67
CA MET B 21 18.32 5.78 -18.27
C MET B 21 17.55 4.49 -18.12
N ASP B 22 17.94 3.63 -17.18
CA ASP B 22 17.13 2.49 -16.88
C ASP B 22 16.64 2.60 -15.44
N ALA B 23 15.42 3.15 -15.29
CA ALA B 23 14.81 3.46 -14.00
C ALA B 23 13.32 3.75 -14.06
N ILE B 24 12.65 3.61 -12.91
CA ILE B 24 11.32 4.11 -12.70
C ILE B 24 11.51 5.07 -11.50
N THR B 25 11.65 6.35 -11.82
CA THR B 25 12.07 7.33 -10.82
C THR B 25 10.87 7.96 -10.12
N GLN B 26 11.14 8.52 -8.95
CA GLN B 26 10.19 9.23 -8.12
C GLN B 26 10.54 10.72 -8.14
N VAL B 27 9.55 11.57 -7.97
CA VAL B 27 9.86 12.98 -7.81
C VAL B 27 9.91 13.27 -6.29
N PRO B 28 10.61 14.33 -5.93
CA PRO B 28 10.52 14.71 -4.50
C PRO B 28 9.09 14.94 -4.01
N VAL B 29 8.87 14.71 -2.73
CA VAL B 29 7.53 14.79 -2.13
C VAL B 29 7.25 16.22 -1.73
N PRO B 30 6.20 16.83 -2.28
CA PRO B 30 5.96 18.21 -1.94
C PRO B 30 5.29 18.39 -0.60
N ALA B 31 5.63 19.49 0.06
CA ALA B 31 4.82 20.04 1.13
C ALA B 31 4.67 21.56 0.99
N ASN B 32 3.61 22.09 1.59
CA ASN B 32 3.33 23.52 1.49
C ASN B 32 4.50 24.35 2.02
N GLU B 33 4.89 25.39 1.29
CA GLU B 33 6.00 26.23 1.72
C GLU B 33 5.54 27.10 2.88
N PRO B 34 6.36 27.21 3.97
CA PRO B 34 5.92 27.99 5.12
C PRO B 34 5.90 29.45 4.79
N VAL B 35 4.99 30.13 5.43
CA VAL B 35 4.77 31.56 5.24
C VAL B 35 5.63 32.32 6.23
N HIS B 36 6.50 33.21 5.78
CA HIS B 36 7.28 34.01 6.69
C HIS B 36 6.38 35.22 7.13
N ASP B 37 6.65 35.74 8.31
CA ASP B 37 5.84 36.72 9.01
C ASP B 37 6.41 38.13 8.81
N TYR B 38 7.71 38.25 8.64
CA TYR B 38 8.29 39.59 8.45
C TYR B 38 8.03 40.43 9.68
N ALA B 39 8.13 39.85 10.84
CA ALA B 39 7.98 40.56 12.07
C ALA B 39 9.16 41.48 12.24
N PRO B 40 8.95 42.58 13.09
CA PRO B 40 10.15 43.41 13.29
C PRO B 40 11.39 42.68 13.79
N LYS B 41 12.53 43.14 13.35
CA LYS B 41 13.81 42.58 13.73
C LYS B 41 14.16 41.31 12.97
N SER B 42 13.19 40.68 12.33
CA SER B 42 13.42 39.46 11.57
C SER B 42 14.35 39.70 10.38
N PRO B 43 15.18 38.75 10.06
CA PRO B 43 16.06 38.92 8.89
C PRO B 43 15.34 39.10 7.55
N GLU B 44 14.25 38.37 7.31
CA GLU B 44 13.48 38.48 6.03
C GLU B 44 12.93 39.90 5.86
N ARG B 45 12.56 40.54 6.96
CA ARG B 45 12.18 41.93 6.89
C ARG B 45 13.27 42.89 6.42
N THR B 46 14.51 42.69 6.86
CA THR B 46 15.63 43.54 6.43
C THR B 46 15.85 43.29 4.94
N ARG B 47 15.87 42.01 4.55
CA ARG B 47 16.06 41.64 3.14
C ARG B 47 15.01 42.26 2.24
N LEU B 48 13.77 42.24 2.68
CA LEU B 48 12.64 42.87 1.97
C LEU B 48 12.82 44.33 1.74
N ARG B 49 13.23 45.07 2.76
CA ARG B 49 13.49 46.53 2.56
C ARG B 49 14.57 46.77 1.55
N THR B 50 15.61 45.95 1.54
CA THR B 50 16.66 46.13 0.53
C THR B 50 16.01 45.99 -0.83
N GLU B 51 15.19 44.95 -0.99
CA GLU B 51 14.52 44.66 -2.29
C GLU B 51 13.51 45.74 -2.65
N LEU B 52 12.74 46.21 -1.67
CA LEU B 52 11.82 47.30 -1.92
C LEU B 52 12.49 48.54 -2.49
N ALA B 53 13.57 48.98 -1.85
CA ALA B 53 14.28 50.17 -2.32
C ALA B 53 14.92 49.92 -3.67
N SER B 54 15.48 48.74 -3.84
CA SER B 54 16.14 48.46 -5.11
C SER B 54 15.15 48.51 -6.30
N LEU B 55 13.98 47.91 -6.16
CA LEU B 55 12.99 47.94 -7.27
C LEU B 55 12.42 49.34 -7.48
N ALA B 56 12.10 50.00 -6.38
CA ALA B 56 11.47 51.35 -6.48
C ALA B 56 12.35 52.45 -7.03
N ASP B 57 13.64 52.39 -6.73
CA ASP B 57 14.57 53.45 -7.06
C ASP B 57 15.23 53.26 -8.42
N HIS B 58 15.15 52.04 -8.98
CA HIS B 58 15.75 51.69 -10.27
C HIS B 58 14.70 51.09 -11.21
N PRO B 59 13.78 51.91 -11.65
CA PRO B 59 12.82 51.47 -12.69
C PRO B 59 13.50 51.02 -13.96
N ILE B 60 12.89 50.09 -14.68
CA ILE B 60 13.51 49.45 -15.82
C ILE B 60 12.54 49.35 -16.99
N ASP B 61 13.10 49.08 -18.16
CA ASP B 61 12.35 48.61 -19.30
C ASP B 61 11.80 47.25 -18.96
N LEU B 62 10.57 47.00 -19.38
CA LEU B 62 9.90 45.73 -19.17
C LEU B 62 9.60 45.18 -20.55
N PRO B 63 10.56 44.41 -21.11
CA PRO B 63 10.53 44.04 -22.48
C PRO B 63 9.73 42.76 -22.71
N HIS B 64 9.38 42.48 -23.96
CA HIS B 64 8.96 41.14 -24.36
C HIS B 64 10.14 40.20 -24.27
N VAL B 65 9.87 38.92 -24.05
CA VAL B 65 10.87 37.88 -23.99
C VAL B 65 10.42 36.83 -24.94
N ILE B 66 11.08 36.80 -26.10
CA ILE B 66 10.71 35.93 -27.21
C ILE B 66 11.90 35.11 -27.74
N GLY B 67 11.75 33.78 -27.78
CA GLY B 67 12.85 32.90 -28.11
C GLY B 67 14.08 33.23 -27.24
N GLY B 68 13.88 33.57 -25.96
CA GLY B 68 14.96 33.92 -25.06
C GLY B 68 15.55 35.29 -25.23
N ARG B 69 15.06 36.08 -26.17
CA ARG B 69 15.62 37.41 -26.38
C ARG B 69 14.71 38.47 -25.80
N HIS B 70 15.28 39.32 -24.96
CA HIS B 70 14.55 40.37 -24.33
C HIS B 70 14.64 41.61 -25.20
N ARG B 71 13.51 42.12 -25.67
CA ARG B 71 13.44 43.23 -26.63
C ARG B 71 12.24 44.07 -26.30
N MET B 72 12.43 45.38 -26.28
CA MET B 72 11.35 46.31 -26.40
C MET B 72 10.84 46.22 -27.82
N GLY B 73 9.56 46.46 -28.03
CA GLY B 73 8.92 46.42 -29.36
C GLY B 73 8.53 47.82 -29.81
N ASP B 74 7.83 47.90 -30.95
CA ASP B 74 7.50 49.22 -31.55
C ASP B 74 6.16 49.82 -31.15
N GLY B 75 5.42 49.16 -30.25
CA GLY B 75 4.13 49.62 -29.79
C GLY B 75 4.22 50.73 -28.76
N GLU B 76 3.06 51.20 -28.36
CA GLU B 76 2.92 52.25 -27.38
C GLU B 76 3.64 51.87 -26.08
N ARG B 77 4.38 52.83 -25.52
CA ARG B 77 5.00 52.73 -24.23
C ARG B 77 3.98 53.03 -23.13
N ILE B 78 3.91 52.16 -22.16
CA ILE B 78 2.98 52.25 -21.09
C ILE B 78 3.71 52.02 -19.78
N ASP B 79 3.52 52.95 -18.85
CA ASP B 79 4.20 52.86 -17.58
C ASP B 79 3.44 51.97 -16.61
N VAL B 80 4.21 51.30 -15.78
CA VAL B 80 3.71 50.48 -14.72
C VAL B 80 4.15 51.23 -13.47
N VAL B 81 3.20 51.54 -12.59
CA VAL B 81 3.48 52.45 -11.46
C VAL B 81 3.07 51.79 -10.20
N GLN B 82 3.41 52.40 -9.07
CA GLN B 82 2.99 51.88 -7.78
C GLN B 82 1.55 52.40 -7.52
N PRO B 83 0.55 51.50 -7.37
CA PRO B 83 -0.84 52.01 -7.31
C PRO B 83 -1.16 52.90 -6.10
N HIS B 84 -0.46 52.62 -5.00
CA HIS B 84 -0.49 53.48 -3.80
C HIS B 84 0.37 54.74 -3.91
N ARG B 85 1.01 54.96 -5.07
CA ARG B 85 1.80 56.15 -5.27
C ARG B 85 2.08 56.27 -6.72
N HIS B 86 1.07 56.70 -7.47
CA HIS B 86 1.03 56.45 -8.91
C HIS B 86 1.93 57.38 -9.73
N ALA B 87 2.48 58.42 -9.08
CA ALA B 87 3.51 59.28 -9.63
C ALA B 87 4.87 58.57 -9.69
N ALA B 88 5.01 57.49 -8.92
CA ALA B 88 6.24 56.66 -8.89
C ALA B 88 6.26 55.44 -9.85
N ARG B 89 7.12 55.53 -10.86
CA ARG B 89 7.23 54.56 -11.92
C ARG B 89 8.14 53.40 -11.52
N LEU B 90 7.72 52.18 -11.88
CA LEU B 90 8.47 50.97 -11.64
C LEU B 90 9.08 50.46 -12.92
N GLY B 91 8.49 50.85 -14.06
CA GLY B 91 8.98 50.45 -15.32
C GLY B 91 8.11 50.92 -16.47
N THR B 92 8.48 50.48 -17.66
CA THR B 92 7.82 50.90 -18.85
C THR B 92 7.89 49.72 -19.80
N LEU B 93 6.74 49.33 -20.37
CA LEU B 93 6.61 48.19 -21.29
C LEU B 93 6.16 48.77 -22.62
N THR B 94 6.32 48.00 -23.67
CA THR B 94 5.74 48.37 -24.97
C THR B 94 4.61 47.41 -25.32
N ASN B 95 3.52 47.97 -25.83
CA ASN B 95 2.33 47.20 -26.11
C ASN B 95 2.59 46.34 -27.33
N ALA B 96 2.55 45.03 -27.16
CA ALA B 96 2.77 44.09 -28.24
C ALA B 96 2.01 44.42 -29.50
N THR B 97 2.72 44.42 -30.62
CA THR B 97 2.13 44.60 -31.96
C THR B 97 1.80 43.25 -32.50
N HIS B 98 1.14 43.22 -33.65
CA HIS B 98 0.94 41.94 -34.28
C HIS B 98 2.27 41.20 -34.57
N ALA B 99 3.28 41.94 -34.98
CA ALA B 99 4.55 41.37 -35.36
C ALA B 99 5.19 40.69 -34.11
N ASP B 100 5.12 41.35 -32.98
CA ASP B 100 5.69 40.82 -31.74
C ASP B 100 4.95 39.53 -31.43
N ALA B 101 3.64 39.54 -31.59
CA ALA B 101 2.89 38.31 -31.28
C ALA B 101 3.16 37.17 -32.24
N ALA B 102 3.27 37.47 -33.53
CA ALA B 102 3.67 36.44 -34.52
C ALA B 102 5.03 35.88 -34.20
N ALA B 103 5.94 36.73 -33.70
CA ALA B 103 7.29 36.24 -33.35
C ALA B 103 7.23 35.34 -32.12
N ALA B 104 6.37 35.71 -31.16
CA ALA B 104 6.20 34.92 -29.95
C ALA B 104 5.74 33.53 -30.33
N VAL B 105 4.82 33.45 -31.27
CA VAL B 105 4.26 32.16 -31.66
C VAL B 105 5.31 31.31 -32.40
N GLU B 106 6.06 31.96 -33.29
CA GLU B 106 7.03 31.23 -34.07
C GLU B 106 8.10 30.73 -33.13
N ALA B 107 8.38 31.47 -32.08
CA ALA B 107 9.41 31.03 -31.13
C ALA B 107 8.96 29.81 -30.34
N ALA B 108 7.69 29.80 -29.96
CA ALA B 108 7.12 28.68 -29.21
C ALA B 108 7.14 27.45 -30.07
N MET B 109 6.81 27.61 -31.35
CA MET B 109 6.77 26.44 -32.21
C MET B 109 8.16 25.95 -32.51
N SER B 110 9.10 26.86 -32.50
CA SER B 110 10.46 26.49 -32.80
C SER B 110 11.17 25.75 -31.61
N ALA B 111 10.83 26.09 -30.36
CA ALA B 111 11.39 25.42 -29.19
C ALA B 111 10.70 24.10 -28.88
N LYS B 112 9.57 23.84 -29.56
CA LYS B 112 8.68 22.76 -29.18
C LYS B 112 9.39 21.46 -29.22
N SER B 113 9.96 21.14 -30.37
CA SER B 113 10.54 19.85 -30.56
C SER B 113 11.60 19.41 -29.47
N ASP B 114 12.59 20.27 -29.18
CA ASP B 114 13.60 20.00 -28.17
C ASP B 114 13.02 19.95 -26.77
N TRP B 115 11.96 20.71 -26.50
CA TRP B 115 11.39 20.71 -25.16
C TRP B 115 10.61 19.43 -24.92
N ALA B 116 9.75 19.04 -25.86
CA ALA B 116 8.98 17.84 -25.74
C ALA B 116 9.84 16.57 -25.70
N ALA B 117 11.02 16.61 -26.28
CA ALA B 117 11.90 15.44 -26.28
C ALA B 117 12.67 15.33 -24.99
N LEU B 118 12.75 16.38 -24.19
CA LEU B 118 13.42 16.21 -22.91
C LEU B 118 12.57 15.24 -22.12
N PRO B 119 13.18 14.30 -21.39
CA PRO B 119 12.38 13.45 -20.51
C PRO B 119 11.61 14.25 -19.46
N PHE B 120 10.45 13.73 -19.07
CA PHE B 120 9.66 14.42 -18.03
C PHE B 120 10.53 14.87 -16.82
N ASP B 121 11.42 13.98 -16.31
CA ASP B 121 12.21 14.28 -15.15
C ASP B 121 13.04 15.56 -15.34
N GLU B 122 13.53 15.82 -16.56
CA GLU B 122 14.34 17.00 -16.83
C GLU B 122 13.52 18.26 -17.04
N ARG B 123 12.34 18.14 -17.63
CA ARG B 123 11.45 19.30 -17.64
C ARG B 123 11.05 19.61 -16.20
N ALA B 124 10.75 18.60 -15.37
CA ALA B 124 10.30 18.88 -14.03
C ALA B 124 11.35 19.54 -13.16
N ALA B 125 12.61 19.21 -13.40
CA ALA B 125 13.74 19.86 -12.63
C ALA B 125 13.77 21.34 -12.83
N VAL B 126 13.40 21.79 -14.04
CA VAL B 126 13.32 23.22 -14.24
C VAL B 126 12.43 23.85 -13.19
N PHE B 127 11.28 23.24 -12.94
CA PHE B 127 10.28 23.88 -12.05
C PHE B 127 10.52 23.56 -10.58
N LEU B 128 11.10 22.40 -10.26
CA LEU B 128 11.56 22.19 -8.91
C LEU B 128 12.69 23.17 -8.57
N ARG B 129 13.53 23.48 -9.55
CA ARG B 129 14.63 24.39 -9.29
C ARG B 129 14.11 25.80 -9.12
N ALA B 130 13.17 26.15 -9.99
CA ALA B 130 12.57 27.47 -9.93
C ALA B 130 11.96 27.63 -8.57
N ALA B 131 11.36 26.57 -8.06
CA ALA B 131 10.73 26.68 -6.76
C ALA B 131 11.70 26.92 -5.60
N ASP B 132 12.81 26.18 -5.62
CA ASP B 132 13.84 26.41 -4.60
C ASP B 132 14.50 27.75 -4.78
N LEU B 133 14.67 28.21 -6.00
CA LEU B 133 15.22 29.52 -6.18
C LEU B 133 14.26 30.56 -5.59
N LEU B 134 12.95 30.40 -5.84
CA LEU B 134 11.95 31.36 -5.31
C LEU B 134 11.87 31.28 -3.78
N ALA B 135 12.08 30.08 -3.21
CA ALA B 135 12.07 29.91 -1.75
C ALA B 135 13.23 30.50 -1.02
N GLY B 136 14.35 30.74 -1.71
CA GLY B 136 15.56 31.26 -1.09
C GLY B 136 15.94 32.59 -1.71
N PRO B 137 16.90 32.59 -2.65
CA PRO B 137 17.51 33.82 -3.08
C PRO B 137 16.62 34.76 -3.85
N TRP B 138 15.58 34.28 -4.51
CA TRP B 138 14.71 35.23 -5.19
C TRP B 138 13.53 35.69 -4.33
N ARG B 139 13.38 35.13 -3.11
CA ARG B 139 12.14 35.21 -2.36
C ARG B 139 11.69 36.64 -2.15
N GLU B 140 12.54 37.46 -1.59
CA GLU B 140 12.09 38.81 -1.24
C GLU B 140 12.02 39.70 -2.48
N LYS B 141 12.74 39.37 -3.53
CA LYS B 141 12.70 40.20 -4.76
C LYS B 141 11.32 40.07 -5.42
N ILE B 142 10.80 38.85 -5.45
CA ILE B 142 9.56 38.55 -6.10
C ILE B 142 8.38 39.06 -5.21
N ALA B 143 8.49 38.89 -3.89
CA ALA B 143 7.59 39.47 -2.92
C ALA B 143 7.58 40.96 -3.11
N ALA B 144 8.79 41.56 -3.14
CA ALA B 144 8.82 43.01 -3.24
C ALA B 144 8.17 43.47 -4.50
N ALA B 145 8.49 42.82 -5.61
CA ALA B 145 7.99 43.29 -6.90
C ALA B 145 6.45 43.23 -6.89
N THR B 146 5.92 42.23 -6.23
CA THR B 146 4.48 42.01 -6.18
C THR B 146 3.83 43.08 -5.29
N MET B 147 4.50 43.37 -4.17
CA MET B 147 4.04 44.44 -3.29
C MET B 147 3.97 45.75 -4.04
N LEU B 148 5.03 46.09 -4.74
CA LEU B 148 5.13 47.40 -5.36
C LEU B 148 4.17 47.57 -6.55
N GLY B 149 4.10 46.59 -7.45
CA GLY B 149 3.28 46.73 -8.65
C GLY B 149 1.77 46.57 -8.40
N GLN B 150 1.43 45.60 -7.56
CA GLN B 150 0.08 45.17 -7.34
C GLN B 150 -0.56 45.75 -6.07
N SER B 151 0.20 46.55 -5.35
CA SER B 151 -0.23 47.13 -4.07
C SER B 151 -0.64 46.11 -3.03
N LYS B 152 0.24 45.16 -2.79
CA LYS B 152 0.03 44.13 -1.76
C LYS B 152 0.87 44.40 -0.54
N SER B 153 0.31 44.17 0.65
CA SER B 153 1.03 44.14 1.88
C SER B 153 1.99 42.99 1.78
N VAL B 154 3.05 43.02 2.60
CA VAL B 154 4.00 41.95 2.57
C VAL B 154 3.35 40.61 2.78
N TYR B 155 2.42 40.48 3.70
CA TYR B 155 1.74 39.17 3.94
C TYR B 155 0.96 38.72 2.71
N GLN B 156 0.32 39.65 2.03
CA GLN B 156 -0.40 39.28 0.82
C GLN B 156 0.57 38.88 -0.28
N ALA B 157 1.72 39.54 -0.34
CA ALA B 157 2.73 39.16 -1.33
C ALA B 157 3.30 37.78 -1.02
N GLU B 158 3.45 37.49 0.25
CA GLU B 158 4.09 36.27 0.70
C GLU B 158 3.20 35.04 0.45
N ILE B 159 1.92 35.13 0.73
CA ILE B 159 1.04 34.00 0.46
C ILE B 159 0.79 33.75 -1.03
N ASP B 160 1.00 34.78 -1.84
CA ASP B 160 0.81 34.71 -3.30
C ASP B 160 2.09 34.39 -4.11
N ALA B 161 2.94 35.40 -4.20
CA ALA B 161 4.04 35.40 -5.11
C ALA B 161 5.12 34.45 -4.69
N VAL B 162 5.23 34.14 -3.40
CA VAL B 162 6.21 33.21 -2.88
C VAL B 162 5.54 31.87 -2.71
N CYS B 163 4.70 31.73 -1.68
CA CYS B 163 4.21 30.46 -1.25
C CYS B 163 3.30 29.74 -2.24
N GLU B 164 2.29 30.44 -2.74
CA GLU B 164 1.37 29.76 -3.64
C GLU B 164 2.11 29.42 -4.96
N LEU B 165 3.02 30.28 -5.41
CA LEU B 165 3.69 30.02 -6.68
C LEU B 165 4.66 28.83 -6.50
N ILE B 166 5.39 28.82 -5.40
CA ILE B 166 6.26 27.67 -5.02
C ILE B 166 5.47 26.39 -4.94
N ASP B 167 4.29 26.45 -4.34
CA ASP B 167 3.50 25.26 -4.15
C ASP B 167 2.92 24.75 -5.46
N PHE B 168 2.44 25.65 -6.33
CA PHE B 168 1.98 25.23 -7.66
C PHE B 168 3.05 24.41 -8.38
N TRP B 169 4.31 24.85 -8.31
CA TRP B 169 5.39 24.17 -9.06
C TRP B 169 5.71 22.82 -8.45
N ARG B 170 5.94 22.79 -7.15
CA ARG B 170 6.21 21.53 -6.48
C ARG B 170 5.05 20.57 -6.49
N PHE B 171 3.84 21.02 -6.19
CA PHE B 171 2.72 20.09 -6.34
C PHE B 171 2.39 19.72 -7.78
N ASN B 172 2.43 20.64 -8.73
CA ASN B 172 2.27 20.21 -10.13
C ASN B 172 3.25 19.15 -10.60
N VAL B 173 4.48 19.25 -10.15
CA VAL B 173 5.43 18.19 -10.53
C VAL B 173 4.98 16.87 -9.98
N ALA B 174 4.52 16.84 -8.70
CA ALA B 174 3.99 15.60 -8.11
C ALA B 174 2.70 15.15 -8.80
N PHE B 175 1.82 16.10 -9.11
CA PHE B 175 0.56 15.73 -9.80
C PHE B 175 0.85 15.07 -11.15
N ALA B 176 1.75 15.66 -11.91
CA ALA B 176 2.19 15.10 -13.21
C ALA B 176 2.73 13.72 -13.12
N ARG B 177 3.64 13.54 -12.19
CA ARG B 177 4.23 12.21 -11.96
C ARG B 177 3.21 11.12 -11.58
N GLN B 178 2.21 11.50 -10.82
CA GLN B 178 1.14 10.60 -10.50
C GLN B 178 0.26 10.32 -11.75
N ILE B 179 0.02 11.33 -12.57
CA ILE B 179 -0.75 11.08 -13.82
C ILE B 179 0.01 10.03 -14.64
N LEU B 180 1.32 10.16 -14.70
CA LEU B 180 2.11 9.28 -15.55
C LEU B 180 2.07 7.80 -15.19
N GLU B 181 1.90 7.46 -13.92
CA GLU B 181 1.76 6.04 -13.55
C GLU B 181 0.33 5.51 -13.55
N GLN B 182 -0.65 6.30 -13.99
CA GLN B 182 -1.99 5.78 -14.12
C GLN B 182 -1.94 4.95 -15.38
N GLN B 183 -1.90 3.64 -15.19
CA GLN B 183 -1.79 2.67 -16.28
C GLN B 183 -2.89 1.65 -16.21
N PRO B 184 -3.10 0.95 -17.33
CA PRO B 184 -4.16 -0.03 -17.42
C PRO B 184 -3.75 -1.43 -17.00
N ILE B 185 -4.73 -2.29 -17.07
CA ILE B 185 -4.63 -3.72 -16.86
C ILE B 185 -4.16 -4.34 -18.16
N SER B 186 -3.24 -5.28 -18.07
CA SER B 186 -2.89 -6.12 -19.21
C SER B 186 -3.56 -7.48 -19.03
N GLY B 187 -4.37 -7.88 -20.00
CA GLY B 187 -4.93 -9.20 -19.97
C GLY B 187 -3.89 -10.22 -20.42
N PRO B 188 -4.24 -11.50 -20.38
CA PRO B 188 -3.35 -12.56 -20.90
C PRO B 188 -2.99 -12.35 -22.37
N GLY B 189 -1.72 -12.51 -22.71
CA GLY B 189 -1.29 -12.53 -24.09
C GLY B 189 -0.99 -11.16 -24.68
N GLU B 190 -1.01 -10.12 -23.84
CA GLU B 190 -0.87 -8.72 -24.30
C GLU B 190 -0.22 -7.84 -23.25
N TRP B 191 0.12 -6.64 -23.67
CA TRP B 191 0.59 -5.63 -22.78
C TRP B 191 0.05 -4.30 -23.19
N ASN B 192 -0.74 -3.68 -22.31
CA ASN B 192 -1.34 -2.36 -22.54
C ASN B 192 -0.66 -1.32 -21.70
N ARG B 193 -0.41 -0.16 -22.31
CA ARG B 193 0.27 0.92 -21.64
C ARG B 193 -0.38 2.20 -22.07
N ILE B 194 -0.14 3.27 -21.34
CA ILE B 194 -0.63 4.57 -21.75
C ILE B 194 0.50 5.60 -21.81
N ASP B 195 0.43 6.43 -22.85
CA ASP B 195 1.42 7.43 -23.17
C ASP B 195 0.72 8.77 -23.07
N TYR B 196 1.22 9.63 -22.21
CA TYR B 196 0.64 10.95 -21.99
C TYR B 196 1.31 12.04 -22.83
N ARG B 197 0.80 12.25 -24.05
CA ARG B 197 1.50 13.00 -25.04
C ARG B 197 1.28 14.43 -24.75
N PRO B 198 2.25 15.27 -25.06
CA PRO B 198 1.94 16.67 -25.00
C PRO B 198 0.98 17.01 -26.14
N LEU B 199 0.48 18.23 -26.17
CA LEU B 199 -0.40 18.69 -27.25
C LEU B 199 0.40 19.04 -28.49
N ASP B 200 -0.27 19.19 -29.62
CA ASP B 200 0.32 19.67 -30.92
C ASP B 200 0.13 21.16 -30.91
N GLY B 201 1.04 21.97 -31.30
CA GLY B 201 0.72 23.43 -31.19
C GLY B 201 0.86 24.13 -29.84
N PHE B 202 0.72 25.45 -29.86
CA PHE B 202 1.10 26.28 -28.77
C PHE B 202 -0.11 26.65 -27.87
N VAL B 203 0.19 27.04 -26.65
CA VAL B 203 -0.83 27.37 -25.65
C VAL B 203 -0.65 28.85 -25.33
N TYR B 204 -1.78 29.53 -25.16
CA TYR B 204 -1.83 30.95 -24.96
C TYR B 204 -2.29 31.16 -23.50
N ALA B 205 -1.45 31.72 -22.65
CA ALA B 205 -1.77 31.88 -21.26
C ALA B 205 -2.00 33.36 -21.09
N ILE B 206 -3.14 33.76 -20.54
CA ILE B 206 -3.50 35.15 -20.28
C ILE B 206 -3.77 35.26 -18.83
N THR B 207 -3.02 36.12 -18.13
CA THR B 207 -3.05 36.11 -16.66
C THR B 207 -3.49 37.46 -16.02
N PRO B 208 -4.12 37.41 -14.86
CA PRO B 208 -4.75 38.60 -14.29
C PRO B 208 -3.81 39.36 -13.38
N PHE B 209 -4.28 40.47 -12.90
CA PHE B 209 -3.46 41.26 -12.04
C PHE B 209 -3.38 40.73 -10.61
N ASN B 210 -4.35 39.90 -10.21
CA ASN B 210 -4.64 39.66 -8.80
C ASN B 210 -3.56 38.84 -8.08
N PHE B 211 -2.93 37.88 -8.79
CA PHE B 211 -1.99 36.96 -8.16
C PHE B 211 -0.78 36.73 -9.07
N THR B 212 0.38 37.05 -8.51
CA THR B 212 1.65 36.71 -9.12
C THR B 212 1.73 35.18 -9.30
N SER B 213 1.13 34.44 -8.39
CA SER B 213 1.09 32.99 -8.48
C SER B 213 0.34 32.45 -9.69
N ILE B 214 -0.90 32.91 -9.91
CA ILE B 214 -1.65 32.54 -11.11
C ILE B 214 -0.88 32.98 -12.35
N ALA B 215 -0.24 34.14 -12.31
CA ALA B 215 0.48 34.63 -13.48
C ALA B 215 1.63 33.73 -13.83
N GLY B 216 2.38 33.28 -12.82
CA GLY B 216 3.39 32.22 -13.02
C GLY B 216 2.91 30.84 -13.40
N ASN B 217 1.77 30.46 -12.86
CA ASN B 217 1.33 29.10 -13.04
C ASN B 217 0.67 28.87 -14.37
N LEU B 218 -0.18 29.78 -14.83
CA LEU B 218 -0.88 29.43 -16.06
C LEU B 218 0.06 29.15 -17.23
N PRO B 219 1.17 29.87 -17.33
CA PRO B 219 2.09 29.53 -18.42
C PRO B 219 2.97 28.32 -18.14
N THR B 220 3.31 28.05 -16.89
CA THR B 220 4.25 26.94 -16.63
C THR B 220 3.62 25.57 -16.51
N ALA B 221 2.40 25.52 -16.03
CA ALA B 221 1.76 24.24 -15.94
C ALA B 221 1.74 23.47 -17.29
N PRO B 222 1.27 24.10 -18.41
CA PRO B 222 1.34 23.35 -19.68
C PRO B 222 2.74 23.07 -20.15
N ALA B 223 3.64 23.94 -19.78
CA ALA B 223 5.03 23.79 -20.14
C ALA B 223 5.63 22.50 -19.54
N LEU B 224 5.35 22.22 -18.27
CA LEU B 224 5.77 21.02 -17.61
C LEU B 224 5.43 19.77 -18.37
N MET B 225 4.26 19.75 -19.03
CA MET B 225 3.76 18.53 -19.67
C MET B 225 4.32 18.44 -21.09
N GLY B 226 5.19 19.38 -21.44
CA GLY B 226 5.89 19.27 -22.72
C GLY B 226 5.44 20.21 -23.79
N ASN B 227 4.66 21.21 -23.39
CA ASN B 227 4.18 22.20 -24.34
C ASN B 227 4.92 23.49 -24.26
N THR B 228 4.76 24.28 -25.32
CA THR B 228 5.27 25.61 -25.37
C THR B 228 4.11 26.60 -25.44
N VAL B 229 4.45 27.84 -25.13
CA VAL B 229 3.52 28.79 -24.55
C VAL B 229 3.84 30.21 -24.96
N ILE B 230 2.79 31.00 -25.23
CA ILE B 230 2.90 32.43 -25.22
C ILE B 230 2.05 32.96 -24.06
N TRP B 231 2.55 33.99 -23.38
CA TRP B 231 2.06 34.42 -22.07
C TRP B 231 1.91 35.92 -22.06
N LYS B 232 0.68 36.35 -21.82
CA LYS B 232 0.33 37.77 -21.86
C LYS B 232 -0.15 38.10 -20.45
N PRO B 233 0.70 38.78 -19.67
CA PRO B 233 0.35 39.19 -18.35
C PRO B 233 -0.34 40.53 -18.31
N SER B 234 -1.03 40.73 -17.19
CA SER B 234 -1.75 41.95 -16.99
C SER B 234 -0.70 43.03 -16.80
N ILE B 235 -0.98 44.19 -17.35
CA ILE B 235 -0.06 45.29 -17.36
C ILE B 235 0.37 45.62 -15.94
N THR B 236 -0.58 45.75 -15.01
CA THR B 236 -0.25 46.16 -13.66
C THR B 236 0.52 45.08 -12.86
N GLN B 237 0.61 43.89 -13.40
CA GLN B 237 1.39 42.83 -12.77
C GLN B 237 2.73 42.58 -13.50
N THR B 238 3.06 43.41 -14.47
CA THR B 238 4.15 43.04 -15.39
C THR B 238 5.58 43.10 -14.75
N LEU B 239 5.75 43.88 -13.70
CA LEU B 239 7.03 43.92 -13.03
C LEU B 239 7.33 42.52 -12.47
N ALA B 240 6.39 42.00 -11.70
CA ALA B 240 6.54 40.67 -11.14
C ALA B 240 6.56 39.59 -12.23
N ALA B 241 5.86 39.85 -13.30
CA ALA B 241 5.82 38.81 -14.34
C ALA B 241 7.23 38.70 -14.99
N TYR B 242 7.78 39.86 -15.32
CA TYR B 242 9.10 39.89 -15.94
C TYR B 242 10.16 39.27 -15.05
N LEU B 243 10.16 39.65 -13.79
CA LEU B 243 11.02 39.01 -12.86
C LEU B 243 10.75 37.50 -12.77
N THR B 244 9.50 37.09 -12.79
CA THR B 244 9.20 35.66 -12.82
C THR B 244 9.90 35.01 -14.05
N MET B 245 9.85 35.65 -15.17
CA MET B 245 10.48 35.13 -16.37
C MET B 245 12.03 35.00 -16.18
N GLN B 246 12.65 35.98 -15.56
CA GLN B 246 14.10 35.91 -15.30
C GLN B 246 14.44 34.74 -14.36
N LEU B 247 13.56 34.50 -13.40
CA LEU B 247 13.72 33.41 -12.44
C LEU B 247 13.70 32.11 -13.17
N LEU B 248 12.74 31.94 -14.08
CA LEU B 248 12.62 30.69 -14.78
C LEU B 248 13.87 30.47 -15.67
N GLU B 249 14.37 31.53 -16.25
CA GLU B 249 15.53 31.45 -17.07
C GLU B 249 16.71 31.02 -16.22
N ALA B 250 16.85 31.56 -15.02
CA ALA B 250 17.94 31.19 -14.10
C ALA B 250 17.79 29.75 -13.65
N ALA B 251 16.57 29.22 -13.69
CA ALA B 251 16.36 27.81 -13.37
C ALA B 251 16.63 26.87 -14.54
N GLY B 252 16.90 27.43 -15.71
CA GLY B 252 17.21 26.62 -16.86
C GLY B 252 16.09 26.42 -17.84
N LEU B 253 14.98 27.18 -17.72
CA LEU B 253 13.95 27.08 -18.72
C LEU B 253 14.55 27.46 -20.09
N PRO B 254 14.42 26.56 -21.10
CA PRO B 254 15.02 26.86 -22.40
C PRO B 254 14.32 27.98 -23.19
N PRO B 255 15.08 28.63 -24.05
CA PRO B 255 14.56 29.71 -24.85
C PRO B 255 13.41 29.30 -25.74
N GLY B 256 12.35 30.12 -25.75
CA GLY B 256 11.18 29.89 -26.57
C GLY B 256 10.13 28.96 -25.97
N VAL B 257 10.43 28.32 -24.84
CA VAL B 257 9.44 27.43 -24.23
C VAL B 257 8.29 28.25 -23.65
N ILE B 258 8.58 29.37 -23.03
CA ILE B 258 7.59 30.37 -22.72
C ILE B 258 8.04 31.72 -23.22
N ASN B 259 7.13 32.47 -23.83
CA ASN B 259 7.42 33.73 -24.49
C ASN B 259 6.47 34.80 -23.97
N LEU B 260 7.03 35.80 -23.32
CA LEU B 260 6.27 36.82 -22.70
C LEU B 260 6.03 37.96 -23.67
N VAL B 261 4.78 38.36 -23.82
CA VAL B 261 4.38 39.55 -24.56
C VAL B 261 3.54 40.49 -23.67
N THR B 262 3.98 41.74 -23.53
CA THR B 262 3.41 42.65 -22.63
C THR B 262 2.34 43.46 -23.35
N GLY B 263 1.44 44.03 -22.56
CA GLY B 263 0.48 44.97 -23.07
C GLY B 263 -0.99 44.63 -22.83
N ASP B 264 -1.87 45.24 -23.63
CA ASP B 264 -3.29 45.08 -23.43
C ASP B 264 -3.80 43.79 -24.00
N GLY B 265 -2.93 43.03 -24.65
CA GLY B 265 -3.31 41.74 -25.22
C GLY B 265 -4.12 41.78 -26.52
N PHE B 266 -4.50 42.95 -27.02
CA PHE B 266 -5.44 42.95 -28.19
C PHE B 266 -4.83 42.38 -29.44
N ALA B 267 -3.61 42.82 -29.71
CA ALA B 267 -2.90 42.38 -30.90
C ALA B 267 -2.48 40.90 -30.69
N VAL B 268 -2.22 40.51 -29.46
CA VAL B 268 -1.75 39.13 -29.24
C VAL B 268 -2.90 38.17 -29.52
N SER B 269 -4.10 38.49 -29.04
CA SER B 269 -5.28 37.64 -29.36
C SER B 269 -5.58 37.64 -30.84
N ASP B 270 -5.49 38.78 -31.55
CA ASP B 270 -5.71 38.73 -33.05
C ASP B 270 -4.87 37.67 -33.67
N VAL B 271 -3.58 37.72 -33.32
CA VAL B 271 -2.66 36.76 -33.88
C VAL B 271 -2.89 35.34 -33.37
N ALA B 272 -2.95 35.15 -32.07
CA ALA B 272 -3.01 33.82 -31.53
C ALA B 272 -4.26 33.10 -32.01
N LEU B 273 -5.41 33.77 -32.02
CA LEU B 273 -6.65 33.09 -32.34
C LEU B 273 -6.85 32.82 -33.82
N ALA B 274 -6.15 33.54 -34.67
CA ALA B 274 -6.08 33.28 -36.10
C ALA B 274 -5.06 32.22 -36.51
N ASP B 275 -4.21 31.77 -35.61
CA ASP B 275 -3.19 30.81 -35.99
C ASP B 275 -3.73 29.36 -35.87
N PRO B 276 -3.66 28.57 -36.95
CA PRO B 276 -4.17 27.20 -36.90
C PRO B 276 -3.49 26.29 -35.89
N ARG B 277 -2.37 26.75 -35.32
CA ARG B 277 -1.62 25.97 -34.32
C ARG B 277 -2.00 26.21 -32.83
N LEU B 278 -3.07 26.99 -32.58
CA LEU B 278 -3.55 27.28 -31.21
C LEU B 278 -4.07 25.98 -30.64
N ALA B 279 -3.36 25.43 -29.64
CA ALA B 279 -3.74 24.17 -28.97
C ALA B 279 -4.67 24.40 -27.80
N GLY B 280 -4.56 25.59 -27.21
CA GLY B 280 -5.41 25.96 -26.11
C GLY B 280 -5.11 27.29 -25.45
N ILE B 281 -5.99 27.69 -24.50
CA ILE B 281 -5.93 28.98 -23.85
C ILE B 281 -6.12 28.67 -22.35
N HIS B 282 -5.18 29.16 -21.53
CA HIS B 282 -5.19 29.00 -20.10
C HIS B 282 -5.41 30.40 -19.61
N PHE B 283 -6.54 30.69 -18.97
CA PHE B 283 -6.85 32.07 -18.66
C PHE B 283 -7.74 32.22 -17.44
N THR B 284 -8.08 33.45 -17.10
CA THR B 284 -9.13 33.68 -16.17
C THR B 284 -10.11 34.67 -16.77
N GLY B 285 -11.37 34.52 -16.39
CA GLY B 285 -12.43 35.42 -16.88
C GLY B 285 -13.85 35.08 -16.45
N SER B 286 -14.73 35.97 -16.81
CA SER B 286 -16.13 35.87 -16.53
C SER B 286 -16.76 34.81 -17.43
N THR B 287 -18.00 34.47 -17.05
CA THR B 287 -18.85 33.58 -17.83
C THR B 287 -18.98 34.11 -19.29
N ALA B 288 -19.04 35.42 -19.43
CA ALA B 288 -19.28 35.99 -20.75
C ALA B 288 -18.01 35.82 -21.59
N THR B 289 -16.86 35.96 -20.92
CA THR B 289 -15.60 35.75 -21.62
C THR B 289 -15.54 34.27 -22.07
N PHE B 290 -15.87 33.35 -21.19
CA PHE B 290 -15.87 31.96 -21.63
C PHE B 290 -16.78 31.72 -22.86
N GLY B 291 -17.99 32.28 -22.82
CA GLY B 291 -18.95 32.06 -23.88
C GLY B 291 -18.47 32.70 -25.17
N HIS B 292 -17.85 33.88 -25.06
CA HIS B 292 -17.24 34.52 -26.23
C HIS B 292 -16.18 33.61 -26.88
N LEU B 293 -15.32 32.99 -26.07
CA LEU B 293 -14.28 32.13 -26.61
C LEU B 293 -14.87 30.87 -27.16
N TRP B 294 -15.86 30.29 -26.49
CA TRP B 294 -16.55 29.10 -27.00
C TRP B 294 -17.15 29.40 -28.38
N GLN B 295 -17.81 30.52 -28.45
CA GLN B 295 -18.43 30.97 -29.70
C GLN B 295 -17.37 31.12 -30.80
N TRP B 296 -16.25 31.76 -30.47
CA TRP B 296 -15.20 31.93 -31.47
C TRP B 296 -14.67 30.62 -31.96
N VAL B 297 -14.45 29.69 -31.04
CA VAL B 297 -13.72 28.50 -31.40
C VAL B 297 -14.70 27.60 -32.11
N GLY B 298 -15.93 27.56 -31.62
CA GLY B 298 -16.95 26.68 -32.26
C GLY B 298 -17.16 27.11 -33.72
N THR B 299 -17.43 28.40 -33.94
CA THR B 299 -17.60 28.97 -35.28
C THR B 299 -16.43 28.70 -36.24
N ASN B 300 -15.21 28.81 -35.70
CA ASN B 300 -13.98 28.74 -36.47
C ASN B 300 -13.27 27.43 -36.37
N ILE B 301 -13.98 26.39 -35.95
CA ILE B 301 -13.33 25.15 -35.61
C ILE B 301 -12.53 24.53 -36.76
N GLY B 302 -12.98 24.77 -37.99
CA GLY B 302 -12.36 24.10 -39.15
C GLY B 302 -11.06 24.78 -39.50
N ARG B 303 -10.79 25.94 -38.90
CA ARG B 303 -9.52 26.63 -39.13
C ARG B 303 -8.36 26.01 -38.28
N TYR B 304 -8.66 25.25 -37.22
CA TYR B 304 -7.61 24.76 -36.31
C TYR B 304 -7.16 23.34 -36.58
N HIS B 305 -5.86 23.08 -36.49
CA HIS B 305 -5.36 21.69 -36.60
C HIS B 305 -5.85 20.80 -35.48
N SER B 306 -5.89 21.37 -34.27
CA SER B 306 -6.36 20.65 -33.06
C SER B 306 -7.62 21.33 -32.55
N TYR B 307 -8.43 20.65 -31.72
CA TYR B 307 -9.55 21.31 -31.06
C TYR B 307 -9.00 22.14 -29.88
N PRO B 308 -9.14 23.46 -29.93
CA PRO B 308 -8.50 24.25 -28.88
C PRO B 308 -9.09 23.90 -27.52
N ARG B 309 -8.25 23.83 -26.51
CA ARG B 309 -8.68 23.57 -25.15
C ARG B 309 -8.76 24.88 -24.42
N LEU B 310 -9.88 25.13 -23.71
CA LEU B 310 -10.17 26.44 -23.09
C LEU B 310 -10.30 26.15 -21.63
N VAL B 311 -9.29 26.54 -20.87
CA VAL B 311 -9.16 26.07 -19.50
C VAL B 311 -8.99 27.30 -18.65
N GLY B 312 -9.84 27.46 -17.68
CA GLY B 312 -9.73 28.65 -16.85
C GLY B 312 -10.69 28.66 -15.66
N GLU B 313 -10.80 29.80 -14.97
CA GLU B 313 -11.59 29.96 -13.80
C GLU B 313 -12.16 31.36 -13.90
N THR B 314 -13.23 31.60 -13.16
CA THR B 314 -13.81 32.96 -13.00
C THR B 314 -13.52 33.59 -11.64
N GLY B 315 -13.93 34.85 -11.52
CA GLY B 315 -13.95 35.58 -10.24
C GLY B 315 -15.33 35.46 -9.62
N GLY B 316 -15.52 36.09 -8.47
CA GLY B 316 -16.82 36.05 -7.86
C GLY B 316 -16.85 36.96 -6.68
N LYS B 317 -17.99 37.00 -5.97
CA LYS B 317 -18.09 37.68 -4.66
C LYS B 317 -18.72 36.71 -3.71
N ASP B 318 -18.24 36.71 -2.47
CA ASP B 318 -18.58 35.69 -1.49
C ASP B 318 -19.43 36.20 -0.34
N PHE B 319 -19.94 35.25 0.46
CA PHE B 319 -20.78 35.57 1.59
C PHE B 319 -20.39 34.82 2.83
N VAL B 320 -20.79 35.41 3.94
CA VAL B 320 -20.65 34.81 5.25
C VAL B 320 -22.00 34.90 5.98
N VAL B 321 -22.44 33.79 6.52
CA VAL B 321 -23.66 33.69 7.33
C VAL B 321 -23.25 33.35 8.78
N ALA B 322 -23.59 34.23 9.72
CA ALA B 322 -23.44 33.94 11.12
C ALA B 322 -24.80 33.51 11.81
N HIS B 323 -24.81 32.30 12.35
CA HIS B 323 -25.86 31.79 13.24
C HIS B 323 -25.76 32.45 14.62
N ALA B 324 -26.75 32.21 15.48
CA ALA B 324 -26.80 32.82 16.80
C ALA B 324 -25.66 32.26 17.63
N SER B 325 -25.27 31.03 17.36
CA SER B 325 -24.13 30.41 18.06
C SER B 325 -22.74 30.86 17.56
N ALA B 326 -22.67 31.82 16.67
CA ALA B 326 -21.40 32.22 16.08
C ALA B 326 -20.54 32.81 17.16
N ARG B 327 -19.24 32.52 17.15
CA ARG B 327 -18.34 33.27 18.00
C ARG B 327 -18.16 34.68 17.46
N PRO B 328 -18.45 35.69 18.29
CA PRO B 328 -18.37 37.03 17.72
C PRO B 328 -17.01 37.50 17.21
N ASP B 329 -15.93 37.19 17.90
CA ASP B 329 -14.57 37.72 17.52
C ASP B 329 -14.04 37.01 16.26
N VAL B 330 -14.34 35.73 16.16
CA VAL B 330 -14.09 34.92 14.94
C VAL B 330 -14.83 35.49 13.74
N LEU B 331 -16.10 35.81 13.97
CA LEU B 331 -16.94 36.37 12.93
C LEU B 331 -16.39 37.69 12.51
N ARG B 332 -16.13 38.52 13.49
CA ARG B 332 -15.64 39.86 13.20
C ARG B 332 -14.35 39.83 12.38
N THR B 333 -13.41 39.05 12.84
CA THR B 333 -12.11 38.91 12.18
C THR B 333 -12.26 38.29 10.76
N ALA B 334 -13.16 37.34 10.58
CA ALA B 334 -13.39 36.76 9.23
C ALA B 334 -13.97 37.76 8.28
N LEU B 335 -14.83 38.64 8.74
CA LEU B 335 -15.40 39.65 7.87
C LEU B 335 -14.34 40.67 7.52
N ILE B 336 -13.58 41.14 8.48
CA ILE B 336 -12.53 42.14 8.21
C ILE B 336 -11.50 41.61 7.20
N ARG B 337 -10.94 40.42 7.45
CA ARG B 337 -9.98 39.84 6.52
C ARG B 337 -10.60 39.46 5.20
N GLY B 338 -11.74 38.75 5.24
CA GLY B 338 -12.43 38.28 4.05
C GLY B 338 -12.81 39.40 3.12
N ALA B 339 -13.16 40.55 3.68
CA ALA B 339 -13.61 41.66 2.86
C ALA B 339 -12.49 42.65 2.56
N PHE B 340 -11.58 42.83 3.51
CA PHE B 340 -10.61 43.88 3.38
C PHE B 340 -9.17 43.42 3.09
N ASP B 341 -8.86 42.13 3.16
CA ASP B 341 -7.50 41.63 2.77
C ASP B 341 -7.30 42.01 1.32
N TYR B 342 -6.17 42.62 1.03
CA TYR B 342 -5.86 43.03 -0.33
C TYR B 342 -6.91 43.96 -0.96
N GLN B 343 -7.56 44.77 -0.11
CA GLN B 343 -8.48 45.79 -0.58
C GLN B 343 -9.64 45.19 -1.33
N GLY B 344 -9.96 43.93 -1.00
CA GLY B 344 -11.02 43.17 -1.59
C GLY B 344 -10.78 42.76 -3.02
N GLN B 345 -9.50 42.69 -3.41
CA GLN B 345 -9.15 42.41 -4.79
C GLN B 345 -8.64 40.99 -5.05
N LYS B 346 -8.91 40.04 -4.17
CA LYS B 346 -8.60 38.65 -4.55
C LYS B 346 -9.57 38.18 -5.67
N CME B 347 -9.53 36.94 -6.07
CA CME B 347 -10.30 36.51 -7.23
CB CME B 347 -9.95 35.08 -7.64
SG CME B 347 -8.30 34.89 -8.31
SD CME B 347 -8.26 36.20 -9.87
CE CME B 347 -8.69 35.13 -11.19
CZ CME B 347 -10.20 35.19 -11.40
OH CME B 347 -10.53 36.55 -11.61
C CME B 347 -11.78 36.62 -6.87
O CME B 347 -12.63 36.95 -7.70
N SER B 348 -12.06 36.39 -5.61
CA SER B 348 -13.33 36.77 -5.04
C SER B 348 -13.05 37.39 -3.67
N ALA B 349 -13.97 38.17 -3.12
CA ALA B 349 -13.86 38.63 -1.74
C ALA B 349 -15.21 38.57 -1.04
N VAL B 350 -15.22 38.69 0.29
CA VAL B 350 -16.48 38.74 0.99
C VAL B 350 -17.20 40.09 0.79
N SER B 351 -18.36 40.02 0.15
CA SER B 351 -19.16 41.22 -0.12
C SER B 351 -20.47 41.29 0.69
N ARG B 352 -20.92 40.15 1.15
CA ARG B 352 -22.24 40.02 1.80
C ARG B 352 -22.09 39.20 3.08
N ALA B 353 -22.43 39.82 4.23
CA ALA B 353 -22.58 39.14 5.48
C ALA B 353 -24.03 39.17 5.97
N PHE B 354 -24.49 38.04 6.50
CA PHE B 354 -25.83 37.84 7.02
C PHE B 354 -25.62 37.41 8.46
N ILE B 355 -25.93 38.32 9.38
CA ILE B 355 -25.60 38.17 10.81
C ILE B 355 -26.81 38.10 11.75
N ALA B 356 -26.92 37.03 12.53
CA ALA B 356 -28.01 36.93 13.47
C ALA B 356 -28.09 38.21 14.34
N HIS B 357 -29.31 38.75 14.54
CA HIS B 357 -29.49 39.93 15.43
C HIS B 357 -28.71 39.90 16.76
N SER B 358 -28.80 38.82 17.53
CA SER B 358 -28.10 38.78 18.84
C SER B 358 -26.56 38.82 18.73
N VAL B 359 -26.03 38.27 17.65
CA VAL B 359 -24.61 38.34 17.42
C VAL B 359 -24.21 39.73 16.93
N TRP B 360 -25.02 40.38 16.08
CA TRP B 360 -24.77 41.78 15.76
C TRP B 360 -24.74 42.71 16.96
N GLN B 361 -25.58 42.49 17.98
CA GLN B 361 -25.53 43.37 19.15
C GLN B 361 -24.17 43.28 19.80
N ARG B 362 -23.57 42.09 19.78
CA ARG B 362 -22.30 41.87 20.48
C ARG B 362 -21.08 42.36 19.70
N MET B 363 -21.10 42.34 18.37
CA MET B 363 -19.86 42.65 17.63
C MET B 363 -20.03 43.69 16.58
N GLY B 364 -21.23 44.29 16.48
CA GLY B 364 -21.50 45.26 15.39
C GLY B 364 -20.62 46.50 15.48
N ASP B 365 -20.59 47.05 16.67
CA ASP B 365 -19.84 48.26 16.91
C ASP B 365 -18.31 48.04 16.73
N GLU B 366 -17.80 46.93 17.24
CA GLU B 366 -16.42 46.56 17.08
C GLU B 366 -16.07 46.39 15.57
N LEU B 367 -16.93 45.77 14.78
CA LEU B 367 -16.61 45.65 13.38
C LEU B 367 -16.35 47.03 12.82
N LEU B 368 -17.22 47.96 13.14
CA LEU B 368 -17.22 49.22 12.46
C LEU B 368 -16.07 50.05 12.93
N ALA B 369 -15.80 50.06 14.22
CA ALA B 369 -14.68 50.80 14.77
C ALA B 369 -13.38 50.29 14.17
N LYS B 370 -13.24 48.97 14.03
CA LYS B 370 -11.98 48.43 13.55
C LYS B 370 -11.86 48.74 12.06
N ALA B 371 -12.94 48.62 11.33
CA ALA B 371 -12.96 48.99 9.93
C ALA B 371 -12.54 50.44 9.74
N ALA B 372 -12.97 51.31 10.67
CA ALA B 372 -12.62 52.74 10.64
C ALA B 372 -11.17 52.95 10.87
N GLU B 373 -10.58 52.22 11.79
CA GLU B 373 -9.14 52.35 12.14
C GLU B 373 -8.18 51.66 11.14
N LEU B 374 -8.71 50.76 10.30
CA LEU B 374 -7.90 49.87 9.47
C LEU B 374 -7.10 50.71 8.44
N ARG B 375 -5.80 50.62 8.46
CA ARG B 375 -5.01 51.57 7.65
C ARG B 375 -4.63 51.04 6.34
N TYR B 376 -4.94 51.80 5.31
CA TYR B 376 -4.54 51.52 3.96
C TYR B 376 -3.62 52.65 3.61
N GLY B 377 -2.48 52.35 3.00
CA GLY B 377 -1.51 53.36 2.58
C GLY B 377 -0.38 52.77 1.74
N ASP B 378 0.78 53.41 1.77
CA ASP B 378 1.93 52.97 1.01
C ASP B 378 2.40 51.61 1.57
N ILE B 379 2.41 50.56 0.77
CA ILE B 379 2.77 49.25 1.35
C ILE B 379 4.25 49.09 1.74
N THR B 380 5.08 50.07 1.40
CA THR B 380 6.46 50.04 1.89
C THR B 380 6.53 50.43 3.33
N ASP B 381 5.48 51.12 3.83
CA ASP B 381 5.28 51.18 5.28
C ASP B 381 4.56 49.90 5.81
N LEU B 382 5.29 49.00 6.48
CA LEU B 382 4.77 47.71 6.85
C LEU B 382 3.75 47.72 7.99
N SER B 383 3.53 48.88 8.61
CA SER B 383 2.45 49.00 9.58
C SER B 383 1.06 49.05 8.91
N ASN B 384 0.96 49.46 7.64
CA ASN B 384 -0.35 49.39 6.95
C ASN B 384 -0.90 47.97 6.79
N TYR B 385 -2.23 47.83 6.88
CA TYR B 385 -2.95 46.55 6.71
C TYR B 385 -2.94 46.18 5.22
N GLY B 386 -3.06 47.21 4.41
CA GLY B 386 -3.11 47.06 2.94
C GLY B 386 -2.82 48.34 2.20
N GLY B 387 -2.98 48.30 0.88
CA GLY B 387 -2.63 49.39 -0.01
C GLY B 387 -3.77 50.03 -0.75
N ALA B 388 -3.52 50.34 -2.01
CA ALA B 388 -4.52 50.98 -2.89
C ALA B 388 -5.16 49.99 -3.84
N LEU B 389 -6.19 50.43 -4.54
CA LEU B 389 -6.74 49.66 -5.64
C LEU B 389 -5.80 49.71 -6.83
N ILE B 390 -6.00 48.78 -7.77
CA ILE B 390 -4.96 48.45 -8.71
C ILE B 390 -4.75 49.51 -9.77
N ASP B 391 -5.80 50.20 -10.14
CA ASP B 391 -5.71 51.23 -11.15
C ASP B 391 -6.93 52.14 -11.19
N GLN B 392 -6.87 53.13 -12.06
CA GLN B 392 -7.82 54.21 -12.11
C GLN B 392 -9.20 53.68 -12.45
N ARG B 393 -9.28 52.75 -13.39
CA ARG B 393 -10.55 52.10 -13.75
C ARG B 393 -11.17 51.38 -12.58
N ALA B 394 -10.35 50.69 -11.80
CA ALA B 394 -10.89 49.99 -10.60
C ALA B 394 -11.41 50.99 -9.59
N PHE B 395 -10.69 52.09 -9.43
CA PHE B 395 -11.06 53.14 -8.50
C PHE B 395 -12.42 53.71 -8.92
N VAL B 396 -12.59 53.98 -10.21
CA VAL B 396 -13.78 54.61 -10.69
C VAL B 396 -14.92 53.68 -10.36
N LYS B 397 -14.78 52.37 -10.64
CA LYS B 397 -15.87 51.45 -10.33
C LYS B 397 -16.28 51.47 -8.86
N ASN B 398 -15.30 51.63 -7.96
CA ASN B 398 -15.60 51.64 -6.56
C ASN B 398 -16.35 52.90 -6.15
N VAL B 399 -15.89 54.03 -6.70
CA VAL B 399 -16.48 55.32 -6.40
C VAL B 399 -17.94 55.28 -6.84
N ASP B 400 -18.19 54.82 -8.08
CA ASP B 400 -19.58 54.70 -8.55
C ASP B 400 -20.46 53.87 -7.61
N ALA B 401 -19.95 52.74 -7.11
CA ALA B 401 -20.70 51.81 -6.23
C ALA B 401 -20.96 52.45 -4.87
N ILE B 402 -20.04 53.26 -4.41
CA ILE B 402 -20.23 54.04 -3.19
C ILE B 402 -21.30 55.15 -3.36
N GLU B 403 -21.25 55.86 -4.48
CA GLU B 403 -22.22 56.91 -4.74
C GLU B 403 -23.62 56.29 -4.91
N ARG B 404 -23.72 55.16 -5.59
CA ARG B 404 -24.97 54.43 -5.78
C ARG B 404 -25.53 53.95 -4.41
N ALA B 405 -24.66 53.73 -3.43
CA ALA B 405 -25.11 53.32 -2.09
C ALA B 405 -25.51 54.49 -1.22
N LYS B 406 -24.84 55.61 -1.37
CA LYS B 406 -25.17 56.77 -0.58
C LYS B 406 -26.60 57.18 -0.93
N GLY B 407 -27.00 56.97 -2.18
CA GLY B 407 -28.32 57.40 -2.62
C GLY B 407 -29.36 56.32 -2.79
N ALA B 408 -29.11 55.14 -2.28
CA ALA B 408 -30.09 54.07 -2.36
C ALA B 408 -30.90 53.94 -1.11
N ALA B 409 -32.17 53.62 -1.31
CA ALA B 409 -33.15 53.46 -0.25
C ALA B 409 -32.74 52.49 0.83
N ALA B 410 -32.52 51.26 0.44
CA ALA B 410 -32.19 50.21 1.37
C ALA B 410 -31.01 50.50 2.34
N VAL B 411 -30.04 51.28 1.89
CA VAL B 411 -28.69 51.27 2.41
C VAL B 411 -28.17 52.48 3.15
N THR B 412 -27.60 52.24 4.32
CA THR B 412 -26.81 53.21 5.03
C THR B 412 -25.33 52.91 4.81
N VAL B 413 -24.52 53.93 4.74
CA VAL B 413 -23.08 53.78 4.85
C VAL B 413 -22.78 53.98 6.31
N ALA B 414 -22.59 52.88 7.00
CA ALA B 414 -22.32 52.88 8.41
C ALA B 414 -20.89 53.28 8.78
N VAL B 415 -19.93 53.00 7.91
CA VAL B 415 -18.58 53.49 8.11
C VAL B 415 -17.89 53.43 6.75
N GLY B 416 -16.87 54.27 6.58
CA GLY B 416 -16.10 54.31 5.35
C GLY B 416 -16.74 55.15 4.27
N GLY B 417 -16.54 54.73 3.04
CA GLY B 417 -17.02 55.43 1.88
C GLY B 417 -16.22 56.62 1.40
N GLU B 418 -15.11 56.90 2.06
CA GLU B 418 -14.20 57.95 1.59
C GLU B 418 -13.23 57.41 0.53
N TYR B 419 -12.79 58.29 -0.34
CA TYR B 419 -11.91 57.92 -1.42
C TYR B 419 -11.07 59.12 -1.86
N ASP B 420 -9.92 58.86 -2.47
CA ASP B 420 -8.99 59.90 -2.91
C ASP B 420 -7.94 59.33 -3.85
N ASP B 421 -7.98 59.73 -5.13
CA ASP B 421 -7.05 59.25 -6.15
C ASP B 421 -5.93 60.24 -6.41
N SER B 422 -5.74 61.19 -5.50
CA SER B 422 -4.69 62.21 -5.76
C SER B 422 -3.25 61.61 -5.69
N GLU B 423 -2.98 60.75 -4.72
CA GLU B 423 -1.63 60.15 -4.55
C GLU B 423 -1.55 58.68 -5.00
N GLY B 424 -2.50 57.88 -4.50
CA GLY B 424 -2.75 56.52 -4.96
C GLY B 424 -4.23 56.31 -5.08
N TYR B 425 -4.62 55.14 -5.58
CA TYR B 425 -6.05 54.82 -5.79
C TYR B 425 -6.69 54.29 -4.53
N PHE B 426 -6.78 55.17 -3.55
CA PHE B 426 -7.17 54.80 -2.19
C PHE B 426 -8.67 54.90 -1.94
N VAL B 427 -9.22 53.80 -1.44
CA VAL B 427 -10.64 53.69 -1.02
C VAL B 427 -10.61 53.01 0.33
N ARG B 428 -11.30 53.61 1.26
CA ARG B 428 -11.33 53.19 2.63
C ARG B 428 -12.24 51.96 2.74
N PRO B 429 -12.04 51.15 3.80
CA PRO B 429 -12.97 50.07 4.11
C PRO B 429 -14.34 50.67 4.42
N THR B 430 -15.37 50.08 3.85
CA THR B 430 -16.72 50.59 3.84
C THR B 430 -17.68 49.45 4.22
N VAL B 431 -18.52 49.71 5.23
CA VAL B 431 -19.55 48.82 5.62
C VAL B 431 -20.89 49.51 5.29
N LEU B 432 -21.65 48.85 4.43
CA LEU B 432 -23.01 49.16 4.11
C LEU B 432 -23.94 48.31 5.01
N LEU B 433 -24.93 48.93 5.65
CA LEU B 433 -26.05 48.24 6.28
C LEU B 433 -27.27 48.30 5.39
N SER B 434 -27.75 47.13 5.01
CA SER B 434 -28.94 46.97 4.18
C SER B 434 -30.11 46.47 5.04
N ASP B 435 -31.27 47.14 4.96
CA ASP B 435 -32.47 46.75 5.72
C ASP B 435 -33.00 45.40 5.29
N ASP B 436 -32.88 45.12 4.01
CA ASP B 436 -33.18 43.83 3.44
C ASP B 436 -31.93 43.12 2.90
N PRO B 437 -31.99 41.77 2.80
CA PRO B 437 -30.92 40.97 2.22
C PRO B 437 -30.29 41.67 1.04
N THR B 438 -28.98 41.79 1.02
CA THR B 438 -28.33 42.59 -0.03
C THR B 438 -28.40 41.86 -1.39
N ASP B 439 -28.77 42.59 -2.45
CA ASP B 439 -28.91 41.96 -3.77
C ASP B 439 -27.54 41.70 -4.41
N GLU B 440 -27.33 40.49 -4.88
CA GLU B 440 -26.02 40.07 -5.33
C GLU B 440 -25.53 40.91 -6.53
N SER B 441 -26.47 41.35 -7.36
CA SER B 441 -26.17 42.04 -8.59
C SER B 441 -25.40 43.34 -8.34
N PHE B 442 -25.61 43.96 -7.20
CA PHE B 442 -24.89 45.18 -6.95
C PHE B 442 -23.42 44.94 -6.58
N VAL B 443 -23.14 43.82 -5.93
CA VAL B 443 -21.81 43.67 -5.32
C VAL B 443 -20.74 43.16 -6.31
N ILE B 444 -21.15 42.73 -7.50
CA ILE B 444 -20.22 42.23 -8.51
C ILE B 444 -19.73 43.26 -9.49
N GLU B 445 -20.18 44.50 -9.36
CA GLU B 445 -19.85 45.56 -10.31
C GLU B 445 -18.51 46.23 -10.03
N TYR B 446 -17.73 45.69 -9.08
CA TYR B 446 -16.48 46.29 -8.61
C TYR B 446 -15.73 45.29 -7.71
N PHE B 447 -14.45 45.57 -7.52
CA PHE B 447 -13.64 44.85 -6.56
C PHE B 447 -12.95 45.89 -5.72
N GLY B 448 -13.22 45.85 -4.43
CA GLY B 448 -12.77 46.83 -3.53
C GLY B 448 -13.29 46.56 -2.15
N PRO B 449 -12.88 47.36 -1.19
CA PRO B 449 -13.13 47.08 0.20
C PRO B 449 -14.52 47.50 0.66
N LEU B 450 -15.55 46.90 0.09
CA LEU B 450 -16.95 47.27 0.41
C LEU B 450 -17.68 46.05 0.87
N LEU B 451 -18.11 46.08 2.12
CA LEU B 451 -18.79 44.95 2.74
C LEU B 451 -20.23 45.33 3.01
N SER B 452 -21.17 44.55 2.51
CA SER B 452 -22.58 44.75 2.91
C SER B 452 -23.01 43.77 3.97
N VAL B 453 -23.63 44.31 5.02
CA VAL B 453 -24.20 43.53 6.11
C VAL B 453 -25.73 43.59 6.20
N HIS B 454 -26.36 42.43 6.31
CA HIS B 454 -27.78 42.35 6.59
C HIS B 454 -28.01 41.60 7.89
N VAL B 455 -28.68 42.26 8.84
CA VAL B 455 -28.90 41.72 10.16
C VAL B 455 -30.25 41.07 10.11
N TYR B 456 -30.34 39.81 10.52
CA TYR B 456 -31.61 39.09 10.47
C TYR B 456 -31.97 38.58 11.86
N PRO B 457 -33.27 38.42 12.12
CA PRO B 457 -33.73 37.83 13.36
C PRO B 457 -33.22 36.41 13.58
N ASP B 458 -32.59 36.18 14.72
CA ASP B 458 -32.05 34.85 15.04
C ASP B 458 -32.89 33.67 14.56
N GLU B 459 -34.20 33.72 14.81
CA GLU B 459 -35.08 32.56 14.56
C GLU B 459 -35.33 32.36 13.06
N ARG B 460 -34.89 33.29 12.24
CA ARG B 460 -35.03 33.16 10.81
C ARG B 460 -33.80 32.54 10.08
N TYR B 461 -32.94 31.84 10.80
CA TYR B 461 -31.74 31.27 10.20
C TYR B 461 -32.04 30.50 8.94
N GLU B 462 -32.99 29.56 8.99
CA GLU B 462 -33.33 28.74 7.84
C GLU B 462 -33.84 29.51 6.64
N GLN B 463 -34.56 30.62 6.89
CA GLN B 463 -35.11 31.41 5.82
C GLN B 463 -34.01 32.22 5.15
N ILE B 464 -33.05 32.68 5.94
CA ILE B 464 -31.91 33.43 5.44
C ILE B 464 -31.02 32.51 4.59
N LEU B 465 -30.87 31.27 5.00
CA LEU B 465 -30.14 30.36 4.19
C LEU B 465 -30.83 30.20 2.83
N ASP B 466 -32.17 30.09 2.81
CA ASP B 466 -32.86 29.99 1.52
C ASP B 466 -32.73 31.24 0.69
N VAL B 467 -32.76 32.40 1.33
CA VAL B 467 -32.54 33.66 0.63
C VAL B 467 -31.12 33.64 0.01
N ILE B 468 -30.10 33.28 0.79
CA ILE B 468 -28.76 33.17 0.25
C ILE B 468 -28.75 32.24 -0.93
N ASP B 469 -29.34 31.05 -0.82
CA ASP B 469 -29.33 30.09 -1.91
C ASP B 469 -29.98 30.60 -3.20
N THR B 470 -31.08 31.27 -3.00
CA THR B 470 -31.90 31.73 -4.08
C THR B 470 -31.28 32.93 -4.74
N GLY B 471 -30.55 33.76 -4.00
CA GLY B 471 -29.94 34.97 -4.58
C GLY B 471 -28.41 34.89 -4.69
N SER B 472 -27.86 33.68 -4.91
CA SER B 472 -26.40 33.53 -5.04
C SER B 472 -25.98 32.71 -6.26
N ARG B 473 -25.58 33.43 -7.30
CA ARG B 473 -25.13 32.87 -8.55
C ARG B 473 -23.63 33.14 -8.75
N TYR B 474 -23.07 34.03 -7.95
CA TYR B 474 -21.74 34.58 -8.19
C TYR B 474 -20.71 34.35 -7.08
N ALA B 475 -21.03 33.52 -6.10
CA ALA B 475 -20.13 33.28 -5.03
C ALA B 475 -19.21 32.14 -5.39
N LEU B 476 -17.92 32.36 -5.25
CA LEU B 476 -16.96 31.26 -5.35
C LEU B 476 -16.98 30.51 -4.05
N THR B 477 -17.01 31.27 -2.95
CA THR B 477 -16.96 30.66 -1.60
C THR B 477 -18.03 31.23 -0.69
N GLY B 478 -18.31 30.47 0.38
CA GLY B 478 -19.19 30.85 1.43
C GLY B 478 -18.68 30.24 2.71
N ALA B 479 -19.14 30.83 3.79
CA ALA B 479 -18.86 30.37 5.10
C ALA B 479 -20.07 30.54 6.02
N VAL B 480 -20.16 29.60 6.93
CA VAL B 480 -21.02 29.66 8.09
C VAL B 480 -20.15 29.85 9.33
N ILE B 481 -20.53 30.78 10.18
CA ILE B 481 -19.92 30.87 11.50
C ILE B 481 -20.98 30.39 12.54
N ALA B 482 -20.64 29.32 13.25
CA ALA B 482 -21.56 28.66 14.19
C ALA B 482 -20.85 27.56 14.95
N ASP B 483 -21.00 27.56 16.25
CA ASP B 483 -20.50 26.52 17.09
C ASP B 483 -21.48 25.42 17.22
N ASP B 484 -22.73 25.68 16.86
CA ASP B 484 -23.78 24.68 16.97
C ASP B 484 -23.69 23.73 15.80
N ARG B 485 -23.63 22.44 16.08
CA ARG B 485 -23.44 21.43 15.02
C ARG B 485 -24.58 21.25 14.04
N GLN B 486 -25.82 21.32 14.53
CA GLN B 486 -26.94 21.25 13.61
C GLN B 486 -26.94 22.45 12.66
N ALA B 487 -26.62 23.61 13.18
CA ALA B 487 -26.60 24.82 12.40
C ALA B 487 -25.56 24.67 11.28
N VAL B 488 -24.39 24.13 11.63
CA VAL B 488 -23.28 23.96 10.67
C VAL B 488 -23.81 23.01 9.63
N LEU B 489 -24.37 21.89 10.04
CA LEU B 489 -24.73 20.86 9.08
C LEU B 489 -25.86 21.31 8.16
N THR B 490 -26.82 22.03 8.72
CA THR B 490 -27.91 22.62 7.99
C THR B 490 -27.39 23.57 6.92
N ALA B 491 -26.37 24.38 7.24
CA ALA B 491 -25.71 25.20 6.20
C ALA B 491 -25.01 24.38 5.14
N LEU B 492 -24.25 23.38 5.56
CA LEU B 492 -23.61 22.53 4.59
C LEU B 492 -24.62 21.88 3.65
N ASP B 493 -25.82 21.53 4.13
CA ASP B 493 -26.84 20.96 3.22
C ASP B 493 -27.46 22.02 2.30
N ARG B 494 -27.97 23.08 2.92
CA ARG B 494 -28.84 23.99 2.25
C ARG B 494 -28.08 24.88 1.26
N LEU B 495 -26.81 25.16 1.55
CA LEU B 495 -26.01 25.98 0.70
C LEU B 495 -25.04 25.12 -0.10
N ARG B 496 -25.36 23.85 -0.30
CA ARG B 496 -24.45 22.90 -0.89
C ARG B 496 -24.04 23.33 -2.29
N PHE B 497 -25.01 23.85 -3.04
CA PHE B 497 -24.80 24.34 -4.36
C PHE B 497 -24.66 25.83 -4.50
N ALA B 498 -24.65 26.54 -3.40
CA ALA B 498 -24.68 28.01 -3.52
C ALA B 498 -23.33 28.65 -3.68
N ALA B 499 -22.27 27.85 -3.63
CA ALA B 499 -20.89 28.33 -3.65
C ALA B 499 -20.08 27.11 -3.89
N GLY B 500 -18.84 27.26 -4.36
CA GLY B 500 -18.02 26.09 -4.61
C GLY B 500 -17.02 25.67 -3.55
N ASN B 501 -16.54 26.55 -2.72
CA ASN B 501 -15.78 26.08 -1.61
C ASN B 501 -16.49 26.63 -0.38
N PHE B 502 -16.64 25.80 0.63
CA PHE B 502 -17.38 26.20 1.80
C PHE B 502 -16.55 26.06 3.08
N TYR B 503 -16.74 27.01 3.99
CA TYR B 503 -15.90 27.18 5.16
C TYR B 503 -16.77 27.21 6.40
N VAL B 504 -16.29 26.49 7.40
CA VAL B 504 -16.89 26.46 8.68
C VAL B 504 -15.93 27.12 9.67
N ASN B 505 -16.41 28.24 10.25
CA ASN B 505 -15.72 29.01 11.32
C ASN B 505 -14.38 29.57 10.96
N ASP B 506 -14.29 30.05 9.73
CA ASP B 506 -13.17 30.84 9.30
C ASP B 506 -13.62 31.70 8.14
N LYS B 507 -12.79 32.62 7.72
CA LYS B 507 -13.09 33.38 6.50
C LYS B 507 -13.06 32.51 5.26
N PRO B 508 -14.00 32.76 4.34
CA PRO B 508 -13.97 32.06 3.11
C PRO B 508 -13.04 32.82 2.19
N THR B 509 -12.16 32.12 1.54
CA THR B 509 -11.04 32.76 0.88
C THR B 509 -10.31 31.82 -0.13
N GLY B 510 -9.25 32.36 -0.74
CA GLY B 510 -8.31 31.56 -1.55
C GLY B 510 -7.77 30.29 -0.86
N ALA B 511 -7.90 29.21 -1.60
CA ALA B 511 -7.36 27.94 -1.23
C ALA B 511 -5.82 27.98 -1.05
N VAL B 512 -5.33 27.13 -0.18
CA VAL B 512 -3.92 26.74 -0.15
C VAL B 512 -3.75 25.50 -1.07
N VAL B 513 -2.67 25.46 -1.87
CA VAL B 513 -2.51 24.38 -2.85
C VAL B 513 -2.50 23.03 -2.15
N GLY B 514 -3.26 22.08 -2.68
CA GLY B 514 -3.38 20.72 -2.16
C GLY B 514 -4.41 20.51 -1.06
N ARG B 515 -4.98 21.61 -0.57
CA ARG B 515 -5.80 21.64 0.63
C ARG B 515 -7.28 21.91 0.40
N GLN B 516 -7.58 22.97 -0.37
CA GLN B 516 -8.92 23.28 -0.82
C GLN B 516 -8.95 23.38 -2.38
N PRO B 517 -8.79 22.25 -3.09
CA PRO B 517 -8.92 22.30 -4.56
C PRO B 517 -10.36 22.52 -4.99
N PHE B 518 -10.52 22.74 -6.27
CA PHE B 518 -11.82 22.78 -6.93
C PHE B 518 -12.70 23.98 -6.58
N GLY B 519 -14.00 23.76 -6.53
CA GLY B 519 -14.90 24.89 -6.32
C GLY B 519 -15.41 25.49 -7.61
N GLY B 520 -15.47 26.84 -7.66
CA GLY B 520 -16.15 27.61 -8.72
C GLY B 520 -17.54 28.12 -8.31
N ALA B 521 -18.07 29.10 -9.04
CA ALA B 521 -19.44 29.59 -8.72
C ALA B 521 -20.51 28.62 -9.22
N ARG B 522 -21.75 28.78 -8.75
CA ARG B 522 -22.87 27.91 -9.07
C ARG B 522 -22.93 27.60 -10.57
N GLY B 523 -22.92 26.31 -10.90
CA GLY B 523 -23.06 25.85 -12.25
C GLY B 523 -21.83 25.90 -13.12
N SER B 524 -20.75 26.47 -12.62
CA SER B 524 -19.49 26.52 -13.36
C SER B 524 -19.02 25.12 -13.73
N ASP B 525 -18.20 25.05 -14.76
CA ASP B 525 -17.56 23.82 -15.14
C ASP B 525 -16.05 24.09 -15.15
N THR B 526 -15.46 24.26 -13.97
CA THR B 526 -14.06 24.68 -13.90
C THR B 526 -13.23 23.82 -12.95
N ASN B 527 -13.64 22.58 -12.71
CA ASN B 527 -12.84 21.68 -11.86
C ASN B 527 -11.47 21.27 -12.44
N ASP B 528 -11.24 21.57 -13.72
CA ASP B 528 -9.96 21.38 -14.35
C ASP B 528 -9.03 22.59 -14.24
N LYS B 529 -9.38 23.57 -13.41
CA LYS B 529 -8.45 24.65 -13.15
C LYS B 529 -7.26 24.22 -12.23
N ALA B 530 -6.31 25.13 -12.12
CA ALA B 530 -5.11 24.92 -11.34
C ALA B 530 -5.49 24.47 -9.94
N GLY B 531 -4.78 23.47 -9.45
CA GLY B 531 -4.84 23.09 -8.06
C GLY B 531 -5.02 21.63 -7.83
N SER B 532 -5.17 20.85 -8.90
CA SER B 532 -5.25 19.42 -8.84
C SER B 532 -4.64 18.84 -10.11
N PRO B 533 -4.47 17.53 -10.14
CA PRO B 533 -3.99 16.91 -11.35
C PRO B 533 -4.84 17.16 -12.62
N LEU B 534 -6.13 17.46 -12.45
CA LEU B 534 -6.99 17.62 -13.64
C LEU B 534 -6.55 18.73 -14.56
N ASN B 535 -5.96 19.77 -14.01
CA ASN B 535 -5.37 20.79 -14.84
C ASN B 535 -4.29 20.22 -15.75
N LEU B 536 -3.40 19.45 -15.18
CA LEU B 536 -2.28 18.92 -15.96
C LEU B 536 -2.72 18.01 -17.10
N LEU B 537 -3.74 17.23 -16.85
CA LEU B 537 -4.30 16.39 -17.86
C LEU B 537 -4.78 17.11 -19.08
N ARG B 538 -5.26 18.35 -18.92
CA ARG B 538 -5.75 19.07 -20.03
C ARG B 538 -4.60 19.38 -20.97
N TRP B 539 -3.38 19.40 -20.46
CA TRP B 539 -2.20 19.73 -21.25
C TRP B 539 -1.53 18.47 -21.85
N THR B 540 -2.20 17.33 -21.77
CA THR B 540 -1.74 16.12 -22.38
C THR B 540 -2.86 15.51 -23.20
N SER B 541 -2.46 14.55 -24.05
CA SER B 541 -3.39 13.77 -24.83
C SER B 541 -2.94 12.33 -24.74
N ALA B 542 -3.68 11.56 -23.98
CA ALA B 542 -3.32 10.17 -23.72
C ALA B 542 -3.69 9.28 -24.86
N ARG B 543 -2.78 8.36 -25.19
CA ARG B 543 -3.08 7.25 -26.00
C ARG B 543 -2.73 5.97 -25.23
N SER B 544 -3.48 4.93 -25.57
CA SER B 544 -3.21 3.60 -25.13
C SER B 544 -2.44 2.93 -26.25
N ILE B 545 -1.49 2.10 -25.86
CA ILE B 545 -0.73 1.29 -26.78
C ILE B 545 -0.96 -0.12 -26.32
N LYS B 546 -1.30 -1.01 -27.24
CA LYS B 546 -1.42 -2.40 -26.92
C LYS B 546 -0.53 -3.20 -27.81
N GLU B 547 0.23 -4.12 -27.20
CA GLU B 547 0.91 -5.17 -27.93
C GLU B 547 0.34 -6.55 -27.62
N THR B 548 0.01 -7.29 -28.67
CA THR B 548 -0.42 -8.66 -28.59
C THR B 548 0.72 -9.59 -29.01
N PHE B 549 0.96 -10.60 -28.19
CA PHE B 549 2.13 -11.45 -28.32
C PHE B 549 1.98 -12.54 -29.35
N VAL B 550 0.79 -13.10 -29.43
CA VAL B 550 0.51 -14.22 -30.30
C VAL B 550 -0.92 -14.05 -30.83
N ALA B 551 -1.09 -13.15 -31.79
CA ALA B 551 -2.41 -12.85 -32.33
C ALA B 551 -2.91 -13.98 -33.22
N ALA B 552 -4.19 -13.88 -33.48
CA ALA B 552 -4.92 -14.87 -34.26
C ALA B 552 -4.34 -14.90 -35.68
N THR B 553 -4.39 -16.10 -36.26
CA THR B 553 -3.88 -16.36 -37.61
C THR B 553 -4.97 -16.86 -38.54
N ASP B 554 -6.18 -16.95 -38.02
CA ASP B 554 -7.35 -17.30 -38.81
C ASP B 554 -8.48 -16.30 -38.38
N HIS B 555 -9.26 -15.81 -39.33
CA HIS B 555 -10.27 -14.79 -39.00
C HIS B 555 -11.61 -15.36 -38.55
N ILE B 556 -11.79 -16.66 -38.72
CA ILE B 556 -13.03 -17.33 -38.45
C ILE B 556 -13.27 -17.36 -36.94
N TYR B 557 -14.54 -17.31 -36.58
CA TYR B 557 -14.99 -17.19 -35.20
C TYR B 557 -15.70 -18.49 -34.81
N PRO B 558 -15.60 -18.86 -33.53
CA PRO B 558 -16.22 -20.15 -33.10
C PRO B 558 -17.71 -20.28 -33.44
N HIS B 559 -18.48 -19.18 -33.48
CA HIS B 559 -19.92 -19.32 -33.72
C HIS B 559 -20.25 -19.82 -35.10
N MET B 560 -19.31 -19.68 -36.01
CA MET B 560 -19.53 -19.96 -37.43
C MET B 560 -19.43 -21.45 -37.79
N ALA B 561 -18.93 -22.28 -36.87
CA ALA B 561 -18.74 -23.68 -37.20
C ALA B 561 -20.11 -24.26 -37.48
N VAL B 562 -20.14 -25.25 -38.39
CA VAL B 562 -21.39 -25.96 -38.77
C VAL B 562 -22.28 -26.47 -37.59
N HIS C 20 9.11 -16.58 25.59
CA HIS C 20 8.76 -16.55 24.15
C HIS C 20 8.17 -15.13 23.78
N MET C 21 7.52 -15.01 22.62
CA MET C 21 7.16 -13.74 22.00
C MET C 21 6.24 -14.08 20.84
N ASP C 22 5.03 -13.58 20.81
CA ASP C 22 4.18 -13.84 19.63
C ASP C 22 3.83 -12.52 19.00
N ALA C 23 4.44 -12.29 17.86
CA ALA C 23 4.39 -10.96 17.29
C ALA C 23 5.15 -10.92 16.01
N ILE C 24 4.75 -9.96 15.18
CA ILE C 24 5.50 -9.57 13.98
C ILE C 24 5.86 -8.11 14.22
N THR C 25 7.09 -7.90 14.69
CA THR C 25 7.46 -6.58 15.14
C THR C 25 8.01 -5.75 13.99
N GLN C 26 7.92 -4.42 14.15
CA GLN C 26 8.47 -3.42 13.27
C GLN C 26 9.67 -2.76 13.96
N VAL C 27 10.68 -2.36 13.23
CA VAL C 27 11.76 -1.55 13.85
C VAL C 27 11.48 -0.07 13.74
N PRO C 28 12.10 0.75 14.57
CA PRO C 28 11.87 2.18 14.39
C PRO C 28 12.28 2.71 13.03
N VAL C 29 11.62 3.77 12.57
CA VAL C 29 11.82 4.24 11.20
C VAL C 29 13.02 5.12 11.24
N PRO C 30 14.02 4.89 10.38
CA PRO C 30 15.22 5.73 10.36
C PRO C 30 15.03 7.02 9.63
N ALA C 31 15.68 8.07 10.11
CA ALA C 31 15.83 9.35 9.38
C ALA C 31 17.30 9.75 9.56
N ASN C 32 17.85 10.51 8.61
CA ASN C 32 19.23 10.90 8.68
C ASN C 32 19.45 11.81 9.91
N GLU C 33 20.55 11.56 10.62
CA GLU C 33 20.94 12.39 11.73
C GLU C 33 21.32 13.78 11.25
N PRO C 34 20.87 14.83 11.94
CA PRO C 34 21.30 16.21 11.64
C PRO C 34 22.77 16.46 11.99
N VAL C 35 23.36 17.36 11.24
CA VAL C 35 24.73 17.68 11.30
C VAL C 35 24.77 18.92 12.16
N HIS C 36 25.47 18.88 13.28
CA HIS C 36 25.68 20.09 14.03
C HIS C 36 26.73 20.94 13.42
N ASP C 37 26.60 22.25 13.62
CA ASP C 37 27.48 23.23 13.00
C ASP C 37 28.72 23.59 13.82
N TYR C 38 28.64 23.49 15.15
CA TYR C 38 29.72 23.96 16.06
C TYR C 38 30.09 25.44 15.84
N ALA C 39 29.06 26.28 15.65
CA ALA C 39 29.26 27.71 15.38
C ALA C 39 29.75 28.28 16.65
N PRO C 40 30.45 29.42 16.58
CA PRO C 40 30.85 30.11 17.83
C PRO C 40 29.71 30.24 18.84
N LYS C 41 30.06 30.05 20.10
CA LYS C 41 29.13 30.14 21.24
C LYS C 41 28.12 28.98 21.35
N SER C 42 28.06 28.07 20.37
CA SER C 42 27.18 26.91 20.47
C SER C 42 27.61 25.99 21.60
N PRO C 43 26.63 25.42 22.31
CA PRO C 43 26.97 24.50 23.39
C PRO C 43 27.79 23.26 22.90
N GLU C 44 27.50 22.73 21.71
CA GLU C 44 28.34 21.65 21.14
C GLU C 44 29.83 21.97 20.97
N ARG C 45 30.14 23.23 20.63
CA ARG C 45 31.50 23.68 20.49
C ARG C 45 32.22 23.65 21.82
N THR C 46 31.50 23.94 22.88
CA THR C 46 32.10 23.97 24.22
C THR C 46 32.38 22.54 24.61
N ARG C 47 31.39 21.68 24.41
CA ARG C 47 31.57 20.28 24.71
C ARG C 47 32.71 19.67 23.91
N LEU C 48 32.84 20.05 22.64
CA LEU C 48 33.93 19.59 21.76
C LEU C 48 35.29 20.01 22.27
N ARG C 49 35.40 21.25 22.72
CA ARG C 49 36.68 21.77 23.17
C ARG C 49 37.17 20.94 24.38
N THR C 50 36.22 20.53 25.21
CA THR C 50 36.50 19.78 26.42
C THR C 50 37.01 18.38 26.05
N GLU C 51 36.36 17.75 25.04
CA GLU C 51 36.77 16.42 24.62
C GLU C 51 38.13 16.44 23.91
N LEU C 52 38.39 17.49 23.16
CA LEU C 52 39.69 17.64 22.52
C LEU C 52 40.86 17.72 23.51
N ALA C 53 40.68 18.47 24.60
CA ALA C 53 41.74 18.70 25.55
C ALA C 53 41.92 17.40 26.27
N SER C 54 40.84 16.75 26.63
CA SER C 54 40.98 15.56 27.42
C SER C 54 41.73 14.44 26.64
N LEU C 55 41.39 14.25 25.36
CA LEU C 55 42.07 13.19 24.56
C LEU C 55 43.53 13.57 24.16
N ALA C 56 43.76 14.84 23.86
CA ALA C 56 45.11 15.31 23.56
C ALA C 56 46.08 15.31 24.74
N ASP C 57 45.60 15.56 25.95
CA ASP C 57 46.46 15.81 27.09
C ASP C 57 46.63 14.53 27.86
N HIS C 58 45.74 13.53 27.67
CA HIS C 58 45.83 12.25 28.38
C HIS C 58 45.87 11.05 27.43
N PRO C 59 46.96 10.95 26.68
CA PRO C 59 47.07 9.76 25.84
C PRO C 59 46.96 8.41 26.60
N ILE C 60 46.49 7.38 25.89
CA ILE C 60 46.14 6.10 26.50
C ILE C 60 46.77 4.94 25.73
N ASP C 61 46.87 3.83 26.42
CA ASP C 61 47.12 2.56 25.80
C ASP C 61 45.92 2.21 24.88
N LEU C 62 46.17 1.60 23.74
CA LEU C 62 45.11 1.25 22.81
C LEU C 62 45.20 -0.26 22.69
N PRO C 63 44.50 -0.98 23.51
CA PRO C 63 44.66 -2.46 23.53
C PRO C 63 43.85 -3.21 22.50
N HIS C 64 44.15 -4.51 22.35
CA HIS C 64 43.31 -5.41 21.66
C HIS C 64 42.08 -5.60 22.55
N VAL C 65 40.94 -5.89 21.90
CA VAL C 65 39.73 -6.31 22.62
C VAL C 65 39.28 -7.65 22.12
N ILE C 66 39.52 -8.67 22.92
CA ILE C 66 39.31 -10.05 22.57
C ILE C 66 38.46 -10.74 23.62
N GLY C 67 37.31 -11.25 23.20
CA GLY C 67 36.42 -11.89 24.15
C GLY C 67 36.08 -10.95 25.27
N GLY C 68 36.03 -9.67 24.95
CA GLY C 68 35.63 -8.66 25.90
C GLY C 68 36.73 -8.18 26.82
N ARG C 69 37.92 -8.75 26.67
CA ARG C 69 39.05 -8.36 27.48
C ARG C 69 39.97 -7.38 26.77
N HIS C 70 40.25 -6.27 27.43
CA HIS C 70 41.08 -5.25 26.87
C HIS C 70 42.51 -5.49 27.40
N ARG C 71 43.40 -5.93 26.52
CA ARG C 71 44.82 -6.22 26.90
C ARG C 71 45.73 -5.75 25.84
N MET C 72 46.84 -5.15 26.25
CA MET C 72 47.99 -4.91 25.37
C MET C 72 48.59 -6.29 25.12
N GLY C 73 49.09 -6.57 23.93
CA GLY C 73 49.77 -7.85 23.68
C GLY C 73 51.31 -7.66 23.75
N ASP C 74 52.04 -8.67 23.28
CA ASP C 74 53.51 -8.75 23.40
C ASP C 74 54.16 -8.16 22.21
N GLY C 75 53.37 -7.83 21.21
CA GLY C 75 53.91 -7.30 19.97
C GLY C 75 54.52 -5.93 20.12
N GLU C 76 55.13 -5.46 19.03
CA GLU C 76 55.83 -4.22 18.99
C GLU C 76 54.89 -3.07 19.33
N ARG C 77 55.41 -2.10 20.10
CA ARG C 77 54.65 -0.86 20.42
C ARG C 77 54.65 0.18 19.28
N ILE C 78 53.47 0.73 18.93
CA ILE C 78 53.38 1.72 17.88
C ILE C 78 52.57 2.86 18.41
N ASP C 79 53.06 4.03 18.16
CA ASP C 79 52.42 5.24 18.62
C ASP C 79 51.41 5.73 17.58
N VAL C 80 50.27 6.19 18.08
CA VAL C 80 49.29 6.88 17.28
C VAL C 80 49.45 8.35 17.64
N VAL C 81 49.64 9.20 16.62
CA VAL C 81 49.91 10.62 16.76
C VAL C 81 48.89 11.49 15.98
N GLN C 82 48.91 12.76 16.29
CA GLN C 82 48.20 13.77 15.56
C GLN C 82 48.97 14.10 14.26
N PRO C 83 48.35 13.92 13.10
CA PRO C 83 49.07 14.13 11.84
C PRO C 83 49.47 15.55 11.59
N HIS C 84 48.62 16.45 12.06
CA HIS C 84 48.90 17.88 12.05
C HIS C 84 49.88 18.25 13.14
N ARG C 85 50.24 17.33 14.04
CA ARG C 85 51.21 17.72 15.06
C ARG C 85 51.83 16.44 15.55
N HIS C 86 52.74 15.91 14.73
CA HIS C 86 53.14 14.50 14.84
C HIS C 86 54.05 14.18 16.03
N ALA C 87 54.62 15.19 16.67
CA ALA C 87 55.33 14.99 17.96
C ALA C 87 54.32 14.74 19.07
N ALA C 88 53.04 15.07 18.84
CA ALA C 88 52.00 14.87 19.92
C ALA C 88 51.36 13.47 19.88
N ARG C 89 51.58 12.67 20.91
CA ARG C 89 51.09 11.30 20.93
C ARG C 89 49.63 11.28 21.43
N LEU C 90 48.82 10.39 20.86
CA LEU C 90 47.45 10.20 21.34
C LEU C 90 47.28 8.90 22.06
N GLY C 91 48.09 7.92 21.69
CA GLY C 91 48.02 6.62 22.35
C GLY C 91 49.11 5.72 21.83
N THR C 92 49.17 4.52 22.36
CA THR C 92 50.17 3.57 21.90
C THR C 92 49.49 2.23 21.81
N LEU C 93 49.58 1.60 20.68
CA LEU C 93 48.99 0.28 20.51
C LEU C 93 50.10 -0.77 20.42
N THR C 94 49.73 -2.05 20.54
CA THR C 94 50.60 -3.16 20.24
C THR C 94 50.26 -3.87 18.93
N ASN C 95 51.27 -4.07 18.10
CA ASN C 95 51.07 -4.74 16.83
C ASN C 95 50.65 -6.18 17.10
N ALA C 96 49.44 -6.55 16.70
CA ALA C 96 48.95 -7.89 16.99
C ALA C 96 49.91 -9.02 16.56
N THR C 97 50.05 -10.03 17.40
CA THR C 97 50.85 -11.19 17.09
C THR C 97 49.89 -12.25 16.59
N HIS C 98 50.49 -13.38 16.19
CA HIS C 98 49.79 -14.52 15.66
C HIS C 98 48.96 -15.06 16.77
N ALA C 99 49.50 -15.01 17.98
CA ALA C 99 48.76 -15.49 19.11
C ALA C 99 47.58 -14.58 19.42
N ASP C 100 47.75 -13.26 19.35
CA ASP C 100 46.60 -12.35 19.53
C ASP C 100 45.52 -12.61 18.47
N ALA C 101 45.90 -12.75 17.21
CA ALA C 101 44.93 -13.07 16.15
C ALA C 101 44.22 -14.40 16.38
N ALA C 102 44.95 -15.43 16.73
CA ALA C 102 44.33 -16.70 16.98
C ALA C 102 43.34 -16.61 18.10
N ALA C 103 43.72 -15.86 19.14
CA ALA C 103 42.83 -15.69 20.25
C ALA C 103 41.55 -14.91 19.81
N ALA C 104 41.71 -13.95 18.91
CA ALA C 104 40.55 -13.17 18.41
C ALA C 104 39.55 -14.06 17.65
N VAL C 105 40.09 -14.93 16.78
CA VAL C 105 39.31 -15.95 16.12
C VAL C 105 38.59 -16.83 17.10
N GLU C 106 39.29 -17.42 18.07
CA GLU C 106 38.57 -18.31 19.02
C GLU C 106 37.49 -17.58 19.78
N ALA C 107 37.74 -16.33 20.14
CA ALA C 107 36.72 -15.59 20.91
C ALA C 107 35.44 -15.32 20.04
N ALA C 108 35.63 -15.00 18.77
CA ALA C 108 34.51 -14.92 17.81
C ALA C 108 33.76 -16.25 17.64
N MET C 109 34.48 -17.36 17.50
CA MET C 109 33.79 -18.65 17.35
C MET C 109 33.08 -19.02 18.62
N SER C 110 33.71 -18.69 19.72
CA SER C 110 33.11 -18.97 21.02
C SER C 110 31.85 -18.08 21.32
N ALA C 111 31.83 -16.81 20.89
CA ALA C 111 30.62 -16.01 21.07
C ALA C 111 29.47 -16.30 20.07
N LYS C 112 29.77 -17.05 19.02
CA LYS C 112 28.85 -17.16 17.88
C LYS C 112 27.45 -17.72 18.24
N SER C 113 27.43 -18.77 19.02
CA SER C 113 26.22 -19.54 19.25
C SER C 113 25.16 -18.76 20.04
N ASP C 114 25.55 -18.11 21.13
CA ASP C 114 24.66 -17.21 21.86
C ASP C 114 24.24 -15.92 21.10
N TRP C 115 25.12 -15.41 20.24
CA TRP C 115 24.83 -14.22 19.45
C TRP C 115 23.83 -14.55 18.34
N ALA C 116 24.14 -15.55 17.54
CA ALA C 116 23.20 -15.99 16.51
C ALA C 116 21.89 -16.49 17.08
N ALA C 117 21.91 -16.98 18.31
CA ALA C 117 20.66 -17.41 18.93
C ALA C 117 19.81 -16.25 19.45
N LEU C 118 20.36 -15.07 19.62
CA LEU C 118 19.54 -13.92 20.00
C LEU C 118 18.58 -13.61 18.86
N PRO C 119 17.33 -13.32 19.19
CA PRO C 119 16.34 -12.87 18.16
C PRO C 119 16.85 -11.63 17.51
N PHE C 120 16.55 -11.51 16.22
CA PHE C 120 16.92 -10.35 15.49
C PHE C 120 16.71 -9.04 16.24
N ASP C 121 15.54 -8.84 16.85
CA ASP C 121 15.23 -7.54 17.51
C ASP C 121 16.24 -7.22 18.63
N GLU C 122 16.72 -8.22 19.37
CA GLU C 122 17.64 -7.91 20.47
C GLU C 122 19.03 -7.54 19.93
N ARG C 123 19.45 -8.20 18.86
CA ARG C 123 20.69 -7.81 18.17
C ARG C 123 20.53 -6.44 17.61
N ALA C 124 19.39 -6.15 16.98
CA ALA C 124 19.23 -4.80 16.41
C ALA C 124 19.27 -3.75 17.52
N ALA C 125 18.64 -4.03 18.64
CA ALA C 125 18.59 -3.06 19.76
C ALA C 125 20.00 -2.58 20.18
N VAL C 126 20.98 -3.46 20.14
CA VAL C 126 22.37 -3.05 20.46
C VAL C 126 22.82 -1.88 19.59
N PHE C 127 22.54 -1.99 18.30
CA PHE C 127 22.97 -0.96 17.32
C PHE C 127 22.13 0.26 17.30
N LEU C 128 20.82 0.10 17.56
CA LEU C 128 19.96 1.26 17.75
C LEU C 128 20.42 1.99 19.00
N ARG C 129 20.77 1.25 20.02
CA ARG C 129 21.20 1.86 21.25
C ARG C 129 22.54 2.59 21.02
N ALA C 130 23.42 1.94 20.27
CA ALA C 130 24.75 2.57 19.98
C ALA C 130 24.55 3.84 19.23
N ALA C 131 23.55 3.83 18.34
CA ALA C 131 23.29 5.02 17.52
C ALA C 131 22.82 6.19 18.41
N ASP C 132 21.93 5.92 19.34
CA ASP C 132 21.51 7.00 20.25
C ASP C 132 22.59 7.41 21.21
N LEU C 133 23.41 6.46 21.70
CA LEU C 133 24.55 6.86 22.52
C LEU C 133 25.43 7.75 21.76
N LEU C 134 25.68 7.39 20.49
CA LEU C 134 26.60 8.20 19.66
C LEU C 134 25.96 9.55 19.36
N ALA C 135 24.61 9.56 19.15
CA ALA C 135 23.95 10.84 18.83
C ALA C 135 23.99 11.84 19.98
N GLY C 136 24.12 11.35 21.20
CA GLY C 136 24.02 12.23 22.38
C GLY C 136 25.26 12.21 23.20
N PRO C 137 25.30 11.37 24.23
CA PRO C 137 26.40 11.44 25.19
C PRO C 137 27.82 11.12 24.68
N TRP C 138 27.98 10.30 23.65
CA TRP C 138 29.34 9.98 23.11
C TRP C 138 29.72 10.85 21.90
N ARG C 139 28.84 11.77 21.52
CA ARG C 139 28.94 12.44 20.23
C ARG C 139 30.24 13.20 20.05
N GLU C 140 30.55 14.12 20.98
CA GLU C 140 31.71 14.96 20.79
C GLU C 140 33.05 14.23 21.08
N LYS C 141 33.04 13.27 21.98
CA LYS C 141 34.18 12.39 22.23
C LYS C 141 34.60 11.60 20.94
N ILE C 142 33.65 10.99 20.26
CA ILE C 142 33.93 10.27 18.96
C ILE C 142 34.39 11.25 17.86
N ALA C 143 33.75 12.41 17.80
CA ALA C 143 34.09 13.39 16.82
C ALA C 143 35.51 13.87 17.05
N ALA C 144 35.78 14.28 18.29
CA ALA C 144 37.10 14.71 18.66
C ALA C 144 38.22 13.66 18.47
N ALA C 145 37.94 12.41 18.82
CA ALA C 145 38.91 11.34 18.61
C ALA C 145 39.24 11.23 17.14
N THR C 146 38.23 11.42 16.30
CA THR C 146 38.41 11.38 14.84
C THR C 146 39.18 12.59 14.35
N MET C 147 38.84 13.74 14.85
CA MET C 147 39.55 14.94 14.49
C MET C 147 41.05 14.79 14.78
N LEU C 148 41.37 14.39 15.99
CA LEU C 148 42.72 14.40 16.43
C LEU C 148 43.58 13.37 15.72
N GLY C 149 43.08 12.16 15.56
CA GLY C 149 43.84 11.01 15.05
C GLY C 149 43.91 10.99 13.52
N GLN C 150 42.85 11.48 12.87
CA GLN C 150 42.78 11.46 11.38
C GLN C 150 42.92 12.80 10.74
N SER C 151 43.01 13.83 11.57
CA SER C 151 43.25 15.21 11.14
C SER C 151 42.08 15.72 10.35
N LYS C 152 40.92 15.63 10.98
CA LYS C 152 39.69 16.17 10.42
C LYS C 152 39.25 17.43 11.11
N SER C 153 38.88 18.42 10.28
CA SER C 153 38.14 19.59 10.77
C SER C 153 36.89 19.04 11.47
N VAL C 154 36.34 19.76 12.46
CA VAL C 154 35.10 19.33 13.13
C VAL C 154 33.95 19.01 12.14
N TYR C 155 33.85 19.80 11.08
CA TYR C 155 32.81 19.51 10.12
C TYR C 155 33.05 18.15 9.48
N GLN C 156 34.30 17.88 9.07
CA GLN C 156 34.60 16.55 8.48
C GLN C 156 34.36 15.43 9.47
N ALA C 157 34.64 15.67 10.75
CA ALA C 157 34.39 14.61 11.78
C ALA C 157 32.93 14.36 11.98
N GLU C 158 32.18 15.45 12.04
CA GLU C 158 30.71 15.39 12.34
C GLU C 158 29.96 14.63 11.28
N ILE C 159 30.21 14.88 10.00
CA ILE C 159 29.47 14.15 8.97
C ILE C 159 29.87 12.68 8.86
N ASP C 160 31.07 12.33 9.36
CA ASP C 160 31.62 10.98 9.22
C ASP C 160 31.39 10.23 10.51
N ALA C 161 32.17 10.56 11.52
CA ALA C 161 32.20 9.79 12.75
C ALA C 161 30.91 9.84 13.50
N VAL C 162 30.16 10.91 13.38
CA VAL C 162 28.86 10.98 14.04
C VAL C 162 27.69 10.59 13.13
N CYS C 163 27.39 11.46 12.16
CA CYS C 163 26.22 11.30 11.33
C CYS C 163 26.24 10.06 10.48
N GLU C 164 27.33 9.79 9.76
CA GLU C 164 27.32 8.66 8.86
C GLU C 164 27.30 7.33 9.62
N LEU C 165 27.99 7.29 10.78
CA LEU C 165 28.03 6.07 11.55
C LEU C 165 26.66 5.78 12.14
N ILE C 166 26.08 6.79 12.74
CA ILE C 166 24.71 6.68 13.25
C ILE C 166 23.76 6.24 12.14
N ASP C 167 23.84 6.89 10.98
CA ASP C 167 22.96 6.55 9.88
C ASP C 167 23.18 5.05 9.42
N PHE C 168 24.42 4.61 9.35
CA PHE C 168 24.68 3.22 9.02
C PHE C 168 24.01 2.32 10.00
N TRP C 169 24.09 2.64 11.28
CA TRP C 169 23.41 1.76 12.20
C TRP C 169 21.90 1.77 12.09
N ARG C 170 21.30 2.95 12.04
CA ARG C 170 19.85 3.02 11.98
C ARG C 170 19.30 2.50 10.65
N PHE C 171 19.99 2.83 9.57
CA PHE C 171 19.50 2.36 8.27
C PHE C 171 19.74 0.91 8.11
N ASN C 172 20.94 0.41 8.50
CA ASN C 172 21.12 -1.04 8.48
C ASN C 172 20.05 -1.82 9.22
N VAL C 173 19.67 -1.43 10.42
CA VAL C 173 18.66 -2.20 11.14
C VAL C 173 17.37 -2.25 10.31
N ALA C 174 16.99 -1.12 9.69
CA ALA C 174 15.79 -1.07 8.88
C ALA C 174 15.94 -1.95 7.63
N PHE C 175 17.14 -1.93 7.02
CA PHE C 175 17.35 -2.68 5.79
C PHE C 175 17.25 -4.15 6.15
N ALA C 176 17.80 -4.52 7.29
CA ALA C 176 17.78 -5.92 7.68
C ALA C 176 16.35 -6.39 7.86
N ARG C 177 15.54 -5.57 8.49
CA ARG C 177 14.21 -5.99 8.83
C ARG C 177 13.37 -6.07 7.56
N GLN C 178 13.70 -5.23 6.60
CA GLN C 178 13.12 -5.29 5.28
C GLN C 178 13.53 -6.61 4.58
N ILE C 179 14.82 -6.99 4.66
CA ILE C 179 15.24 -8.23 4.05
C ILE C 179 14.44 -9.37 4.64
N LEU C 180 14.28 -9.36 5.95
CA LEU C 180 13.68 -10.51 6.65
C LEU C 180 12.26 -10.79 6.21
N GLU C 181 11.60 -9.75 5.77
CA GLU C 181 10.25 -9.82 5.32
C GLU C 181 10.13 -10.13 3.83
N GLN C 182 11.23 -10.25 3.07
CA GLN C 182 11.09 -10.72 1.64
C GLN C 182 10.79 -12.23 1.63
N GLN C 183 9.58 -12.57 1.22
CA GLN C 183 9.09 -13.91 1.39
C GLN C 183 8.39 -14.34 0.13
N PRO C 184 8.34 -15.64 -0.13
CA PRO C 184 7.76 -16.19 -1.35
C PRO C 184 6.26 -16.38 -1.39
N ILE C 185 5.81 -16.87 -2.53
CA ILE C 185 4.42 -17.16 -2.85
C ILE C 185 4.18 -18.55 -2.31
N SER C 186 3.11 -18.76 -1.57
CA SER C 186 2.70 -20.13 -1.29
C SER C 186 1.59 -20.57 -2.26
N GLY C 187 1.85 -21.59 -3.08
CA GLY C 187 0.79 -22.16 -3.92
C GLY C 187 -0.22 -22.98 -3.12
N PRO C 188 -1.26 -23.54 -3.79
CA PRO C 188 -2.24 -24.31 -3.06
C PRO C 188 -1.60 -25.56 -2.51
N GLY C 189 -1.98 -25.91 -1.30
CA GLY C 189 -1.54 -27.13 -0.70
C GLY C 189 -0.20 -27.09 0.02
N GLU C 190 0.38 -25.90 0.17
CA GLU C 190 1.72 -25.76 0.72
C GLU C 190 1.96 -24.41 1.36
N TRP C 191 3.06 -24.32 2.07
CA TRP C 191 3.48 -23.09 2.70
C TRP C 191 4.99 -23.00 2.51
N ASN C 192 5.43 -21.98 1.78
CA ASN C 192 6.84 -21.69 1.54
C ASN C 192 7.28 -20.51 2.37
N ARG C 193 8.49 -20.56 2.88
CA ARG C 193 9.04 -19.48 3.70
C ARG C 193 10.53 -19.37 3.43
N ILE C 194 11.09 -18.21 3.76
CA ILE C 194 12.54 -18.00 3.67
C ILE C 194 13.12 -17.63 5.03
N ASP C 195 14.18 -18.36 5.38
CA ASP C 195 14.99 -18.24 6.55
C ASP C 195 16.32 -17.68 6.14
N TYR C 196 16.59 -16.47 6.61
CA TYR C 196 17.83 -15.77 6.34
C TYR C 196 18.93 -16.09 7.40
N ARG C 197 19.67 -17.19 7.15
CA ARG C 197 20.63 -17.68 8.13
C ARG C 197 21.86 -16.82 8.21
N PRO C 198 22.45 -16.72 9.39
CA PRO C 198 23.78 -16.11 9.44
C PRO C 198 24.80 -17.04 8.76
N LEU C 199 26.03 -16.60 8.59
CA LEU C 199 27.04 -17.43 7.95
C LEU C 199 27.61 -18.44 8.97
N ASP C 200 28.31 -19.46 8.51
CA ASP C 200 29.05 -20.37 9.41
C ASP C 200 30.43 -19.77 9.46
N GLY C 201 31.08 -19.79 10.58
CA GLY C 201 32.39 -19.18 10.62
C GLY C 201 32.36 -17.69 10.98
N PHE C 202 33.47 -17.01 10.76
CA PHE C 202 33.69 -15.69 11.28
C PHE C 202 33.99 -14.79 10.10
N VAL C 203 33.79 -13.48 10.28
CA VAL C 203 33.98 -12.48 9.26
C VAL C 203 35.20 -11.65 9.69
N TYR C 204 36.10 -11.38 8.75
CA TYR C 204 37.26 -10.60 8.99
C TYR C 204 37.03 -9.25 8.38
N ALA C 205 37.05 -8.25 9.23
CA ALA C 205 36.83 -6.85 8.80
C ALA C 205 38.09 -6.00 8.88
N ILE C 206 38.45 -5.38 7.78
CA ILE C 206 39.70 -4.61 7.67
C ILE C 206 39.32 -3.23 7.23
N THR C 207 39.61 -2.22 8.02
CA THR C 207 39.07 -0.89 7.76
C THR C 207 40.12 0.18 7.52
N PRO C 208 39.74 1.24 6.77
CA PRO C 208 40.69 2.25 6.41
C PRO C 208 40.77 3.46 7.36
N PHE C 209 41.68 4.37 7.09
CA PHE C 209 41.89 5.53 7.97
C PHE C 209 40.86 6.61 7.72
N ASN C 210 40.30 6.59 6.51
CA ASN C 210 39.61 7.75 5.92
C ASN C 210 38.33 8.15 6.69
N PHE C 211 37.61 7.15 7.19
CA PHE C 211 36.29 7.32 7.87
C PHE C 211 36.11 6.45 9.11
N THR C 212 35.82 7.11 10.22
CA THR C 212 35.41 6.45 11.40
C THR C 212 34.11 5.67 11.16
N SER C 213 33.25 6.17 10.26
CA SER C 213 31.96 5.49 9.96
C SER C 213 32.15 4.13 9.27
N ILE C 214 32.91 4.09 8.19
CA ILE C 214 33.30 2.83 7.54
C ILE C 214 33.96 1.91 8.56
N ALA C 215 34.80 2.49 9.40
CA ALA C 215 35.56 1.68 10.33
C ALA C 215 34.63 0.98 11.30
N GLY C 216 33.62 1.71 11.76
CA GLY C 216 32.64 1.10 12.70
C GLY C 216 31.62 0.23 11.99
N ASN C 217 31.28 0.61 10.75
CA ASN C 217 30.30 -0.14 9.96
C ASN C 217 30.73 -1.53 9.43
N LEU C 218 31.93 -1.66 8.88
CA LEU C 218 32.36 -2.93 8.29
C LEU C 218 32.28 -4.12 9.25
N PRO C 219 32.69 -3.94 10.49
CA PRO C 219 32.46 -5.05 11.41
C PRO C 219 31.07 -5.16 12.02
N THR C 220 30.32 -4.08 12.13
CA THR C 220 29.00 -4.19 12.80
C THR C 220 27.91 -4.69 11.87
N ALA C 221 27.95 -4.28 10.61
CA ALA C 221 26.97 -4.78 9.65
C ALA C 221 26.81 -6.29 9.63
N PRO C 222 27.94 -7.07 9.49
CA PRO C 222 27.75 -8.52 9.55
C PRO C 222 27.35 -8.97 10.93
N ALA C 223 27.80 -8.29 11.97
CA ALA C 223 27.28 -8.71 13.33
C ALA C 223 25.75 -8.66 13.49
N LEU C 224 25.16 -7.60 12.98
CA LEU C 224 23.72 -7.41 13.08
C LEU C 224 22.97 -8.61 12.55
N MET C 225 23.52 -9.21 11.51
CA MET C 225 22.89 -10.37 10.89
C MET C 225 23.21 -11.68 11.58
N GLY C 226 23.88 -11.67 12.72
CA GLY C 226 24.06 -12.91 13.46
C GLY C 226 25.48 -13.48 13.44
N ASN C 227 26.39 -12.77 12.78
CA ASN C 227 27.73 -13.26 12.64
C ASN C 227 28.63 -12.72 13.74
N THR C 228 29.77 -13.36 13.97
CA THR C 228 30.82 -12.73 14.75
C THR C 228 32.02 -12.41 13.90
N VAL C 229 32.90 -11.57 14.49
CA VAL C 229 33.81 -10.78 13.72
C VAL C 229 35.18 -10.54 14.41
N ILE C 230 36.25 -10.52 13.59
CA ILE C 230 37.50 -9.96 14.00
C ILE C 230 37.74 -8.72 13.17
N TRP C 231 38.17 -7.67 13.83
CA TRP C 231 38.23 -6.33 13.26
C TRP C 231 39.63 -5.73 13.46
N LYS C 232 40.32 -5.41 12.35
CA LYS C 232 41.65 -4.83 12.33
C LYS C 232 41.60 -3.42 11.73
N PRO C 233 41.64 -2.40 12.58
CA PRO C 233 41.52 -1.08 12.05
C PRO C 233 42.85 -0.54 11.62
N SER C 234 42.79 0.56 10.91
CA SER C 234 43.95 1.22 10.42
C SER C 234 44.65 1.89 11.63
N ILE C 235 45.96 1.87 11.64
CA ILE C 235 46.73 2.39 12.80
C ILE C 235 46.34 3.80 13.09
N THR C 236 46.28 4.63 12.04
CA THR C 236 46.01 6.06 12.23
C THR C 236 44.59 6.39 12.71
N GLN C 237 43.71 5.39 12.67
CA GLN C 237 42.30 5.55 13.05
C GLN C 237 41.99 4.85 14.38
N THR C 238 43.03 4.27 14.97
CA THR C 238 42.82 3.38 16.11
C THR C 238 42.30 4.09 17.32
N LEU C 239 42.58 5.37 17.48
CA LEU C 239 42.01 6.03 18.70
C LEU C 239 40.45 5.99 18.59
N ALA C 240 39.90 6.43 17.45
CA ALA C 240 38.45 6.37 17.22
C ALA C 240 37.89 4.94 17.25
N ALA C 241 38.66 4.04 16.67
CA ALA C 241 38.23 2.65 16.67
C ALA C 241 38.04 2.13 18.06
N TYR C 242 39.01 2.41 18.93
CA TYR C 242 38.96 1.85 20.30
C TYR C 242 37.75 2.40 21.10
N LEU C 243 37.56 3.70 20.97
CA LEU C 243 36.46 4.38 21.56
C LEU C 243 35.15 3.87 20.97
N THR C 244 35.12 3.56 19.68
CA THR C 244 33.90 2.99 19.05
C THR C 244 33.63 1.71 19.69
N MET C 245 34.70 0.91 19.90
CA MET C 245 34.51 -0.39 20.57
C MET C 245 33.90 -0.25 22.00
N GLN C 246 34.32 0.75 22.73
CA GLN C 246 33.77 0.97 24.06
C GLN C 246 32.33 1.42 24.00
N LEU C 247 31.98 2.20 22.99
CA LEU C 247 30.62 2.66 22.80
C LEU C 247 29.72 1.43 22.56
N LEU C 248 30.17 0.53 21.68
CA LEU C 248 29.42 -0.66 21.41
C LEU C 248 29.23 -1.53 22.68
N GLU C 249 30.29 -1.67 23.47
CA GLU C 249 30.18 -2.33 24.75
C GLU C 249 29.16 -1.62 25.65
N ALA C 250 29.25 -0.31 25.75
CA ALA C 250 28.27 0.44 26.53
C ALA C 250 26.82 0.22 26.03
N ALA C 251 26.64 0.04 24.71
CA ALA C 251 25.34 -0.27 24.17
C ALA C 251 24.92 -1.67 24.46
N GLY C 252 25.82 -2.50 24.99
CA GLY C 252 25.49 -3.88 25.33
C GLY C 252 25.96 -4.99 24.35
N LEU C 253 26.88 -4.68 23.42
CA LEU C 253 27.46 -5.70 22.56
C LEU C 253 28.10 -6.80 23.44
N PRO C 254 27.70 -8.08 23.25
CA PRO C 254 28.26 -9.13 24.07
C PRO C 254 29.73 -9.40 23.75
N PRO C 255 30.48 -9.89 24.76
CA PRO C 255 31.91 -10.09 24.54
C PRO C 255 32.15 -11.12 23.46
N GLY C 256 33.10 -10.80 22.59
CA GLY C 256 33.53 -11.74 21.56
C GLY C 256 32.80 -11.65 20.24
N VAL C 257 31.72 -10.86 20.19
CA VAL C 257 30.98 -10.76 18.96
C VAL C 257 31.82 -9.98 17.97
N ILE C 258 32.51 -8.96 18.43
CA ILE C 258 33.46 -8.21 17.66
C ILE C 258 34.78 -8.19 18.43
N ASN C 259 35.89 -8.57 17.79
CA ASN C 259 37.17 -8.60 18.48
C ASN C 259 38.14 -7.70 17.82
N LEU C 260 38.62 -6.72 18.55
CA LEU C 260 39.45 -5.71 17.97
C LEU C 260 40.90 -6.15 18.05
N VAL C 261 41.59 -6.16 16.92
CA VAL C 261 43.02 -6.43 16.93
C VAL C 261 43.75 -5.34 16.20
N THR C 262 44.69 -4.68 16.91
CA THR C 262 45.43 -3.54 16.37
C THR C 262 46.72 -3.90 15.62
N GLY C 263 47.16 -2.96 14.80
CA GLY C 263 48.45 -2.98 14.17
C GLY C 263 48.41 -2.94 12.65
N ASP C 264 49.42 -3.52 12.01
CA ASP C 264 49.55 -3.41 10.57
C ASP C 264 48.75 -4.51 9.86
N GLY C 265 48.23 -5.47 10.61
CA GLY C 265 47.38 -6.52 10.10
C GLY C 265 48.08 -7.70 9.48
N PHE C 266 49.43 -7.70 9.45
CA PHE C 266 50.13 -8.78 8.70
C PHE C 266 49.97 -10.11 9.39
N ALA C 267 50.18 -10.13 10.70
CA ALA C 267 50.04 -11.37 11.47
C ALA C 267 48.59 -11.79 11.54
N VAL C 268 47.67 -10.81 11.59
CA VAL C 268 46.23 -11.11 11.58
C VAL C 268 45.78 -11.80 10.31
N SER C 269 46.21 -11.28 9.18
CA SER C 269 45.88 -11.93 7.92
C SER C 269 46.52 -13.34 7.83
N ASP C 270 47.78 -13.53 8.25
CA ASP C 270 48.37 -14.91 8.29
C ASP C 270 47.44 -15.84 9.05
N VAL C 271 46.92 -15.42 10.18
CA VAL C 271 46.08 -16.34 10.95
C VAL C 271 44.72 -16.52 10.32
N ALA C 272 44.09 -15.41 9.96
CA ALA C 272 42.66 -15.45 9.57
C ALA C 272 42.50 -16.13 8.24
N LEU C 273 43.38 -15.82 7.30
CA LEU C 273 43.33 -16.47 5.99
C LEU C 273 43.68 -17.93 6.00
N ALA C 274 44.38 -18.38 7.03
CA ALA C 274 44.68 -19.80 7.13
C ALA C 274 43.56 -20.54 7.82
N ASP C 275 42.68 -19.80 8.52
CA ASP C 275 41.66 -20.50 9.32
C ASP C 275 40.52 -21.07 8.41
N PRO C 276 40.23 -22.39 8.54
CA PRO C 276 39.14 -23.00 7.68
C PRO C 276 37.75 -22.44 7.96
N ARG C 277 37.60 -21.76 9.08
CA ARG C 277 36.34 -21.10 9.39
C ARG C 277 36.15 -19.71 8.82
N LEU C 278 37.02 -19.26 7.95
CA LEU C 278 36.90 -17.93 7.47
C LEU C 278 35.65 -17.85 6.61
N ALA C 279 34.71 -17.03 7.00
CA ALA C 279 33.44 -16.87 6.26
C ALA C 279 33.44 -15.73 5.24
N GLY C 280 34.18 -14.67 5.52
CA GLY C 280 34.19 -13.58 4.58
C GLY C 280 35.11 -12.53 5.06
N ILE C 281 35.40 -11.59 4.18
CA ILE C 281 36.26 -10.48 4.48
C ILE C 281 35.50 -9.25 4.03
N HIS C 282 35.41 -8.27 4.91
CA HIS C 282 34.72 -7.04 4.63
C HIS C 282 35.76 -5.98 4.70
N PHE C 283 36.00 -5.27 3.61
CA PHE C 283 37.17 -4.43 3.56
C PHE C 283 37.06 -3.30 2.56
N THR C 284 38.14 -2.54 2.46
CA THR C 284 38.36 -1.67 1.32
C THR C 284 39.74 -1.94 0.66
N GLY C 285 39.87 -1.58 -0.60
CA GLY C 285 41.13 -1.61 -1.31
C GLY C 285 41.00 -1.47 -2.82
N SER C 286 42.20 -1.40 -3.43
CA SER C 286 42.41 -1.38 -4.90
C SER C 286 41.90 -2.62 -5.63
N THR C 287 41.80 -2.51 -6.95
CA THR C 287 41.44 -3.68 -7.80
C THR C 287 42.45 -4.81 -7.64
N ALA C 288 43.73 -4.42 -7.58
CA ALA C 288 44.83 -5.33 -7.35
C ALA C 288 44.63 -6.13 -6.07
N THR C 289 44.23 -5.46 -4.99
CA THR C 289 44.01 -6.11 -3.72
C THR C 289 42.84 -7.12 -3.85
N PHE C 290 41.76 -6.73 -4.50
CA PHE C 290 40.65 -7.67 -4.83
C PHE C 290 41.12 -8.90 -5.60
N GLY C 291 41.89 -8.59 -6.66
CA GLY C 291 42.55 -9.61 -7.47
C GLY C 291 43.37 -10.60 -6.64
N HIS C 292 44.16 -10.07 -5.70
CA HIS C 292 45.05 -10.88 -4.87
C HIS C 292 44.20 -11.89 -4.08
N LEU C 293 43.17 -11.34 -3.42
CA LEU C 293 42.34 -12.09 -2.55
C LEU C 293 41.52 -13.08 -3.32
N TRP C 294 41.04 -12.63 -4.47
CA TRP C 294 40.37 -13.54 -5.40
C TRP C 294 41.28 -14.76 -5.70
N GLN C 295 42.50 -14.44 -6.09
CA GLN C 295 43.51 -15.44 -6.44
C GLN C 295 43.79 -16.34 -5.23
N TRP C 296 43.99 -15.74 -4.04
CA TRP C 296 44.27 -16.54 -2.83
C TRP C 296 43.20 -17.57 -2.60
N VAL C 297 41.95 -17.04 -2.47
CA VAL C 297 40.77 -17.80 -2.02
C VAL C 297 40.49 -18.87 -3.04
N GLY C 298 40.59 -18.49 -4.31
CA GLY C 298 40.29 -19.37 -5.44
C GLY C 298 41.22 -20.56 -5.50
N THR C 299 42.52 -20.32 -5.37
CA THR C 299 43.52 -21.41 -5.32
C THR C 299 43.40 -22.29 -4.08
N ASN C 300 43.08 -21.66 -2.94
CA ASN C 300 42.98 -22.32 -1.65
C ASN C 300 41.57 -22.72 -1.23
N ILE C 301 40.67 -22.87 -2.22
CA ILE C 301 39.26 -22.98 -1.91
C ILE C 301 38.98 -24.23 -1.11
N GLY C 302 39.75 -25.28 -1.37
CA GLY C 302 39.63 -26.53 -0.65
C GLY C 302 39.96 -26.45 0.83
N ARG C 303 40.65 -25.42 1.29
CA ARG C 303 40.97 -25.28 2.69
C ARG C 303 39.77 -24.81 3.53
N TYR C 304 38.77 -24.16 2.92
CA TYR C 304 37.73 -23.46 3.72
C TYR C 304 36.47 -24.25 3.86
N HIS C 305 35.86 -24.26 5.05
CA HIS C 305 34.56 -24.90 5.20
C HIS C 305 33.45 -24.27 4.37
N SER C 306 33.52 -22.93 4.19
CA SER C 306 32.53 -22.19 3.40
C SER C 306 33.25 -21.47 2.26
N TYR C 307 32.56 -21.10 1.19
CA TYR C 307 33.18 -20.27 0.16
C TYR C 307 33.31 -18.84 0.69
N PRO C 308 34.53 -18.38 0.93
CA PRO C 308 34.63 -17.06 1.52
C PRO C 308 34.03 -15.94 0.69
N ARG C 309 33.41 -14.98 1.37
CA ARG C 309 32.76 -13.87 0.70
C ARG C 309 33.62 -12.66 0.82
N LEU C 310 33.97 -12.09 -0.31
CA LEU C 310 34.79 -10.94 -0.38
C LEU C 310 33.96 -9.75 -0.80
N VAL C 311 33.82 -8.81 0.14
CA VAL C 311 32.89 -7.73 -0.02
C VAL C 311 33.64 -6.45 0.28
N GLY C 312 33.75 -5.61 -0.71
CA GLY C 312 34.24 -4.26 -0.39
C GLY C 312 34.09 -3.20 -1.43
N GLU C 313 34.88 -2.15 -1.27
CA GLU C 313 34.91 -1.01 -2.18
C GLU C 313 36.35 -0.55 -2.40
N THR C 314 36.57 0.22 -3.45
CA THR C 314 37.81 0.86 -3.78
C THR C 314 37.62 2.38 -3.63
N GLY C 315 38.71 3.12 -3.76
CA GLY C 315 38.66 4.57 -3.82
C GLY C 315 38.82 4.97 -5.27
N GLY C 316 39.01 6.24 -5.52
CA GLY C 316 39.11 6.71 -6.90
C GLY C 316 39.46 8.16 -6.87
N LYS C 317 39.42 8.76 -8.03
CA LYS C 317 39.60 10.20 -8.11
C LYS C 317 38.58 10.69 -9.11
N ASP C 318 38.11 11.91 -8.89
CA ASP C 318 36.85 12.36 -9.44
C ASP C 318 37.08 13.55 -10.33
N PHE C 319 36.06 13.83 -11.16
CA PHE C 319 36.09 14.89 -12.10
C PHE C 319 34.84 15.77 -12.03
N VAL C 320 35.02 17.02 -12.46
CA VAL C 320 33.98 18.05 -12.65
C VAL C 320 34.11 18.73 -14.04
N VAL C 321 33.04 18.74 -14.82
CA VAL C 321 33.05 19.44 -16.12
C VAL C 321 32.06 20.59 -15.97
N ALA C 322 32.55 21.79 -16.32
CA ALA C 322 31.74 23.00 -16.39
C ALA C 322 31.46 23.43 -17.82
N HIS C 323 30.17 23.40 -18.14
CA HIS C 323 29.62 23.96 -19.39
C HIS C 323 29.70 25.45 -19.37
N ALA C 324 29.53 26.09 -20.55
CA ALA C 324 29.49 27.55 -20.58
C ALA C 324 28.38 28.13 -19.72
N SER C 325 27.32 27.38 -19.53
CA SER C 325 26.16 27.83 -18.73
C SER C 325 26.35 27.58 -17.22
N ALA C 326 27.51 27.10 -16.83
CA ALA C 326 27.85 26.95 -15.40
C ALA C 326 27.78 28.23 -14.58
N ARG C 327 27.20 28.15 -13.41
CA ARG C 327 27.26 29.26 -12.48
C ARG C 327 28.68 29.30 -11.87
N PRO C 328 29.37 30.42 -12.01
CA PRO C 328 30.77 30.44 -11.64
C PRO C 328 31.03 30.24 -10.13
N ASP C 329 30.20 30.81 -9.26
CA ASP C 329 30.43 30.73 -7.81
C ASP C 329 30.09 29.33 -7.31
N VAL C 330 29.08 28.71 -7.92
CA VAL C 330 28.74 27.33 -7.66
C VAL C 330 29.93 26.37 -8.01
N LEU C 331 30.47 26.55 -9.22
CA LEU C 331 31.58 25.78 -9.70
C LEU C 331 32.80 26.01 -8.80
N ARG C 332 33.09 27.25 -8.47
CA ARG C 332 34.25 27.58 -7.63
C ARG C 332 34.19 26.85 -6.29
N THR C 333 33.04 26.98 -5.67
CA THR C 333 32.75 26.33 -4.41
C THR C 333 32.79 24.85 -4.51
N ALA C 334 32.23 24.29 -5.59
CA ALA C 334 32.24 22.84 -5.78
C ALA C 334 33.68 22.25 -5.92
N LEU C 335 34.54 22.97 -6.63
CA LEU C 335 35.96 22.59 -6.80
C LEU C 335 36.77 22.70 -5.49
N ILE C 336 36.64 23.84 -4.81
CA ILE C 336 37.34 24.02 -3.57
C ILE C 336 36.99 22.93 -2.59
N ARG C 337 35.71 22.68 -2.41
CA ARG C 337 35.30 21.73 -1.41
C ARG C 337 35.55 20.34 -1.87
N GLY C 338 35.25 20.08 -3.15
CA GLY C 338 35.44 18.72 -3.65
C GLY C 338 36.92 18.31 -3.73
N ALA C 339 37.81 19.27 -4.00
CA ALA C 339 39.27 18.97 -4.03
C ALA C 339 39.96 19.04 -2.63
N PHE C 340 39.48 19.92 -1.73
CA PHE C 340 40.23 20.31 -0.57
C PHE C 340 39.56 19.95 0.78
N ASP C 341 38.32 19.55 0.76
CA ASP C 341 37.66 18.99 1.96
C ASP C 341 38.51 17.81 2.42
N TYR C 342 38.86 17.81 3.70
CA TYR C 342 39.64 16.76 4.31
C TYR C 342 40.95 16.56 3.53
N GLN C 343 41.50 17.65 3.04
CA GLN C 343 42.81 17.60 2.37
C GLN C 343 42.84 16.55 1.22
N GLY C 344 41.68 16.26 0.64
CA GLY C 344 41.58 15.47 -0.57
C GLY C 344 41.64 14.01 -0.26
N GLN C 345 41.35 13.65 0.99
CA GLN C 345 41.59 12.28 1.45
C GLN C 345 40.32 11.44 1.72
N LYS C 346 39.20 11.87 1.20
CA LYS C 346 38.03 11.03 1.22
C LYS C 346 38.30 9.83 0.30
N CME C 347 37.36 8.89 0.24
CA CME C 347 37.59 7.66 -0.56
CB CME C 347 36.40 6.74 -0.55
SG CME C 347 36.10 6.12 1.06
SD CME C 347 37.78 5.10 1.64
CE CME C 347 37.56 3.56 0.81
CZ CME C 347 38.44 3.48 -0.42
OH CME C 347 39.76 3.88 -0.06
C CME C 347 37.93 8.05 -1.99
O CME C 347 38.74 7.33 -2.69
N SER C 348 37.31 9.14 -2.46
CA SER C 348 37.77 9.83 -3.68
C SER C 348 37.72 11.30 -3.45
N ALA C 349 38.34 12.08 -4.33
CA ALA C 349 38.27 13.56 -4.26
C ALA C 349 38.32 14.05 -5.67
N VAL C 350 37.96 15.30 -5.87
CA VAL C 350 38.05 15.90 -7.19
C VAL C 350 39.52 16.24 -7.50
N SER C 351 40.04 15.58 -8.53
CA SER C 351 41.39 15.76 -9.00
C SER C 351 41.41 16.49 -10.33
N ARG C 352 40.36 16.35 -11.14
CA ARG C 352 40.37 16.97 -12.48
C ARG C 352 39.13 17.81 -12.74
N ALA C 353 39.32 19.04 -13.22
CA ALA C 353 38.23 19.89 -13.62
C ALA C 353 38.36 20.26 -15.09
N PHE C 354 37.25 20.26 -15.81
CA PHE C 354 37.27 20.67 -17.22
C PHE C 354 36.38 21.89 -17.35
N ILE C 355 36.96 23.05 -17.59
CA ILE C 355 36.23 24.31 -17.49
C ILE C 355 36.24 25.11 -18.77
N ALA C 356 35.05 25.51 -19.21
CA ALA C 356 34.88 26.28 -20.39
C ALA C 356 35.52 27.54 -20.20
N HIS C 357 36.18 27.95 -21.26
CA HIS C 357 36.94 29.15 -21.31
C HIS C 357 36.27 30.35 -20.74
N SER C 358 35.06 30.66 -21.21
CA SER C 358 34.41 31.88 -20.75
C SER C 358 34.10 31.84 -19.24
N VAL C 359 33.89 30.64 -18.72
CA VAL C 359 33.64 30.47 -17.28
C VAL C 359 34.93 30.63 -16.47
N TRP C 360 36.02 30.05 -16.96
CA TRP C 360 37.36 30.31 -16.36
C TRP C 360 37.66 31.80 -16.30
N GLN C 361 37.26 32.56 -17.32
CA GLN C 361 37.53 34.00 -17.29
C GLN C 361 36.81 34.64 -16.13
N ARG C 362 35.67 34.11 -15.74
CA ARG C 362 34.91 34.73 -14.66
C ARG C 362 35.29 34.26 -13.27
N MET C 363 35.74 33.01 -13.11
CA MET C 363 36.01 32.50 -11.76
C MET C 363 37.47 31.99 -11.52
N GLY C 364 38.35 32.12 -12.51
CA GLY C 364 39.68 31.56 -12.45
C GLY C 364 40.52 32.24 -11.40
N ASP C 365 40.60 33.54 -11.46
CA ASP C 365 41.41 34.23 -10.48
C ASP C 365 40.91 34.00 -9.05
N GLU C 366 39.59 33.95 -8.89
CA GLU C 366 39.01 33.82 -7.58
C GLU C 366 39.28 32.43 -7.10
N LEU C 367 39.30 31.44 -8.00
CA LEU C 367 39.54 30.08 -7.51
C LEU C 367 41.00 30.03 -6.97
N LEU C 368 41.92 30.68 -7.66
CA LEU C 368 43.34 30.63 -7.24
C LEU C 368 43.54 31.41 -5.95
N ALA C 369 42.96 32.60 -5.87
CA ALA C 369 43.06 33.39 -4.65
C ALA C 369 42.50 32.66 -3.47
N LYS C 370 41.34 32.02 -3.61
CA LYS C 370 40.75 31.32 -2.46
C LYS C 370 41.51 30.10 -2.01
N ALA C 371 42.04 29.36 -2.97
CA ALA C 371 42.92 28.23 -2.65
C ALA C 371 44.19 28.73 -1.93
N ALA C 372 44.75 29.88 -2.35
CA ALA C 372 45.94 30.45 -1.70
C ALA C 372 45.68 30.84 -0.24
N GLU C 373 44.47 31.35 0.03
CA GLU C 373 44.06 31.79 1.36
C GLU C 373 43.55 30.67 2.30
N LEU C 374 43.15 29.56 1.72
CA LEU C 374 42.56 28.49 2.49
C LEU C 374 43.53 27.97 3.56
N ARG C 375 43.06 27.78 4.78
CA ARG C 375 43.91 27.42 5.93
C ARG C 375 43.86 25.95 6.29
N TYR C 376 45.03 25.34 6.32
CA TYR C 376 45.24 24.01 6.81
C TYR C 376 46.16 24.18 8.01
N GLY C 377 45.80 23.62 9.14
CA GLY C 377 46.64 23.74 10.31
C GLY C 377 46.19 22.79 11.36
N ASP C 378 46.45 23.12 12.61
CA ASP C 378 46.05 22.29 13.72
C ASP C 378 44.50 22.34 13.87
N ILE C 379 43.87 21.20 13.86
CA ILE C 379 42.42 21.17 13.79
C ILE C 379 41.76 21.47 15.12
N THR C 380 42.55 21.67 16.16
CA THR C 380 41.97 22.13 17.42
C THR C 380 41.74 23.60 17.33
N ASP C 381 42.40 24.28 16.40
CA ASP C 381 41.98 25.60 16.03
C ASP C 381 40.85 25.48 14.97
N LEU C 382 39.64 25.76 15.40
CA LEU C 382 38.48 25.55 14.60
C LEU C 382 38.32 26.57 13.48
N SER C 383 39.17 27.57 13.41
CA SER C 383 39.14 28.48 12.27
C SER C 383 39.74 27.91 10.98
N ASN C 384 40.60 26.88 11.07
CA ASN C 384 41.22 26.28 9.89
C ASN C 384 40.17 25.55 9.08
N TYR C 385 40.32 25.55 7.75
CA TYR C 385 39.45 24.80 6.84
C TYR C 385 39.69 23.29 7.02
N GLY C 386 40.95 22.94 7.19
CA GLY C 386 41.31 21.56 7.44
C GLY C 386 42.71 21.41 8.02
N GLY C 387 43.21 20.16 7.90
CA GLY C 387 44.35 19.70 8.64
C GLY C 387 45.50 19.25 7.76
N ALA C 388 46.17 18.18 8.19
CA ALA C 388 47.33 17.65 7.48
C ALA C 388 46.96 16.32 6.83
N LEU C 389 47.90 15.80 6.03
CA LEU C 389 47.76 14.44 5.48
C LEU C 389 47.97 13.45 6.58
N ILE C 390 47.53 12.24 6.35
CA ILE C 390 47.38 11.26 7.41
C ILE C 390 48.70 10.72 8.01
N ASP C 391 49.73 10.54 7.18
CA ASP C 391 51.01 10.02 7.66
C ASP C 391 52.14 10.31 6.68
N GLN C 392 53.36 9.92 7.08
CA GLN C 392 54.54 10.22 6.30
C GLN C 392 54.43 9.64 4.89
N ARG C 393 54.03 8.40 4.78
CA ARG C 393 53.87 7.73 3.46
C ARG C 393 52.99 8.46 2.49
N ALA C 394 51.84 8.92 2.96
CA ALA C 394 50.96 9.70 2.10
C ALA C 394 51.55 11.05 1.77
N PHE C 395 52.31 11.64 2.72
CA PHE C 395 52.99 12.88 2.43
C PHE C 395 53.98 12.70 1.30
N VAL C 396 54.80 11.65 1.34
CA VAL C 396 55.79 11.40 0.29
C VAL C 396 55.15 11.23 -1.11
N LYS C 397 53.99 10.62 -1.21
CA LYS C 397 53.34 10.46 -2.49
C LYS C 397 52.84 11.79 -3.05
N ASN C 398 52.49 12.71 -2.15
CA ASN C 398 52.13 14.05 -2.56
C ASN C 398 53.29 14.86 -3.01
N VAL C 399 54.38 14.81 -2.27
CA VAL C 399 55.63 15.46 -2.73
C VAL C 399 56.03 14.96 -4.14
N ASP C 400 55.96 13.67 -4.35
CA ASP C 400 56.39 13.10 -5.60
C ASP C 400 55.49 13.60 -6.72
N ALA C 401 54.22 13.80 -6.42
CA ALA C 401 53.28 14.27 -7.45
C ALA C 401 53.46 15.74 -7.72
N ILE C 402 53.73 16.49 -6.68
CA ILE C 402 53.96 17.88 -6.90
C ILE C 402 55.21 18.04 -7.77
N GLU C 403 56.27 17.28 -7.46
CA GLU C 403 57.56 17.51 -8.16
C GLU C 403 57.44 16.98 -9.60
N ARG C 404 56.73 15.88 -9.81
CA ARG C 404 56.40 15.44 -11.17
C ARG C 404 55.71 16.59 -11.99
N ALA C 405 54.70 17.19 -11.42
CA ALA C 405 53.97 18.23 -12.10
C ALA C 405 54.85 19.36 -12.48
N LYS C 406 55.68 19.76 -11.52
CA LYS C 406 56.66 20.80 -11.80
C LYS C 406 57.50 20.43 -12.98
N GLY C 407 57.99 19.22 -13.03
CA GLY C 407 58.90 18.88 -14.14
C GLY C 407 58.18 18.61 -15.50
N ALA C 408 56.89 18.29 -15.49
CA ALA C 408 56.18 17.96 -16.76
C ALA C 408 55.88 19.24 -17.52
N ALA C 409 56.20 19.22 -18.81
CA ALA C 409 55.84 20.31 -19.76
C ALA C 409 54.33 20.53 -19.82
N ALA C 410 53.55 19.47 -19.62
CA ALA C 410 52.10 19.58 -19.79
C ALA C 410 51.40 20.55 -18.79
N VAL C 411 52.04 20.73 -17.63
CA VAL C 411 51.41 21.19 -16.43
C VAL C 411 52.18 22.33 -15.84
N THR C 412 51.45 23.30 -15.33
CA THR C 412 51.98 24.45 -14.65
C THR C 412 51.38 24.49 -13.23
N VAL C 413 52.17 24.83 -12.22
CA VAL C 413 51.60 25.06 -10.91
C VAL C 413 51.09 26.48 -10.87
N ALA C 414 49.78 26.64 -10.74
CA ALA C 414 49.17 27.95 -10.76
C ALA C 414 49.04 28.56 -9.37
N VAL C 415 48.80 27.76 -8.33
CA VAL C 415 48.88 28.22 -6.93
C VAL C 415 49.19 27.05 -6.02
N GLY C 416 49.71 27.35 -4.84
CA GLY C 416 50.04 26.26 -3.93
C GLY C 416 51.26 25.43 -4.29
N GLY C 417 51.20 24.15 -3.99
CA GLY C 417 52.30 23.21 -4.27
C GLY C 417 53.32 23.10 -3.15
N GLU C 418 53.24 23.96 -2.12
CA GLU C 418 54.22 23.96 -1.01
C GLU C 418 53.94 22.80 -0.07
N TYR C 419 55.01 22.18 0.41
CA TYR C 419 54.87 21.11 1.38
C TYR C 419 55.94 21.24 2.49
N ASP C 420 55.61 20.71 3.67
CA ASP C 420 56.36 20.94 4.87
C ASP C 420 55.96 19.92 5.94
N ASP C 421 56.83 18.95 6.17
CA ASP C 421 56.57 17.95 7.19
C ASP C 421 57.28 18.21 8.53
N SER C 422 57.72 19.45 8.74
CA SER C 422 58.47 19.75 9.99
C SER C 422 57.62 19.57 11.31
N GLU C 423 56.32 19.90 11.27
CA GLU C 423 55.45 19.85 12.44
C GLU C 423 54.29 18.87 12.23
N GLY C 424 53.68 18.92 11.04
CA GLY C 424 52.72 17.94 10.62
C GLY C 424 52.93 17.66 9.17
N TYR C 425 52.12 16.77 8.63
CA TYR C 425 52.23 16.35 7.24
C TYR C 425 51.47 17.27 6.32
N PHE C 426 51.96 18.50 6.23
CA PHE C 426 51.24 19.55 5.55
C PHE C 426 51.59 19.76 4.08
N VAL C 427 50.56 19.68 3.26
CA VAL C 427 50.61 20.04 1.87
C VAL C 427 49.56 21.10 1.58
N ARG C 428 49.94 22.18 0.89
CA ARG C 428 49.00 23.25 0.62
C ARG C 428 48.05 22.88 -0.51
N PRO C 429 46.85 23.48 -0.50
CA PRO C 429 45.95 23.33 -1.60
C PRO C 429 46.66 23.79 -2.82
N THR C 430 46.62 22.96 -3.84
CA THR C 430 47.35 23.16 -5.04
C THR C 430 46.45 23.09 -6.29
N VAL C 431 46.58 24.09 -7.15
CA VAL C 431 45.85 24.07 -8.45
C VAL C 431 46.88 24.00 -9.56
N LEU C 432 46.78 22.96 -10.37
CA LEU C 432 47.61 22.74 -11.52
C LEU C 432 46.84 23.09 -12.83
N LEU C 433 47.46 23.85 -13.72
CA LEU C 433 46.89 24.18 -15.04
C LEU C 433 47.53 23.32 -16.10
N SER C 434 46.69 22.53 -16.76
CA SER C 434 47.11 21.60 -17.78
C SER C 434 46.64 22.06 -19.16
N ASP C 435 47.60 22.25 -20.06
CA ASP C 435 47.37 22.75 -21.43
C ASP C 435 46.51 21.82 -22.25
N ASP C 436 46.67 20.52 -22.00
CA ASP C 436 45.90 19.49 -22.64
C ASP C 436 45.12 18.70 -21.59
N PRO C 437 43.97 18.09 -21.98
CA PRO C 437 43.16 17.38 -21.01
C PRO C 437 44.00 16.50 -20.12
N THR C 438 43.72 16.60 -18.81
CA THR C 438 44.64 16.09 -17.79
C THR C 438 44.58 14.55 -17.74
N ASP C 439 45.75 13.91 -17.85
CA ASP C 439 45.79 12.48 -18.00
C ASP C 439 45.66 11.87 -16.62
N GLU C 440 44.70 10.95 -16.53
CA GLU C 440 44.21 10.40 -15.26
C GLU C 440 45.25 9.59 -14.48
N SER C 441 46.21 9.00 -15.17
CA SER C 441 47.15 8.10 -14.52
C SER C 441 48.07 8.88 -13.57
N PHE C 442 48.26 10.16 -13.82
CA PHE C 442 49.03 10.96 -12.91
C PHE C 442 48.26 11.27 -11.61
N VAL C 443 46.94 11.45 -11.71
CA VAL C 443 46.20 11.92 -10.53
C VAL C 443 45.89 10.83 -9.53
N ILE C 444 46.16 9.58 -9.87
CA ILE C 444 45.78 8.49 -8.96
C ILE C 444 46.90 8.05 -8.03
N GLU C 445 48.09 8.61 -8.15
CA GLU C 445 49.27 8.05 -7.47
C GLU C 445 49.40 8.63 -6.04
N TYR C 446 48.41 9.42 -5.63
CA TYR C 446 48.39 10.10 -4.34
C TYR C 446 46.94 10.42 -3.91
N PHE C 447 46.77 10.72 -2.62
CA PHE C 447 45.55 11.37 -2.12
C PHE C 447 45.97 12.58 -1.39
N GLY C 448 45.49 13.73 -1.83
CA GLY C 448 46.00 14.98 -1.32
C GLY C 448 45.31 16.12 -1.99
N PRO C 449 45.62 17.33 -1.54
CA PRO C 449 44.89 18.49 -2.01
C PRO C 449 45.39 19.03 -3.33
N LEU C 450 45.37 18.25 -4.39
CA LEU C 450 45.88 18.68 -5.67
C LEU C 450 44.77 18.61 -6.75
N LEU C 451 44.46 19.76 -7.33
CA LEU C 451 43.41 19.86 -8.32
C LEU C 451 44.02 20.25 -9.65
N SER C 452 43.77 19.48 -10.71
CA SER C 452 44.20 19.91 -12.07
C SER C 452 42.99 20.46 -12.84
N VAL C 453 43.20 21.59 -13.45
CA VAL C 453 42.19 22.26 -14.23
C VAL C 453 42.67 22.29 -15.66
N HIS C 454 41.78 21.85 -16.56
CA HIS C 454 41.93 22.08 -17.98
C HIS C 454 40.83 23.04 -18.50
N VAL C 455 41.24 24.09 -19.19
CA VAL C 455 40.33 25.05 -19.78
C VAL C 455 40.19 24.70 -21.26
N TYR C 456 38.92 24.52 -21.69
CA TYR C 456 38.59 24.15 -23.04
C TYR C 456 37.70 25.24 -23.68
N PRO C 457 37.75 25.33 -25.04
CA PRO C 457 36.94 26.33 -25.75
C PRO C 457 35.46 25.99 -25.61
N ASP C 458 34.63 26.97 -25.27
CA ASP C 458 33.21 26.71 -25.00
C ASP C 458 32.58 25.78 -25.99
N GLU C 459 32.78 26.05 -27.28
CA GLU C 459 32.18 25.26 -28.37
C GLU C 459 32.63 23.77 -28.43
N ARG C 460 33.60 23.38 -27.63
CA ARG C 460 34.10 21.98 -27.61
C ARG C 460 33.59 21.07 -26.45
N TYR C 461 32.46 21.45 -25.90
CA TYR C 461 31.83 20.71 -24.79
C TYR C 461 31.70 19.24 -25.11
N GLU C 462 31.17 18.90 -26.27
CA GLU C 462 30.86 17.47 -26.55
C GLU C 462 32.19 16.73 -26.79
N GLN C 463 33.13 17.38 -27.44
CA GLN C 463 34.49 16.83 -27.57
C GLN C 463 35.16 16.58 -26.21
N ILE C 464 35.03 17.53 -25.30
CA ILE C 464 35.59 17.38 -23.99
C ILE C 464 34.91 16.22 -23.25
N LEU C 465 33.59 16.12 -23.34
CA LEU C 465 32.94 14.93 -22.75
C LEU C 465 33.47 13.62 -23.30
N ASP C 466 33.66 13.52 -24.61
CA ASP C 466 34.29 12.33 -25.18
C ASP C 466 35.67 12.01 -24.61
N VAL C 467 36.47 13.04 -24.43
CA VAL C 467 37.79 12.94 -23.84
C VAL C 467 37.68 12.35 -22.42
N ILE C 468 36.73 12.85 -21.64
CA ILE C 468 36.54 12.38 -20.25
C ILE C 468 36.13 10.96 -20.22
N ASP C 469 35.18 10.59 -21.06
CA ASP C 469 34.75 9.21 -21.23
C ASP C 469 35.92 8.30 -21.61
N THR C 470 36.76 8.75 -22.54
CA THR C 470 37.81 7.87 -23.06
C THR C 470 38.90 7.64 -22.02
N GLY C 471 39.30 8.69 -21.33
CA GLY C 471 40.41 8.62 -20.39
C GLY C 471 40.00 8.57 -18.93
N SER C 472 38.88 7.93 -18.61
CA SER C 472 38.49 7.87 -17.22
C SER C 472 37.94 6.51 -16.73
N ARG C 473 38.74 5.92 -15.85
CA ARG C 473 38.70 4.54 -15.42
C ARG C 473 38.68 4.47 -13.91
N TYR C 474 39.05 5.55 -13.24
CA TYR C 474 39.08 5.52 -11.78
C TYR C 474 38.19 6.56 -11.09
N ALA C 475 37.21 7.09 -11.80
CA ALA C 475 36.30 8.05 -11.13
C ALA C 475 35.22 7.27 -10.44
N LEU C 476 35.07 7.53 -9.13
CA LEU C 476 33.94 7.02 -8.39
C LEU C 476 32.77 7.92 -8.73
N THR C 477 33.06 9.20 -8.88
CA THR C 477 32.00 10.19 -9.05
C THR C 477 32.44 11.27 -10.04
N GLY C 478 31.45 11.84 -10.72
CA GLY C 478 31.62 12.92 -11.68
C GLY C 478 30.50 13.91 -11.51
N ALA C 479 30.73 15.14 -11.97
CA ALA C 479 29.76 16.16 -11.91
C ALA C 479 29.74 17.01 -13.13
N VAL C 480 28.56 17.52 -13.44
CA VAL C 480 28.39 18.57 -14.48
C VAL C 480 27.87 19.80 -13.80
N ILE C 481 28.47 20.94 -14.08
CA ILE C 481 27.98 22.22 -13.62
C ILE C 481 27.46 22.93 -14.84
N ALA C 482 26.14 23.08 -14.88
CA ALA C 482 25.47 23.69 -16.03
C ALA C 482 24.02 24.07 -15.72
N ASP C 483 23.59 25.21 -16.22
CA ASP C 483 22.22 25.63 -16.04
C ASP C 483 21.40 25.14 -17.18
N ASP C 484 22.03 25.05 -18.35
CA ASP C 484 21.35 24.65 -19.58
C ASP C 484 20.95 23.17 -19.49
N ARG C 485 19.66 22.86 -19.70
CA ARG C 485 19.21 21.47 -19.55
C ARG C 485 19.72 20.48 -20.57
N GLN C 486 19.86 20.90 -21.82
CA GLN C 486 20.41 20.00 -22.83
C GLN C 486 21.85 19.68 -22.45
N ALA C 487 22.59 20.67 -21.98
CA ALA C 487 23.98 20.45 -21.57
C ALA C 487 24.03 19.41 -20.45
N VAL C 488 23.12 19.54 -19.49
CA VAL C 488 23.03 18.55 -18.39
C VAL C 488 22.73 17.18 -18.91
N LEU C 489 21.76 17.09 -19.81
CA LEU C 489 21.31 15.78 -20.24
C LEU C 489 22.36 15.07 -21.10
N THR C 490 22.98 15.81 -22.02
CA THR C 490 24.08 15.30 -22.80
C THR C 490 25.18 14.74 -21.88
N ALA C 491 25.48 15.45 -20.79
CA ALA C 491 26.43 14.93 -19.79
C ALA C 491 25.92 13.69 -19.12
N LEU C 492 24.65 13.65 -18.78
CA LEU C 492 24.14 12.41 -18.17
C LEU C 492 24.20 11.21 -19.10
N ASP C 493 23.96 11.42 -20.39
CA ASP C 493 24.04 10.30 -21.35
C ASP C 493 25.47 9.92 -21.67
N ARG C 494 26.24 10.90 -22.12
CA ARG C 494 27.58 10.65 -22.59
C ARG C 494 28.58 10.14 -21.52
N LEU C 495 28.47 10.65 -20.31
CA LEU C 495 29.32 10.20 -19.21
C LEU C 495 28.61 9.14 -18.36
N ARG C 496 27.53 8.56 -18.89
CA ARG C 496 26.81 7.54 -18.17
C ARG C 496 27.71 6.40 -17.62
N PHE C 497 28.72 5.97 -18.35
CA PHE C 497 29.53 4.86 -17.89
C PHE C 497 30.88 5.27 -17.34
N ALA C 498 31.16 6.57 -17.32
CA ALA C 498 32.44 7.11 -16.85
C ALA C 498 32.61 7.35 -15.35
N ALA C 499 31.53 7.24 -14.61
CA ALA C 499 31.62 7.26 -13.16
C ALA C 499 30.45 6.57 -12.59
N GLY C 500 30.56 6.20 -11.33
CA GLY C 500 29.49 5.50 -10.62
C GLY C 500 28.41 6.38 -10.04
N ASN C 501 28.74 7.54 -9.52
CA ASN C 501 27.71 8.40 -9.01
C ASN C 501 27.93 9.75 -9.65
N PHE C 502 26.87 10.30 -10.23
CA PHE C 502 26.98 11.52 -11.00
C PHE C 502 26.17 12.67 -10.37
N TYR C 503 26.69 13.88 -10.44
CA TYR C 503 26.16 14.99 -9.73
C TYR C 503 25.88 16.12 -10.72
N VAL C 504 24.71 16.77 -10.58
CA VAL C 504 24.39 17.97 -11.35
C VAL C 504 24.41 19.22 -10.48
N ASN C 505 25.23 20.21 -10.81
CA ASN C 505 25.23 21.47 -10.06
C ASN C 505 25.57 21.39 -8.56
N ASP C 506 26.47 20.46 -8.27
CA ASP C 506 27.07 20.39 -6.95
C ASP C 506 28.42 19.66 -6.99
N LYS C 507 29.13 19.69 -5.89
CA LYS C 507 30.37 18.91 -5.72
C LYS C 507 30.03 17.45 -5.68
N PRO C 508 30.81 16.66 -6.40
CA PRO C 508 30.67 15.23 -6.33
C PRO C 508 31.46 14.75 -5.11
N THR C 509 30.88 13.88 -4.35
CA THR C 509 31.42 13.60 -3.03
C THR C 509 30.70 12.42 -2.37
N GLY C 510 31.02 12.23 -1.10
CA GLY C 510 30.44 11.17 -0.28
C GLY C 510 28.93 11.24 -0.24
N ALA C 511 28.36 10.12 -0.68
CA ALA C 511 26.99 9.76 -0.38
C ALA C 511 26.62 10.04 1.10
N VAL C 512 25.42 10.55 1.27
CA VAL C 512 24.67 10.43 2.52
C VAL C 512 23.86 9.11 2.49
N VAL C 513 23.78 8.42 3.61
CA VAL C 513 23.15 7.07 3.64
C VAL C 513 21.68 7.13 3.29
N GLY C 514 21.24 6.24 2.38
CA GLY C 514 19.86 6.18 1.93
C GLY C 514 19.64 7.06 0.73
N ARG C 515 20.57 7.94 0.43
CA ARG C 515 20.33 8.95 -0.60
C ARG C 515 21.10 8.73 -1.86
N GLN C 516 22.39 8.39 -1.74
CA GLN C 516 23.21 8.17 -2.91
C GLN C 516 23.95 6.82 -2.83
N PRO C 517 23.16 5.70 -2.74
CA PRO C 517 23.76 4.36 -2.67
C PRO C 517 24.53 3.97 -3.97
N PHE C 518 25.17 2.80 -3.95
CA PHE C 518 25.78 2.22 -5.14
C PHE C 518 26.88 3.12 -5.73
N GLY C 519 27.14 3.02 -7.02
CA GLY C 519 28.36 3.62 -7.53
C GLY C 519 29.53 2.65 -7.70
N GLY C 520 30.74 3.15 -7.49
CA GLY C 520 32.01 2.45 -7.85
C GLY C 520 32.61 2.96 -9.17
N ALA C 521 33.90 2.76 -9.37
CA ALA C 521 34.52 3.19 -10.62
C ALA C 521 34.10 2.32 -11.77
N ARG C 522 34.40 2.78 -12.97
CA ARG C 522 34.02 2.14 -14.22
C ARG C 522 34.41 0.65 -14.16
N GLY C 523 33.42 -0.20 -14.43
CA GLY C 523 33.60 -1.61 -14.56
C GLY C 523 33.72 -2.35 -13.24
N SER C 524 33.74 -1.63 -12.11
CA SER C 524 33.72 -2.28 -10.77
C SER C 524 32.44 -3.07 -10.54
N ASP C 525 32.53 -3.94 -9.54
CA ASP C 525 31.50 -4.84 -9.17
C ASP C 525 31.36 -4.75 -7.68
N THR C 526 30.86 -3.61 -7.20
CA THR C 526 30.77 -3.36 -5.78
C THR C 526 29.42 -2.80 -5.35
N ASN C 527 28.34 -3.07 -6.08
CA ASN C 527 27.04 -2.59 -5.63
C ASN C 527 26.54 -3.26 -4.34
N ASP C 528 27.26 -4.27 -3.84
CA ASP C 528 26.93 -4.94 -2.59
C ASP C 528 27.65 -4.31 -1.42
N LYS C 529 28.25 -3.18 -1.66
CA LYS C 529 28.93 -2.47 -0.58
C LYS C 529 27.97 -1.76 0.36
N ALA C 530 28.53 -1.19 1.43
CA ALA C 530 27.74 -0.53 2.45
C ALA C 530 26.81 0.51 1.87
N GLY C 531 25.61 0.65 2.42
CA GLY C 531 24.72 1.70 2.01
C GLY C 531 23.37 1.24 1.45
N SER C 532 23.21 -0.05 1.24
CA SER C 532 21.90 -0.59 0.85
C SER C 532 21.74 -1.95 1.50
N PRO C 533 20.56 -2.53 1.34
CA PRO C 533 20.32 -3.88 1.83
C PRO C 533 21.18 -4.94 1.19
N LEU C 534 21.69 -4.73 0.00
CA LEU C 534 22.54 -5.72 -0.60
C LEU C 534 23.77 -6.08 0.25
N ASN C 535 24.27 -5.13 1.01
CA ASN C 535 25.42 -5.42 1.82
C ASN C 535 25.00 -6.41 2.88
N LEU C 536 23.80 -6.22 3.40
CA LEU C 536 23.37 -7.04 4.56
C LEU C 536 23.10 -8.47 4.18
N LEU C 537 22.55 -8.64 2.99
CA LEU C 537 22.40 -9.96 2.40
C LEU C 537 23.70 -10.75 2.24
N ARG C 538 24.82 -10.09 1.91
CA ARG C 538 26.11 -10.81 1.84
C ARG C 538 26.43 -11.56 3.11
N TRP C 539 25.95 -11.05 4.26
CA TRP C 539 26.18 -11.66 5.55
C TRP C 539 25.08 -12.61 5.94
N THR C 540 24.19 -12.96 5.02
CA THR C 540 23.24 -14.07 5.23
C THR C 540 23.29 -15.16 4.17
N SER C 541 22.77 -16.32 4.55
CA SER C 541 22.61 -17.41 3.60
C SER C 541 21.13 -17.84 3.59
N ALA C 542 20.38 -17.40 2.60
CA ALA C 542 18.96 -17.73 2.55
C ALA C 542 18.70 -19.14 2.17
N ARG C 543 17.79 -19.79 2.92
CA ARG C 543 17.16 -21.06 2.47
C ARG C 543 15.64 -20.93 2.47
N SER C 544 15.01 -21.63 1.52
CA SER C 544 13.57 -21.70 1.40
C SER C 544 13.18 -22.99 2.10
N ILE C 545 12.09 -22.94 2.86
CA ILE C 545 11.49 -24.09 3.48
C ILE C 545 10.11 -24.25 2.85
N LYS C 546 9.79 -25.45 2.43
CA LYS C 546 8.50 -25.75 1.91
C LYS C 546 7.86 -26.87 2.72
N GLU C 547 6.62 -26.70 3.14
CA GLU C 547 5.88 -27.76 3.77
C GLU C 547 4.67 -28.02 2.89
N THR C 548 4.50 -29.28 2.48
CA THR C 548 3.35 -29.75 1.72
C THR C 548 2.40 -30.49 2.70
N PHE C 549 1.13 -30.13 2.65
CA PHE C 549 0.15 -30.59 3.63
C PHE C 549 -0.40 -32.00 3.35
N VAL C 550 -0.66 -32.26 2.08
CA VAL C 550 -1.20 -33.52 1.64
C VAL C 550 -0.40 -33.99 0.42
N ALA C 551 0.82 -34.46 0.65
CA ALA C 551 1.69 -34.82 -0.47
C ALA C 551 1.21 -36.07 -1.20
N ALA C 552 1.72 -36.31 -2.39
CA ALA C 552 1.38 -37.55 -3.14
C ALA C 552 1.77 -38.83 -2.38
N THR C 553 0.94 -39.84 -2.58
CA THR C 553 1.04 -41.14 -2.00
C THR C 553 1.19 -42.17 -3.14
N ASP C 554 1.19 -41.75 -4.39
CA ASP C 554 1.51 -42.65 -5.47
C ASP C 554 2.49 -41.95 -6.41
N HIS C 555 3.47 -42.69 -6.95
CA HIS C 555 4.54 -42.08 -7.74
C HIS C 555 4.21 -41.96 -9.22
N ILE C 556 3.17 -42.61 -9.65
CA ILE C 556 2.82 -42.68 -11.05
C ILE C 556 2.24 -41.37 -11.55
N TYR C 557 2.51 -41.06 -12.81
CA TYR C 557 2.17 -39.77 -13.37
C TYR C 557 1.07 -39.98 -14.40
N PRO C 558 0.20 -39.01 -14.58
CA PRO C 558 -0.88 -39.11 -15.57
C PRO C 558 -0.50 -39.55 -16.98
N HIS C 559 0.70 -39.18 -17.46
CA HIS C 559 1.08 -39.51 -18.86
C HIS C 559 1.34 -41.02 -19.10
N MET C 560 1.50 -41.73 -18.00
CA MET C 560 1.88 -43.13 -18.03
C MET C 560 0.69 -44.09 -18.19
N ALA C 561 -0.54 -43.58 -18.18
CA ALA C 561 -1.73 -44.43 -18.31
C ALA C 561 -1.76 -44.88 -19.76
N VAL C 562 -2.50 -45.94 -20.02
CA VAL C 562 -2.46 -46.56 -21.34
C VAL C 562 -3.32 -45.83 -22.41
N ASP C 563 -2.68 -45.64 -23.59
CA ASP C 563 -3.27 -45.33 -24.94
C ASP C 563 -2.27 -44.46 -25.78
N HIS D 20 8.91 6.62 -28.48
CA HIS D 20 8.84 7.93 -27.67
C HIS D 20 7.59 7.92 -26.77
N MET D 21 7.76 8.31 -25.50
CA MET D 21 6.85 7.92 -24.41
C MET D 21 6.90 8.78 -23.16
N ASP D 22 5.76 9.32 -22.74
CA ASP D 22 5.64 9.96 -21.41
C ASP D 22 4.76 9.11 -20.51
N ALA D 23 5.40 8.33 -19.65
CA ALA D 23 4.71 7.27 -18.93
C ALA D 23 5.55 6.71 -17.80
N ILE D 24 4.89 6.16 -16.78
CA ILE D 24 5.54 5.27 -15.85
C ILE D 24 4.81 3.98 -16.02
N THR D 25 5.38 3.06 -16.78
CA THR D 25 4.63 1.86 -17.19
C THR D 25 4.79 0.73 -16.20
N GLN D 26 3.88 -0.23 -16.26
CA GLN D 26 3.87 -1.42 -15.43
C GLN D 26 4.06 -2.60 -16.39
N VAL D 27 4.71 -3.67 -15.95
CA VAL D 27 4.74 -4.86 -16.77
C VAL D 27 3.58 -5.74 -16.36
N PRO D 28 3.18 -6.68 -17.24
CA PRO D 28 2.21 -7.69 -16.88
C PRO D 28 2.58 -8.50 -15.62
N VAL D 29 1.56 -8.97 -14.92
CA VAL D 29 1.78 -9.61 -13.63
C VAL D 29 1.98 -11.08 -13.90
N PRO D 30 3.09 -11.66 -13.45
CA PRO D 30 3.35 -13.06 -13.73
C PRO D 30 2.62 -14.03 -12.82
N ALA D 31 2.27 -15.17 -13.37
CA ALA D 31 1.82 -16.31 -12.57
C ALA D 31 2.47 -17.58 -13.11
N ASN D 32 2.67 -18.59 -12.27
CA ASN D 32 3.24 -19.82 -12.73
C ASN D 32 2.47 -20.46 -13.94
N GLU D 33 3.19 -20.84 -14.98
CA GLU D 33 2.54 -21.53 -16.07
C GLU D 33 2.02 -22.91 -15.63
N PRO D 34 0.76 -23.27 -15.98
CA PRO D 34 0.25 -24.58 -15.58
C PRO D 34 0.95 -25.71 -16.34
N VAL D 35 1.09 -26.82 -15.68
CA VAL D 35 1.66 -28.04 -16.23
C VAL D 35 0.57 -28.86 -16.91
N HIS D 36 0.71 -29.11 -18.20
CA HIS D 36 -0.12 -30.04 -18.90
C HIS D 36 0.23 -31.51 -18.57
N ASP D 37 -0.78 -32.37 -18.52
CA ASP D 37 -0.63 -33.73 -18.04
C ASP D 37 -0.29 -34.70 -19.16
N TYR D 38 -0.71 -34.40 -20.38
CA TYR D 38 -0.52 -35.29 -21.50
C TYR D 38 -1.17 -36.65 -21.23
N ALA D 39 -2.36 -36.62 -20.60
CA ALA D 39 -3.18 -37.82 -20.44
C ALA D 39 -3.56 -38.44 -21.79
N PRO D 40 -3.87 -39.74 -21.79
CA PRO D 40 -4.38 -40.37 -23.03
C PRO D 40 -5.59 -39.59 -23.61
N LYS D 41 -5.70 -39.49 -24.93
CA LYS D 41 -6.79 -38.66 -25.56
C LYS D 41 -6.75 -37.14 -25.37
N SER D 42 -5.76 -36.62 -24.64
CA SER D 42 -5.63 -35.18 -24.45
C SER D 42 -5.15 -34.61 -25.79
N PRO D 43 -5.52 -33.37 -26.14
CA PRO D 43 -5.03 -32.84 -27.42
C PRO D 43 -3.52 -32.56 -27.42
N GLU D 44 -2.95 -32.13 -26.28
CA GLU D 44 -1.52 -31.91 -26.16
C GLU D 44 -0.67 -33.17 -26.48
N ARG D 45 -1.17 -34.33 -26.07
CA ARG D 45 -0.47 -35.60 -26.34
C ARG D 45 -0.33 -35.88 -27.82
N THR D 46 -1.44 -35.70 -28.53
CA THR D 46 -1.45 -35.82 -30.00
C THR D 46 -0.47 -34.82 -30.64
N ARG D 47 -0.52 -33.53 -30.21
CA ARG D 47 0.46 -32.55 -30.70
C ARG D 47 1.90 -32.96 -30.36
N LEU D 48 2.07 -33.55 -29.19
CA LEU D 48 3.42 -34.07 -28.82
C LEU D 48 3.93 -35.14 -29.78
N ARG D 49 3.06 -36.09 -30.14
CA ARG D 49 3.46 -37.20 -31.03
C ARG D 49 3.87 -36.67 -32.42
N THR D 50 3.15 -35.69 -32.89
CA THR D 50 3.54 -35.08 -34.14
C THR D 50 4.97 -34.51 -34.02
N GLU D 51 5.20 -33.70 -32.98
CA GLU D 51 6.51 -33.06 -32.85
C GLU D 51 7.66 -34.05 -32.59
N LEU D 52 7.40 -35.09 -31.79
CA LEU D 52 8.37 -36.16 -31.57
C LEU D 52 8.85 -36.77 -32.91
N ALA D 53 7.88 -37.24 -33.70
CA ALA D 53 8.15 -37.88 -34.99
C ALA D 53 8.91 -36.95 -35.90
N SER D 54 8.53 -35.70 -35.90
CA SER D 54 9.09 -34.76 -36.80
C SER D 54 10.56 -34.45 -36.47
N LEU D 55 10.92 -34.46 -35.19
CA LEU D 55 12.28 -34.18 -34.83
C LEU D 55 13.13 -35.43 -34.97
N ALA D 56 12.58 -36.55 -34.58
CA ALA D 56 13.29 -37.80 -34.65
C ALA D 56 13.52 -38.29 -36.08
N ASP D 57 12.56 -38.03 -36.97
CA ASP D 57 12.66 -38.51 -38.33
C ASP D 57 13.42 -37.56 -39.19
N HIS D 58 13.52 -36.30 -38.84
CA HIS D 58 14.21 -35.32 -39.68
C HIS D 58 15.40 -34.65 -38.98
N PRO D 59 16.50 -35.37 -38.78
CA PRO D 59 17.67 -34.79 -38.10
C PRO D 59 18.30 -33.69 -38.90
N ILE D 60 18.93 -32.74 -38.21
CA ILE D 60 19.33 -31.47 -38.80
C ILE D 60 20.77 -31.08 -38.47
N ASP D 61 21.27 -30.08 -39.18
CA ASP D 61 22.48 -29.43 -38.77
C ASP D 61 22.19 -28.58 -37.53
N LEU D 62 23.14 -28.54 -36.62
CA LEU D 62 23.02 -27.73 -35.42
C LEU D 62 24.11 -26.70 -35.48
N PRO D 63 23.84 -25.57 -36.10
CA PRO D 63 24.84 -24.59 -36.35
C PRO D 63 25.16 -23.62 -35.25
N HIS D 64 26.27 -22.86 -35.39
CA HIS D 64 26.47 -21.71 -34.51
C HIS D 64 25.47 -20.68 -34.96
N VAL D 65 25.16 -19.71 -34.09
CA VAL D 65 24.28 -18.58 -34.39
C VAL D 65 24.98 -17.31 -33.92
N ILE D 66 25.57 -16.61 -34.90
CA ILE D 66 26.48 -15.54 -34.66
C ILE D 66 26.02 -14.32 -35.41
N GLY D 67 25.71 -13.25 -34.70
CA GLY D 67 25.21 -12.05 -35.32
C GLY D 67 23.97 -12.38 -36.15
N GLY D 68 23.20 -13.37 -35.74
CA GLY D 68 22.01 -13.68 -36.53
C GLY D 68 22.25 -14.69 -37.64
N ARG D 69 23.50 -14.95 -37.94
CA ARG D 69 23.84 -15.86 -39.03
C ARG D 69 23.94 -17.24 -38.48
N HIS D 70 23.22 -18.17 -39.10
CA HIS D 70 23.29 -19.59 -38.76
C HIS D 70 24.32 -20.28 -39.65
N ARG D 71 25.40 -20.74 -39.07
CA ARG D 71 26.52 -21.29 -39.84
C ARG D 71 27.19 -22.44 -39.13
N MET D 72 27.30 -23.54 -39.85
CA MET D 72 28.21 -24.58 -39.51
C MET D 72 29.63 -24.01 -39.62
N GLY D 73 30.49 -24.28 -38.64
CA GLY D 73 31.89 -23.91 -38.75
C GLY D 73 32.78 -25.04 -39.27
N ASP D 74 34.09 -24.83 -39.19
CA ASP D 74 35.11 -25.77 -39.66
C ASP D 74 35.63 -26.73 -38.62
N GLY D 75 35.17 -26.62 -37.37
CA GLY D 75 35.52 -27.56 -36.33
C GLY D 75 34.95 -28.94 -36.51
N GLU D 76 35.38 -29.82 -35.61
CA GLU D 76 34.99 -31.22 -35.68
C GLU D 76 33.48 -31.35 -35.58
N ARG D 77 32.96 -32.27 -36.38
CA ARG D 77 31.56 -32.61 -36.39
C ARG D 77 31.21 -33.60 -35.28
N ILE D 78 30.15 -33.34 -34.53
CA ILE D 78 29.77 -34.19 -33.41
C ILE D 78 28.29 -34.40 -33.48
N ASP D 79 27.90 -35.64 -33.40
CA ASP D 79 26.50 -35.99 -33.47
C ASP D 79 25.89 -35.83 -32.11
N VAL D 80 24.63 -35.41 -32.15
CA VAL D 80 23.76 -35.37 -30.98
C VAL D 80 22.70 -36.41 -31.25
N VAL D 81 22.51 -37.33 -30.31
CA VAL D 81 21.71 -38.52 -30.51
C VAL D 81 20.69 -38.68 -29.38
N GLN D 82 19.76 -39.61 -29.55
CA GLN D 82 18.81 -39.97 -28.48
C GLN D 82 19.50 -40.86 -27.46
N PRO D 83 19.64 -40.42 -26.19
CA PRO D 83 20.40 -41.26 -25.27
C PRO D 83 19.78 -42.59 -24.98
N HIS D 84 18.47 -42.65 -25.11
CA HIS D 84 17.74 -43.90 -24.89
C HIS D 84 17.66 -44.74 -26.19
N ARG D 85 18.26 -44.23 -27.27
CA ARG D 85 18.37 -44.91 -28.55
C ARG D 85 19.47 -44.25 -29.36
N HIS D 86 20.69 -44.50 -28.94
CA HIS D 86 21.83 -43.72 -29.39
C HIS D 86 22.32 -43.99 -30.84
N ALA D 87 21.76 -44.97 -31.50
CA ALA D 87 21.98 -45.16 -32.91
C ALA D 87 21.19 -44.12 -33.69
N ALA D 88 20.23 -43.46 -33.03
CA ALA D 88 19.37 -42.50 -33.74
C ALA D 88 19.86 -41.09 -33.54
N ARG D 89 20.34 -40.50 -34.64
CA ARG D 89 20.85 -39.15 -34.72
C ARG D 89 19.70 -38.10 -34.65
N LEU D 90 19.93 -36.99 -33.91
CA LEU D 90 19.01 -35.85 -33.89
C LEU D 90 19.54 -34.71 -34.72
N GLY D 91 20.86 -34.56 -34.71
CA GLY D 91 21.52 -33.58 -35.54
C GLY D 91 23.01 -33.72 -35.35
N THR D 92 23.73 -32.79 -35.93
CA THR D 92 25.20 -32.78 -35.90
C THR D 92 25.61 -31.31 -35.78
N LEU D 93 26.54 -31.06 -34.89
CA LEU D 93 27.02 -29.72 -34.69
C LEU D 93 28.47 -29.70 -35.10
N THR D 94 29.03 -28.49 -35.21
CA THR D 94 30.45 -28.33 -35.32
C THR D 94 31.05 -27.71 -34.05
N ASN D 95 32.22 -28.25 -33.65
CA ASN D 95 32.89 -27.82 -32.46
C ASN D 95 33.46 -26.43 -32.72
N ALA D 96 33.05 -25.49 -31.90
CA ALA D 96 33.45 -24.13 -32.15
C ALA D 96 34.97 -24.02 -32.13
N THR D 97 35.51 -23.25 -33.06
CA THR D 97 36.97 -23.01 -33.10
C THR D 97 37.28 -21.66 -32.46
N HIS D 98 38.55 -21.31 -32.27
CA HIS D 98 38.89 -19.99 -31.74
C HIS D 98 38.28 -18.93 -32.63
N ALA D 99 38.25 -19.15 -33.94
CA ALA D 99 37.76 -18.10 -34.87
C ALA D 99 36.25 -17.90 -34.68
N ASP D 100 35.50 -19.00 -34.63
CA ASP D 100 34.06 -19.00 -34.27
C ASP D 100 33.74 -18.21 -32.94
N ALA D 101 34.42 -18.55 -31.87
CA ALA D 101 34.31 -17.82 -30.60
C ALA D 101 34.64 -16.37 -30.74
N ALA D 102 35.74 -16.01 -31.41
CA ALA D 102 36.10 -14.60 -31.61
C ALA D 102 35.01 -13.84 -32.38
N ALA D 103 34.38 -14.53 -33.31
CA ALA D 103 33.36 -13.86 -34.13
C ALA D 103 32.11 -13.65 -33.29
N ALA D 104 31.77 -14.62 -32.43
CA ALA D 104 30.64 -14.50 -31.50
C ALA D 104 30.79 -13.25 -30.59
N VAL D 105 31.97 -13.09 -30.03
CA VAL D 105 32.29 -11.96 -29.17
C VAL D 105 32.13 -10.66 -29.93
N GLU D 106 32.61 -10.60 -31.17
CA GLU D 106 32.54 -9.34 -31.92
C GLU D 106 31.11 -9.10 -32.29
N ALA D 107 30.37 -10.14 -32.61
CA ALA D 107 28.95 -9.98 -32.88
C ALA D 107 28.20 -9.43 -31.61
N ALA D 108 28.60 -9.90 -30.42
CA ALA D 108 27.99 -9.44 -29.20
C ALA D 108 28.28 -7.96 -28.96
N MET D 109 29.54 -7.61 -29.14
CA MET D 109 29.96 -6.22 -28.92
C MET D 109 29.35 -5.34 -29.98
N SER D 110 29.11 -5.87 -31.15
CA SER D 110 28.60 -5.04 -32.22
C SER D 110 27.08 -4.74 -32.02
N ALA D 111 26.37 -5.68 -31.42
CA ALA D 111 24.95 -5.55 -31.22
C ALA D 111 24.66 -4.76 -29.96
N LYS D 112 25.66 -4.46 -29.11
CA LYS D 112 25.41 -3.94 -27.75
C LYS D 112 24.71 -2.56 -27.72
N SER D 113 25.17 -1.69 -28.55
CA SER D 113 24.77 -0.32 -28.52
C SER D 113 23.30 -0.14 -28.87
N ASP D 114 22.81 -0.85 -29.90
CA ASP D 114 21.42 -0.76 -30.25
C ASP D 114 20.50 -1.55 -29.26
N TRP D 115 21.06 -2.55 -28.56
CA TRP D 115 20.24 -3.33 -27.62
C TRP D 115 20.11 -2.53 -26.33
N ALA D 116 21.19 -1.97 -25.85
CA ALA D 116 21.16 -1.24 -24.63
C ALA D 116 20.36 0.06 -24.80
N ALA D 117 20.32 0.60 -26.00
CA ALA D 117 19.53 1.78 -26.25
C ALA D 117 18.01 1.53 -26.45
N LEU D 118 17.57 0.32 -26.71
CA LEU D 118 16.16 0.03 -26.59
C LEU D 118 15.69 0.26 -25.17
N PRO D 119 14.53 0.91 -25.00
CA PRO D 119 13.97 1.09 -23.65
C PRO D 119 13.67 -0.24 -23.05
N PHE D 120 13.71 -0.30 -21.72
CA PHE D 120 13.49 -1.55 -21.03
C PHE D 120 12.24 -2.33 -21.46
N ASP D 121 11.17 -1.61 -21.70
CA ASP D 121 9.89 -2.25 -22.05
C ASP D 121 10.00 -2.96 -23.36
N GLU D 122 10.77 -2.41 -24.29
CA GLU D 122 10.94 -3.06 -25.58
C GLU D 122 11.80 -4.32 -25.44
N ARG D 123 12.83 -4.26 -24.60
CA ARG D 123 13.61 -5.48 -24.34
C ARG D 123 12.81 -6.52 -23.65
N ALA D 124 12.04 -6.09 -22.68
CA ALA D 124 11.20 -7.01 -21.96
C ALA D 124 10.11 -7.63 -22.84
N ALA D 125 9.57 -6.85 -23.79
CA ALA D 125 8.57 -7.41 -24.69
C ALA D 125 9.06 -8.61 -25.43
N VAL D 126 10.33 -8.64 -25.75
CA VAL D 126 10.88 -9.78 -26.51
C VAL D 126 10.68 -11.05 -25.70
N PHE D 127 11.03 -10.98 -24.42
CA PHE D 127 10.98 -12.15 -23.57
C PHE D 127 9.58 -12.57 -23.13
N LEU D 128 8.69 -11.62 -22.96
CA LEU D 128 7.32 -11.93 -22.69
C LEU D 128 6.71 -12.58 -23.91
N ARG D 129 7.07 -12.07 -25.08
CA ARG D 129 6.59 -12.66 -26.33
C ARG D 129 7.12 -14.06 -26.47
N ALA D 130 8.42 -14.23 -26.21
CA ALA D 130 8.97 -15.60 -26.20
C ALA D 130 8.19 -16.51 -25.30
N ALA D 131 7.88 -16.05 -24.10
CA ALA D 131 7.15 -16.89 -23.14
C ALA D 131 5.78 -17.34 -23.67
N ASP D 132 5.05 -16.42 -24.31
CA ASP D 132 3.75 -16.75 -24.88
C ASP D 132 3.84 -17.68 -26.06
N LEU D 133 4.87 -17.48 -26.87
CA LEU D 133 5.16 -18.40 -27.95
C LEU D 133 5.39 -19.82 -27.43
N LEU D 134 6.22 -19.92 -26.39
CA LEU D 134 6.58 -21.17 -25.80
C LEU D 134 5.36 -21.78 -25.10
N ALA D 135 4.49 -20.96 -24.47
CA ALA D 135 3.28 -21.48 -23.81
C ALA D 135 2.26 -22.00 -24.80
N GLY D 136 2.35 -21.56 -26.05
CA GLY D 136 1.36 -21.95 -27.08
C GLY D 136 1.93 -22.70 -28.25
N PRO D 137 2.26 -21.98 -29.34
CA PRO D 137 2.56 -22.70 -30.59
C PRO D 137 3.92 -23.44 -30.60
N TRP D 138 4.89 -23.06 -29.78
CA TRP D 138 6.15 -23.80 -29.71
C TRP D 138 6.23 -24.84 -28.59
N ARG D 139 5.12 -25.06 -27.87
CA ARG D 139 5.16 -25.77 -26.59
C ARG D 139 5.63 -27.21 -26.73
N GLU D 140 4.94 -27.95 -27.58
CA GLU D 140 5.21 -29.36 -27.73
C GLU D 140 6.51 -29.58 -28.52
N LYS D 141 6.86 -28.64 -29.38
CA LYS D 141 8.10 -28.72 -30.08
C LYS D 141 9.31 -28.61 -29.12
N ILE D 142 9.32 -27.60 -28.26
CA ILE D 142 10.42 -27.42 -27.34
C ILE D 142 10.45 -28.58 -26.31
N ALA D 143 9.30 -29.05 -25.89
CA ALA D 143 9.24 -30.16 -24.98
C ALA D 143 9.70 -31.44 -25.65
N ALA D 144 9.32 -31.64 -26.92
CA ALA D 144 9.78 -32.86 -27.64
C ALA D 144 11.28 -32.91 -27.81
N ALA D 145 11.87 -31.77 -28.08
CA ALA D 145 13.29 -31.71 -28.32
C ALA D 145 14.07 -32.00 -27.04
N THR D 146 13.50 -31.55 -25.94
CA THR D 146 14.06 -31.85 -24.63
C THR D 146 13.94 -33.35 -24.31
N MET D 147 12.79 -33.92 -24.63
CA MET D 147 12.58 -35.35 -24.42
C MET D 147 13.61 -36.13 -25.21
N LEU D 148 13.73 -35.79 -26.48
CA LEU D 148 14.51 -36.60 -27.41
C LEU D 148 16.00 -36.48 -27.15
N GLY D 149 16.47 -35.29 -26.90
CA GLY D 149 17.90 -35.10 -26.71
C GLY D 149 18.40 -35.39 -25.31
N GLN D 150 17.61 -35.08 -24.29
CA GLN D 150 18.06 -35.22 -22.92
C GLN D 150 17.50 -36.44 -22.23
N SER D 151 16.75 -37.26 -22.98
CA SER D 151 16.01 -38.42 -22.40
C SER D 151 15.13 -38.08 -21.21
N LYS D 152 14.25 -37.09 -21.42
CA LYS D 152 13.21 -36.77 -20.43
C LYS D 152 11.87 -37.40 -20.77
N SER D 153 11.18 -37.93 -19.75
CA SER D 153 9.73 -38.23 -19.92
C SER D 153 9.01 -36.92 -20.20
N VAL D 154 7.79 -37.02 -20.71
CA VAL D 154 7.09 -35.81 -21.13
C VAL D 154 6.79 -34.93 -19.94
N TYR D 155 6.61 -35.54 -18.78
CA TYR D 155 6.41 -34.78 -17.57
C TYR D 155 7.65 -34.03 -17.15
N GLN D 156 8.80 -34.73 -17.08
CA GLN D 156 10.05 -34.00 -16.83
C GLN D 156 10.33 -32.89 -17.85
N ALA D 157 10.04 -33.09 -19.12
CA ALA D 157 10.26 -32.03 -20.09
C ALA D 157 9.28 -30.84 -19.91
N GLU D 158 8.01 -31.12 -19.57
CA GLU D 158 7.02 -30.10 -19.36
C GLU D 158 7.33 -29.19 -18.17
N ILE D 159 7.87 -29.70 -17.08
CA ILE D 159 8.11 -28.84 -15.95
C ILE D 159 9.39 -28.04 -16.16
N ASP D 160 10.21 -28.46 -17.13
CA ASP D 160 11.50 -27.85 -17.38
C ASP D 160 11.41 -26.93 -18.57
N ALA D 161 11.40 -27.52 -19.78
CA ALA D 161 11.61 -26.81 -21.04
C ALA D 161 10.46 -25.85 -21.33
N VAL D 162 9.29 -26.25 -20.89
CA VAL D 162 8.08 -25.40 -21.02
C VAL D 162 7.90 -24.52 -19.76
N CYS D 163 7.44 -25.11 -18.66
CA CYS D 163 6.96 -24.30 -17.55
C CYS D 163 8.04 -23.48 -16.88
N GLU D 164 9.18 -24.10 -16.60
CA GLU D 164 10.22 -23.36 -15.85
C GLU D 164 10.84 -22.27 -16.72
N LEU D 165 10.91 -22.49 -18.01
CA LEU D 165 11.50 -21.49 -18.93
C LEU D 165 10.60 -20.29 -19.08
N ILE D 166 9.33 -20.57 -19.29
CA ILE D 166 8.29 -19.57 -19.31
C ILE D 166 8.32 -18.79 -18.04
N ASP D 167 8.36 -19.47 -16.88
CA ASP D 167 8.31 -18.75 -15.61
C ASP D 167 9.52 -17.83 -15.42
N PHE D 168 10.69 -18.32 -15.80
CA PHE D 168 11.90 -17.50 -15.71
C PHE D 168 11.72 -16.23 -16.50
N TRP D 169 11.22 -16.33 -17.73
CA TRP D 169 11.02 -15.17 -18.55
C TRP D 169 10.03 -14.18 -17.95
N ARG D 170 8.84 -14.63 -17.62
CA ARG D 170 7.84 -13.73 -17.10
C ARG D 170 8.22 -13.20 -15.74
N PHE D 171 8.79 -14.05 -14.89
CA PHE D 171 9.12 -13.57 -13.56
C PHE D 171 10.29 -12.65 -13.60
N ASN D 172 11.26 -12.94 -14.47
CA ASN D 172 12.41 -12.04 -14.59
C ASN D 172 11.99 -10.66 -15.08
N VAL D 173 11.06 -10.57 -16.02
CA VAL D 173 10.55 -9.28 -16.44
C VAL D 173 10.00 -8.53 -15.25
N ALA D 174 9.18 -9.19 -14.44
CA ALA D 174 8.62 -8.57 -13.22
C ALA D 174 9.71 -8.19 -12.24
N PHE D 175 10.64 -9.12 -11.97
CA PHE D 175 11.75 -8.84 -11.02
C PHE D 175 12.51 -7.62 -11.53
N ALA D 176 12.81 -7.55 -12.83
CA ALA D 176 13.58 -6.38 -13.32
C ALA D 176 12.82 -5.05 -13.15
N ARG D 177 11.54 -5.09 -13.44
CA ARG D 177 10.73 -3.87 -13.29
C ARG D 177 10.64 -3.42 -11.82
N GLN D 178 10.65 -4.38 -10.92
CA GLN D 178 10.68 -4.08 -9.52
C GLN D 178 12.03 -3.49 -9.12
N ILE D 179 13.14 -4.03 -9.66
CA ILE D 179 14.43 -3.40 -9.42
C ILE D 179 14.45 -1.94 -9.84
N LEU D 180 13.90 -1.65 -11.03
CA LEU D 180 14.03 -0.28 -11.59
C LEU D 180 13.37 0.74 -10.75
N GLU D 181 12.42 0.26 -9.98
CA GLU D 181 11.61 1.08 -9.09
C GLU D 181 12.28 1.34 -7.71
N GLN D 182 13.37 0.68 -7.42
CA GLN D 182 14.00 0.86 -6.10
C GLN D 182 14.70 2.17 -6.18
N GLN D 183 14.17 3.16 -5.48
CA GLN D 183 14.73 4.50 -5.59
C GLN D 183 15.03 5.14 -4.24
N PRO D 184 15.95 6.13 -4.20
CA PRO D 184 16.25 6.76 -2.93
C PRO D 184 15.33 7.91 -2.52
N ILE D 185 15.62 8.43 -1.34
CA ILE D 185 15.01 9.59 -0.72
C ILE D 185 15.69 10.81 -1.27
N SER D 186 14.92 11.80 -1.65
CA SER D 186 15.45 13.08 -1.92
C SER D 186 15.32 13.98 -0.71
N GLY D 187 16.46 14.51 -0.22
CA GLY D 187 16.41 15.53 0.82
C GLY D 187 15.85 16.86 0.33
N PRO D 188 15.76 17.85 1.23
CA PRO D 188 15.36 19.18 0.78
C PRO D 188 16.37 19.74 -0.18
N GLY D 189 15.89 20.38 -1.22
CA GLY D 189 16.80 21.07 -2.14
C GLY D 189 17.58 20.24 -3.15
N GLU D 190 17.24 18.97 -3.29
CA GLU D 190 17.91 18.10 -4.21
C GLU D 190 16.95 17.05 -4.81
N TRP D 191 17.42 16.33 -5.80
CA TRP D 191 16.68 15.17 -6.33
C TRP D 191 17.65 14.03 -6.60
N ASN D 192 17.46 12.90 -5.94
CA ASN D 192 18.35 11.76 -6.08
C ASN D 192 17.61 10.71 -6.88
N ARG D 193 18.29 10.10 -7.84
CA ARG D 193 17.67 9.03 -8.65
C ARG D 193 18.68 7.91 -8.80
N ILE D 194 18.22 6.72 -9.15
CA ILE D 194 19.11 5.62 -9.46
C ILE D 194 18.83 5.08 -10.88
N ASP D 195 19.92 4.88 -11.63
CA ASP D 195 19.95 4.40 -13.02
C ASP D 195 20.59 3.00 -13.04
N TYR D 196 19.85 1.97 -13.40
CA TYR D 196 20.34 0.57 -13.37
C TYR D 196 20.94 0.19 -14.74
N ARG D 197 22.17 0.65 -14.92
CA ARG D 197 22.91 0.51 -16.17
C ARG D 197 23.19 -0.91 -16.48
N PRO D 198 23.25 -1.28 -17.80
CA PRO D 198 23.81 -2.60 -18.11
C PRO D 198 25.31 -2.61 -17.87
N LEU D 199 25.93 -3.77 -18.02
CA LEU D 199 27.39 -3.89 -17.86
C LEU D 199 28.09 -3.37 -19.10
N ASP D 200 29.42 -3.15 -19.02
CA ASP D 200 30.25 -2.91 -20.23
C ASP D 200 30.72 -4.28 -20.64
N GLY D 201 31.05 -4.48 -21.87
CA GLY D 201 31.44 -5.83 -22.25
C GLY D 201 30.36 -6.90 -22.26
N PHE D 202 30.75 -8.09 -22.70
CA PHE D 202 29.88 -9.18 -22.98
C PHE D 202 29.86 -10.15 -21.83
N VAL D 203 28.82 -10.98 -21.83
CA VAL D 203 28.59 -11.98 -20.80
C VAL D 203 28.70 -13.36 -21.43
N TYR D 204 29.35 -14.29 -20.72
CA TYR D 204 29.60 -15.61 -21.25
C TYR D 204 28.72 -16.56 -20.45
N ALA D 205 27.72 -17.13 -21.12
CA ALA D 205 26.82 -18.09 -20.51
C ALA D 205 27.17 -19.54 -20.89
N ILE D 206 27.35 -20.39 -19.89
CA ILE D 206 27.75 -21.78 -20.15
C ILE D 206 26.74 -22.67 -19.45
N THR D 207 25.99 -23.48 -20.24
CA THR D 207 24.82 -24.09 -19.72
C THR D 207 24.88 -25.60 -19.70
N PRO D 208 24.29 -26.24 -18.69
CA PRO D 208 24.48 -27.67 -18.52
C PRO D 208 23.42 -28.43 -19.31
N PHE D 209 23.46 -29.75 -19.24
CA PHE D 209 22.54 -30.60 -19.99
C PHE D 209 21.18 -30.77 -19.27
N ASN D 210 21.21 -30.59 -17.95
CA ASN D 210 20.18 -31.12 -17.13
C ASN D 210 18.83 -30.45 -17.43
N PHE D 211 18.85 -29.15 -17.75
CA PHE D 211 17.59 -28.38 -17.91
C PHE D 211 17.62 -27.45 -19.11
N THR D 212 16.63 -27.61 -19.96
CA THR D 212 16.44 -26.70 -21.03
C THR D 212 16.13 -25.32 -20.47
N SER D 213 15.52 -25.28 -19.27
CA SER D 213 15.17 -23.99 -18.64
C SER D 213 16.39 -23.16 -18.23
N ILE D 214 17.36 -23.82 -17.60
CA ILE D 214 18.60 -23.16 -17.15
C ILE D 214 19.32 -22.70 -18.40
N ALA D 215 19.29 -23.53 -19.42
CA ALA D 215 20.01 -23.29 -20.66
C ALA D 215 19.49 -22.05 -21.31
N GLY D 216 18.17 -21.93 -21.31
CA GLY D 216 17.54 -20.71 -21.82
C GLY D 216 17.66 -19.50 -20.93
N ASN D 217 17.67 -19.74 -19.66
CA ASN D 217 17.68 -18.62 -18.76
C ASN D 217 19.06 -17.99 -18.66
N LEU D 218 20.12 -18.79 -18.54
CA LEU D 218 21.42 -18.16 -18.25
C LEU D 218 21.83 -17.10 -19.30
N PRO D 219 21.59 -17.34 -20.58
CA PRO D 219 21.90 -16.29 -21.54
C PRO D 219 20.89 -15.17 -21.60
N THR D 220 19.62 -15.45 -21.38
CA THR D 220 18.59 -14.43 -21.55
C THR D 220 18.45 -13.40 -20.42
N ALA D 221 18.64 -13.83 -19.17
CA ALA D 221 18.58 -12.97 -18.01
C ALA D 221 19.45 -11.74 -18.09
N PRO D 222 20.74 -11.90 -18.50
CA PRO D 222 21.54 -10.71 -18.62
C PRO D 222 21.15 -9.94 -19.84
N ALA D 223 20.64 -10.64 -20.86
CA ALA D 223 20.15 -9.91 -22.06
C ALA D 223 19.01 -8.94 -21.72
N LEU D 224 18.05 -9.37 -20.90
CA LEU D 224 16.91 -8.51 -20.46
C LEU D 224 17.39 -7.18 -19.92
N MET D 225 18.50 -7.21 -19.20
CA MET D 225 19.01 -6.02 -18.53
C MET D 225 19.85 -5.12 -19.40
N GLY D 226 19.95 -5.44 -20.68
CA GLY D 226 20.67 -4.59 -21.65
C GLY D 226 22.05 -5.10 -22.11
N ASN D 227 22.37 -6.31 -21.74
CA ASN D 227 23.66 -6.85 -22.04
C ASN D 227 23.59 -7.75 -23.24
N THR D 228 24.77 -8.04 -23.79
CA THR D 228 24.87 -8.97 -24.89
C THR D 228 25.76 -10.13 -24.46
N VAL D 229 25.65 -11.23 -25.19
CA VAL D 229 25.99 -12.50 -24.67
C VAL D 229 26.52 -13.46 -25.74
N ILE D 230 27.44 -14.33 -25.31
CA ILE D 230 27.78 -15.55 -26.03
C ILE D 230 27.37 -16.71 -25.14
N TRP D 231 26.80 -17.74 -25.78
CA TRP D 231 26.18 -18.86 -25.07
C TRP D 231 26.73 -20.18 -25.63
N LYS D 232 27.26 -21.00 -24.71
CA LYS D 232 27.80 -22.25 -25.00
C LYS D 232 26.98 -23.28 -24.26
N PRO D 233 26.13 -24.02 -24.97
CA PRO D 233 25.30 -24.99 -24.36
C PRO D 233 25.95 -26.39 -24.34
N SER D 234 25.43 -27.25 -23.50
CA SER D 234 25.91 -28.57 -23.42
C SER D 234 25.52 -29.32 -24.73
N ILE D 235 26.40 -30.23 -25.12
CA ILE D 235 26.34 -30.89 -26.38
C ILE D 235 25.05 -31.63 -26.37
N THR D 236 24.76 -32.31 -25.29
CA THR D 236 23.61 -33.21 -25.27
C THR D 236 22.29 -32.47 -25.21
N GLN D 237 22.34 -31.13 -25.05
CA GLN D 237 21.15 -30.30 -24.98
C GLN D 237 21.02 -29.40 -26.19
N THR D 238 21.91 -29.57 -27.15
CA THR D 238 22.03 -28.60 -28.22
C THR D 238 20.81 -28.59 -29.13
N LEU D 239 20.09 -29.71 -29.28
CA LEU D 239 18.91 -29.66 -30.13
C LEU D 239 17.93 -28.64 -29.54
N ALA D 240 17.66 -28.79 -28.26
CA ALA D 240 16.71 -27.91 -27.59
C ALA D 240 17.24 -26.50 -27.52
N ALA D 241 18.57 -26.35 -27.37
CA ALA D 241 19.20 -25.01 -27.33
C ALA D 241 19.06 -24.25 -28.66
N TYR D 242 19.24 -24.98 -29.75
CA TYR D 242 19.10 -24.38 -31.05
C TYR D 242 17.66 -23.95 -31.32
N LEU D 243 16.71 -24.75 -30.90
CA LEU D 243 15.32 -24.47 -31.13
C LEU D 243 14.86 -23.28 -30.25
N THR D 244 15.37 -23.23 -29.02
CA THR D 244 15.21 -22.12 -28.13
C THR D 244 15.68 -20.83 -28.81
N MET D 245 16.81 -20.91 -29.47
CA MET D 245 17.37 -19.77 -30.14
C MET D 245 16.49 -19.33 -31.32
N GLN D 246 15.97 -20.30 -32.05
CA GLN D 246 14.98 -20.00 -33.12
C GLN D 246 13.71 -19.31 -32.54
N LEU D 247 13.25 -19.79 -31.39
CA LEU D 247 12.08 -19.21 -30.73
C LEU D 247 12.33 -17.74 -30.38
N LEU D 248 13.46 -17.47 -29.77
CA LEU D 248 13.85 -16.10 -29.49
C LEU D 248 13.92 -15.23 -30.75
N GLU D 249 14.49 -15.75 -31.82
CA GLU D 249 14.45 -15.01 -33.07
C GLU D 249 13.00 -14.72 -33.47
N ALA D 250 12.14 -15.74 -33.36
CA ALA D 250 10.75 -15.58 -33.74
C ALA D 250 10.05 -14.53 -32.85
N ALA D 251 10.54 -14.36 -31.63
CA ALA D 251 10.02 -13.36 -30.68
C ALA D 251 10.55 -12.00 -30.92
N GLY D 252 11.60 -11.91 -31.72
CA GLY D 252 12.16 -10.61 -32.09
C GLY D 252 13.51 -10.23 -31.51
N LEU D 253 14.21 -11.18 -30.91
CA LEU D 253 15.53 -10.91 -30.36
C LEU D 253 16.39 -10.44 -31.52
N PRO D 254 16.95 -9.26 -31.39
CA PRO D 254 17.73 -8.78 -32.47
C PRO D 254 19.03 -9.55 -32.65
N PRO D 255 19.54 -9.55 -33.88
CA PRO D 255 20.76 -10.28 -34.16
C PRO D 255 21.94 -9.82 -33.36
N GLY D 256 22.66 -10.81 -32.83
CA GLY D 256 23.89 -10.58 -32.13
C GLY D 256 23.80 -10.35 -30.63
N VAL D 257 22.58 -10.30 -30.13
CA VAL D 257 22.34 -9.99 -28.73
C VAL D 257 22.72 -11.23 -27.94
N ILE D 258 22.31 -12.38 -28.45
CA ILE D 258 22.76 -13.64 -27.92
C ILE D 258 23.36 -14.42 -29.07
N ASN D 259 24.59 -14.90 -28.88
CA ASN D 259 25.25 -15.68 -29.92
C ASN D 259 25.60 -17.06 -29.43
N LEU D 260 25.10 -18.04 -30.15
CA LEU D 260 25.24 -19.47 -29.80
C LEU D 260 26.49 -20.12 -30.42
N VAL D 261 27.32 -20.74 -29.59
CA VAL D 261 28.51 -21.40 -30.05
C VAL D 261 28.51 -22.78 -29.51
N THR D 262 28.43 -23.77 -30.39
CA THR D 262 28.26 -25.19 -30.01
C THR D 262 29.60 -25.85 -29.72
N GLY D 263 29.58 -26.96 -28.96
CA GLY D 263 30.73 -27.80 -28.82
C GLY D 263 31.12 -28.01 -27.39
N ASP D 264 32.38 -28.38 -27.16
CA ASP D 264 32.84 -28.69 -25.82
C ASP D 264 33.29 -27.46 -24.99
N GLY D 265 33.30 -26.28 -25.62
CA GLY D 265 33.61 -25.07 -24.91
C GLY D 265 35.05 -24.68 -24.77
N PHE D 266 35.97 -25.61 -25.02
CA PHE D 266 37.39 -25.35 -24.71
C PHE D 266 37.95 -24.11 -25.41
N ALA D 267 37.75 -24.04 -26.73
CA ALA D 267 38.23 -22.90 -27.49
C ALA D 267 37.41 -21.63 -27.19
N VAL D 268 36.13 -21.82 -26.86
CA VAL D 268 35.29 -20.67 -26.59
C VAL D 268 35.82 -20.01 -25.31
N SER D 269 36.10 -20.85 -24.33
CA SER D 269 36.63 -20.35 -23.06
C SER D 269 38.04 -19.71 -23.23
N ASP D 270 38.89 -20.28 -24.09
CA ASP D 270 40.19 -19.61 -24.37
C ASP D 270 40.02 -18.20 -24.83
N VAL D 271 39.14 -18.03 -25.82
CA VAL D 271 38.91 -16.73 -26.39
C VAL D 271 38.20 -15.81 -25.40
N ALA D 272 37.19 -16.28 -24.71
CA ALA D 272 36.38 -15.39 -23.90
C ALA D 272 37.16 -14.94 -22.67
N LEU D 273 37.90 -15.82 -22.03
CA LEU D 273 38.63 -15.44 -20.86
C LEU D 273 39.83 -14.59 -21.11
N ALA D 274 40.31 -14.57 -22.34
CA ALA D 274 41.42 -13.69 -22.71
C ALA D 274 40.96 -12.33 -23.17
N ASP D 275 39.71 -12.20 -23.62
CA ASP D 275 39.22 -10.93 -24.12
C ASP D 275 39.09 -9.92 -22.96
N PRO D 276 39.60 -8.72 -23.14
CA PRO D 276 39.50 -7.70 -22.08
C PRO D 276 38.10 -7.14 -21.90
N ARG D 277 37.18 -7.52 -22.77
CA ARG D 277 35.77 -7.10 -22.69
C ARG D 277 34.88 -8.09 -21.93
N LEU D 278 35.47 -9.13 -21.38
CA LEU D 278 34.68 -10.09 -20.61
C LEU D 278 34.02 -9.40 -19.40
N ALA D 279 32.71 -9.39 -19.33
CA ALA D 279 32.08 -8.70 -18.22
C ALA D 279 31.56 -9.64 -17.12
N GLY D 280 31.33 -10.89 -17.48
CA GLY D 280 30.79 -11.87 -16.58
C GLY D 280 30.63 -13.22 -17.22
N ILE D 281 30.45 -14.20 -16.35
CA ILE D 281 30.23 -15.55 -16.76
C ILE D 281 29.03 -15.99 -15.95
N HIS D 282 28.05 -16.59 -16.64
CA HIS D 282 26.87 -17.10 -15.96
C HIS D 282 26.85 -18.58 -16.22
N PHE D 283 27.01 -19.40 -15.18
CA PHE D 283 27.32 -20.81 -15.39
C PHE D 283 26.77 -21.70 -14.28
N THR D 284 26.96 -22.99 -14.43
CA THR D 284 26.79 -23.93 -13.32
C THR D 284 28.08 -24.73 -13.19
N GLY D 285 28.44 -25.10 -11.97
CA GLY D 285 29.61 -25.95 -11.74
C GLY D 285 29.91 -26.20 -10.28
N SER D 286 30.89 -27.07 -10.05
CA SER D 286 31.24 -27.52 -8.72
C SER D 286 31.99 -26.38 -8.05
N THR D 287 32.23 -26.52 -6.75
CA THR D 287 33.07 -25.60 -6.00
C THR D 287 34.42 -25.47 -6.64
N ALA D 288 34.93 -26.57 -7.15
CA ALA D 288 36.28 -26.55 -7.69
C ALA D 288 36.29 -25.68 -8.92
N THR D 289 35.29 -25.81 -9.79
CA THR D 289 35.16 -24.92 -10.97
C THR D 289 35.03 -23.45 -10.60
N PHE D 290 34.27 -23.15 -9.56
CA PHE D 290 34.22 -21.75 -9.04
C PHE D 290 35.60 -21.27 -8.62
N GLY D 291 36.25 -22.06 -7.79
CA GLY D 291 37.65 -21.78 -7.40
C GLY D 291 38.63 -21.55 -8.55
N HIS D 292 38.51 -22.37 -9.58
CA HIS D 292 39.36 -22.23 -10.75
C HIS D 292 39.12 -20.88 -11.50
N LEU D 293 37.85 -20.56 -11.76
CA LEU D 293 37.51 -19.29 -12.38
C LEU D 293 37.89 -18.09 -11.49
N TRP D 294 37.65 -18.14 -10.19
CA TRP D 294 38.17 -17.06 -9.33
C TRP D 294 39.65 -16.84 -9.53
N GLN D 295 40.41 -17.95 -9.57
CA GLN D 295 41.89 -17.92 -9.58
C GLN D 295 42.33 -17.35 -10.92
N TRP D 296 41.75 -17.85 -11.98
CA TRP D 296 42.09 -17.35 -13.27
C TRP D 296 41.80 -15.83 -13.37
N VAL D 297 40.64 -15.41 -12.89
CA VAL D 297 40.27 -14.03 -13.11
C VAL D 297 41.11 -13.13 -12.20
N GLY D 298 41.32 -13.54 -10.96
CA GLY D 298 42.06 -12.72 -10.00
C GLY D 298 43.53 -12.56 -10.40
N THR D 299 44.05 -13.60 -11.07
CA THR D 299 45.45 -13.64 -11.47
C THR D 299 45.60 -12.67 -12.64
N ASN D 300 44.57 -12.64 -13.49
CA ASN D 300 44.60 -11.92 -14.76
C ASN D 300 43.78 -10.65 -14.81
N ILE D 301 43.46 -10.15 -13.62
CA ILE D 301 42.58 -9.00 -13.44
C ILE D 301 43.02 -7.71 -14.17
N GLY D 302 44.33 -7.45 -14.23
CA GLY D 302 44.84 -6.24 -14.87
C GLY D 302 44.50 -6.24 -16.36
N ARG D 303 44.14 -7.38 -16.91
CA ARG D 303 43.78 -7.51 -18.33
C ARG D 303 42.34 -7.02 -18.73
N TYR D 304 41.44 -6.98 -17.79
CA TYR D 304 40.02 -6.73 -18.09
C TYR D 304 39.63 -5.29 -17.89
N HIS D 305 38.82 -4.74 -18.79
CA HIS D 305 38.27 -3.40 -18.59
C HIS D 305 37.33 -3.35 -17.40
N SER D 306 36.63 -4.45 -17.10
CA SER D 306 35.70 -4.49 -15.96
C SER D 306 36.04 -5.72 -15.08
N TYR D 307 35.74 -5.66 -13.79
CA TYR D 307 35.99 -6.83 -12.92
C TYR D 307 34.94 -7.88 -13.30
N PRO D 308 35.36 -9.02 -13.92
CA PRO D 308 34.38 -10.05 -14.32
C PRO D 308 33.50 -10.58 -13.18
N ARG D 309 32.21 -10.75 -13.47
CA ARG D 309 31.25 -11.25 -12.44
C ARG D 309 30.97 -12.73 -12.69
N LEU D 310 31.10 -13.56 -11.65
CA LEU D 310 31.01 -14.98 -11.78
C LEU D 310 29.81 -15.36 -10.98
N VAL D 311 28.77 -15.80 -11.69
CA VAL D 311 27.46 -16.04 -11.13
C VAL D 311 27.06 -17.43 -11.59
N GLY D 312 26.72 -18.27 -10.63
CA GLY D 312 26.28 -19.61 -10.93
C GLY D 312 25.82 -20.32 -9.70
N GLU D 313 25.67 -21.61 -9.85
CA GLU D 313 25.20 -22.48 -8.81
C GLU D 313 25.89 -23.82 -9.03
N THR D 314 25.82 -24.68 -8.01
CA THR D 314 26.46 -26.01 -8.04
C THR D 314 25.35 -27.09 -8.16
N GLY D 315 25.73 -28.33 -8.37
CA GLY D 315 24.83 -29.47 -8.14
C GLY D 315 25.10 -30.02 -6.72
N GLY D 316 24.58 -31.18 -6.44
CA GLY D 316 24.70 -31.78 -5.14
C GLY D 316 23.95 -33.10 -5.15
N LYS D 317 23.85 -33.72 -3.99
CA LYS D 317 23.08 -34.91 -3.76
C LYS D 317 22.38 -34.68 -2.43
N ASP D 318 21.14 -35.12 -2.37
CA ASP D 318 20.23 -34.72 -1.33
C ASP D 318 19.86 -35.91 -0.43
N PHE D 319 19.27 -35.62 0.73
CA PHE D 319 18.81 -36.64 1.66
C PHE D 319 17.34 -36.49 2.07
N VAL D 320 16.77 -37.60 2.52
CA VAL D 320 15.47 -37.62 3.18
C VAL D 320 15.60 -38.33 4.51
N VAL D 321 15.07 -37.76 5.58
CA VAL D 321 15.02 -38.43 6.88
C VAL D 321 13.55 -38.56 7.30
N ALA D 322 13.17 -39.79 7.63
CA ALA D 322 11.84 -40.16 8.08
C ALA D 322 11.88 -40.45 9.57
N HIS D 323 11.17 -39.62 10.32
CA HIS D 323 10.92 -39.82 11.74
C HIS D 323 9.92 -40.94 11.91
N ALA D 324 9.71 -41.41 13.14
CA ALA D 324 8.76 -42.52 13.37
C ALA D 324 7.31 -42.19 12.95
N SER D 325 6.97 -40.94 13.06
CA SER D 325 5.62 -40.49 12.73
C SER D 325 5.47 -40.22 11.24
N ALA D 326 6.40 -40.64 10.41
CA ALA D 326 6.26 -40.40 8.98
C ALA D 326 5.13 -41.14 8.38
N ARG D 327 4.44 -40.56 7.40
CA ARG D 327 3.46 -41.34 6.64
C ARG D 327 4.18 -42.25 5.61
N PRO D 328 3.93 -43.56 5.67
CA PRO D 328 4.73 -44.48 4.85
C PRO D 328 4.58 -44.24 3.34
N ASP D 329 3.37 -44.04 2.86
CA ASP D 329 3.11 -43.81 1.42
C ASP D 329 3.67 -42.46 0.90
N VAL D 330 3.59 -41.44 1.70
CA VAL D 330 4.24 -40.16 1.41
C VAL D 330 5.74 -40.34 1.30
N LEU D 331 6.31 -41.09 2.21
CA LEU D 331 7.79 -41.29 2.23
C LEU D 331 8.26 -42.09 1.05
N ARG D 332 7.54 -43.17 0.80
CA ARG D 332 7.86 -44.04 -0.29
C ARG D 332 7.79 -43.29 -1.62
N THR D 333 6.74 -42.50 -1.77
CA THR D 333 6.56 -41.71 -3.02
C THR D 333 7.64 -40.62 -3.14
N ALA D 334 7.98 -39.96 -2.05
CA ALA D 334 9.03 -38.96 -2.11
C ALA D 334 10.40 -39.60 -2.46
N LEU D 335 10.66 -40.83 -2.01
CA LEU D 335 11.95 -41.46 -2.31
C LEU D 335 12.05 -41.83 -3.77
N ILE D 336 11.00 -42.48 -4.26
CA ILE D 336 10.94 -42.89 -5.64
C ILE D 336 11.03 -41.70 -6.60
N ARG D 337 10.23 -40.67 -6.40
CA ARG D 337 10.33 -39.56 -7.32
C ARG D 337 11.64 -38.81 -7.07
N GLY D 338 11.96 -38.54 -5.82
CA GLY D 338 13.19 -37.77 -5.52
C GLY D 338 14.47 -38.47 -6.00
N ALA D 339 14.49 -39.81 -6.02
CA ALA D 339 15.72 -40.49 -6.44
C ALA D 339 15.71 -40.92 -7.89
N PHE D 340 14.53 -41.16 -8.46
CA PHE D 340 14.45 -41.77 -9.78
C PHE D 340 13.74 -40.90 -10.86
N ASP D 341 13.08 -39.79 -10.46
CA ASP D 341 12.67 -38.80 -11.51
C ASP D 341 13.91 -38.41 -12.39
N TYR D 342 13.72 -38.31 -13.70
CA TYR D 342 14.79 -38.03 -14.64
C TYR D 342 16.06 -38.85 -14.38
N GLN D 343 15.88 -40.13 -14.03
CA GLN D 343 16.99 -41.07 -13.80
C GLN D 343 18.04 -40.51 -12.84
N GLY D 344 17.60 -39.70 -11.86
CA GLY D 344 18.51 -39.15 -10.85
C GLY D 344 19.44 -38.08 -11.36
N GLN D 345 19.08 -37.47 -12.47
CA GLN D 345 19.95 -36.53 -13.20
C GLN D 345 19.55 -35.08 -13.12
N LYS D 346 18.71 -34.73 -12.17
CA LYS D 346 18.49 -33.29 -11.91
C LYS D 346 19.75 -32.69 -11.30
N CME D 347 19.75 -31.40 -11.01
CA CME D 347 20.98 -30.72 -10.56
CB CME D 347 20.73 -29.22 -10.29
SG CME D 347 20.40 -28.21 -11.71
SD CME D 347 21.92 -28.62 -13.03
CE CME D 347 23.07 -27.32 -12.74
CZ CME D 347 23.85 -27.60 -11.46
OH CME D 347 24.76 -28.67 -11.73
C CME D 347 21.39 -31.39 -9.29
O CME D 347 22.55 -31.52 -9.03
N SER D 348 20.43 -31.79 -8.48
CA SER D 348 20.70 -32.71 -7.40
C SER D 348 19.57 -33.74 -7.43
N ALA D 349 19.72 -34.78 -6.63
CA ALA D 349 18.75 -35.86 -6.53
C ALA D 349 18.94 -36.55 -5.18
N VAL D 350 17.92 -37.25 -4.74
CA VAL D 350 17.95 -37.93 -3.43
C VAL D 350 18.79 -39.15 -3.56
N SER D 351 19.91 -39.21 -2.81
CA SER D 351 20.83 -40.35 -2.78
C SER D 351 20.82 -41.13 -1.44
N ARG D 352 20.45 -40.46 -0.37
CA ARG D 352 20.46 -41.07 0.92
C ARG D 352 19.15 -40.85 1.66
N ALA D 353 18.59 -41.95 2.15
CA ALA D 353 17.42 -41.91 2.97
C ALA D 353 17.83 -42.46 4.29
N PHE D 354 17.32 -41.86 5.36
CA PHE D 354 17.49 -42.32 6.72
C PHE D 354 16.12 -42.58 7.30
N ILE D 355 15.83 -43.85 7.58
CA ILE D 355 14.47 -44.23 7.86
C ILE D 355 14.32 -44.97 9.15
N ALA D 356 13.47 -44.45 10.02
CA ALA D 356 13.08 -45.16 11.21
C ALA D 356 12.60 -46.60 10.99
N HIS D 357 13.16 -47.48 11.83
CA HIS D 357 12.94 -48.92 11.80
C HIS D 357 11.45 -49.24 11.64
N SER D 358 10.61 -48.69 12.51
CA SER D 358 9.16 -49.07 12.47
C SER D 358 8.56 -48.67 11.14
N VAL D 359 8.99 -47.53 10.60
CA VAL D 359 8.55 -47.08 9.25
C VAL D 359 9.10 -47.97 8.13
N TRP D 360 10.37 -48.32 8.20
CA TRP D 360 10.92 -49.27 7.22
C TRP D 360 10.14 -50.62 7.20
N GLN D 361 9.71 -51.09 8.34
CA GLN D 361 8.86 -52.32 8.42
C GLN D 361 7.60 -52.16 7.62
N ARG D 362 7.01 -50.97 7.65
CA ARG D 362 5.71 -50.71 7.00
C ARG D 362 5.86 -50.44 5.53
N MET D 363 7.01 -49.92 5.04
CA MET D 363 7.09 -49.57 3.61
C MET D 363 8.30 -50.00 2.77
N GLY D 364 9.23 -50.72 3.39
CA GLY D 364 10.42 -51.20 2.73
C GLY D 364 10.13 -52.12 1.56
N ASP D 365 9.29 -53.12 1.78
CA ASP D 365 9.02 -54.07 0.69
C ASP D 365 8.38 -53.36 -0.48
N GLU D 366 7.49 -52.43 -0.18
CA GLU D 366 6.78 -51.70 -1.21
C GLU D 366 7.76 -50.85 -1.98
N LEU D 367 8.68 -50.21 -1.26
CA LEU D 367 9.65 -49.41 -1.93
C LEU D 367 10.39 -50.24 -2.95
N LEU D 368 10.81 -51.44 -2.54
CA LEU D 368 11.63 -52.32 -3.45
C LEU D 368 10.82 -52.83 -4.60
N ALA D 369 9.60 -53.30 -4.29
CA ALA D 369 8.69 -53.80 -5.34
C ALA D 369 8.43 -52.71 -6.39
N LYS D 370 8.09 -51.51 -5.94
CA LYS D 370 7.85 -50.37 -6.88
C LYS D 370 9.10 -50.02 -7.70
N ALA D 371 10.25 -50.00 -7.02
CA ALA D 371 11.49 -49.73 -7.73
C ALA D 371 11.71 -50.81 -8.78
N ALA D 372 11.54 -52.06 -8.43
CA ALA D 372 11.65 -53.14 -9.42
C ALA D 372 10.74 -52.95 -10.64
N GLU D 373 9.52 -52.45 -10.45
CA GLU D 373 8.59 -52.34 -11.56
C GLU D 373 8.79 -51.06 -12.38
N LEU D 374 9.44 -50.07 -11.82
CA LEU D 374 9.59 -48.79 -12.49
C LEU D 374 10.17 -49.04 -13.87
N ARG D 375 9.59 -48.47 -14.90
CA ARG D 375 10.03 -48.75 -16.23
C ARG D 375 10.79 -47.60 -16.77
N TYR D 376 12.01 -47.88 -17.24
CA TYR D 376 12.81 -46.88 -17.97
C TYR D 376 12.96 -47.41 -19.38
N GLY D 377 12.73 -46.57 -20.38
CA GLY D 377 12.90 -46.96 -21.78
C GLY D 377 12.92 -45.72 -22.69
N ASP D 378 12.51 -45.93 -23.92
CA ASP D 378 12.48 -44.91 -24.97
C ASP D 378 11.31 -44.00 -24.59
N ILE D 379 11.64 -42.77 -24.25
CA ILE D 379 10.66 -41.81 -23.87
C ILE D 379 9.59 -41.45 -24.92
N THR D 380 9.68 -41.92 -26.16
CA THR D 380 8.51 -41.75 -27.09
C THR D 380 7.40 -42.74 -26.78
N ASP D 381 7.71 -43.69 -25.91
CA ASP D 381 6.68 -44.53 -25.36
C ASP D 381 6.33 -43.89 -24.06
N LEU D 382 5.17 -43.22 -24.02
CA LEU D 382 4.77 -42.40 -22.88
C LEU D 382 4.36 -43.17 -21.64
N SER D 383 4.17 -44.48 -21.76
CA SER D 383 3.96 -45.32 -20.58
C SER D 383 5.23 -45.43 -19.70
N ASN D 384 6.43 -45.28 -20.26
CA ASN D 384 7.64 -45.32 -19.39
C ASN D 384 7.66 -44.21 -18.37
N TYR D 385 8.25 -44.50 -17.22
CA TYR D 385 8.47 -43.52 -16.15
C TYR D 385 9.63 -42.59 -16.43
N GLY D 386 10.68 -43.11 -17.08
CA GLY D 386 11.78 -42.28 -17.54
C GLY D 386 12.58 -42.94 -18.63
N GLY D 387 13.74 -42.34 -18.98
CA GLY D 387 14.58 -42.83 -20.07
C GLY D 387 15.96 -43.26 -19.64
N ALA D 388 16.97 -42.80 -20.38
CA ALA D 388 18.32 -43.33 -20.21
C ALA D 388 19.12 -42.27 -19.56
N LEU D 389 20.32 -42.61 -19.08
CA LEU D 389 21.30 -41.61 -18.67
C LEU D 389 21.78 -40.86 -19.89
N ILE D 390 22.43 -39.72 -19.69
CA ILE D 390 22.59 -38.72 -20.75
C ILE D 390 23.62 -39.07 -21.84
N ASP D 391 24.67 -39.74 -21.43
CA ASP D 391 25.76 -40.11 -22.33
C ASP D 391 26.61 -41.21 -21.72
N GLN D 392 27.58 -41.67 -22.48
CA GLN D 392 28.40 -42.82 -22.11
C GLN D 392 29.23 -42.57 -20.86
N ARG D 393 29.82 -41.39 -20.78
CA ARG D 393 30.58 -41.04 -19.57
C ARG D 393 29.72 -41.17 -18.37
N ALA D 394 28.45 -40.75 -18.45
CA ALA D 394 27.61 -40.76 -17.22
C ALA D 394 27.22 -42.19 -16.91
N PHE D 395 27.01 -42.96 -17.99
CA PHE D 395 26.75 -44.38 -17.89
C PHE D 395 27.88 -45.14 -17.17
N VAL D 396 29.12 -44.85 -17.53
CA VAL D 396 30.28 -45.56 -16.99
C VAL D 396 30.42 -45.36 -15.50
N LYS D 397 30.24 -44.12 -15.05
CA LYS D 397 30.30 -43.82 -13.61
C LYS D 397 29.21 -44.56 -12.81
N ASN D 398 28.03 -44.70 -13.40
CA ASN D 398 26.99 -45.44 -12.75
C ASN D 398 27.38 -46.90 -12.66
N VAL D 399 27.88 -47.45 -13.75
CA VAL D 399 28.33 -48.83 -13.71
C VAL D 399 29.40 -49.01 -12.61
N ASP D 400 30.36 -48.11 -12.60
CA ASP D 400 31.43 -48.19 -11.61
C ASP D 400 30.89 -48.16 -10.20
N ALA D 401 29.95 -47.28 -9.94
CA ALA D 401 29.31 -47.21 -8.61
C ALA D 401 28.51 -48.48 -8.27
N ILE D 402 27.79 -49.02 -9.23
CA ILE D 402 27.10 -50.30 -8.98
C ILE D 402 28.06 -51.47 -8.62
N GLU D 403 29.13 -51.66 -9.41
CA GLU D 403 30.13 -52.72 -9.17
C GLU D 403 30.86 -52.58 -7.83
N ARG D 404 31.10 -51.35 -7.43
CA ARG D 404 31.62 -51.06 -6.11
C ARG D 404 30.62 -51.56 -5.05
N ALA D 405 29.33 -51.25 -5.20
CA ALA D 405 28.34 -51.75 -4.24
C ALA D 405 28.21 -53.29 -4.26
N LYS D 406 28.20 -53.85 -5.46
CA LYS D 406 28.13 -55.31 -5.58
C LYS D 406 29.34 -55.95 -4.89
N GLY D 407 30.51 -55.43 -5.24
CA GLY D 407 31.78 -55.95 -4.75
C GLY D 407 31.94 -55.79 -3.24
N ALA D 408 31.25 -54.83 -2.63
CA ALA D 408 31.38 -54.60 -1.23
C ALA D 408 30.37 -55.46 -0.43
N ALA D 409 30.93 -56.31 0.44
CA ALA D 409 30.18 -57.21 1.31
C ALA D 409 29.24 -56.51 2.32
N ALA D 410 29.64 -55.33 2.75
CA ALA D 410 28.83 -54.59 3.68
C ALA D 410 27.60 -53.91 3.00
N VAL D 411 27.49 -53.94 1.68
CA VAL D 411 26.44 -53.23 0.96
C VAL D 411 25.64 -54.20 0.13
N THR D 412 24.33 -54.20 0.31
CA THR D 412 23.47 -55.15 -0.41
C THR D 412 22.72 -54.41 -1.51
N VAL D 413 22.82 -54.88 -2.75
CA VAL D 413 21.96 -54.39 -3.81
C VAL D 413 20.59 -55.03 -3.65
N ALA D 414 19.73 -54.40 -2.86
CA ALA D 414 18.41 -54.94 -2.56
C ALA D 414 17.50 -54.99 -3.79
N VAL D 415 17.71 -54.17 -4.82
CA VAL D 415 16.92 -54.25 -6.04
C VAL D 415 17.63 -53.46 -7.16
N GLY D 416 17.39 -53.82 -8.40
CA GLY D 416 18.09 -53.19 -9.52
C GLY D 416 19.56 -53.54 -9.66
N GLY D 417 20.31 -52.58 -10.16
CA GLY D 417 21.72 -52.74 -10.37
C GLY D 417 22.05 -53.33 -11.71
N GLU D 418 21.07 -53.45 -12.57
CA GLU D 418 21.31 -53.90 -13.92
C GLU D 418 21.53 -52.73 -14.83
N TYR D 419 22.25 -52.95 -15.91
CA TYR D 419 22.56 -51.93 -16.87
C TYR D 419 22.84 -52.52 -18.22
N ASP D 420 22.77 -51.71 -19.23
CA ASP D 420 22.90 -52.17 -20.58
C ASP D 420 22.97 -51.00 -21.51
N ASP D 421 24.08 -50.85 -22.20
CA ASP D 421 24.27 -49.75 -23.09
C ASP D 421 24.27 -50.11 -24.56
N SER D 422 23.70 -51.24 -24.91
CA SER D 422 23.68 -51.69 -26.28
C SER D 422 22.81 -50.83 -27.16
N GLU D 423 21.70 -50.41 -26.61
CA GLU D 423 20.73 -49.59 -27.35
C GLU D 423 20.61 -48.15 -26.84
N GLY D 424 20.47 -48.03 -25.52
CA GLY D 424 20.47 -46.76 -24.84
C GLY D 424 21.29 -46.87 -23.58
N TYR D 425 21.59 -45.73 -22.98
CA TYR D 425 22.40 -45.70 -21.80
C TYR D 425 21.58 -46.03 -20.56
N PHE D 426 21.10 -47.27 -20.47
CA PHE D 426 20.12 -47.63 -19.48
C PHE D 426 20.69 -48.22 -18.18
N VAL D 427 20.26 -47.64 -17.06
CA VAL D 427 20.59 -48.13 -15.75
C VAL D 427 19.29 -48.21 -14.97
N ARG D 428 19.04 -49.34 -14.34
CA ARG D 428 17.79 -49.54 -13.64
C ARG D 428 17.78 -48.88 -12.25
N PRO D 429 16.59 -48.56 -11.76
CA PRO D 429 16.55 -47.95 -10.45
C PRO D 429 17.11 -48.93 -9.48
N THR D 430 17.99 -48.45 -8.63
CA THR D 430 18.69 -49.32 -7.73
C THR D 430 18.57 -48.83 -6.30
N VAL D 431 18.42 -49.77 -5.38
CA VAL D 431 18.36 -49.49 -3.97
C VAL D 431 19.45 -50.28 -3.28
N LEU D 432 20.29 -49.58 -2.51
CA LEU D 432 21.39 -50.16 -1.77
C LEU D 432 21.04 -50.10 -0.30
N LEU D 433 21.08 -51.27 0.37
CA LEU D 433 21.06 -51.34 1.83
C LEU D 433 22.44 -51.66 2.45
N SER D 434 22.68 -51.07 3.61
CA SER D 434 23.92 -51.21 4.33
C SER D 434 23.63 -50.88 5.80
N ASP D 435 24.26 -51.59 6.72
CA ASP D 435 24.07 -51.35 8.15
C ASP D 435 24.52 -49.95 8.57
N ASP D 436 25.68 -49.49 8.12
CA ASP D 436 26.23 -48.24 8.59
C ASP D 436 25.83 -47.17 7.62
N PRO D 437 25.73 -45.94 8.10
CA PRO D 437 25.49 -44.81 7.21
C PRO D 437 26.48 -44.81 6.04
N THR D 438 25.95 -44.62 4.83
CA THR D 438 26.76 -44.39 3.62
C THR D 438 27.42 -43.04 3.71
N ASP D 439 28.73 -43.02 3.51
CA ASP D 439 29.47 -41.78 3.44
C ASP D 439 29.06 -41.03 2.19
N GLU D 440 28.73 -39.76 2.39
CA GLU D 440 28.38 -38.81 1.33
C GLU D 440 29.33 -38.86 0.15
N SER D 441 30.60 -39.14 0.41
CA SER D 441 31.61 -39.18 -0.64
C SER D 441 31.34 -40.32 -1.63
N PHE D 442 30.57 -41.33 -1.25
CA PHE D 442 30.25 -42.39 -2.22
C PHE D 442 29.20 -41.98 -3.24
N VAL D 443 28.20 -41.20 -2.79
CA VAL D 443 27.03 -40.82 -3.62
C VAL D 443 27.29 -39.70 -4.65
N ILE D 444 28.38 -38.94 -4.46
CA ILE D 444 28.65 -37.77 -5.34
C ILE D 444 29.47 -38.09 -6.62
N GLU D 445 29.85 -39.34 -6.85
CA GLU D 445 30.68 -39.67 -8.02
C GLU D 445 29.83 -40.19 -9.20
N TYR D 446 28.51 -40.06 -9.11
CA TYR D 446 27.65 -40.35 -10.24
C TYR D 446 26.35 -39.54 -10.14
N PHE D 447 25.68 -39.35 -11.27
CA PHE D 447 24.29 -38.95 -11.29
C PHE D 447 23.50 -40.05 -11.97
N GLY D 448 22.71 -40.77 -11.22
CA GLY D 448 21.98 -41.88 -11.78
C GLY D 448 20.98 -42.36 -10.74
N PRO D 449 20.19 -43.38 -11.07
CA PRO D 449 19.11 -43.80 -10.27
C PRO D 449 19.50 -44.75 -9.16
N LEU D 450 20.29 -44.24 -8.22
CA LEU D 450 20.86 -45.05 -7.16
C LEU D 450 20.57 -44.48 -5.79
N LEU D 451 19.73 -45.18 -5.03
CA LEU D 451 19.27 -44.69 -3.76
C LEU D 451 19.83 -45.61 -2.69
N SER D 452 20.54 -45.05 -1.71
CA SER D 452 21.02 -45.81 -0.57
C SER D 452 20.07 -45.54 0.59
N VAL D 453 19.77 -46.56 1.38
CA VAL D 453 18.83 -46.45 2.48
C VAL D 453 19.52 -46.92 3.72
N HIS D 454 19.46 -46.13 4.79
CA HIS D 454 19.96 -46.51 6.11
C HIS D 454 18.78 -46.55 7.04
N VAL D 455 18.67 -47.61 7.83
CA VAL D 455 17.57 -47.78 8.79
C VAL D 455 18.07 -47.55 10.20
N TYR D 456 17.42 -46.70 10.97
CA TYR D 456 17.92 -46.37 12.29
C TYR D 456 16.81 -46.65 13.33
N PRO D 457 17.17 -46.81 14.61
CA PRO D 457 16.11 -47.09 15.60
C PRO D 457 15.30 -45.85 15.91
N ASP D 458 13.99 -46.00 15.96
CA ASP D 458 13.02 -44.92 16.14
C ASP D 458 13.48 -43.93 17.17
N GLU D 459 13.93 -44.46 18.30
CA GLU D 459 14.31 -43.66 19.45
C GLU D 459 15.66 -42.96 19.26
N ARG D 460 16.38 -43.21 18.17
CA ARG D 460 17.64 -42.48 17.91
C ARG D 460 17.55 -41.37 16.81
N TYR D 461 16.38 -40.75 16.72
CA TYR D 461 16.13 -39.63 15.84
C TYR D 461 17.16 -38.54 16.02
N GLU D 462 17.34 -38.08 17.25
CA GLU D 462 18.28 -36.99 17.47
C GLU D 462 19.71 -37.36 17.11
N GLN D 463 20.07 -38.61 17.36
CA GLN D 463 21.40 -39.10 16.98
C GLN D 463 21.56 -39.21 15.47
N ILE D 464 20.53 -39.65 14.76
CA ILE D 464 20.63 -39.66 13.32
C ILE D 464 20.67 -38.25 12.72
N LEU D 465 19.98 -37.28 13.30
CA LEU D 465 20.07 -35.91 12.78
C LEU D 465 21.51 -35.39 12.90
N ASP D 466 22.21 -35.75 13.98
CA ASP D 466 23.65 -35.41 14.08
C ASP D 466 24.52 -36.11 13.06
N VAL D 467 24.24 -37.38 12.79
CA VAL D 467 24.92 -38.10 11.74
C VAL D 467 24.71 -37.41 10.37
N ILE D 468 23.48 -37.00 10.09
CA ILE D 468 23.18 -36.30 8.84
C ILE D 468 23.97 -35.00 8.79
N ASP D 469 23.94 -34.24 9.88
CA ASP D 469 24.56 -32.93 9.88
C ASP D 469 26.10 -32.98 9.73
N THR D 470 26.72 -33.91 10.43
CA THR D 470 28.17 -34.12 10.37
C THR D 470 28.60 -34.70 9.06
N GLY D 471 27.73 -35.44 8.40
CA GLY D 471 28.10 -36.08 7.14
C GLY D 471 27.47 -35.45 5.93
N SER D 472 27.19 -34.15 5.96
CA SER D 472 26.66 -33.58 4.73
C SER D 472 27.20 -32.19 4.38
N ARG D 473 28.05 -32.17 3.36
CA ARG D 473 28.64 -30.97 2.76
C ARG D 473 28.07 -30.71 1.36
N TYR D 474 27.41 -31.68 0.73
CA TYR D 474 27.09 -31.58 -0.68
C TYR D 474 25.57 -31.67 -1.00
N ALA D 475 24.72 -31.49 0.00
CA ALA D 475 23.24 -31.55 -0.20
C ALA D 475 22.70 -30.21 -0.59
N LEU D 476 22.03 -30.13 -1.73
CA LEU D 476 21.37 -28.91 -2.07
C LEU D 476 20.10 -28.80 -1.27
N THR D 477 19.46 -29.92 -1.03
CA THR D 477 18.18 -29.92 -0.36
C THR D 477 18.14 -31.13 0.55
N GLY D 478 17.26 -31.05 1.55
CA GLY D 478 16.92 -32.13 2.47
C GLY D 478 15.44 -32.06 2.78
N ALA D 479 14.89 -33.17 3.24
CA ALA D 479 13.48 -33.29 3.59
C ALA D 479 13.38 -34.07 4.87
N VAL D 480 12.44 -33.67 5.73
CA VAL D 480 12.01 -34.46 6.85
C VAL D 480 10.61 -34.95 6.55
N ILE D 481 10.35 -36.22 6.72
CA ILE D 481 8.99 -36.76 6.72
C ILE D 481 8.58 -37.12 8.14
N ALA D 482 7.50 -36.48 8.60
CA ALA D 482 7.03 -36.60 9.97
C ALA D 482 5.71 -35.81 10.20
N ASP D 483 4.76 -36.41 10.91
CA ASP D 483 3.53 -35.68 11.33
C ASP D 483 3.70 -34.94 12.67
N ASP D 484 4.67 -35.38 13.46
CA ASP D 484 4.83 -34.86 14.83
C ASP D 484 5.49 -33.52 14.66
N ARG D 485 4.89 -32.46 15.20
CA ARG D 485 5.43 -31.15 14.97
C ARG D 485 6.78 -30.95 15.63
N GLN D 486 6.98 -31.53 16.80
CA GLN D 486 8.31 -31.44 17.45
C GLN D 486 9.39 -32.07 16.62
N ALA D 487 9.09 -33.18 15.97
CA ALA D 487 10.08 -33.83 15.13
C ALA D 487 10.45 -32.91 13.96
N VAL D 488 9.46 -32.16 13.47
CA VAL D 488 9.63 -31.36 12.23
C VAL D 488 10.51 -30.22 12.60
N LEU D 489 10.19 -29.62 13.74
CA LEU D 489 10.91 -28.41 14.15
C LEU D 489 12.32 -28.80 14.60
N THR D 490 12.48 -29.99 15.20
CA THR D 490 13.82 -30.49 15.53
C THR D 490 14.70 -30.64 14.29
N ALA D 491 14.13 -31.17 13.21
CA ALA D 491 14.82 -31.28 11.95
C ALA D 491 15.13 -29.88 11.39
N LEU D 492 14.18 -28.97 11.44
CA LEU D 492 14.40 -27.65 10.89
C LEU D 492 15.58 -26.95 11.56
N ASP D 493 15.69 -27.11 12.87
CA ASP D 493 16.77 -26.49 13.65
C ASP D 493 18.09 -27.23 13.48
N ARG D 494 18.08 -28.54 13.69
CA ARG D 494 19.30 -29.36 13.67
C ARG D 494 19.98 -29.45 12.31
N LEU D 495 19.19 -29.57 11.27
CA LEU D 495 19.71 -29.57 9.90
C LEU D 495 19.68 -28.21 9.22
N ARG D 496 19.51 -27.16 10.00
CA ARG D 496 19.46 -25.80 9.47
C ARG D 496 20.56 -25.51 8.48
N PHE D 497 21.80 -25.91 8.79
CA PHE D 497 22.92 -25.62 7.89
C PHE D 497 23.34 -26.80 7.00
N ALA D 498 22.58 -27.88 7.04
CA ALA D 498 22.97 -29.10 6.36
C ALA D 498 22.61 -29.14 4.84
N ALA D 499 21.79 -28.21 4.41
CA ALA D 499 21.30 -28.20 3.06
C ALA D 499 20.77 -26.83 2.89
N GLY D 500 20.55 -26.44 1.64
CA GLY D 500 19.95 -25.13 1.39
C GLY D 500 18.47 -25.32 1.66
N ASN D 501 17.70 -25.41 0.59
CA ASN D 501 16.25 -25.61 0.67
C ASN D 501 15.88 -26.84 1.42
N PHE D 502 14.84 -26.72 2.25
CA PHE D 502 14.41 -27.78 3.12
C PHE D 502 12.93 -28.07 2.96
N TYR D 503 12.59 -29.35 3.04
CA TYR D 503 11.25 -29.78 2.70
C TYR D 503 10.67 -30.54 3.83
N VAL D 504 9.38 -30.29 4.08
CA VAL D 504 8.63 -30.98 5.13
C VAL D 504 7.48 -31.74 4.47
N ASN D 505 7.47 -33.05 4.63
CA ASN D 505 6.48 -33.94 4.05
C ASN D 505 6.27 -33.87 2.57
N ASP D 506 7.38 -33.83 1.82
CA ASP D 506 7.36 -33.93 0.36
C ASP D 506 8.80 -34.20 -0.08
N LYS D 507 8.99 -34.58 -1.34
CA LYS D 507 10.34 -34.78 -1.90
C LYS D 507 11.06 -33.48 -1.97
N PRO D 508 12.35 -33.50 -1.73
CA PRO D 508 13.12 -32.29 -1.84
C PRO D 508 13.69 -32.25 -3.26
N THR D 509 13.26 -31.29 -4.03
CA THR D 509 13.59 -31.27 -5.44
C THR D 509 13.74 -29.83 -5.92
N GLY D 510 13.88 -29.69 -7.23
CA GLY D 510 13.95 -28.41 -7.88
C GLY D 510 12.80 -27.47 -7.52
N ALA D 511 13.23 -26.26 -7.21
CA ALA D 511 12.38 -25.12 -6.98
C ALA D 511 11.39 -24.86 -8.17
N VAL D 512 10.20 -24.38 -7.85
CA VAL D 512 9.33 -23.69 -8.80
C VAL D 512 9.64 -22.17 -8.63
N VAL D 513 9.69 -21.43 -9.74
CA VAL D 513 10.18 -20.06 -9.76
C VAL D 513 9.23 -19.16 -9.00
N GLY D 514 9.79 -18.32 -8.14
CA GLY D 514 9.01 -17.51 -7.19
C GLY D 514 8.57 -18.18 -5.90
N ARG D 515 8.66 -19.50 -5.82
CA ARG D 515 8.19 -20.19 -4.64
C ARG D 515 9.31 -20.73 -3.73
N GLN D 516 10.37 -21.34 -4.31
CA GLN D 516 11.49 -21.82 -3.48
C GLN D 516 12.84 -21.27 -3.97
N PRO D 517 13.02 -19.96 -3.90
CA PRO D 517 14.30 -19.41 -4.37
C PRO D 517 15.47 -19.73 -3.40
N PHE D 518 16.66 -19.31 -3.77
CA PHE D 518 17.86 -19.39 -2.95
C PHE D 518 18.27 -20.80 -2.67
N GLY D 519 18.88 -21.04 -1.50
CA GLY D 519 19.43 -22.34 -1.17
C GLY D 519 20.93 -22.43 -1.44
N GLY D 520 21.35 -23.60 -1.97
CA GLY D 520 22.76 -23.93 -2.22
C GLY D 520 23.28 -24.87 -1.16
N ALA D 521 24.39 -25.54 -1.43
CA ALA D 521 24.93 -26.50 -0.47
C ALA D 521 25.66 -25.78 0.69
N ARG D 522 25.95 -26.53 1.74
CA ARG D 522 26.58 -25.97 2.93
C ARG D 522 27.77 -25.02 2.57
N GLY D 523 27.73 -23.81 3.10
CA GLY D 523 28.83 -22.83 2.98
C GLY D 523 28.87 -22.14 1.66
N SER D 524 28.02 -22.54 0.73
CA SER D 524 27.98 -21.89 -0.54
C SER D 524 27.50 -20.43 -0.44
N ASP D 525 27.77 -19.73 -1.53
CA ASP D 525 27.50 -18.32 -1.68
C ASP D 525 26.89 -18.12 -3.06
N THR D 526 25.69 -18.62 -3.25
CA THR D 526 25.06 -18.59 -4.56
C THR D 526 23.61 -18.07 -4.47
N ASN D 527 23.30 -17.29 -3.46
CA ASN D 527 22.01 -16.64 -3.39
C ASN D 527 21.71 -15.67 -4.56
N ASP D 528 22.72 -15.18 -5.29
CA ASP D 528 22.47 -14.43 -6.55
C ASP D 528 22.17 -15.29 -7.79
N LYS D 529 21.99 -16.60 -7.60
CA LYS D 529 21.63 -17.45 -8.74
C LYS D 529 20.22 -17.11 -9.22
N ALA D 530 19.85 -17.70 -10.34
CA ALA D 530 18.56 -17.55 -10.97
C ALA D 530 17.43 -17.81 -9.99
N GLY D 531 16.33 -17.08 -10.15
CA GLY D 531 15.09 -17.32 -9.41
C GLY D 531 14.67 -16.21 -8.43
N SER D 532 15.43 -15.14 -8.34
CA SER D 532 15.03 -13.93 -7.62
C SER D 532 15.61 -12.72 -8.32
N PRO D 533 15.21 -11.56 -7.88
CA PRO D 533 15.75 -10.32 -8.39
C PRO D 533 17.26 -10.19 -8.21
N LEU D 534 17.86 -10.88 -7.24
CA LEU D 534 19.30 -10.70 -7.04
C LEU D 534 20.15 -11.07 -8.25
N ASN D 535 19.73 -12.09 -9.00
CA ASN D 535 20.44 -12.51 -10.21
C ASN D 535 20.47 -11.35 -11.21
N LEU D 536 19.33 -10.66 -11.35
CA LEU D 536 19.23 -9.55 -12.35
C LEU D 536 20.05 -8.35 -11.95
N LEU D 537 20.12 -8.09 -10.66
CA LEU D 537 21.05 -7.07 -10.16
C LEU D 537 22.48 -7.35 -10.57
N ARG D 538 22.86 -8.65 -10.64
CA ARG D 538 24.24 -9.00 -11.07
C ARG D 538 24.57 -8.51 -12.46
N TRP D 539 23.55 -8.31 -13.28
CA TRP D 539 23.74 -7.88 -14.64
C TRP D 539 23.46 -6.42 -14.84
N THR D 540 23.50 -5.67 -13.74
CA THR D 540 23.44 -4.20 -13.80
C THR D 540 24.52 -3.60 -12.97
N SER D 541 24.79 -2.35 -13.27
CA SER D 541 25.67 -1.55 -12.42
C SER D 541 24.94 -0.27 -12.05
N ALA D 542 24.37 -0.23 -10.86
CA ALA D 542 23.59 0.96 -10.44
C ALA D 542 24.44 2.17 -10.20
N ARG D 543 23.99 3.32 -10.71
CA ARG D 543 24.53 4.60 -10.30
C ARG D 543 23.48 5.52 -9.71
N SER D 544 23.92 6.29 -8.74
CA SER D 544 23.12 7.32 -8.14
C SER D 544 23.39 8.59 -8.92
N ILE D 545 22.34 9.36 -9.17
CA ILE D 545 22.49 10.67 -9.73
C ILE D 545 21.84 11.64 -8.79
N LYS D 546 22.51 12.76 -8.54
CA LYS D 546 22.00 13.76 -7.66
C LYS D 546 22.02 15.14 -8.28
N GLU D 547 20.90 15.85 -8.25
CA GLU D 547 20.83 17.22 -8.71
C GLU D 547 20.59 18.09 -7.48
N THR D 548 21.42 19.12 -7.31
CA THR D 548 21.19 20.10 -6.28
C THR D 548 20.69 21.40 -6.92
N PHE D 549 19.61 21.96 -6.38
CA PHE D 549 18.94 23.07 -7.02
C PHE D 549 19.56 24.43 -6.72
N VAL D 550 20.02 24.62 -5.51
CA VAL D 550 20.58 25.89 -5.05
C VAL D 550 21.84 25.61 -4.20
N ALA D 551 22.93 25.28 -4.88
CA ALA D 551 24.11 24.85 -4.21
C ALA D 551 24.82 26.01 -3.57
N ALA D 552 25.76 25.70 -2.69
CA ALA D 552 26.56 26.70 -2.03
C ALA D 552 27.39 27.49 -3.00
N THR D 553 27.53 28.76 -2.66
CA THR D 553 28.27 29.69 -3.46
C THR D 553 29.45 30.21 -2.70
N ASP D 554 29.61 29.79 -1.47
CA ASP D 554 30.79 30.11 -0.67
C ASP D 554 31.21 28.78 -0.01
N HIS D 555 32.51 28.58 0.09
CA HIS D 555 33.04 27.32 0.60
C HIS D 555 33.24 27.29 2.12
N ILE D 556 33.18 28.41 2.79
CA ILE D 556 33.53 28.53 4.20
C ILE D 556 32.42 27.83 5.02
N TYR D 557 32.79 27.24 6.16
CA TYR D 557 31.91 26.44 6.95
C TYR D 557 31.60 27.19 8.26
N PRO D 558 30.43 26.95 8.83
CA PRO D 558 30.07 27.73 10.03
C PRO D 558 31.05 27.58 11.21
N HIS D 559 31.74 26.45 11.35
CA HIS D 559 32.68 26.30 12.48
C HIS D 559 33.85 27.24 12.38
N MET D 560 34.10 27.76 11.19
CA MET D 560 35.29 28.50 10.92
C MET D 560 35.24 30.00 11.33
N ALA D 561 34.03 30.51 11.55
CA ALA D 561 33.86 31.89 12.01
C ALA D 561 34.57 32.13 13.35
N VAL D 562 34.99 33.38 13.55
CA VAL D 562 35.67 33.92 14.77
C VAL D 562 34.83 33.79 16.07
N ASP D 563 35.41 33.16 17.12
CA ASP D 563 35.10 33.30 18.61
C ASP D 563 34.68 31.99 19.36
N HIS E 20 -24.96 17.42 3.64
CA HIS E 20 -25.19 16.40 2.53
C HIS E 20 -23.86 16.28 1.73
N MET E 21 -23.44 15.02 1.46
CA MET E 21 -22.13 14.76 0.87
C MET E 21 -22.02 13.49 0.05
N ASP E 22 -21.32 13.60 -1.08
CA ASP E 22 -20.85 12.45 -1.83
C ASP E 22 -19.35 12.40 -1.70
N ALA E 23 -18.86 11.50 -0.87
CA ALA E 23 -17.46 11.48 -0.50
C ALA E 23 -17.12 10.27 0.38
N ILE E 24 -15.84 9.90 0.35
CA ILE E 24 -15.28 8.95 1.29
C ILE E 24 -14.18 9.75 1.95
N THR E 25 -14.49 10.33 3.09
CA THR E 25 -13.61 11.29 3.72
C THR E 25 -12.53 10.63 4.58
N GLN E 26 -11.50 11.41 4.86
CA GLN E 26 -10.39 10.96 5.75
C GLN E 26 -10.42 11.90 6.92
N VAL E 27 -10.04 11.43 8.11
CA VAL E 27 -9.86 12.31 9.26
C VAL E 27 -8.42 12.82 9.27
N PRO E 28 -8.14 13.92 9.95
CA PRO E 28 -6.77 14.33 10.13
C PRO E 28 -5.89 13.28 10.83
N VAL E 29 -4.60 13.27 10.50
CA VAL E 29 -3.68 12.25 10.96
C VAL E 29 -3.21 12.74 12.32
N PRO E 30 -3.36 11.95 13.36
CA PRO E 30 -2.97 12.40 14.69
C PRO E 30 -1.52 12.22 14.95
N ALA E 31 -0.92 13.13 15.72
CA ALA E 31 0.47 13.03 16.23
C ALA E 31 0.38 13.36 17.72
N ASN E 32 1.23 12.75 18.56
CA ASN E 32 1.16 13.02 19.99
C ASN E 32 1.43 14.51 20.27
N GLU E 33 0.65 15.13 21.17
CA GLU E 33 0.85 16.53 21.46
C GLU E 33 2.14 16.72 22.22
N PRO E 34 2.98 17.69 21.81
CA PRO E 34 4.22 17.89 22.51
C PRO E 34 3.99 18.35 23.96
N VAL E 35 4.88 17.96 24.85
CA VAL E 35 4.78 18.34 26.22
C VAL E 35 5.53 19.65 26.48
N HIS E 36 4.85 20.66 27.01
CA HIS E 36 5.49 21.93 27.34
C HIS E 36 6.27 21.81 28.68
N ASP E 37 7.38 22.54 28.79
CA ASP E 37 8.33 22.39 29.90
C ASP E 37 8.05 23.35 31.05
N TYR E 38 7.49 24.51 30.75
CA TYR E 38 7.14 25.51 31.76
C TYR E 38 8.40 26.01 32.51
N ALA E 39 9.50 26.10 31.77
CA ALA E 39 10.75 26.62 32.32
C ALA E 39 10.66 28.07 32.73
N PRO E 40 11.56 28.50 33.61
CA PRO E 40 11.56 29.93 33.99
C PRO E 40 11.57 30.85 32.76
N LYS E 41 10.80 31.92 32.82
CA LYS E 41 10.75 32.95 31.77
C LYS E 41 9.94 32.51 30.52
N SER E 42 9.46 31.27 30.48
CA SER E 42 8.70 30.74 29.34
C SER E 42 7.31 31.35 29.33
N PRO E 43 6.75 31.60 28.14
CA PRO E 43 5.40 32.15 28.05
C PRO E 43 4.34 31.24 28.68
N GLU E 44 4.46 29.94 28.51
CA GLU E 44 3.46 29.04 29.13
C GLU E 44 3.43 29.19 30.69
N ARG E 45 4.59 29.41 31.28
CA ARG E 45 4.69 29.55 32.73
C ARG E 45 3.99 30.82 33.22
N THR E 46 4.10 31.92 32.51
CA THR E 46 3.36 33.12 32.86
C THR E 46 1.86 32.90 32.65
N ARG E 47 1.46 32.25 31.55
CA ARG E 47 0.03 32.01 31.29
C ARG E 47 -0.49 31.14 32.38
N LEU E 48 0.31 30.18 32.85
CA LEU E 48 -0.13 29.25 33.86
C LEU E 48 -0.33 29.93 35.24
N ARG E 49 0.54 30.87 35.59
CA ARG E 49 0.37 31.59 36.87
C ARG E 49 -0.93 32.40 36.88
N THR E 50 -1.21 33.06 35.77
CA THR E 50 -2.44 33.78 35.67
C THR E 50 -3.60 32.85 35.99
N GLU E 51 -3.59 31.62 35.42
CA GLU E 51 -4.74 30.71 35.59
C GLU E 51 -4.82 30.10 36.98
N LEU E 52 -3.64 29.87 37.59
CA LEU E 52 -3.60 29.33 38.95
C LEU E 52 -4.24 30.34 39.91
N ALA E 53 -3.85 31.60 39.81
CA ALA E 53 -4.44 32.72 40.59
C ALA E 53 -5.97 32.79 40.42
N SER E 54 -6.44 32.77 39.16
CA SER E 54 -7.85 32.91 38.89
C SER E 54 -8.68 31.80 39.46
N LEU E 55 -8.26 30.55 39.28
CA LEU E 55 -9.04 29.46 39.84
C LEU E 55 -8.95 29.39 41.38
N ALA E 56 -7.84 29.86 41.93
CA ALA E 56 -7.56 29.69 43.35
C ALA E 56 -8.31 30.76 44.13
N ASP E 57 -8.38 31.95 43.56
CA ASP E 57 -8.99 33.11 44.21
C ASP E 57 -10.48 33.29 43.88
N HIS E 58 -11.09 32.44 43.06
CA HIS E 58 -12.47 32.65 42.64
C HIS E 58 -13.19 31.32 42.59
N PRO E 59 -13.25 30.66 43.74
CA PRO E 59 -13.94 29.41 43.82
C PRO E 59 -15.38 29.50 43.30
N ILE E 60 -15.88 28.38 42.77
CA ILE E 60 -17.19 28.40 42.11
C ILE E 60 -18.10 27.32 42.57
N ASP E 61 -19.37 27.55 42.27
CA ASP E 61 -20.27 26.45 42.24
C ASP E 61 -19.85 25.41 41.16
N LEU E 62 -20.05 24.15 41.51
CA LEU E 62 -19.74 23.03 40.65
C LEU E 62 -21.03 22.22 40.43
N PRO E 63 -21.81 22.62 39.41
CA PRO E 63 -23.09 22.03 39.16
C PRO E 63 -23.11 20.76 38.38
N HIS E 64 -24.23 20.06 38.46
CA HIS E 64 -24.56 19.01 37.55
C HIS E 64 -24.79 19.65 36.19
N VAL E 65 -24.65 18.88 35.14
CA VAL E 65 -24.85 19.42 33.79
C VAL E 65 -25.69 18.39 33.13
N ILE E 66 -26.96 18.74 32.93
CA ILE E 66 -27.96 17.81 32.54
C ILE E 66 -28.81 18.38 31.40
N GLY E 67 -28.75 17.73 30.24
CA GLY E 67 -29.33 18.22 29.00
C GLY E 67 -28.86 19.63 28.70
N GLY E 68 -27.57 19.89 28.94
CA GLY E 68 -27.05 21.27 28.76
C GLY E 68 -27.37 22.24 29.89
N ARG E 69 -28.19 21.84 30.85
CA ARG E 69 -28.55 22.76 31.94
C ARG E 69 -27.53 22.69 33.07
N HIS E 70 -26.94 23.81 33.45
CA HIS E 70 -26.01 23.76 34.57
C HIS E 70 -26.78 24.03 35.90
N ARG E 71 -26.95 23.00 36.72
CA ARG E 71 -27.78 23.13 37.92
C ARG E 71 -27.15 22.53 39.16
N MET E 72 -27.06 23.35 40.20
CA MET E 72 -26.91 22.83 41.58
C MET E 72 -28.13 21.99 41.98
N GLY E 73 -27.91 20.89 42.68
CA GLY E 73 -29.02 19.97 43.03
C GLY E 73 -29.40 20.17 44.48
N ASP E 74 -30.35 19.38 45.00
CA ASP E 74 -30.75 19.55 46.42
C ASP E 74 -29.98 18.66 47.39
N GLY E 75 -29.02 17.90 46.89
CA GLY E 75 -28.29 16.97 47.73
C GLY E 75 -27.29 17.71 48.59
N GLU E 76 -26.59 16.97 49.44
CA GLU E 76 -25.58 17.55 50.30
C GLU E 76 -24.52 18.39 49.58
N ARG E 77 -24.19 19.53 50.16
CA ARG E 77 -23.07 20.37 49.73
C ARG E 77 -21.67 19.79 50.14
N ILE E 78 -20.74 19.68 49.18
CA ILE E 78 -19.42 19.06 49.42
C ILE E 78 -18.43 19.98 48.79
N ASP E 79 -17.42 20.38 49.58
CA ASP E 79 -16.39 21.32 49.11
C ASP E 79 -15.26 20.58 48.36
N VAL E 80 -14.71 21.23 47.34
CA VAL E 80 -13.54 20.72 46.64
C VAL E 80 -12.42 21.67 46.99
N VAL E 81 -11.34 21.08 47.51
CA VAL E 81 -10.25 21.84 48.12
C VAL E 81 -8.91 21.45 47.52
N GLN E 82 -7.92 22.34 47.68
CA GLN E 82 -6.54 22.07 47.30
C GLN E 82 -6.01 21.03 48.26
N PRO E 83 -5.76 19.80 47.79
CA PRO E 83 -5.19 18.78 48.69
C PRO E 83 -3.93 19.18 49.48
N HIS E 84 -3.11 20.03 48.89
CA HIS E 84 -1.86 20.55 49.49
C HIS E 84 -2.07 21.82 50.33
N ARG E 85 -3.33 22.24 50.43
CA ARG E 85 -3.76 23.37 51.24
C ARG E 85 -5.27 23.25 51.46
N HIS E 86 -5.64 22.27 52.26
CA HIS E 86 -7.02 21.85 52.35
C HIS E 86 -8.02 22.82 53.01
N ALA E 87 -7.57 23.99 53.46
CA ALA E 87 -8.46 25.03 53.99
C ALA E 87 -8.91 25.96 52.88
N ALA E 88 -8.29 25.84 51.72
CA ALA E 88 -8.64 26.65 50.55
C ALA E 88 -9.58 25.87 49.60
N ARG E 89 -10.78 26.44 49.46
CA ARG E 89 -11.89 25.85 48.72
C ARG E 89 -11.62 26.18 47.26
N LEU E 90 -11.81 25.21 46.37
CA LEU E 90 -11.79 25.51 44.93
C LEU E 90 -13.20 25.65 44.39
N GLY E 91 -14.12 24.92 45.02
CA GLY E 91 -15.51 25.09 44.73
C GLY E 91 -16.35 24.19 45.57
N THR E 92 -17.63 24.07 45.21
CA THR E 92 -18.59 23.35 46.00
C THR E 92 -19.59 22.69 45.07
N LEU E 93 -19.81 21.40 45.28
CA LEU E 93 -20.71 20.64 44.49
C LEU E 93 -21.85 20.16 45.32
N THR E 94 -22.90 19.70 44.67
CA THR E 94 -23.95 19.03 45.36
C THR E 94 -23.97 17.56 45.01
N ASN E 95 -24.19 16.74 46.02
CA ASN E 95 -24.13 15.33 45.88
C ASN E 95 -25.41 14.89 45.17
N ALA E 96 -25.29 14.20 44.04
CA ALA E 96 -26.46 13.90 43.23
C ALA E 96 -27.46 13.07 43.99
N THR E 97 -28.73 13.42 43.81
CA THR E 97 -29.83 12.65 44.35
C THR E 97 -30.33 11.68 43.29
N HIS E 98 -31.26 10.84 43.69
CA HIS E 98 -31.94 9.91 42.82
C HIS E 98 -32.58 10.60 41.63
N ALA E 99 -33.13 11.78 41.89
CA ALA E 99 -33.90 12.51 40.91
C ALA E 99 -32.94 13.18 39.91
N ASP E 100 -31.82 13.71 40.42
CA ASP E 100 -30.70 14.24 39.61
C ASP E 100 -30.24 13.16 38.63
N ALA E 101 -29.94 12.01 39.17
CA ALA E 101 -29.52 10.91 38.35
C ALA E 101 -30.53 10.52 37.28
N ALA E 102 -31.82 10.50 37.62
CA ALA E 102 -32.84 10.03 36.69
C ALA E 102 -33.09 11.10 35.65
N ALA E 103 -32.97 12.36 36.04
CA ALA E 103 -32.93 13.40 35.04
C ALA E 103 -31.74 13.24 34.03
N ALA E 104 -30.58 12.83 34.51
CA ALA E 104 -29.41 12.65 33.64
C ALA E 104 -29.64 11.56 32.58
N VAL E 105 -30.19 10.44 33.03
CA VAL E 105 -30.62 9.38 32.15
C VAL E 105 -31.61 9.84 31.09
N GLU E 106 -32.67 10.53 31.52
CA GLU E 106 -33.70 11.00 30.57
C GLU E 106 -33.07 11.93 29.59
N ALA E 107 -32.19 12.81 30.05
CA ALA E 107 -31.53 13.75 29.14
C ALA E 107 -30.68 12.99 28.12
N ALA E 108 -30.00 11.92 28.55
CA ALA E 108 -29.17 11.13 27.64
C ALA E 108 -30.04 10.46 26.63
N MET E 109 -31.14 9.88 27.07
CA MET E 109 -31.99 9.13 26.16
C MET E 109 -32.65 10.07 25.16
N SER E 110 -32.86 11.29 25.58
CA SER E 110 -33.60 12.25 24.78
C SER E 110 -32.70 12.88 23.68
N ALA E 111 -31.40 13.01 23.97
CA ALA E 111 -30.39 13.51 23.03
C ALA E 111 -29.91 12.46 22.02
N LYS E 112 -30.19 11.19 22.29
CA LYS E 112 -29.66 10.08 21.51
C LYS E 112 -29.96 10.14 20.02
N SER E 113 -31.20 10.33 19.69
CA SER E 113 -31.64 10.24 18.31
C SER E 113 -30.92 11.24 17.35
N ASP E 114 -30.83 12.49 17.74
CA ASP E 114 -30.17 13.53 16.99
C ASP E 114 -28.63 13.43 17.01
N TRP E 115 -28.06 12.88 18.06
CA TRP E 115 -26.64 12.69 18.13
C TRP E 115 -26.23 11.53 17.23
N ALA E 116 -26.88 10.38 17.35
CA ALA E 116 -26.61 9.24 16.47
C ALA E 116 -26.91 9.53 15.00
N ALA E 117 -27.85 10.43 14.72
CA ALA E 117 -28.18 10.78 13.37
C ALA E 117 -27.17 11.75 12.74
N LEU E 118 -26.35 12.38 13.54
CA LEU E 118 -25.23 13.12 12.98
C LEU E 118 -24.27 12.20 12.26
N PRO E 119 -23.80 12.64 11.09
CA PRO E 119 -22.72 11.82 10.46
C PRO E 119 -21.45 11.72 11.34
N PHE E 120 -20.76 10.59 11.25
CA PHE E 120 -19.52 10.37 11.96
C PHE E 120 -18.65 11.58 11.95
N ASP E 121 -18.39 12.14 10.77
CA ASP E 121 -17.49 13.31 10.68
C ASP E 121 -17.91 14.50 11.56
N GLU E 122 -19.22 14.70 11.73
CA GLU E 122 -19.65 15.87 12.52
C GLU E 122 -19.46 15.56 14.02
N ARG E 123 -19.61 14.30 14.37
CA ARG E 123 -19.39 13.88 15.73
C ARG E 123 -17.90 13.96 15.98
N ALA E 124 -17.11 13.46 15.07
CA ALA E 124 -15.67 13.57 15.18
C ALA E 124 -15.19 15.01 15.34
N ALA E 125 -15.80 15.91 14.57
CA ALA E 125 -15.34 17.29 14.58
C ALA E 125 -15.43 17.93 16.00
N VAL E 126 -16.40 17.54 16.78
CA VAL E 126 -16.52 18.05 18.16
C VAL E 126 -15.26 17.72 18.97
N PHE E 127 -14.83 16.47 18.90
CA PHE E 127 -13.65 16.07 19.68
C PHE E 127 -12.35 16.61 19.11
N LEU E 128 -12.25 16.72 17.77
CA LEU E 128 -11.04 17.26 17.18
C LEU E 128 -10.99 18.70 17.57
N ARG E 129 -12.15 19.36 17.54
CA ARG E 129 -12.16 20.76 17.90
C ARG E 129 -11.83 20.90 19.38
N ALA E 130 -12.40 20.03 20.21
CA ALA E 130 -12.08 20.11 21.62
C ALA E 130 -10.56 19.99 21.83
N ALA E 131 -9.98 19.03 21.09
CA ALA E 131 -8.53 18.79 21.19
C ALA E 131 -7.79 20.05 20.89
N ASP E 132 -8.12 20.71 19.78
CA ASP E 132 -7.42 21.94 19.49
C ASP E 132 -7.70 23.04 20.51
N LEU E 133 -8.90 23.06 21.07
CA LEU E 133 -9.20 24.08 22.10
C LEU E 133 -8.33 23.82 23.34
N LEU E 134 -8.17 22.54 23.67
CA LEU E 134 -7.36 22.17 24.80
C LEU E 134 -5.84 22.45 24.53
N ALA E 135 -5.41 22.30 23.30
CA ALA E 135 -3.99 22.48 22.94
C ALA E 135 -3.58 23.94 22.94
N GLY E 136 -4.56 24.83 22.71
CA GLY E 136 -4.36 26.26 22.60
C GLY E 136 -5.00 27.07 23.75
N PRO E 137 -6.13 27.74 23.51
CA PRO E 137 -6.71 28.70 24.47
C PRO E 137 -7.10 28.13 25.84
N TRP E 138 -7.40 26.84 25.95
CA TRP E 138 -7.73 26.31 27.27
C TRP E 138 -6.62 25.59 27.99
N ARG E 139 -5.43 25.58 27.41
CA ARG E 139 -4.38 24.64 27.86
C ARG E 139 -3.97 24.82 29.33
N GLU E 140 -3.63 26.05 29.68
CA GLU E 140 -3.17 26.34 31.05
C GLU E 140 -4.32 26.32 32.06
N LYS E 141 -5.50 26.76 31.62
CA LYS E 141 -6.67 26.64 32.48
C LYS E 141 -6.88 25.25 32.96
N ILE E 142 -6.85 24.28 32.05
CA ILE E 142 -7.21 22.93 32.40
C ILE E 142 -6.05 22.29 33.15
N ALA E 143 -4.84 22.61 32.75
CA ALA E 143 -3.69 22.20 33.55
C ALA E 143 -3.77 22.71 35.00
N ALA E 144 -4.07 23.99 35.15
CA ALA E 144 -4.15 24.64 36.49
C ALA E 144 -5.22 23.98 37.32
N ALA E 145 -6.37 23.72 36.72
CA ALA E 145 -7.46 23.08 37.44
C ALA E 145 -7.01 21.76 37.99
N THR E 146 -6.25 21.04 37.17
CA THR E 146 -5.73 19.74 37.57
C THR E 146 -4.63 19.88 38.64
N MET E 147 -3.72 20.83 38.48
CA MET E 147 -2.73 21.06 39.54
C MET E 147 -3.43 21.25 40.88
N LEU E 148 -4.36 22.19 40.89
CA LEU E 148 -4.94 22.69 42.13
C LEU E 148 -5.76 21.65 42.79
N GLY E 149 -6.56 20.95 42.03
CA GLY E 149 -7.58 20.08 42.61
C GLY E 149 -7.03 18.73 42.95
N GLN E 150 -6.06 18.28 42.14
CA GLN E 150 -5.55 16.93 42.31
C GLN E 150 -4.13 16.93 42.90
N SER E 151 -3.55 18.11 43.04
CA SER E 151 -2.24 18.26 43.64
C SER E 151 -1.13 17.70 42.72
N LYS E 152 -1.14 18.16 41.45
CA LYS E 152 -0.17 17.68 40.46
C LYS E 152 0.78 18.81 40.28
N SER E 153 2.09 18.54 40.23
CA SER E 153 3.03 19.55 39.73
C SER E 153 2.60 19.85 38.30
N VAL E 154 3.09 20.93 37.73
CA VAL E 154 2.74 21.31 36.37
C VAL E 154 3.14 20.23 35.35
N TYR E 155 4.26 19.52 35.60
CA TYR E 155 4.63 18.47 34.66
C TYR E 155 3.62 17.37 34.70
N GLN E 156 3.20 16.97 35.90
CA GLN E 156 2.24 15.92 35.96
C GLN E 156 0.90 16.32 35.31
N ALA E 157 0.53 17.61 35.41
CA ALA E 157 -0.75 18.09 34.86
C ALA E 157 -0.66 18.11 33.31
N GLU E 158 0.50 18.56 32.83
CA GLU E 158 0.78 18.71 31.41
C GLU E 158 0.72 17.39 30.67
N ILE E 159 1.32 16.35 31.21
CA ILE E 159 1.30 15.06 30.53
C ILE E 159 -0.06 14.41 30.61
N ASP E 160 -0.91 14.91 31.51
CA ASP E 160 -2.13 14.23 31.83
C ASP E 160 -3.29 15.01 31.20
N ALA E 161 -3.56 16.17 31.79
CA ALA E 161 -4.74 16.99 31.55
C ALA E 161 -4.77 17.56 30.16
N VAL E 162 -3.59 17.80 29.62
CA VAL E 162 -3.37 18.48 28.34
C VAL E 162 -3.07 17.37 27.35
N CYS E 163 -1.83 16.94 27.34
CA CYS E 163 -1.31 15.99 26.34
C CYS E 163 -2.02 14.65 26.18
N GLU E 164 -2.25 13.93 27.26
CA GLU E 164 -2.91 12.61 27.13
C GLU E 164 -4.40 12.76 26.72
N LEU E 165 -5.03 13.85 27.15
CA LEU E 165 -6.42 14.02 26.87
C LEU E 165 -6.58 14.46 25.39
N ILE E 166 -5.73 15.38 24.94
CA ILE E 166 -5.67 15.74 23.51
C ILE E 166 -5.39 14.51 22.66
N ASP E 167 -4.45 13.67 23.11
CA ASP E 167 -4.10 12.47 22.35
C ASP E 167 -5.24 11.49 22.31
N PHE E 168 -5.97 11.33 23.43
CA PHE E 168 -7.14 10.46 23.43
C PHE E 168 -8.14 10.96 22.39
N TRP E 169 -8.31 12.25 22.27
CA TRP E 169 -9.34 12.72 21.34
C TRP E 169 -8.93 12.54 19.87
N ARG E 170 -7.75 13.04 19.54
CA ARG E 170 -7.26 12.90 18.20
C ARG E 170 -7.03 11.44 17.77
N PHE E 171 -6.49 10.60 18.65
CA PHE E 171 -6.26 9.22 18.24
C PHE E 171 -7.55 8.46 18.17
N ASN E 172 -8.45 8.67 19.12
CA ASN E 172 -9.74 7.95 19.06
C ASN E 172 -10.49 8.28 17.76
N VAL E 173 -10.38 9.52 17.27
CA VAL E 173 -11.07 9.91 16.03
C VAL E 173 -10.46 9.07 14.91
N ALA E 174 -9.12 9.02 14.86
CA ALA E 174 -8.41 8.18 13.89
C ALA E 174 -8.72 6.72 14.03
N PHE E 175 -8.76 6.19 15.24
CA PHE E 175 -9.10 4.78 15.43
C PHE E 175 -10.53 4.39 14.94
N ALA E 176 -11.50 5.26 15.27
CA ALA E 176 -12.88 5.10 14.89
C ALA E 176 -13.03 5.05 13.37
N ARG E 177 -12.32 5.92 12.71
CA ARG E 177 -12.33 5.99 11.25
C ARG E 177 -11.66 4.77 10.66
N GLN E 178 -10.63 4.27 11.35
CA GLN E 178 -10.05 2.97 10.97
C GLN E 178 -11.06 1.89 11.01
N ILE E 179 -11.80 1.80 12.11
CA ILE E 179 -12.83 0.73 12.29
C ILE E 179 -13.89 0.82 11.19
N LEU E 180 -14.33 2.04 10.85
CA LEU E 180 -15.43 2.14 9.90
C LEU E 180 -15.06 1.50 8.57
N GLU E 181 -13.78 1.56 8.28
CA GLU E 181 -13.20 1.10 6.99
C GLU E 181 -13.00 -0.41 6.91
N GLN E 182 -13.13 -1.09 8.05
CA GLN E 182 -12.97 -2.55 8.09
C GLN E 182 -14.22 -3.21 7.53
N GLN E 183 -14.07 -3.83 6.37
CA GLN E 183 -15.18 -4.32 5.59
C GLN E 183 -14.91 -5.67 4.98
N PRO E 184 -15.97 -6.43 4.71
CA PRO E 184 -15.80 -7.76 4.18
C PRO E 184 -15.55 -7.81 2.66
N ILE E 185 -15.36 -9.02 2.17
CA ILE E 185 -15.20 -9.38 0.77
C ILE E 185 -16.57 -9.59 0.18
N SER E 186 -16.81 -9.12 -1.03
CA SER E 186 -18.04 -9.42 -1.73
C SER E 186 -17.74 -10.52 -2.77
N GLY E 187 -18.40 -11.66 -2.66
CA GLY E 187 -18.36 -12.63 -3.70
C GLY E 187 -19.09 -12.20 -4.94
N PRO E 188 -19.05 -13.03 -5.98
CA PRO E 188 -19.78 -12.71 -7.19
C PRO E 188 -21.26 -12.66 -6.93
N GLY E 189 -21.96 -11.70 -7.49
CA GLY E 189 -23.42 -11.69 -7.39
C GLY E 189 -24.00 -11.02 -6.17
N GLU E 190 -23.13 -10.40 -5.39
CA GLU E 190 -23.52 -9.81 -4.15
C GLU E 190 -22.69 -8.62 -3.73
N TRP E 191 -23.14 -7.99 -2.65
CA TRP E 191 -22.42 -6.90 -2.03
C TRP E 191 -22.66 -6.92 -0.50
N ASN E 192 -21.57 -7.07 0.20
CA ASN E 192 -21.52 -7.25 1.64
C ASN E 192 -20.94 -6.01 2.21
N ARG E 193 -21.57 -5.48 3.25
CA ARG E 193 -21.07 -4.31 3.94
C ARG E 193 -21.28 -4.43 5.45
N ILE E 194 -20.53 -3.65 6.20
CA ILE E 194 -20.66 -3.63 7.63
C ILE E 194 -20.96 -2.24 8.12
N ASP E 195 -21.96 -2.19 9.00
CA ASP E 195 -22.47 -0.95 9.60
C ASP E 195 -22.18 -1.02 11.08
N TYR E 196 -21.39 -0.07 11.53
CA TYR E 196 -20.96 -0.02 12.90
C TYR E 196 -21.94 0.82 13.76
N ARG E 197 -23.01 0.19 14.20
CA ARG E 197 -24.08 0.90 14.93
C ARG E 197 -23.66 1.28 16.33
N PRO E 198 -24.14 2.41 16.81
CA PRO E 198 -24.07 2.65 18.26
C PRO E 198 -24.94 1.66 19.08
N LEU E 199 -24.79 1.73 20.40
CA LEU E 199 -25.55 0.89 21.33
C LEU E 199 -26.97 1.42 21.44
N ASP E 200 -27.90 0.58 21.87
CA ASP E 200 -29.24 0.99 22.28
C ASP E 200 -29.13 1.39 23.74
N GLY E 201 -29.51 2.59 24.10
CA GLY E 201 -29.40 2.94 25.50
C GLY E 201 -28.14 3.63 25.89
N PHE E 202 -28.08 4.03 27.15
CA PHE E 202 -27.08 5.00 27.60
C PHE E 202 -25.86 4.33 28.21
N VAL E 203 -24.77 5.08 28.27
CA VAL E 203 -23.54 4.56 28.83
C VAL E 203 -23.26 5.35 30.08
N TYR E 204 -22.70 4.66 31.07
CA TYR E 204 -22.49 5.23 32.41
C TYR E 204 -21.00 5.24 32.65
N ALA E 205 -20.41 6.42 32.67
CA ALA E 205 -19.02 6.58 32.86
C ALA E 205 -18.68 7.05 34.27
N ILE E 206 -17.82 6.30 34.93
CA ILE E 206 -17.36 6.57 36.30
C ILE E 206 -15.85 6.65 36.31
N THR E 207 -15.32 7.81 36.60
CA THR E 207 -13.94 8.09 36.36
C THR E 207 -13.25 8.36 37.68
N PRO E 208 -11.90 8.21 37.74
CA PRO E 208 -11.17 8.34 39.02
C PRO E 208 -10.54 9.68 39.24
N PHE E 209 -9.93 9.86 40.41
CA PHE E 209 -9.25 11.12 40.70
C PHE E 209 -7.91 11.32 39.98
N ASN E 210 -7.26 10.22 39.59
CA ASN E 210 -5.82 10.21 39.27
C ASN E 210 -5.47 11.01 38.02
N PHE E 211 -6.40 10.94 37.06
CA PHE E 211 -6.13 11.52 35.72
C PHE E 211 -7.29 12.28 35.10
N THR E 212 -7.07 13.55 34.83
CA THR E 212 -8.05 14.35 34.14
C THR E 212 -8.33 13.77 32.77
N SER E 213 -7.33 13.08 32.21
CA SER E 213 -7.42 12.54 30.84
C SER E 213 -8.33 11.35 30.78
N ILE E 214 -8.19 10.42 31.74
CA ILE E 214 -9.05 9.24 31.80
C ILE E 214 -10.43 9.72 32.11
N ALA E 215 -10.52 10.72 32.96
CA ALA E 215 -11.85 11.19 33.29
C ALA E 215 -12.50 11.85 32.09
N GLY E 216 -11.72 12.54 31.28
CA GLY E 216 -12.25 13.09 30.02
C GLY E 216 -12.55 12.05 28.95
N ASN E 217 -11.73 11.02 28.90
CA ASN E 217 -11.90 9.99 27.87
C ASN E 217 -13.03 9.03 28.08
N LEU E 218 -13.25 8.57 29.30
CA LEU E 218 -14.24 7.54 29.48
C LEU E 218 -15.66 7.93 29.02
N PRO E 219 -16.08 9.17 29.30
CA PRO E 219 -17.40 9.58 28.75
C PRO E 219 -17.36 9.93 27.26
N THR E 220 -16.27 10.51 26.76
CA THR E 220 -16.27 10.90 25.34
C THR E 220 -16.06 9.79 24.30
N ALA E 221 -15.24 8.81 24.62
CA ALA E 221 -15.07 7.67 23.74
C ALA E 221 -16.37 7.05 23.28
N PRO E 222 -17.26 6.65 24.21
CA PRO E 222 -18.50 6.08 23.70
C PRO E 222 -19.34 7.08 22.88
N ALA E 223 -19.24 8.34 23.25
CA ALA E 223 -20.02 9.37 22.61
C ALA E 223 -19.59 9.55 21.16
N LEU E 224 -18.29 9.44 20.87
CA LEU E 224 -17.80 9.56 19.50
C LEU E 224 -18.49 8.58 18.58
N MET E 225 -18.74 7.39 19.07
CA MET E 225 -19.32 6.32 18.29
C MET E 225 -20.83 6.43 18.16
N GLY E 226 -21.39 7.53 18.70
CA GLY E 226 -22.82 7.82 18.52
C GLY E 226 -23.69 7.50 19.72
N ASN E 227 -23.09 7.35 20.91
CA ASN E 227 -23.84 7.03 22.13
C ASN E 227 -24.03 8.23 22.98
N THR E 228 -24.98 8.14 23.91
CA THR E 228 -25.08 9.17 24.94
C THR E 228 -24.76 8.56 26.32
N VAL E 229 -24.46 9.44 27.25
CA VAL E 229 -23.70 9.13 28.45
C VAL E 229 -24.08 9.98 29.69
N ILE E 230 -24.13 9.29 30.82
CA ILE E 230 -24.03 9.95 32.11
C ILE E 230 -22.64 9.70 32.71
N TRP E 231 -22.04 10.78 33.19
CA TRP E 231 -20.71 10.82 33.63
C TRP E 231 -20.66 11.27 35.10
N LYS E 232 -20.10 10.42 35.91
CA LYS E 232 -19.90 10.66 37.32
C LYS E 232 -18.43 10.80 37.68
N PRO E 233 -17.88 12.00 37.69
CA PRO E 233 -16.49 12.11 38.08
C PRO E 233 -16.26 11.98 39.58
N SER E 234 -14.98 11.87 39.94
CA SER E 234 -14.56 11.73 41.31
C SER E 234 -14.58 13.14 41.94
N ILE E 235 -15.03 13.21 43.20
CA ILE E 235 -15.26 14.48 43.85
C ILE E 235 -14.01 15.32 43.74
N THR E 236 -12.85 14.73 44.04
CA THR E 236 -11.61 15.49 44.11
C THR E 236 -11.05 15.89 42.77
N GLN E 237 -11.68 15.40 41.69
CA GLN E 237 -11.30 15.80 40.33
C GLN E 237 -12.38 16.71 39.70
N THR E 238 -13.36 17.12 40.50
CA THR E 238 -14.56 17.66 39.88
C THR E 238 -14.33 19.06 39.31
N LEU E 239 -13.39 19.80 39.83
CA LEU E 239 -13.12 21.14 39.21
C LEU E 239 -12.74 20.98 37.72
N ALA E 240 -11.74 20.14 37.44
CA ALA E 240 -11.28 19.92 36.06
C ALA E 240 -12.35 19.26 35.23
N ALA E 241 -13.10 18.35 35.83
CA ALA E 241 -14.11 17.68 35.08
C ALA E 241 -15.18 18.71 34.63
N TYR E 242 -15.55 19.61 35.53
CA TYR E 242 -16.57 20.59 35.18
C TYR E 242 -15.98 21.47 34.09
N LEU E 243 -14.75 21.94 34.28
CA LEU E 243 -14.10 22.68 33.22
C LEU E 243 -13.98 21.89 31.89
N THR E 244 -13.85 20.56 31.94
CA THR E 244 -13.73 19.77 30.75
C THR E 244 -15.08 19.83 30.02
N MET E 245 -16.11 19.77 30.82
CA MET E 245 -17.43 19.79 30.32
C MET E 245 -17.72 21.10 29.59
N GLN E 246 -17.25 22.22 30.17
CA GLN E 246 -17.40 23.52 29.53
C GLN E 246 -16.63 23.63 28.22
N LEU E 247 -15.50 22.92 28.15
CA LEU E 247 -14.64 22.93 27.00
C LEU E 247 -15.40 22.18 25.91
N LEU E 248 -15.95 21.05 26.29
CA LEU E 248 -16.70 20.27 25.35
C LEU E 248 -17.89 21.06 24.76
N GLU E 249 -18.55 21.88 25.57
CA GLU E 249 -19.67 22.68 25.05
C GLU E 249 -19.15 23.80 24.16
N ALA E 250 -17.97 24.33 24.48
CA ALA E 250 -17.37 25.32 23.61
C ALA E 250 -16.97 24.69 22.30
N ALA E 251 -16.70 23.37 22.29
CA ALA E 251 -16.32 22.70 21.05
C ALA E 251 -17.55 22.35 20.23
N GLY E 252 -18.72 22.44 20.87
CA GLY E 252 -20.01 22.27 20.22
C GLY E 252 -20.71 20.97 20.57
N LEU E 253 -20.30 20.33 21.64
CA LEU E 253 -20.99 19.10 22.04
C LEU E 253 -22.47 19.46 22.23
N PRO E 254 -23.40 18.74 21.63
CA PRO E 254 -24.79 19.09 21.87
C PRO E 254 -25.30 18.70 23.27
N PRO E 255 -26.33 19.41 23.76
CA PRO E 255 -26.94 19.20 25.04
C PRO E 255 -27.43 17.81 25.27
N GLY E 256 -27.09 17.24 26.42
CA GLY E 256 -27.58 15.92 26.79
C GLY E 256 -26.82 14.71 26.23
N VAL E 257 -25.86 14.95 25.37
CA VAL E 257 -25.04 13.86 24.85
C VAL E 257 -24.17 13.29 25.99
N ILE E 258 -23.60 14.22 26.75
CA ILE E 258 -22.95 13.87 28.02
C ILE E 258 -23.54 14.68 29.19
N ASN E 259 -23.86 13.97 30.28
CA ASN E 259 -24.51 14.55 31.44
C ASN E 259 -23.71 14.32 32.70
N LEU E 260 -23.15 15.38 33.23
CA LEU E 260 -22.32 15.33 34.38
C LEU E 260 -23.17 15.37 35.69
N VAL E 261 -23.06 14.29 36.48
CA VAL E 261 -23.66 14.23 37.80
C VAL E 261 -22.56 14.04 38.85
N THR E 262 -22.46 15.02 39.76
CA THR E 262 -21.47 15.10 40.80
C THR E 262 -21.76 14.34 42.10
N GLY E 263 -20.70 14.14 42.86
CA GLY E 263 -20.79 13.51 44.16
C GLY E 263 -20.23 12.12 44.25
N ASP E 264 -20.75 11.39 45.23
CA ASP E 264 -20.10 10.18 45.71
C ASP E 264 -20.58 9.05 44.84
N GLY E 265 -21.62 9.28 44.06
CA GLY E 265 -22.06 8.31 43.10
C GLY E 265 -23.07 7.24 43.46
N PHE E 266 -23.40 7.15 44.74
CA PHE E 266 -24.20 6.02 45.21
C PHE E 266 -25.61 6.14 44.67
N ALA E 267 -26.17 7.33 44.78
CA ALA E 267 -27.51 7.58 44.27
C ALA E 267 -27.54 7.38 42.72
N VAL E 268 -26.47 7.79 42.05
CA VAL E 268 -26.41 7.59 40.56
C VAL E 268 -26.45 6.11 40.19
N SER E 269 -25.66 5.28 40.86
CA SER E 269 -25.72 3.85 40.57
C SER E 269 -27.03 3.20 40.90
N ASP E 270 -27.66 3.61 42.02
CA ASP E 270 -29.00 3.09 42.36
C ASP E 270 -29.88 3.23 41.13
N VAL E 271 -29.88 4.40 40.50
CA VAL E 271 -30.75 4.71 39.34
C VAL E 271 -30.28 4.04 38.03
N ALA E 272 -29.01 4.22 37.71
CA ALA E 272 -28.47 3.72 36.43
C ALA E 272 -28.55 2.20 36.35
N LEU E 273 -28.14 1.52 37.42
CA LEU E 273 -28.14 0.06 37.38
C LEU E 273 -29.53 -0.56 37.48
N ALA E 274 -30.52 0.23 37.89
CA ALA E 274 -31.91 -0.26 37.83
C ALA E 274 -32.56 0.00 36.48
N ASP E 275 -32.01 0.92 35.71
CA ASP E 275 -32.69 1.32 34.49
C ASP E 275 -32.51 0.24 33.44
N PRO E 276 -33.60 -0.19 32.81
CA PRO E 276 -33.47 -1.20 31.78
C PRO E 276 -32.68 -0.76 30.53
N ARG E 277 -32.57 0.55 30.33
CA ARG E 277 -31.81 1.10 29.20
C ARG E 277 -30.28 1.17 29.34
N LEU E 278 -29.70 0.61 30.42
CA LEU E 278 -28.27 0.71 30.64
C LEU E 278 -27.61 -0.19 29.62
N ALA E 279 -26.81 0.41 28.74
CA ALA E 279 -26.15 -0.30 27.67
C ALA E 279 -24.73 -0.62 28.09
N GLY E 280 -24.17 0.14 29.02
CA GLY E 280 -22.85 -0.19 29.50
C GLY E 280 -22.28 0.76 30.51
N ILE E 281 -21.14 0.35 31.12
CA ILE E 281 -20.40 1.07 32.09
C ILE E 281 -18.92 1.15 31.71
N HIS E 282 -18.38 2.35 31.74
CA HIS E 282 -17.02 2.58 31.41
C HIS E 282 -16.37 3.10 32.68
N PHE E 283 -15.43 2.36 33.23
CA PHE E 283 -14.99 2.64 34.58
C PHE E 283 -13.56 2.28 34.87
N THR E 284 -13.19 2.60 36.08
CA THR E 284 -12.02 2.06 36.74
C THR E 284 -12.46 1.36 38.04
N GLY E 285 -11.63 0.46 38.54
CA GLY E 285 -11.83 -0.19 39.82
C GLY E 285 -11.13 -1.52 40.06
N SER E 286 -11.13 -1.95 41.31
CA SER E 286 -10.62 -3.26 41.74
C SER E 286 -11.22 -4.43 40.97
N THR E 287 -10.69 -5.62 41.19
CA THR E 287 -11.27 -6.83 40.62
C THR E 287 -12.57 -7.21 41.31
N ALA E 288 -12.62 -7.02 42.62
CA ALA E 288 -13.88 -7.15 43.37
C ALA E 288 -14.99 -6.26 42.70
N THR E 289 -14.68 -4.97 42.45
CA THR E 289 -15.63 -4.07 41.77
C THR E 289 -16.12 -4.72 40.46
N PHE E 290 -15.23 -5.36 39.71
CA PHE E 290 -15.59 -6.10 38.48
C PHE E 290 -16.59 -7.27 38.71
N GLY E 291 -16.21 -8.15 39.64
CA GLY E 291 -16.96 -9.35 39.98
C GLY E 291 -18.31 -8.99 40.55
N HIS E 292 -18.32 -7.95 41.42
CA HIS E 292 -19.53 -7.28 41.89
C HIS E 292 -20.52 -6.89 40.76
N LEU E 293 -20.06 -6.03 39.87
CA LEU E 293 -20.88 -5.64 38.76
C LEU E 293 -21.19 -6.89 37.91
N TRP E 294 -20.21 -7.77 37.74
CA TRP E 294 -20.47 -8.99 36.97
C TRP E 294 -21.66 -9.83 37.49
N GLN E 295 -21.67 -10.11 38.80
CA GLN E 295 -22.74 -10.90 39.44
C GLN E 295 -24.06 -10.10 39.46
N TRP E 296 -23.95 -8.84 39.76
CA TRP E 296 -25.13 -8.03 39.74
C TRP E 296 -25.86 -8.20 38.40
N VAL E 297 -25.27 -7.67 37.34
CA VAL E 297 -25.89 -7.63 36.05
C VAL E 297 -26.37 -9.01 35.70
N GLY E 298 -25.52 -9.98 35.99
CA GLY E 298 -25.78 -11.36 35.65
C GLY E 298 -27.08 -11.86 36.20
N THR E 299 -27.35 -11.59 37.46
CA THR E 299 -28.60 -12.02 38.03
C THR E 299 -29.71 -11.06 37.65
N ASN E 300 -29.36 -9.79 37.44
CA ASN E 300 -30.30 -8.80 36.92
C ASN E 300 -30.55 -8.82 35.43
N ILE E 301 -29.78 -9.61 34.71
CA ILE E 301 -29.80 -9.55 33.27
C ILE E 301 -31.18 -9.53 32.65
N GLY E 302 -32.17 -10.03 33.35
CA GLY E 302 -33.52 -10.14 32.84
C GLY E 302 -34.17 -8.78 32.74
N ARG E 303 -33.61 -7.83 33.46
CA ARG E 303 -34.17 -6.50 33.49
C ARG E 303 -33.73 -5.63 32.30
N TYR E 304 -32.54 -5.85 31.76
CA TYR E 304 -31.97 -4.93 30.75
C TYR E 304 -32.41 -5.28 29.32
N HIS E 305 -32.79 -4.26 28.55
CA HIS E 305 -33.06 -4.41 27.12
C HIS E 305 -31.83 -4.99 26.40
N SER E 306 -30.66 -4.50 26.73
CA SER E 306 -29.43 -5.02 26.13
C SER E 306 -28.57 -5.66 27.19
N TYR E 307 -27.61 -6.44 26.76
CA TYR E 307 -26.60 -6.97 27.61
C TYR E 307 -25.57 -5.90 27.97
N PRO E 308 -25.51 -5.51 29.25
CA PRO E 308 -24.68 -4.38 29.53
C PRO E 308 -23.21 -4.72 29.34
N ARG E 309 -22.45 -3.75 28.85
CA ARG E 309 -21.05 -3.91 28.51
C ARG E 309 -20.21 -3.23 29.55
N LEU E 310 -19.41 -4.02 30.23
CA LEU E 310 -18.57 -3.56 31.33
C LEU E 310 -17.13 -3.47 30.87
N VAL E 311 -16.62 -2.25 30.82
CA VAL E 311 -15.38 -1.98 30.18
C VAL E 311 -14.61 -1.10 31.14
N GLY E 312 -13.43 -1.55 31.48
CA GLY E 312 -12.61 -0.77 32.36
C GLY E 312 -11.24 -1.35 32.64
N GLU E 313 -10.57 -0.72 33.59
CA GLU E 313 -9.22 -1.02 33.94
C GLU E 313 -9.07 -0.90 35.47
N THR E 314 -8.06 -1.58 36.02
CA THR E 314 -7.81 -1.59 37.45
C THR E 314 -6.48 -0.97 37.67
N GLY E 315 -6.20 -0.65 38.92
CA GLY E 315 -4.90 -0.15 39.29
C GLY E 315 -4.00 -1.33 39.64
N GLY E 316 -2.87 -1.03 40.22
CA GLY E 316 -1.95 -2.10 40.58
C GLY E 316 -0.69 -1.54 41.15
N LYS E 317 0.26 -2.43 41.34
CA LYS E 317 1.52 -2.04 41.94
C LYS E 317 2.67 -2.71 41.17
N ASP E 318 3.74 -1.94 40.99
CA ASP E 318 4.75 -2.23 40.02
C ASP E 318 6.10 -2.54 40.67
N PHE E 319 6.89 -3.37 39.97
CA PHE E 319 8.26 -3.72 40.32
C PHE E 319 9.34 -3.29 39.31
N VAL E 320 10.54 -3.01 39.84
CA VAL E 320 11.75 -2.79 39.04
C VAL E 320 12.83 -3.80 39.51
N VAL E 321 13.35 -4.60 38.59
CA VAL E 321 14.46 -5.48 38.87
C VAL E 321 15.72 -4.95 38.19
N ALA E 322 16.78 -4.69 38.97
CA ALA E 322 18.11 -4.26 38.44
C ALA E 322 19.13 -5.41 38.46
N HIS E 323 19.58 -5.76 37.27
CA HIS E 323 20.60 -6.76 37.10
C HIS E 323 21.92 -6.09 37.42
N ALA E 324 22.91 -6.93 37.72
CA ALA E 324 24.26 -6.48 37.96
C ALA E 324 24.80 -5.48 36.91
N SER E 325 24.36 -5.63 35.65
CA SER E 325 24.77 -4.74 34.53
C SER E 325 23.96 -3.45 34.42
N ALA E 326 23.12 -3.19 35.39
CA ALA E 326 22.28 -1.99 35.37
C ALA E 326 23.08 -0.71 35.47
N ARG E 327 22.75 0.30 34.70
CA ARG E 327 23.35 1.62 34.94
C ARG E 327 22.77 2.24 36.21
N PRO E 328 23.63 2.58 37.21
CA PRO E 328 23.15 3.09 38.50
C PRO E 328 22.34 4.39 38.42
N ASP E 329 22.77 5.34 37.61
CA ASP E 329 22.10 6.63 37.56
C ASP E 329 20.75 6.49 36.86
N VAL E 330 20.66 5.54 35.94
CA VAL E 330 19.41 5.26 35.29
C VAL E 330 18.44 4.59 36.25
N LEU E 331 18.90 3.56 36.94
CA LEU E 331 18.11 2.91 37.96
C LEU E 331 17.60 3.89 39.03
N ARG E 332 18.52 4.68 39.54
CA ARG E 332 18.20 5.62 40.58
C ARG E 332 17.09 6.54 40.13
N THR E 333 17.27 7.10 38.94
CA THR E 333 16.32 8.03 38.39
C THR E 333 14.99 7.35 38.11
N ALA E 334 15.00 6.13 37.66
CA ALA E 334 13.77 5.44 37.34
C ALA E 334 12.95 5.12 38.60
N LEU E 335 13.64 4.84 39.70
CA LEU E 335 13.01 4.57 40.98
C LEU E 335 12.43 5.84 41.57
N ILE E 336 13.21 6.89 41.66
CA ILE E 336 12.71 8.13 42.16
C ILE E 336 11.45 8.61 41.39
N ARG E 337 11.52 8.75 40.05
CA ARG E 337 10.31 9.21 39.30
C ARG E 337 9.25 8.14 39.38
N GLY E 338 9.63 6.90 39.22
CA GLY E 338 8.61 5.90 39.24
C GLY E 338 7.86 5.77 40.55
N ALA E 339 8.57 5.88 41.70
CA ALA E 339 7.93 5.78 43.02
C ALA E 339 7.25 7.08 43.49
N PHE E 340 7.86 8.21 43.17
CA PHE E 340 7.54 9.53 43.72
C PHE E 340 6.92 10.58 42.77
N ASP E 341 6.83 10.30 41.48
CA ASP E 341 6.12 11.20 40.56
C ASP E 341 4.67 11.16 41.06
N TYR E 342 4.04 12.32 41.08
CA TYR E 342 2.68 12.48 41.60
C TYR E 342 2.44 11.76 42.92
N GLN E 343 3.45 11.80 43.79
CA GLN E 343 3.35 11.23 45.14
C GLN E 343 2.93 9.78 45.12
N GLY E 344 3.34 9.07 44.06
CA GLY E 344 2.99 7.63 43.92
C GLY E 344 1.55 7.33 43.64
N GLN E 345 0.81 8.33 43.16
CA GLN E 345 -0.64 8.17 42.97
C GLN E 345 -1.12 7.93 41.50
N LYS E 346 -0.22 7.56 40.61
CA LYS E 346 -0.67 7.13 39.26
C LYS E 346 -1.49 5.86 39.41
N CME E 347 -1.94 5.26 38.31
CA CME E 347 -2.87 4.11 38.37
CB CME E 347 -3.39 3.65 37.00
SG CME E 347 -4.51 4.78 36.21
SD CME E 347 -6.06 5.02 37.51
CE CME E 347 -6.75 3.37 37.43
CZ CME E 347 -7.53 3.01 38.69
OH CME E 347 -6.71 2.98 39.86
C CME E 347 -2.10 3.00 39.00
O CME E 347 -2.63 2.18 39.76
N SER E 348 -0.81 2.96 38.66
CA SER E 348 0.17 2.23 39.42
C SER E 348 1.45 3.06 39.55
N ALA E 349 2.23 2.71 40.56
CA ALA E 349 3.49 3.35 40.81
C ALA E 349 4.50 2.26 41.15
N VAL E 350 5.79 2.59 41.10
CA VAL E 350 6.81 1.64 41.59
C VAL E 350 6.75 1.51 43.13
N SER E 351 6.55 0.30 43.65
CA SER E 351 6.51 0.04 45.08
C SER E 351 7.64 -0.87 45.56
N ARG E 352 8.14 -1.69 44.64
CA ARG E 352 9.05 -2.77 44.94
C ARG E 352 10.21 -2.80 43.94
N ALA E 353 11.40 -2.61 44.44
CA ALA E 353 12.63 -2.71 43.67
C ALA E 353 13.45 -3.87 44.19
N PHE E 354 14.08 -4.58 43.26
CA PHE E 354 14.91 -5.75 43.47
C PHE E 354 16.24 -5.40 42.83
N ILE E 355 17.22 -5.09 43.65
CA ILE E 355 18.49 -4.52 43.19
C ILE E 355 19.66 -5.48 43.53
N ALA E 356 20.48 -5.72 42.53
CA ALA E 356 21.71 -6.49 42.71
C ALA E 356 22.58 -5.78 43.72
N HIS E 357 23.05 -6.54 44.70
CA HIS E 357 24.07 -6.09 45.69
C HIS E 357 25.14 -5.12 45.15
N SER E 358 25.87 -5.50 44.10
CA SER E 358 26.93 -4.58 43.61
C SER E 358 26.37 -3.23 43.18
N VAL E 359 25.18 -3.26 42.58
CA VAL E 359 24.63 -2.00 42.06
C VAL E 359 24.10 -1.17 43.22
N TRP E 360 23.51 -1.83 44.23
CA TRP E 360 23.17 -1.13 45.48
C TRP E 360 24.36 -0.38 46.11
N GLN E 361 25.56 -0.99 46.10
CA GLN E 361 26.76 -0.31 46.67
C GLN E 361 26.99 0.98 45.96
N ARG E 362 26.73 0.99 44.66
CA ARG E 362 27.08 2.16 43.86
C ARG E 362 26.03 3.25 43.94
N MET E 363 24.74 2.92 44.16
CA MET E 363 23.68 3.99 44.10
C MET E 363 22.68 4.09 45.27
N GLY E 364 22.77 3.17 46.23
CA GLY E 364 21.94 3.17 47.48
C GLY E 364 22.00 4.49 48.20
N ASP E 365 23.21 4.97 48.48
CA ASP E 365 23.38 6.19 49.23
C ASP E 365 22.86 7.40 48.50
N GLU E 366 23.06 7.46 47.17
CA GLU E 366 22.54 8.60 46.40
C GLU E 366 21.02 8.50 46.28
N LEU E 367 20.46 7.29 46.14
CA LEU E 367 19.01 7.17 46.16
C LEU E 367 18.43 7.78 47.45
N LEU E 368 18.97 7.36 48.60
CA LEU E 368 18.47 7.82 49.90
C LEU E 368 18.68 9.30 50.05
N ALA E 369 19.85 9.81 49.73
CA ALA E 369 20.06 11.28 49.83
C ALA E 369 19.10 12.12 48.97
N LYS E 370 18.79 11.64 47.76
CA LYS E 370 17.98 12.43 46.82
C LYS E 370 16.54 12.36 47.29
N ALA E 371 16.13 11.21 47.82
CA ALA E 371 14.76 11.05 48.28
C ALA E 371 14.51 11.94 49.51
N ALA E 372 15.56 12.19 50.29
CA ALA E 372 15.44 13.02 51.47
C ALA E 372 15.34 14.50 51.05
N GLU E 373 16.01 14.91 49.98
CA GLU E 373 15.99 16.31 49.52
C GLU E 373 14.78 16.69 48.66
N LEU E 374 14.06 15.69 48.20
CA LEU E 374 13.03 15.89 47.18
C LEU E 374 11.84 16.61 47.85
N ARG E 375 11.46 17.77 47.29
CA ARG E 375 10.47 18.63 47.89
C ARG E 375 9.03 18.27 47.50
N TYR E 376 8.19 18.06 48.50
CA TYR E 376 6.75 17.99 48.28
C TYR E 376 6.06 19.16 49.02
N GLY E 377 5.41 20.06 48.28
CA GLY E 377 4.69 21.18 48.86
C GLY E 377 3.54 21.73 48.00
N ASP E 378 3.24 23.01 48.18
CA ASP E 378 2.18 23.64 47.46
C ASP E 378 2.62 23.72 45.97
N ILE E 379 1.89 23.02 45.09
CA ILE E 379 2.23 22.95 43.65
C ILE E 379 2.17 24.26 42.90
N THR E 380 1.66 25.30 43.53
CA THR E 380 1.79 26.64 42.95
C THR E 380 3.18 27.15 43.10
N ASP E 381 3.97 26.50 43.94
CA ASP E 381 5.41 26.74 44.01
C ASP E 381 5.94 25.73 43.03
N LEU E 382 6.25 26.21 41.85
CA LEU E 382 6.74 25.41 40.77
C LEU E 382 8.14 24.78 41.00
N SER E 383 8.81 25.12 42.11
CA SER E 383 10.11 24.48 42.46
C SER E 383 9.89 23.09 43.09
N ASN E 384 8.71 22.88 43.66
CA ASN E 384 8.37 21.59 44.20
C ASN E 384 8.32 20.47 43.13
N TYR E 385 8.74 19.26 43.53
CA TYR E 385 8.66 18.06 42.70
C TYR E 385 7.24 17.51 42.62
N GLY E 386 6.50 17.73 43.70
CA GLY E 386 5.21 17.05 43.92
C GLY E 386 4.39 17.81 44.96
N GLY E 387 3.16 17.38 45.20
CA GLY E 387 2.38 17.96 46.28
C GLY E 387 2.00 16.94 47.33
N ALA E 388 0.70 16.82 47.52
CA ALA E 388 0.16 16.06 48.61
C ALA E 388 -0.71 14.97 48.12
N LEU E 389 -1.08 14.07 49.02
CA LEU E 389 -1.97 13.00 48.64
C LEU E 389 -3.34 13.63 48.42
N ILE E 390 -4.18 12.90 47.73
CA ILE E 390 -5.43 13.40 47.23
C ILE E 390 -6.45 13.74 48.31
N ASP E 391 -6.60 12.91 49.34
CA ASP E 391 -7.58 13.23 50.38
C ASP E 391 -7.19 12.65 51.78
N GLN E 392 -8.05 12.85 52.77
CA GLN E 392 -7.78 12.45 54.15
C GLN E 392 -7.68 10.94 54.24
N ARG E 393 -8.62 10.24 53.62
CA ARG E 393 -8.56 8.77 53.56
C ARG E 393 -7.27 8.23 52.93
N ALA E 394 -6.71 8.93 51.97
CA ALA E 394 -5.49 8.43 51.37
C ALA E 394 -4.36 8.59 52.37
N PHE E 395 -4.33 9.75 52.99
CA PHE E 395 -3.34 10.07 54.00
C PHE E 395 -3.32 9.03 55.10
N VAL E 396 -4.49 8.67 55.61
CA VAL E 396 -4.60 7.75 56.71
C VAL E 396 -3.98 6.44 56.27
N LYS E 397 -4.41 5.91 55.12
CA LYS E 397 -3.90 4.64 54.59
C LYS E 397 -2.36 4.58 54.45
N ASN E 398 -1.75 5.73 54.17
CA ASN E 398 -0.31 5.85 54.12
C ASN E 398 0.32 5.92 55.51
N VAL E 399 -0.35 6.60 56.45
CA VAL E 399 0.13 6.64 57.84
C VAL E 399 0.09 5.27 58.44
N ASP E 400 -0.99 4.57 58.26
CA ASP E 400 -1.03 3.19 58.69
C ASP E 400 0.14 2.36 58.13
N ALA E 401 0.49 2.55 56.85
CA ALA E 401 1.51 1.70 56.21
C ALA E 401 2.91 2.05 56.72
N ILE E 402 3.19 3.32 56.83
CA ILE E 402 4.40 3.74 57.47
C ILE E 402 4.55 3.14 58.85
N GLU E 403 3.47 3.13 59.66
CA GLU E 403 3.53 2.65 61.07
C GLU E 403 3.57 1.12 61.12
N ARG E 404 2.78 0.45 60.32
CA ARG E 404 2.93 -1.00 60.16
C ARG E 404 4.40 -1.42 59.93
N ALA E 405 5.18 -0.57 59.27
CA ALA E 405 6.52 -0.94 58.87
C ALA E 405 7.57 -0.42 59.84
N LYS E 406 7.31 0.75 60.44
CA LYS E 406 8.07 1.23 61.60
C LYS E 406 8.13 0.15 62.69
N GLY E 407 7.00 -0.56 62.85
CA GLY E 407 6.82 -1.52 63.90
C GLY E 407 6.99 -2.98 63.53
N ALA E 408 7.40 -3.27 62.30
CA ALA E 408 7.95 -4.61 61.99
C ALA E 408 9.46 -4.47 62.01
N ALA E 409 10.10 -5.44 62.68
CA ALA E 409 11.56 -5.42 62.93
C ALA E 409 12.29 -5.93 61.68
N ALA E 410 11.58 -6.78 60.93
CA ALA E 410 11.98 -7.22 59.61
C ALA E 410 12.40 -6.07 58.64
N VAL E 411 11.78 -4.89 58.75
CA VAL E 411 12.00 -3.81 57.79
C VAL E 411 12.38 -2.51 58.46
N THR E 412 13.28 -1.81 57.80
CA THR E 412 13.86 -0.57 58.27
C THR E 412 13.34 0.56 57.39
N VAL E 413 13.23 1.73 58.01
CA VAL E 413 12.80 2.93 57.36
C VAL E 413 14.05 3.72 57.11
N ALA E 414 14.63 3.52 55.93
CA ALA E 414 15.93 4.09 55.62
C ALA E 414 15.88 5.56 55.36
N VAL E 415 14.74 6.05 54.86
CA VAL E 415 14.56 7.48 54.67
C VAL E 415 13.07 7.90 54.64
N GLY E 416 12.85 9.19 54.88
CA GLY E 416 11.49 9.72 54.99
C GLY E 416 10.71 9.03 56.08
N GLY E 417 9.41 8.85 55.90
CA GLY E 417 8.56 8.25 56.93
C GLY E 417 7.75 9.26 57.76
N GLU E 418 8.03 10.55 57.57
CA GLU E 418 7.35 11.65 58.21
C GLU E 418 6.09 12.10 57.41
N TYR E 419 5.07 12.52 58.16
CA TYR E 419 3.80 13.00 57.66
C TYR E 419 3.24 14.16 58.51
N ASP E 420 2.31 14.92 57.94
CA ASP E 420 1.67 16.03 58.61
C ASP E 420 0.46 16.50 57.79
N ASP E 421 -0.76 16.32 58.34
CA ASP E 421 -2.05 16.69 57.71
C ASP E 421 -2.65 18.03 58.16
N SER E 422 -1.85 18.90 58.75
CA SER E 422 -2.39 20.04 59.44
C SER E 422 -2.69 21.14 58.44
N GLU E 423 -2.03 21.08 57.28
CA GLU E 423 -2.12 22.09 56.25
C GLU E 423 -2.43 21.48 54.88
N GLY E 424 -1.64 20.48 54.45
CA GLY E 424 -1.95 19.69 53.28
C GLY E 424 -1.93 18.26 53.69
N TYR E 425 -2.28 17.34 52.81
CA TYR E 425 -2.16 15.91 53.13
C TYR E 425 -0.76 15.40 52.78
N PHE E 426 0.24 15.92 53.46
CA PHE E 426 1.63 15.63 53.12
C PHE E 426 2.23 14.38 53.77
N VAL E 427 2.84 13.55 52.92
CA VAL E 427 3.63 12.37 53.32
C VAL E 427 4.91 12.44 52.50
N ARG E 428 6.06 12.37 53.14
CA ARG E 428 7.36 12.50 52.46
C ARG E 428 7.74 11.24 51.65
N PRO E 429 8.65 11.40 50.69
CA PRO E 429 9.15 10.18 50.06
C PRO E 429 9.78 9.27 51.06
N THR E 430 9.53 7.99 50.94
CA THR E 430 9.91 7.03 51.92
C THR E 430 10.46 5.78 51.24
N VAL E 431 11.60 5.27 51.76
CA VAL E 431 12.20 4.05 51.28
C VAL E 431 12.34 3.09 52.40
N LEU E 432 11.82 1.88 52.18
CA LEU E 432 11.88 0.79 53.10
C LEU E 432 12.86 -0.25 52.60
N LEU E 433 13.72 -0.71 53.49
CA LEU E 433 14.70 -1.73 53.19
C LEU E 433 14.28 -2.95 53.91
N SER E 434 14.17 -4.05 53.19
CA SER E 434 13.90 -5.29 53.84
C SER E 434 14.88 -6.38 53.42
N ASP E 435 15.22 -7.22 54.41
CA ASP E 435 16.08 -8.38 54.17
C ASP E 435 15.37 -9.40 53.30
N ASP E 436 14.11 -9.67 53.59
CA ASP E 436 13.31 -10.60 52.81
C ASP E 436 12.55 -9.84 51.73
N PRO E 437 12.11 -10.57 50.66
CA PRO E 437 11.23 -9.94 49.68
C PRO E 437 9.84 -9.69 50.29
N THR E 438 9.42 -8.42 50.21
CA THR E 438 8.16 -7.94 50.79
C THR E 438 6.98 -8.62 50.10
N ASP E 439 6.15 -9.31 50.88
CA ASP E 439 4.85 -9.80 50.40
C ASP E 439 4.16 -8.68 49.59
N GLU E 440 3.58 -9.00 48.42
CA GLU E 440 2.86 -8.00 47.59
C GLU E 440 1.60 -7.47 48.31
N SER E 441 1.06 -8.28 49.24
CA SER E 441 -0.10 -7.90 50.09
C SER E 441 0.11 -6.65 50.95
N PHE E 442 1.37 -6.38 51.30
CA PHE E 442 1.75 -5.20 52.12
C PHE E 442 1.75 -3.92 51.27
N VAL E 443 2.14 -4.02 50.01
CA VAL E 443 2.35 -2.84 49.15
C VAL E 443 1.07 -2.24 48.50
N ILE E 444 -0.02 -3.01 48.48
CA ILE E 444 -1.24 -2.58 47.75
C ILE E 444 -2.22 -1.78 48.61
N GLU E 445 -2.14 -1.96 49.94
CA GLU E 445 -3.12 -1.34 50.85
C GLU E 445 -3.11 0.23 50.84
N TYR E 446 -2.17 0.80 50.08
CA TYR E 446 -2.02 2.26 49.94
C TYR E 446 -1.69 2.65 48.47
N PHE E 447 -1.85 3.93 48.19
CA PHE E 447 -1.24 4.61 47.05
C PHE E 447 -0.47 5.78 47.63
N GLY E 448 0.85 5.81 47.53
CA GLY E 448 1.57 6.91 48.13
C GLY E 448 3.01 6.69 47.84
N PRO E 449 3.88 7.61 48.28
CA PRO E 449 5.27 7.59 47.95
C PRO E 449 6.15 6.76 48.88
N LEU E 450 5.91 5.46 48.85
CA LEU E 450 6.56 4.46 49.64
C LEU E 450 7.17 3.37 48.75
N LEU E 451 8.50 3.28 48.73
CA LEU E 451 9.21 2.29 47.91
C LEU E 451 9.89 1.22 48.78
N SER E 452 9.59 -0.05 48.60
CA SER E 452 10.37 -1.07 49.25
C SER E 452 11.53 -1.49 48.36
N VAL E 453 12.72 -1.61 48.94
CA VAL E 453 13.87 -2.05 48.23
C VAL E 453 14.39 -3.34 48.85
N HIS E 454 14.63 -4.32 48.00
CA HIS E 454 15.26 -5.56 48.37
C HIS E 454 16.56 -5.72 47.60
N VAL E 455 17.65 -5.94 48.34
CA VAL E 455 18.97 -6.17 47.78
C VAL E 455 19.26 -7.65 47.69
N TYR E 456 19.59 -8.15 46.51
CA TYR E 456 19.83 -9.57 46.29
C TYR E 456 21.25 -9.70 45.76
N PRO E 457 21.89 -10.86 46.03
CA PRO E 457 23.25 -11.08 45.52
C PRO E 457 23.27 -11.25 44.02
N ASP E 458 24.16 -10.49 43.36
CA ASP E 458 24.37 -10.49 41.90
C ASP E 458 24.10 -11.82 41.21
N GLU E 459 24.68 -12.88 41.75
CA GLU E 459 24.58 -14.22 41.15
C GLU E 459 23.17 -14.88 41.28
N ARG E 460 22.28 -14.31 42.06
CA ARG E 460 20.96 -14.92 42.23
C ARG E 460 19.83 -14.33 41.33
N TYR E 461 20.23 -13.61 40.29
CA TYR E 461 19.31 -12.99 39.34
C TYR E 461 18.16 -13.88 38.91
N GLU E 462 18.46 -15.09 38.46
CA GLU E 462 17.38 -15.99 38.03
C GLU E 462 16.46 -16.38 39.17
N GLN E 463 16.99 -16.49 40.39
CA GLN E 463 16.16 -16.94 41.52
C GLN E 463 15.26 -15.83 41.93
N ILE E 464 15.75 -14.60 41.84
CA ILE E 464 14.92 -13.42 42.06
C ILE E 464 13.78 -13.24 41.03
N LEU E 465 14.06 -13.47 39.78
CA LEU E 465 13.00 -13.46 38.79
C LEU E 465 11.93 -14.46 39.14
N ASP E 466 12.33 -15.64 39.64
CA ASP E 466 11.33 -16.61 40.14
C ASP E 466 10.51 -16.06 41.28
N VAL E 467 11.17 -15.41 42.23
CA VAL E 467 10.49 -14.81 43.37
C VAL E 467 9.50 -13.79 42.84
N ILE E 468 9.94 -12.88 41.97
CA ILE E 468 9.06 -11.87 41.43
C ILE E 468 7.86 -12.53 40.79
N ASP E 469 8.10 -13.54 39.94
CA ASP E 469 7.03 -14.26 39.22
C ASP E 469 5.98 -14.88 40.14
N THR E 470 6.49 -15.58 41.15
CA THR E 470 5.68 -16.33 42.09
C THR E 470 4.85 -15.35 42.89
N GLY E 471 5.44 -14.21 43.22
CA GLY E 471 4.77 -13.16 44.01
C GLY E 471 3.93 -12.24 43.13
N TYR E 474 -1.78 -8.88 39.75
CA TYR E 474 -1.40 -7.87 40.75
C TYR E 474 -0.46 -6.65 40.35
N ALA E 475 0.54 -6.91 39.52
CA ALA E 475 1.40 -5.83 38.96
C ALA E 475 0.95 -5.51 37.53
N LEU E 476 0.92 -4.23 37.24
CA LEU E 476 0.51 -3.73 35.95
C LEU E 476 1.70 -3.59 35.06
N THR E 477 2.80 -3.09 35.62
CA THR E 477 4.02 -2.87 34.87
C THR E 477 5.19 -3.38 35.67
N GLY E 478 6.19 -3.78 34.92
CA GLY E 478 7.45 -4.25 35.44
C GLY E 478 8.51 -3.69 34.56
N ALA E 479 9.70 -3.56 35.15
CA ALA E 479 10.85 -3.03 34.44
C ALA E 479 12.14 -3.71 34.82
N VAL E 480 12.98 -3.94 33.81
CA VAL E 480 14.33 -4.45 33.99
C VAL E 480 15.34 -3.38 33.58
N ILE E 481 16.30 -3.14 34.49
CA ILE E 481 17.40 -2.26 34.23
C ILE E 481 18.63 -3.15 34.06
N ALA E 482 19.19 -3.17 32.85
CA ALA E 482 20.30 -4.10 32.50
C ALA E 482 20.86 -3.78 31.11
N ASP E 483 22.18 -3.53 31.02
CA ASP E 483 22.85 -3.37 29.72
C ASP E 483 23.11 -4.70 29.04
N ASP E 484 23.12 -5.77 29.80
CA ASP E 484 23.46 -7.09 29.29
C ASP E 484 22.23 -7.68 28.58
N ARG E 485 22.41 -8.10 27.33
CA ARG E 485 21.27 -8.46 26.52
C ARG E 485 20.64 -9.76 26.92
N GLN E 486 21.45 -10.72 27.35
CA GLN E 486 20.91 -11.99 27.87
C GLN E 486 20.09 -11.71 29.13
N ALA E 487 20.55 -10.81 30.00
CA ALA E 487 19.81 -10.51 31.21
C ALA E 487 18.44 -9.88 30.84
N VAL E 488 18.46 -8.92 29.93
CA VAL E 488 17.23 -8.31 29.44
C VAL E 488 16.26 -9.37 28.93
N LEU E 489 16.78 -10.22 28.07
CA LEU E 489 15.95 -11.22 27.40
C LEU E 489 15.43 -12.24 28.42
N THR E 490 16.30 -12.68 29.31
CA THR E 490 15.90 -13.54 30.39
C THR E 490 14.68 -12.95 31.16
N ALA E 491 14.76 -11.68 31.53
CA ALA E 491 13.65 -11.03 32.22
C ALA E 491 12.36 -10.97 31.36
N LEU E 492 12.50 -10.71 30.05
CA LEU E 492 11.34 -10.64 29.17
C LEU E 492 10.64 -11.96 29.06
N ASP E 493 11.39 -13.05 29.15
CA ASP E 493 10.86 -14.41 29.11
C ASP E 493 10.19 -14.84 30.40
N ARG E 494 10.96 -14.69 31.46
CA ARG E 494 10.66 -15.26 32.73
C ARG E 494 9.51 -14.49 33.37
N LEU E 495 9.46 -13.18 33.14
CA LEU E 495 8.38 -12.36 33.69
C LEU E 495 7.29 -12.04 32.68
N ARG E 496 7.18 -12.87 31.63
CA ARG E 496 6.30 -12.59 30.50
C ARG E 496 4.85 -12.48 30.95
N PHE E 497 4.45 -13.32 31.90
CA PHE E 497 3.07 -13.36 32.34
C PHE E 497 2.84 -12.62 33.67
N ALA E 498 3.90 -12.03 34.19
CA ALA E 498 3.87 -11.47 35.54
C ALA E 498 3.56 -10.02 35.54
N ALA E 499 3.46 -9.44 34.35
CA ALA E 499 3.09 -8.04 34.28
C ALA E 499 2.55 -7.75 32.92
N GLY E 500 1.97 -6.57 32.78
CA GLY E 500 1.21 -6.28 31.60
C GLY E 500 1.96 -5.46 30.60
N ASN E 501 2.72 -4.52 31.08
CA ASN E 501 3.50 -3.71 30.24
C ASN E 501 4.89 -3.78 30.81
N PHE E 502 5.85 -4.14 29.99
CA PHE E 502 7.22 -4.35 30.45
C PHE E 502 8.17 -3.28 29.88
N TYR E 503 9.13 -2.86 30.69
CA TYR E 503 9.99 -1.75 30.39
C TYR E 503 11.45 -2.18 30.52
N VAL E 504 12.28 -1.75 29.58
CA VAL E 504 13.69 -2.07 29.54
C VAL E 504 14.46 -0.76 29.59
N ASN E 505 15.25 -0.63 30.64
CA ASN E 505 16.04 0.56 30.92
C ASN E 505 15.30 1.89 31.01
N ASP E 506 14.14 1.83 31.65
CA ASP E 506 13.40 3.07 32.02
C ASP E 506 12.44 2.75 33.17
N LYS E 507 11.88 3.78 33.77
CA LYS E 507 10.80 3.60 34.71
C LYS E 507 9.55 3.08 34.01
N PRO E 508 8.73 2.36 34.74
CA PRO E 508 7.57 1.87 34.03
C PRO E 508 6.37 2.83 34.03
N THR E 509 6.44 3.90 33.23
CA THR E 509 5.27 4.58 32.63
C THR E 509 4.50 5.45 33.60
N ALA E 511 2.31 5.51 30.53
CA ALA E 511 1.94 5.07 29.19
C ALA E 511 1.34 6.21 28.28
N VAL E 512 1.86 6.32 27.04
CA VAL E 512 1.59 7.41 26.09
C VAL E 512 0.70 6.85 24.99
N VAL E 513 -0.29 7.60 24.52
CA VAL E 513 -1.30 7.03 23.62
C VAL E 513 -0.72 6.66 22.24
N GLY E 514 -1.11 5.50 21.71
CA GLY E 514 -0.52 4.95 20.48
C GLY E 514 0.78 4.17 20.63
N ARG E 515 1.47 4.39 21.76
CA ARG E 515 2.83 3.86 21.98
C ARG E 515 2.89 2.63 22.92
N GLN E 516 2.21 2.67 24.07
CA GLN E 516 2.20 1.50 24.93
C GLN E 516 0.75 1.08 25.28
N PRO E 517 -0.01 0.67 24.25
CA PRO E 517 -1.38 0.18 24.50
C PRO E 517 -1.38 -1.09 25.34
N PHE E 518 -2.58 -1.43 25.82
CA PHE E 518 -2.87 -2.73 26.42
C PHE E 518 -2.21 -2.86 27.78
N GLY E 519 -1.94 -4.10 28.16
CA GLY E 519 -1.42 -4.43 29.44
C GLY E 519 -2.42 -5.06 30.37
N GLY E 520 -2.51 -4.49 31.59
CA GLY E 520 -3.32 -5.04 32.66
C GLY E 520 -2.56 -6.02 33.54
N ALA E 521 -3.06 -6.16 34.77
CA ALA E 521 -2.46 -7.07 35.74
C ALA E 521 -2.68 -8.53 35.34
N ARG E 522 -1.89 -9.41 35.98
CA ARG E 522 -1.88 -10.81 35.62
C ARG E 522 -3.31 -11.39 35.64
N GLY E 523 -3.64 -12.17 34.61
CA GLY E 523 -4.97 -12.75 34.52
C GLY E 523 -6.10 -11.82 34.13
N SER E 524 -5.91 -10.50 34.18
CA SER E 524 -6.98 -9.57 33.82
C SER E 524 -7.47 -9.79 32.37
N ASP E 525 -8.61 -9.18 32.07
CA ASP E 525 -9.20 -9.18 30.76
C ASP E 525 -9.62 -7.77 30.40
N THR E 526 -8.64 -6.95 30.08
CA THR E 526 -8.85 -5.54 29.88
C THR E 526 -8.20 -4.97 28.63
N ASN E 527 -7.83 -5.82 27.66
CA ASN E 527 -7.29 -5.36 26.34
C ASN E 527 -8.22 -4.43 25.52
N ASP E 528 -9.46 -4.35 25.95
CA ASP E 528 -10.42 -3.45 25.39
C ASP E 528 -10.46 -2.15 26.14
N LYS E 529 -9.53 -1.91 27.07
CA LYS E 529 -9.47 -0.58 27.70
C LYS E 529 -9.04 0.56 26.76
N ALA E 530 -9.21 1.80 27.19
CA ALA E 530 -8.73 2.97 26.46
C ALA E 530 -7.31 2.79 25.92
N GLY E 531 -7.03 3.37 24.74
CA GLY E 531 -5.70 3.40 24.15
C GLY E 531 -5.61 2.67 22.80
N SER E 532 -6.64 1.89 22.46
CA SER E 532 -6.64 1.27 21.14
C SER E 532 -8.04 1.33 20.56
N PRO E 533 -8.21 0.88 19.29
CA PRO E 533 -9.50 0.82 18.67
C PRO E 533 -10.38 -0.18 19.32
N LEU E 534 -9.80 -1.14 20.06
CA LEU E 534 -10.63 -2.17 20.64
C LEU E 534 -11.60 -1.55 21.65
N ASN E 535 -11.20 -0.50 22.35
CA ASN E 535 -12.13 0.19 23.24
C ASN E 535 -13.32 0.76 22.45
N LEU E 536 -13.04 1.35 21.30
CA LEU E 536 -14.12 2.04 20.53
C LEU E 536 -15.12 1.05 19.98
N LEU E 537 -14.66 -0.11 19.60
CA LEU E 537 -15.55 -1.17 19.18
C LEU E 537 -16.54 -1.61 20.28
N ARG E 538 -16.16 -1.49 21.57
CA ARG E 538 -17.06 -1.93 22.62
C ARG E 538 -18.28 -1.02 22.61
N TRP E 539 -18.17 0.18 22.05
CA TRP E 539 -19.32 1.07 21.96
C TRP E 539 -20.06 1.03 20.60
N THR E 540 -19.89 -0.06 19.84
CA THR E 540 -20.57 -0.27 18.60
C THR E 540 -21.17 -1.63 18.61
N SER E 541 -22.19 -1.81 17.78
CA SER E 541 -22.73 -3.14 17.54
C SER E 541 -22.79 -3.31 16.05
N ALA E 542 -21.90 -4.13 15.49
CA ALA E 542 -21.74 -4.20 14.06
C ALA E 542 -22.77 -5.13 13.48
N ARG E 543 -23.38 -4.72 12.37
CA ARG E 543 -24.19 -5.65 11.59
C ARG E 543 -23.63 -5.84 10.19
N SER E 544 -23.81 -7.01 9.64
CA SER E 544 -23.51 -7.21 8.24
C SER E 544 -24.75 -7.00 7.42
N ILE E 545 -24.55 -6.41 6.25
CA ILE E 545 -25.62 -6.19 5.29
C ILE E 545 -25.18 -6.83 4.00
N LYS E 546 -26.02 -7.72 3.48
CA LYS E 546 -25.73 -8.37 2.24
C LYS E 546 -26.86 -8.16 1.25
N GLU E 547 -26.53 -7.75 0.02
CA GLU E 547 -27.48 -7.67 -1.07
C GLU E 547 -27.07 -8.70 -2.11
N THR E 548 -28.02 -9.53 -2.52
CA THR E 548 -27.82 -10.39 -3.62
C THR E 548 -28.56 -9.85 -4.83
N PHE E 549 -27.87 -9.84 -5.98
CA PHE E 549 -28.37 -9.13 -7.20
C PHE E 549 -29.31 -9.98 -7.99
N VAL E 550 -29.02 -11.28 -8.08
CA VAL E 550 -29.85 -12.21 -8.85
C VAL E 550 -30.00 -13.53 -8.11
N ALA E 551 -30.87 -13.53 -7.14
CA ALA E 551 -31.02 -14.67 -6.23
C ALA E 551 -31.71 -15.81 -6.90
N ALA E 552 -31.53 -16.98 -6.33
CA ALA E 552 -32.22 -18.18 -6.81
C ALA E 552 -33.77 -18.02 -6.88
N THR E 553 -34.35 -18.60 -7.90
CA THR E 553 -35.75 -18.57 -8.18
C THR E 553 -36.38 -19.98 -8.08
N ASP E 554 -35.57 -21.01 -7.85
CA ASP E 554 -36.05 -22.36 -7.55
C ASP E 554 -35.26 -22.85 -6.33
N HIS E 555 -35.91 -23.62 -5.48
CA HIS E 555 -35.35 -24.00 -4.19
C HIS E 555 -34.62 -25.36 -4.23
N ILE E 556 -34.87 -26.16 -5.25
CA ILE E 556 -34.22 -27.48 -5.44
C ILE E 556 -32.68 -27.39 -5.57
N TYR E 557 -31.99 -28.39 -5.02
CA TYR E 557 -30.53 -28.42 -5.03
C TYR E 557 -30.03 -29.45 -6.02
N PRO E 558 -28.79 -29.28 -6.52
CA PRO E 558 -28.31 -30.24 -7.51
C PRO E 558 -28.23 -31.69 -7.00
N HIS E 559 -28.01 -31.94 -5.70
CA HIS E 559 -27.93 -33.34 -5.25
C HIS E 559 -29.23 -34.13 -5.37
N MET E 560 -30.36 -33.44 -5.55
CA MET E 560 -31.70 -34.04 -5.45
C MET E 560 -32.19 -34.67 -6.74
N ALA E 561 -31.47 -34.45 -7.83
CA ALA E 561 -31.88 -34.94 -9.16
C ALA E 561 -31.74 -36.47 -9.21
N VAL E 562 -32.51 -37.10 -10.09
CA VAL E 562 -32.65 -38.57 -10.20
C VAL E 562 -31.35 -39.40 -10.06
N MET F 21 15.41 -19.59 13.51
CA MET F 21 14.80 -18.99 12.28
C MET F 21 14.95 -17.46 12.22
N ASP F 22 15.34 -16.93 11.07
CA ASP F 22 15.47 -15.46 10.94
C ASP F 22 14.64 -14.99 9.75
N ALA F 23 13.46 -14.48 10.04
CA ALA F 23 12.44 -14.21 9.03
C ALA F 23 11.25 -13.51 9.65
N ILE F 24 10.59 -12.70 8.83
CA ILE F 24 9.24 -12.23 9.06
C ILE F 24 8.40 -12.94 8.01
N THR F 25 7.74 -14.03 8.40
CA THR F 25 7.01 -14.88 7.48
C THR F 25 5.59 -14.40 7.25
N GLN F 26 5.00 -14.82 6.14
CA GLN F 26 3.60 -14.57 5.80
C GLN F 26 2.87 -15.92 5.90
N VAL F 27 1.57 -15.94 6.17
CA VAL F 27 0.80 -17.19 6.04
C VAL F 27 0.17 -17.24 4.65
N PRO F 28 -0.16 -18.44 4.17
CA PRO F 28 -0.97 -18.51 2.94
C PRO F 28 -2.25 -17.67 2.96
N VAL F 29 -2.63 -17.16 1.80
CA VAL F 29 -3.77 -16.30 1.67
C VAL F 29 -5.01 -17.18 1.55
N PRO F 30 -5.97 -17.01 2.46
CA PRO F 30 -7.17 -17.81 2.44
C PRO F 30 -8.19 -17.38 1.39
N ALA F 31 -8.79 -18.34 0.71
CA ALA F 31 -10.01 -18.12 -0.09
C ALA F 31 -11.07 -19.12 0.39
N ASN F 32 -12.35 -18.75 0.25
CA ASN F 32 -13.44 -19.63 0.65
C ASN F 32 -13.36 -20.92 -0.13
N GLU F 33 -13.58 -22.07 0.55
CA GLU F 33 -13.54 -23.40 -0.10
C GLU F 33 -14.76 -23.59 -0.99
N PRO F 34 -14.59 -24.11 -2.21
CA PRO F 34 -15.72 -24.32 -3.09
C PRO F 34 -16.66 -25.42 -2.53
N VAL F 35 -17.96 -25.25 -2.79
CA VAL F 35 -18.97 -26.20 -2.36
C VAL F 35 -19.17 -27.18 -3.49
N HIS F 36 -18.92 -28.46 -3.23
CA HIS F 36 -19.24 -29.48 -4.23
C HIS F 36 -20.76 -29.75 -4.23
N ASP F 37 -21.27 -30.04 -5.41
CA ASP F 37 -22.70 -30.14 -5.70
C ASP F 37 -23.24 -31.56 -5.46
N TYR F 38 -22.35 -32.54 -5.53
CA TYR F 38 -22.73 -33.94 -5.49
C TYR F 38 -23.80 -34.36 -6.46
N ALA F 39 -23.74 -33.87 -7.69
CA ALA F 39 -24.75 -34.20 -8.70
C ALA F 39 -24.67 -35.68 -9.08
N PRO F 40 -25.76 -36.24 -9.66
CA PRO F 40 -25.67 -37.64 -10.13
C PRO F 40 -24.47 -37.87 -11.03
N LYS F 41 -23.89 -39.05 -10.92
CA LYS F 41 -22.77 -39.49 -11.70
C LYS F 41 -21.49 -38.74 -11.40
N SER F 42 -21.54 -37.76 -10.48
CA SER F 42 -20.33 -37.05 -10.05
C SER F 42 -19.46 -37.93 -9.16
N PRO F 43 -18.16 -37.76 -9.21
CA PRO F 43 -17.27 -38.62 -8.43
C PRO F 43 -17.34 -38.45 -6.90
N GLU F 44 -17.56 -37.21 -6.44
CA GLU F 44 -17.73 -36.98 -5.02
C GLU F 44 -18.95 -37.72 -4.48
N ARG F 45 -20.01 -37.83 -5.29
CA ARG F 45 -21.20 -38.58 -4.87
C ARG F 45 -20.95 -40.07 -4.63
N THR F 46 -20.16 -40.70 -5.50
CA THR F 46 -19.75 -42.09 -5.31
C THR F 46 -18.93 -42.23 -4.03
N ARG F 47 -17.94 -41.35 -3.87
CA ARG F 47 -17.15 -41.36 -2.65
C ARG F 47 -18.07 -41.17 -1.40
N LEU F 48 -19.03 -40.26 -1.47
CA LEU F 48 -19.92 -40.02 -0.37
C LEU F 48 -20.68 -41.32 0.01
N ARG F 49 -21.22 -41.99 -1.00
CA ARG F 49 -21.94 -43.31 -0.83
C ARG F 49 -21.05 -44.29 -0.08
N THR F 50 -19.85 -44.50 -0.61
CA THR F 50 -18.87 -45.35 0.07
C THR F 50 -18.76 -44.99 1.54
N GLU F 51 -18.56 -43.71 1.86
CA GLU F 51 -18.42 -43.30 3.27
C GLU F 51 -19.69 -43.42 4.08
N LEU F 52 -20.86 -43.16 3.47
CA LEU F 52 -22.12 -43.36 4.24
C LEU F 52 -22.27 -44.82 4.69
N ALA F 53 -22.01 -45.74 3.77
CA ALA F 53 -22.14 -47.19 4.06
C ALA F 53 -21.19 -47.57 5.17
N SER F 54 -19.95 -47.18 5.00
CA SER F 54 -18.97 -47.54 6.00
C SER F 54 -19.33 -47.08 7.42
N LEU F 55 -19.78 -45.84 7.57
CA LEU F 55 -20.08 -45.35 8.92
C LEU F 55 -21.37 -45.94 9.51
N ALA F 56 -22.35 -46.18 8.65
CA ALA F 56 -23.62 -46.72 9.08
C ALA F 56 -23.52 -48.17 9.43
N ASP F 57 -22.72 -48.92 8.66
CA ASP F 57 -22.63 -50.37 8.85
C ASP F 57 -21.66 -50.78 9.94
N HIS F 58 -20.80 -49.86 10.40
CA HIS F 58 -19.72 -50.24 11.32
C HIS F 58 -19.66 -49.23 12.45
N PRO F 59 -20.64 -49.28 13.36
CA PRO F 59 -20.65 -48.41 14.53
C PRO F 59 -19.52 -48.67 15.51
N ILE F 60 -19.15 -47.64 16.26
CA ILE F 60 -17.97 -47.70 17.09
C ILE F 60 -18.21 -47.20 18.48
N ASP F 61 -17.29 -47.52 19.36
CA ASP F 61 -17.14 -46.76 20.60
C ASP F 61 -16.76 -45.34 20.24
N LEU F 62 -17.21 -44.41 21.05
CA LEU F 62 -16.88 -43.01 20.91
C LEU F 62 -16.28 -42.58 22.24
N PRO F 63 -14.95 -42.57 22.30
CA PRO F 63 -14.30 -42.37 23.59
C PRO F 63 -13.94 -40.95 23.87
N HIS F 64 -13.64 -40.66 25.13
CA HIS F 64 -12.95 -39.46 25.50
C HIS F 64 -11.58 -39.48 24.81
N VAL F 65 -10.99 -38.30 24.63
CA VAL F 65 -9.61 -38.23 24.14
C VAL F 65 -8.98 -37.25 25.07
N ILE F 66 -8.21 -37.80 26.00
CA ILE F 66 -7.56 -37.09 27.06
C ILE F 66 -6.06 -37.34 26.98
N GLY F 67 -5.30 -36.28 26.85
CA GLY F 67 -3.86 -36.38 26.80
C GLY F 67 -3.42 -37.27 25.66
N GLY F 68 -4.19 -37.30 24.57
CA GLY F 68 -3.91 -38.19 23.43
C GLY F 68 -4.41 -39.63 23.56
N ARG F 69 -4.85 -40.01 24.76
CA ARG F 69 -5.34 -41.38 24.97
C ARG F 69 -6.83 -41.47 24.75
N HIS F 70 -7.21 -42.22 23.73
CA HIS F 70 -8.58 -42.57 23.44
C HIS F 70 -9.11 -43.69 24.35
N ARG F 71 -10.02 -43.40 25.26
CA ARG F 71 -10.52 -44.38 26.26
C ARG F 71 -11.97 -44.11 26.62
N MET F 72 -12.77 -45.17 26.61
CA MET F 72 -14.09 -45.17 27.23
C MET F 72 -13.86 -44.96 28.71
N GLY F 73 -14.78 -44.23 29.35
CA GLY F 73 -14.78 -44.02 30.79
C GLY F 73 -15.75 -44.96 31.52
N ASP F 74 -15.91 -44.70 32.80
CA ASP F 74 -16.80 -45.51 33.67
C ASP F 74 -18.23 -44.98 33.79
N GLY F 75 -18.62 -44.05 32.92
CA GLY F 75 -19.88 -43.35 33.10
C GLY F 75 -20.91 -44.08 32.28
N GLU F 76 -22.13 -43.57 32.30
CA GLU F 76 -23.22 -44.23 31.61
C GLU F 76 -22.96 -44.29 30.07
N ARG F 77 -23.14 -45.45 29.48
CA ARG F 77 -23.16 -45.61 28.07
C ARG F 77 -24.42 -44.98 27.46
N ILE F 78 -24.26 -44.29 26.31
CA ILE F 78 -25.32 -43.58 25.63
C ILE F 78 -25.05 -43.73 24.13
N ASP F 79 -26.06 -44.12 23.38
CA ASP F 79 -25.98 -44.41 21.97
C ASP F 79 -26.14 -43.12 21.14
N VAL F 80 -25.41 -43.02 20.06
CA VAL F 80 -25.63 -41.97 19.10
C VAL F 80 -26.24 -42.66 17.91
N VAL F 81 -27.40 -42.20 17.47
CA VAL F 81 -28.16 -42.83 16.40
C VAL F 81 -28.41 -41.86 15.22
N GLN F 82 -28.94 -42.37 14.11
CA GLN F 82 -29.40 -41.59 13.01
C GLN F 82 -30.79 -40.94 13.37
N PRO F 83 -30.87 -39.59 13.42
CA PRO F 83 -32.17 -39.06 13.84
C PRO F 83 -33.30 -39.39 12.89
N HIS F 84 -32.97 -39.63 11.63
CA HIS F 84 -33.96 -40.01 10.59
C HIS F 84 -34.21 -41.52 10.57
N ARG F 85 -33.56 -42.24 11.48
CA ARG F 85 -33.73 -43.68 11.61
C ARG F 85 -33.21 -44.11 12.98
N HIS F 86 -33.94 -43.74 14.04
CA HIS F 86 -33.37 -43.83 15.37
C HIS F 86 -33.07 -45.23 15.88
N ALA F 87 -33.55 -46.28 15.18
CA ALA F 87 -33.16 -47.66 15.51
C ALA F 87 -31.69 -47.95 15.11
N ALA F 88 -31.12 -47.19 14.16
CA ALA F 88 -29.75 -47.42 13.65
C ALA F 88 -28.71 -46.73 14.46
N ARG F 89 -27.93 -47.48 15.25
CA ARG F 89 -26.85 -46.91 16.07
C ARG F 89 -25.64 -46.54 15.20
N LEU F 90 -24.94 -45.48 15.58
CA LEU F 90 -23.73 -45.03 14.90
C LEU F 90 -22.52 -45.20 15.80
N GLY F 91 -22.77 -45.11 17.09
CA GLY F 91 -21.76 -45.33 18.08
C GLY F 91 -22.34 -45.30 19.47
N THR F 92 -21.46 -45.34 20.44
CA THR F 92 -21.86 -45.36 21.80
C THR F 92 -20.73 -44.67 22.50
N LEU F 93 -21.04 -43.65 23.31
CA LEU F 93 -20.08 -42.92 24.12
C LEU F 93 -20.33 -43.19 25.58
N THR F 94 -19.43 -42.70 26.42
CA THR F 94 -19.66 -42.73 27.86
C THR F 94 -19.83 -41.35 28.43
N ASN F 95 -20.77 -41.19 29.35
CA ASN F 95 -21.01 -39.90 29.98
C ASN F 95 -19.85 -39.53 30.92
N ALA F 96 -19.21 -38.40 30.68
CA ALA F 96 -18.00 -38.11 31.38
C ALA F 96 -18.30 -38.07 32.87
N THR F 97 -17.34 -38.56 33.67
CA THR F 97 -17.38 -38.46 35.13
C THR F 97 -16.57 -37.27 35.60
N HIS F 98 -16.68 -36.95 36.87
CA HIS F 98 -15.83 -35.94 37.45
C HIS F 98 -14.34 -36.27 37.27
N ALA F 99 -13.98 -37.55 37.39
CA ALA F 99 -12.60 -37.97 37.24
C ALA F 99 -12.16 -37.82 35.80
N ASP F 100 -13.03 -38.24 34.86
CA ASP F 100 -12.79 -38.03 33.42
C ASP F 100 -12.46 -36.56 33.11
N ALA F 101 -13.26 -35.66 33.66
CA ALA F 101 -13.06 -34.22 33.51
C ALA F 101 -11.80 -33.68 34.14
N ALA F 102 -11.54 -34.17 35.35
CA ALA F 102 -10.38 -33.71 36.06
C ALA F 102 -9.17 -34.13 35.25
N ALA F 103 -9.20 -35.32 34.66
CA ALA F 103 -8.08 -35.77 33.88
C ALA F 103 -7.86 -34.89 32.61
N ALA F 104 -8.94 -34.50 31.95
CA ALA F 104 -8.88 -33.63 30.77
C ALA F 104 -8.18 -32.33 31.09
N VAL F 105 -8.58 -31.75 32.21
CA VAL F 105 -7.99 -30.51 32.71
C VAL F 105 -6.48 -30.66 32.92
N GLU F 106 -6.06 -31.74 33.61
CA GLU F 106 -4.64 -31.96 33.85
C GLU F 106 -3.92 -32.16 32.55
N ALA F 107 -4.51 -32.89 31.60
CA ALA F 107 -3.80 -33.09 30.35
C ALA F 107 -3.60 -31.73 29.63
N ALA F 108 -4.61 -30.85 29.67
CA ALA F 108 -4.49 -29.55 29.02
C ALA F 108 -3.36 -28.79 29.66
N MET F 109 -3.31 -28.82 30.99
CA MET F 109 -2.34 -28.00 31.69
C MET F 109 -0.95 -28.56 31.45
N SER F 110 -0.88 -29.86 31.34
CA SER F 110 0.40 -30.50 31.11
C SER F 110 0.93 -30.20 29.67
N ALA F 111 0.05 -30.20 28.68
CA ALA F 111 0.47 -29.92 27.31
C ALA F 111 0.77 -28.44 27.05
N LYS F 112 0.49 -27.58 28.01
CA LYS F 112 0.46 -26.14 27.74
C LYS F 112 1.85 -25.59 27.35
N SER F 113 2.83 -25.96 28.14
CA SER F 113 4.14 -25.33 28.04
C SER F 113 4.71 -25.62 26.64
N ASP F 114 4.64 -26.88 26.21
CA ASP F 114 5.19 -27.24 24.91
C ASP F 114 4.38 -26.66 23.72
N TRP F 115 3.08 -26.46 23.90
CA TRP F 115 2.22 -25.90 22.84
C TRP F 115 2.47 -24.45 22.71
N ALA F 116 2.50 -23.74 23.84
CA ALA F 116 2.75 -22.31 23.81
C ALA F 116 4.13 -21.92 23.34
N ALA F 117 5.08 -22.82 23.53
CA ALA F 117 6.44 -22.55 23.13
C ALA F 117 6.65 -22.89 21.67
N LEU F 118 5.72 -23.58 21.02
CA LEU F 118 5.80 -23.69 19.58
C LEU F 118 5.65 -22.35 18.90
N PRO F 119 6.53 -22.04 17.96
CA PRO F 119 6.27 -20.85 17.13
C PRO F 119 4.86 -20.77 16.52
N PHE F 120 4.36 -19.57 16.32
CA PHE F 120 3.01 -19.43 15.84
C PHE F 120 2.90 -20.23 14.53
N ASP F 121 3.89 -20.09 13.66
CA ASP F 121 3.92 -20.78 12.39
C ASP F 121 3.72 -22.27 12.49
N GLU F 122 4.26 -22.93 13.50
CA GLU F 122 4.09 -24.38 13.64
C GLU F 122 2.66 -24.72 14.20
N ARG F 123 2.17 -23.89 15.10
CA ARG F 123 0.76 -23.99 15.56
C ARG F 123 -0.15 -23.83 14.32
N ALA F 124 0.14 -22.83 13.51
CA ALA F 124 -0.72 -22.57 12.37
C ALA F 124 -0.71 -23.74 11.39
N ALA F 125 0.47 -24.33 11.17
CA ALA F 125 0.59 -25.42 10.22
C ALA F 125 -0.35 -26.55 10.51
N VAL F 126 -0.59 -26.82 11.81
CA VAL F 126 -1.48 -27.89 12.19
C VAL F 126 -2.88 -27.62 11.57
N PHE F 127 -3.33 -26.39 11.67
CA PHE F 127 -4.70 -26.06 11.24
C PHE F 127 -4.79 -25.90 9.75
N LEU F 128 -3.72 -25.40 9.12
CA LEU F 128 -3.66 -25.36 7.67
C LEU F 128 -3.65 -26.76 7.11
N ARG F 129 -2.87 -27.66 7.72
CA ARG F 129 -2.85 -29.03 7.27
C ARG F 129 -4.21 -29.71 7.46
N ALA F 130 -4.83 -29.46 8.61
CA ALA F 130 -6.16 -30.04 8.89
C ALA F 130 -7.17 -29.55 7.83
N ALA F 131 -7.10 -28.27 7.49
CA ALA F 131 -7.94 -27.70 6.42
C ALA F 131 -7.73 -28.40 5.09
N ASP F 132 -6.48 -28.57 4.65
CA ASP F 132 -6.24 -29.34 3.45
C ASP F 132 -6.65 -30.83 3.50
N LEU F 133 -6.34 -31.49 4.61
CA LEU F 133 -6.83 -32.85 4.82
C LEU F 133 -8.34 -32.91 4.65
N LEU F 134 -9.05 -31.96 5.27
CA LEU F 134 -10.53 -31.93 5.15
C LEU F 134 -11.03 -31.68 3.74
N ALA F 135 -10.31 -30.82 3.01
CA ALA F 135 -10.65 -30.49 1.61
C ALA F 135 -10.49 -31.65 0.65
N GLY F 136 -9.55 -32.54 0.96
CA GLY F 136 -9.26 -33.69 0.12
C GLY F 136 -9.66 -34.99 0.80
N PRO F 137 -8.68 -35.70 1.42
CA PRO F 137 -8.91 -37.12 1.78
C PRO F 137 -9.99 -37.37 2.80
N TRP F 138 -10.26 -36.41 3.69
CA TRP F 138 -11.25 -36.62 4.75
C TRP F 138 -12.63 -36.03 4.40
N ARG F 139 -12.78 -35.45 3.21
CA ARG F 139 -13.90 -34.61 2.89
C ARG F 139 -15.21 -35.36 2.99
N GLU F 140 -15.38 -36.41 2.19
CA GLU F 140 -16.67 -37.07 2.19
C GLU F 140 -16.93 -37.81 3.49
N LYS F 141 -15.88 -38.14 4.25
CA LYS F 141 -16.05 -38.84 5.53
C LYS F 141 -16.68 -37.96 6.61
N ILE F 142 -16.16 -36.76 6.77
CA ILE F 142 -16.67 -35.78 7.71
C ILE F 142 -18.08 -35.33 7.28
N ALA F 143 -18.32 -35.21 5.99
CA ALA F 143 -19.61 -34.84 5.47
C ALA F 143 -20.58 -35.98 5.79
N ALA F 144 -20.18 -37.21 5.48
CA ALA F 144 -21.06 -38.38 5.79
C ALA F 144 -21.38 -38.47 7.27
N ALA F 145 -20.39 -38.30 8.13
CA ALA F 145 -20.60 -38.36 9.57
C ALA F 145 -21.60 -37.32 10.07
N THR F 146 -21.55 -36.12 9.50
CA THR F 146 -22.46 -35.05 9.83
C THR F 146 -23.88 -35.36 9.26
N MET F 147 -23.93 -35.91 8.05
CA MET F 147 -25.18 -36.27 7.46
C MET F 147 -25.88 -37.25 8.39
N LEU F 148 -25.17 -38.32 8.73
CA LEU F 148 -25.71 -39.41 9.52
C LEU F 148 -26.07 -39.08 10.94
N GLY F 149 -25.22 -38.40 11.66
CA GLY F 149 -25.53 -38.07 13.04
C GLY F 149 -26.48 -36.89 13.27
N GLN F 150 -26.45 -35.95 12.36
CA GLN F 150 -27.12 -34.71 12.58
C GLN F 150 -28.31 -34.56 11.67
N SER F 151 -28.48 -35.47 10.74
CA SER F 151 -29.61 -35.47 9.84
C SER F 151 -29.58 -34.33 8.83
N LYS F 152 -28.44 -34.19 8.20
CA LYS F 152 -28.19 -33.18 7.20
C LYS F 152 -28.24 -33.76 5.82
N SER F 153 -28.89 -33.11 4.88
CA SER F 153 -28.71 -33.49 3.49
C SER F 153 -27.25 -33.23 3.16
N VAL F 154 -26.79 -33.76 2.02
CA VAL F 154 -25.40 -33.67 1.65
C VAL F 154 -25.01 -32.19 1.55
N TYR F 155 -25.94 -31.41 1.02
CA TYR F 155 -25.67 -30.02 0.80
C TYR F 155 -25.47 -29.29 2.11
N GLN F 156 -26.32 -29.55 3.09
CA GLN F 156 -26.23 -28.90 4.35
C GLN F 156 -24.96 -29.31 5.10
N ALA F 157 -24.57 -30.58 4.93
CA ALA F 157 -23.28 -31.14 5.42
C ALA F 157 -22.02 -30.46 4.81
N GLU F 158 -22.05 -30.37 3.50
CA GLU F 158 -20.99 -29.73 2.72
C GLU F 158 -20.78 -28.26 3.10
N ILE F 159 -21.82 -27.46 3.23
CA ILE F 159 -21.57 -26.06 3.57
C ILE F 159 -21.08 -25.92 4.98
N ASP F 160 -21.36 -26.91 5.82
CA ASP F 160 -21.02 -26.82 7.24
C ASP F 160 -19.72 -27.51 7.58
N ALA F 161 -19.81 -28.84 7.64
CA ALA F 161 -18.79 -29.73 8.12
C ALA F 161 -17.49 -29.63 7.31
N VAL F 162 -17.64 -29.38 6.00
CA VAL F 162 -16.53 -29.23 5.08
C VAL F 162 -16.16 -27.76 4.88
N CYS F 163 -16.94 -27.01 4.12
CA CYS F 163 -16.51 -25.68 3.72
C CYS F 163 -16.33 -24.70 4.88
N GLU F 164 -17.29 -24.63 5.77
CA GLU F 164 -17.20 -23.64 6.82
C GLU F 164 -16.10 -23.95 7.80
N LEU F 165 -15.92 -25.21 8.13
CA LEU F 165 -14.83 -25.60 9.00
C LEU F 165 -13.45 -25.33 8.37
N ILE F 166 -13.30 -25.78 7.12
CA ILE F 166 -12.11 -25.46 6.33
C ILE F 166 -11.83 -23.96 6.39
N ASP F 167 -12.87 -23.20 6.04
CA ASP F 167 -12.78 -21.74 6.07
C ASP F 167 -12.41 -21.16 7.44
N PHE F 168 -12.97 -21.66 8.54
CA PHE F 168 -12.61 -21.12 9.85
C PHE F 168 -11.12 -21.30 10.09
N TRP F 169 -10.60 -22.50 9.78
CA TRP F 169 -9.17 -22.79 9.98
C TRP F 169 -8.31 -21.87 9.14
N ARG F 170 -8.58 -21.80 7.85
CA ARG F 170 -7.70 -21.00 6.98
C ARG F 170 -7.83 -19.52 7.28
N PHE F 171 -9.04 -19.02 7.50
CA PHE F 171 -9.16 -17.59 7.79
C PHE F 171 -8.66 -17.28 9.20
N ASN F 172 -8.90 -18.19 10.17
CA ASN F 172 -8.40 -17.88 11.50
C ASN F 172 -6.87 -17.75 11.50
N VAL F 173 -6.18 -18.60 10.74
CA VAL F 173 -4.73 -18.50 10.63
C VAL F 173 -4.36 -17.13 10.06
N ALA F 174 -5.06 -16.66 9.02
CA ALA F 174 -4.75 -15.32 8.47
C ALA F 174 -5.10 -14.20 9.44
N PHE F 175 -6.21 -14.38 10.21
CA PHE F 175 -6.62 -13.37 11.17
C PHE F 175 -5.56 -13.27 12.28
N ALA F 176 -5.14 -14.42 12.81
CA ALA F 176 -4.10 -14.46 13.83
C ALA F 176 -2.86 -13.71 13.36
N ARG F 177 -2.43 -13.98 12.14
CA ARG F 177 -1.20 -13.42 11.63
C ARG F 177 -1.27 -11.88 11.45
N GLN F 178 -2.47 -11.45 11.08
CA GLN F 178 -2.81 -10.01 11.03
C GLN F 178 -2.73 -9.32 12.40
N ILE F 179 -3.30 -9.96 13.43
CA ILE F 179 -3.23 -9.51 14.78
C ILE F 179 -1.75 -9.35 15.20
N LEU F 180 -0.91 -10.33 14.88
CA LEU F 180 0.51 -10.24 15.38
C LEU F 180 1.26 -9.02 14.85
N GLU F 181 0.84 -8.56 13.69
CA GLU F 181 1.40 -7.45 12.98
C GLU F 181 0.90 -6.06 13.45
N GLN F 182 -0.12 -6.04 14.29
CA GLN F 182 -0.63 -4.76 14.85
C GLN F 182 0.34 -4.33 15.93
N GLN F 183 1.06 -3.26 15.65
CA GLN F 183 2.17 -2.87 16.47
C GLN F 183 2.14 -1.39 16.60
N PRO F 184 2.68 -0.87 17.70
CA PRO F 184 2.60 0.55 17.92
C PRO F 184 3.70 1.25 17.25
N ILE F 185 3.72 2.56 17.41
CA ILE F 185 4.79 3.37 16.91
C ILE F 185 5.74 3.72 18.03
N SER F 186 6.99 3.89 17.64
CA SER F 186 8.12 4.11 18.49
C SER F 186 8.51 5.55 18.35
N GLY F 187 8.51 6.31 19.44
CA GLY F 187 9.05 7.67 19.41
C GLY F 187 10.58 7.69 19.34
N PRO F 188 11.17 8.87 19.23
CA PRO F 188 12.62 8.97 19.34
C PRO F 188 13.14 8.34 20.62
N GLY F 189 14.30 7.70 20.49
CA GLY F 189 15.00 7.17 21.64
C GLY F 189 14.45 5.91 22.27
N GLU F 190 13.54 5.23 21.58
CA GLU F 190 12.82 4.09 22.15
C GLU F 190 12.36 3.14 21.07
N TRP F 191 11.93 1.96 21.52
CA TRP F 191 11.37 0.91 20.69
C TRP F 191 10.22 0.28 21.46
N ASN F 192 8.98 0.40 20.93
CA ASN F 192 7.79 -0.24 21.55
C ASN F 192 7.31 -1.35 20.70
N ARG F 193 6.91 -2.43 21.34
CA ARG F 193 6.48 -3.61 20.62
C ARG F 193 5.32 -4.21 21.38
N ILE F 194 4.50 -4.99 20.71
CA ILE F 194 3.45 -5.74 21.37
C ILE F 194 3.61 -7.22 21.19
N ASP F 195 3.47 -7.92 22.33
CA ASP F 195 3.54 -9.36 22.46
C ASP F 195 2.17 -9.96 22.76
N TYR F 196 1.58 -10.68 21.81
CA TYR F 196 0.25 -11.30 21.96
C TYR F 196 0.25 -12.65 22.65
N ARG F 197 0.22 -12.61 24.00
CA ARG F 197 0.45 -13.80 24.78
C ARG F 197 -0.75 -14.66 24.80
N PRO F 198 -0.55 -15.98 24.94
CA PRO F 198 -1.72 -16.80 25.21
C PRO F 198 -2.26 -16.52 26.65
N LEU F 199 -3.41 -17.10 26.98
CA LEU F 199 -3.95 -17.01 28.35
C LEU F 199 -3.25 -17.97 29.32
N ASP F 200 -3.33 -17.67 30.62
CA ASP F 200 -2.96 -18.62 31.72
C ASP F 200 -4.10 -19.60 31.92
N GLY F 201 -3.84 -20.86 32.14
CA GLY F 201 -4.97 -21.78 32.33
C GLY F 201 -5.73 -22.18 31.06
N PHE F 202 -6.65 -23.12 31.21
CA PHE F 202 -7.26 -23.81 30.07
C PHE F 202 -8.58 -23.13 29.67
N VAL F 203 -9.04 -23.48 28.49
CA VAL F 203 -10.20 -22.94 27.90
C VAL F 203 -11.17 -24.10 27.76
N TYR F 204 -12.42 -23.84 28.12
CA TYR F 204 -13.49 -24.83 28.09
C TYR F 204 -14.38 -24.49 26.89
N ALA F 205 -14.42 -25.40 25.92
CA ALA F 205 -15.26 -25.22 24.75
C ALA F 205 -16.42 -26.17 24.82
N ILE F 206 -17.62 -25.68 24.55
CA ILE F 206 -18.92 -26.39 24.65
C ILE F 206 -19.67 -26.07 23.37
N THR F 207 -20.00 -27.09 22.60
CA THR F 207 -20.38 -26.86 21.25
C THR F 207 -21.73 -27.54 20.97
N PRO F 208 -22.53 -27.03 20.04
CA PRO F 208 -23.90 -27.47 19.91
C PRO F 208 -24.07 -28.50 18.81
N PHE F 209 -25.29 -28.98 18.65
CA PHE F 209 -25.55 -30.03 17.66
C PHE F 209 -25.55 -29.55 16.22
N ASN F 210 -25.86 -28.28 16.01
CA ASN F 210 -26.33 -27.74 14.71
C ASN F 210 -25.24 -27.69 13.63
N PHE F 211 -23.99 -27.48 14.06
CA PHE F 211 -22.90 -27.29 13.11
C PHE F 211 -21.64 -28.01 13.52
N THR F 212 -21.21 -28.92 12.69
CA THR F 212 -19.90 -29.55 12.85
C THR F 212 -18.80 -28.44 12.80
N SER F 213 -19.00 -27.41 11.99
CA SER F 213 -18.03 -26.36 11.80
C SER F 213 -17.80 -25.61 13.09
N ILE F 214 -18.88 -25.13 13.69
CA ILE F 214 -18.80 -24.55 15.05
C ILE F 214 -18.19 -25.47 16.11
N ALA F 215 -18.61 -26.73 16.10
CA ALA F 215 -18.08 -27.73 17.03
C ALA F 215 -16.55 -27.78 16.94
N GLY F 216 -16.05 -27.74 15.71
CA GLY F 216 -14.65 -27.80 15.44
C GLY F 216 -13.90 -26.54 15.71
N ASN F 217 -14.56 -25.42 15.45
CA ASN F 217 -13.90 -24.12 15.58
C ASN F 217 -13.77 -23.68 17.00
N LEU F 218 -14.79 -23.85 17.82
CA LEU F 218 -14.71 -23.30 19.19
C LEU F 218 -13.49 -23.79 20.04
N PRO F 219 -13.11 -25.08 19.94
CA PRO F 219 -11.90 -25.50 20.65
C PRO F 219 -10.60 -25.18 19.91
N THR F 220 -10.65 -25.14 18.58
CA THR F 220 -9.40 -24.91 17.81
C THR F 220 -8.95 -23.49 17.74
N ALA F 221 -9.90 -22.60 17.73
CA ALA F 221 -9.54 -21.20 17.69
C ALA F 221 -8.66 -20.78 18.85
N PRO F 222 -9.03 -21.11 20.09
CA PRO F 222 -8.11 -20.67 21.16
C PRO F 222 -6.80 -21.44 21.16
N ALA F 223 -6.82 -22.66 20.66
CA ALA F 223 -5.64 -23.52 20.56
C ALA F 223 -4.66 -22.90 19.62
N LEU F 224 -5.14 -22.33 18.51
CA LEU F 224 -4.25 -21.68 17.54
C LEU F 224 -3.43 -20.57 18.18
N MET F 225 -4.01 -19.85 19.12
CA MET F 225 -3.31 -18.74 19.72
C MET F 225 -2.42 -19.19 20.88
N GLY F 226 -2.26 -20.49 21.08
CA GLY F 226 -1.32 -20.99 22.05
C GLY F 226 -1.95 -21.48 23.36
N ASN F 227 -3.25 -21.70 23.39
CA ASN F 227 -3.96 -22.20 24.56
C ASN F 227 -4.22 -23.66 24.40
N THR F 228 -4.57 -24.30 25.52
CA THR F 228 -5.03 -25.69 25.55
C THR F 228 -6.44 -25.74 26.12
N VAL F 229 -7.11 -26.83 25.83
CA VAL F 229 -8.53 -26.80 25.73
C VAL F 229 -9.16 -28.10 26.19
N ILE F 230 -10.29 -28.01 26.87
CA ILE F 230 -11.18 -29.18 26.95
C ILE F 230 -12.49 -28.90 26.18
N TRP F 231 -13.00 -29.92 25.53
CA TRP F 231 -14.01 -29.76 24.53
C TRP F 231 -15.12 -30.78 24.76
N LYS F 232 -16.26 -30.29 25.19
CA LYS F 232 -17.42 -31.13 25.45
C LYS F 232 -18.37 -30.97 24.28
N PRO F 233 -18.41 -31.93 23.37
CA PRO F 233 -19.38 -31.70 22.33
C PRO F 233 -20.78 -32.17 22.65
N SER F 234 -21.70 -31.73 21.83
CA SER F 234 -23.08 -32.13 21.92
C SER F 234 -23.16 -33.58 21.48
N ILE F 235 -23.87 -34.35 22.29
CA ILE F 235 -24.01 -35.77 22.10
C ILE F 235 -24.36 -36.18 20.68
N THR F 236 -25.31 -35.47 20.06
CA THR F 236 -25.88 -35.93 18.77
C THR F 236 -24.95 -35.56 17.59
N GLN F 237 -23.95 -34.73 17.87
CA GLN F 237 -22.88 -34.40 16.94
C GLN F 237 -21.58 -35.14 17.30
N THR F 238 -21.62 -36.12 18.19
CA THR F 238 -20.37 -36.66 18.72
C THR F 238 -19.65 -37.54 17.70
N LEU F 239 -20.36 -38.16 16.79
CA LEU F 239 -19.67 -38.92 15.79
C LEU F 239 -18.74 -37.99 14.99
N ALA F 240 -19.28 -36.90 14.47
CA ALA F 240 -18.48 -35.97 13.69
C ALA F 240 -17.42 -35.28 14.53
N ALA F 241 -17.68 -35.09 15.81
CA ALA F 241 -16.71 -34.48 16.69
C ALA F 241 -15.52 -35.40 16.86
N TYR F 242 -15.79 -36.69 16.98
CA TYR F 242 -14.76 -37.65 17.25
C TYR F 242 -13.88 -37.81 16.00
N LEU F 243 -14.47 -37.89 14.84
CA LEU F 243 -13.69 -37.88 13.62
C LEU F 243 -12.91 -36.59 13.38
N THR F 244 -13.43 -35.46 13.87
CA THR F 244 -12.77 -34.21 13.74
C THR F 244 -11.48 -34.23 14.54
N MET F 245 -11.59 -34.80 15.72
CA MET F 245 -10.45 -34.98 16.60
C MET F 245 -9.40 -35.88 15.94
N GLN F 246 -9.87 -36.98 15.33
CA GLN F 246 -8.94 -37.84 14.60
C GLN F 246 -8.26 -37.09 13.50
N LEU F 247 -9.03 -36.25 12.83
CA LEU F 247 -8.49 -35.48 11.70
C LEU F 247 -7.37 -34.58 12.23
N LEU F 248 -7.64 -33.96 13.35
CA LEU F 248 -6.69 -33.02 13.92
C LEU F 248 -5.38 -33.72 14.35
N GLU F 249 -5.51 -34.92 14.91
CA GLU F 249 -4.37 -35.71 15.31
C GLU F 249 -3.53 -36.07 14.12
N ALA F 250 -4.19 -36.50 13.05
CA ALA F 250 -3.52 -36.78 11.78
C ALA F 250 -2.89 -35.55 11.14
N ALA F 251 -3.38 -34.36 11.46
CA ALA F 251 -2.75 -33.12 11.05
C ALA F 251 -1.55 -32.77 11.89
N GLY F 252 -1.32 -33.45 13.01
CA GLY F 252 -0.16 -33.15 13.86
C GLY F 252 -0.44 -32.47 15.18
N LEU F 253 -1.72 -32.40 15.59
CA LEU F 253 -2.08 -31.72 16.82
C LEU F 253 -1.43 -32.47 17.98
N PRO F 254 -0.68 -31.78 18.82
CA PRO F 254 -0.04 -32.57 19.90
C PRO F 254 -1.00 -33.04 20.95
N PRO F 255 -0.66 -34.14 21.66
CA PRO F 255 -1.58 -34.68 22.65
C PRO F 255 -1.81 -33.73 23.80
N GLY F 256 -3.06 -33.66 24.22
CA GLY F 256 -3.41 -32.85 25.40
C GLY F 256 -3.74 -31.42 25.05
N VAL F 257 -3.55 -31.04 23.78
CA VAL F 257 -3.76 -29.67 23.41
C VAL F 257 -5.26 -29.40 23.40
N ILE F 258 -6.00 -30.38 22.93
CA ILE F 258 -7.45 -30.39 23.00
C ILE F 258 -7.84 -31.76 23.56
N ASN F 259 -8.70 -31.72 24.54
CA ASN F 259 -9.15 -32.93 25.15
C ASN F 259 -10.66 -33.04 25.00
N LEU F 260 -11.07 -34.11 24.34
CA LEU F 260 -12.46 -34.33 24.03
C LEU F 260 -13.14 -35.13 25.15
N VAL F 261 -14.14 -34.52 25.80
CA VAL F 261 -14.96 -35.22 26.78
C VAL F 261 -16.41 -35.30 26.41
N THR F 262 -16.89 -36.52 26.22
CA THR F 262 -18.24 -36.82 25.70
C THR F 262 -19.30 -36.73 26.81
N GLY F 263 -20.56 -36.53 26.39
CA GLY F 263 -21.69 -36.62 27.30
C GLY F 263 -22.51 -35.37 27.47
N ASP F 264 -23.16 -35.22 28.61
CA ASP F 264 -24.14 -34.17 28.78
C ASP F 264 -23.49 -32.92 29.36
N GLY F 265 -22.22 -33.04 29.72
CA GLY F 265 -21.51 -31.88 30.25
C GLY F 265 -21.65 -31.53 31.71
N PHE F 266 -22.62 -32.10 32.43
CA PHE F 266 -22.89 -31.64 33.80
C PHE F 266 -21.67 -31.85 34.71
N ALA F 267 -21.12 -33.05 34.70
CA ALA F 267 -19.95 -33.30 35.52
C ALA F 267 -18.73 -32.47 35.01
N VAL F 268 -18.58 -32.31 33.69
CA VAL F 268 -17.48 -31.50 33.15
C VAL F 268 -17.55 -30.09 33.69
N SER F 269 -18.75 -29.49 33.65
CA SER F 269 -18.90 -28.15 34.21
C SER F 269 -18.63 -28.08 35.66
N ASP F 270 -19.12 -29.08 36.44
CA ASP F 270 -18.80 -29.12 37.90
C ASP F 270 -17.30 -28.94 38.12
N VAL F 271 -16.47 -29.69 37.38
CA VAL F 271 -15.00 -29.62 37.61
C VAL F 271 -14.42 -28.33 37.03
N ALA F 272 -14.70 -28.07 35.76
CA ALA F 272 -14.12 -26.92 35.07
C ALA F 272 -14.41 -25.62 35.78
N LEU F 273 -15.67 -25.44 36.20
CA LEU F 273 -16.00 -24.20 36.87
C LEU F 273 -15.42 -24.14 38.27
N ALA F 274 -15.11 -25.28 38.85
CA ALA F 274 -14.48 -25.28 40.17
C ALA F 274 -13.01 -24.90 40.08
N ASP F 275 -12.34 -25.30 38.98
CA ASP F 275 -10.89 -25.19 38.89
C ASP F 275 -10.43 -23.74 38.73
N PRO F 276 -9.50 -23.29 39.60
CA PRO F 276 -9.09 -21.89 39.54
C PRO F 276 -8.27 -21.55 38.27
N ARG F 277 -7.85 -22.56 37.52
CA ARG F 277 -7.14 -22.31 36.26
C ARG F 277 -8.07 -22.15 35.01
N LEU F 278 -9.38 -22.12 35.21
CA LEU F 278 -10.32 -21.82 34.11
C LEU F 278 -10.05 -20.44 33.54
N ALA F 279 -9.62 -20.35 32.30
CA ALA F 279 -9.24 -19.04 31.77
C ALA F 279 -10.36 -18.49 30.92
N GLY F 280 -11.21 -19.39 30.41
CA GLY F 280 -12.37 -18.99 29.63
C GLY F 280 -13.26 -20.11 29.13
N ILE F 281 -14.39 -19.72 28.57
CA ILE F 281 -15.39 -20.63 28.04
C ILE F 281 -15.77 -20.14 26.69
N HIS F 282 -15.76 -21.03 25.70
CA HIS F 282 -16.18 -20.73 24.37
C HIS F 282 -17.41 -21.54 24.14
N PHE F 283 -18.57 -20.92 23.98
CA PHE F 283 -19.82 -21.69 23.94
C PHE F 283 -20.90 -21.13 23.01
N THR F 284 -21.97 -21.89 22.88
CA THR F 284 -23.25 -21.35 22.43
C THR F 284 -24.28 -21.41 23.61
N GLY F 285 -25.45 -20.76 23.44
CA GLY F 285 -26.56 -20.71 24.44
C GLY F 285 -27.44 -19.45 24.55
N SER F 286 -28.58 -19.59 25.23
CA SER F 286 -29.56 -18.49 25.49
C SER F 286 -28.99 -17.22 26.24
N THR F 287 -29.71 -16.08 26.21
CA THR F 287 -29.33 -14.87 27.04
C THR F 287 -29.25 -15.20 28.56
N ALA F 288 -30.09 -16.15 28.99
CA ALA F 288 -30.08 -16.64 30.37
C ALA F 288 -28.81 -17.51 30.66
N THR F 289 -28.43 -18.41 29.73
CA THR F 289 -27.16 -19.14 29.87
C THR F 289 -25.99 -18.16 30.14
N PHE F 290 -25.96 -17.03 29.40
CA PHE F 290 -24.92 -15.98 29.58
C PHE F 290 -24.94 -15.31 30.97
N GLY F 291 -26.16 -14.92 31.37
CA GLY F 291 -26.42 -14.33 32.68
C GLY F 291 -26.12 -15.27 33.83
N HIS F 292 -26.34 -16.58 33.60
CA HIS F 292 -25.99 -17.67 34.52
C HIS F 292 -24.47 -17.69 34.80
N LEU F 293 -23.73 -17.75 33.70
CA LEU F 293 -22.29 -17.87 33.79
C LEU F 293 -21.75 -16.55 34.35
N TRP F 294 -22.20 -15.43 33.82
CA TRP F 294 -21.89 -14.13 34.42
C TRP F 294 -22.10 -14.14 35.96
N GLN F 295 -23.18 -14.80 36.39
CA GLN F 295 -23.58 -14.91 37.81
C GLN F 295 -22.66 -15.86 38.55
N TRP F 296 -22.53 -17.12 38.05
CA TRP F 296 -21.59 -18.11 38.61
C TRP F 296 -20.24 -17.41 38.82
N VAL F 297 -19.64 -17.01 37.71
CA VAL F 297 -18.28 -16.47 37.69
C VAL F 297 -18.13 -15.17 38.52
N GLY F 298 -19.13 -14.30 38.43
CA GLY F 298 -19.11 -13.03 39.19
C GLY F 298 -19.07 -13.29 40.70
N THR F 299 -19.86 -14.30 41.11
CA THR F 299 -19.91 -14.74 42.52
C THR F 299 -18.58 -15.38 42.93
N ASN F 300 -18.10 -16.30 42.09
CA ASN F 300 -16.89 -17.09 42.40
C ASN F 300 -15.60 -16.53 41.87
N ILE F 301 -15.63 -15.28 41.42
CA ILE F 301 -14.45 -14.64 40.87
C ILE F 301 -13.28 -14.84 41.82
N GLY F 302 -13.59 -14.94 43.11
CA GLY F 302 -12.57 -15.00 44.12
C GLY F 302 -11.65 -16.17 43.92
N ARG F 303 -12.17 -17.24 43.34
CA ARG F 303 -11.35 -18.43 43.20
C ARG F 303 -10.47 -18.51 41.96
N TYR F 304 -10.72 -17.67 40.93
CA TYR F 304 -9.97 -17.84 39.66
C TYR F 304 -8.64 -17.04 39.62
N HIS F 305 -7.55 -17.69 39.22
CA HIS F 305 -6.29 -16.97 38.97
C HIS F 305 -6.45 -15.89 37.92
N SER F 306 -7.32 -16.10 36.92
CA SER F 306 -7.56 -15.08 35.90
C SER F 306 -9.04 -14.78 35.86
N TYR F 307 -9.38 -13.59 35.43
CA TYR F 307 -10.76 -13.33 35.14
C TYR F 307 -11.24 -14.17 33.93
N PRO F 308 -12.15 -15.12 34.16
CA PRO F 308 -12.58 -15.94 33.03
C PRO F 308 -13.23 -15.18 31.88
N ARG F 309 -12.97 -15.64 30.66
CA ARG F 309 -13.50 -15.01 29.48
C ARG F 309 -14.57 -15.87 28.92
N LEU F 310 -15.74 -15.26 28.78
CA LEU F 310 -16.94 -15.92 28.35
C LEU F 310 -17.24 -15.41 26.97
N VAL F 311 -17.04 -16.27 26.01
CA VAL F 311 -17.17 -15.89 24.64
C VAL F 311 -18.18 -16.82 24.05
N GLY F 312 -19.22 -16.25 23.46
CA GLY F 312 -20.18 -17.07 22.72
C GLY F 312 -21.18 -16.30 21.87
N GLU F 313 -22.18 -17.03 21.42
CA GLU F 313 -23.23 -16.51 20.57
C GLU F 313 -24.49 -17.32 20.92
N THR F 314 -25.64 -16.71 20.71
CA THR F 314 -26.94 -17.31 21.01
C THR F 314 -27.60 -17.67 19.69
N GLY F 315 -28.71 -18.37 19.80
CA GLY F 315 -29.54 -18.61 18.64
C GLY F 315 -30.56 -17.47 18.49
N GLY F 316 -31.48 -17.66 17.54
CA GLY F 316 -32.55 -16.70 17.30
C GLY F 316 -33.58 -17.25 16.34
N LYS F 317 -34.51 -16.36 15.97
CA LYS F 317 -35.50 -16.64 14.94
C LYS F 317 -35.61 -15.38 14.07
N ASP F 318 -35.67 -15.60 12.77
CA ASP F 318 -35.46 -14.53 11.84
C ASP F 318 -36.75 -14.23 11.13
N PHE F 319 -36.77 -13.04 10.48
CA PHE F 319 -37.90 -12.63 9.65
C PHE F 319 -37.54 -12.19 8.24
N VAL F 320 -38.57 -12.21 7.40
CA VAL F 320 -38.54 -11.67 6.05
C VAL F 320 -39.72 -10.71 5.80
N VAL F 321 -39.48 -9.53 5.25
CA VAL F 321 -40.59 -8.66 4.82
C VAL F 321 -40.53 -8.43 3.29
N ALA F 322 -41.62 -8.72 2.62
CA ALA F 322 -41.70 -8.59 1.18
C ALA F 322 -42.52 -7.35 0.92
N HIS F 323 -41.85 -6.32 0.44
CA HIS F 323 -42.53 -5.13 -0.13
C HIS F 323 -43.34 -5.52 -1.36
N ALA F 324 -44.25 -4.66 -1.79
CA ALA F 324 -45.02 -4.86 -3.03
C ALA F 324 -44.17 -5.12 -4.24
N SER F 325 -43.00 -4.48 -4.32
CA SER F 325 -42.03 -4.68 -5.45
C SER F 325 -41.19 -5.95 -5.39
N ALA F 326 -41.48 -6.83 -4.44
CA ALA F 326 -40.71 -8.02 -4.28
C ALA F 326 -40.89 -8.90 -5.50
N ARG F 327 -39.83 -9.56 -5.93
CA ARG F 327 -39.93 -10.55 -6.96
C ARG F 327 -40.55 -11.82 -6.33
N PRO F 328 -41.65 -12.33 -6.90
CA PRO F 328 -42.27 -13.47 -6.17
C PRO F 328 -41.51 -14.78 -6.14
N ASP F 329 -40.82 -15.15 -7.20
CA ASP F 329 -40.07 -16.40 -7.21
C ASP F 329 -38.87 -16.35 -6.24
N VAL F 330 -38.27 -15.18 -6.11
CA VAL F 330 -37.16 -14.99 -5.21
C VAL F 330 -37.69 -15.12 -3.80
N LEU F 331 -38.83 -14.47 -3.54
CA LEU F 331 -39.46 -14.52 -2.23
C LEU F 331 -39.85 -15.96 -1.85
N ARG F 332 -40.50 -16.65 -2.78
CA ARG F 332 -40.90 -18.01 -2.49
C ARG F 332 -39.71 -18.88 -2.16
N THR F 333 -38.70 -18.82 -3.02
CA THR F 333 -37.47 -19.59 -2.85
C THR F 333 -36.77 -19.26 -1.56
N ALA F 334 -36.70 -17.97 -1.24
CA ALA F 334 -36.08 -17.56 0.00
C ALA F 334 -36.83 -18.05 1.26
N LEU F 335 -38.13 -18.18 1.15
CA LEU F 335 -38.91 -18.61 2.31
C LEU F 335 -38.74 -20.09 2.49
N ILE F 336 -38.78 -20.82 1.39
CA ILE F 336 -38.64 -22.25 1.47
C ILE F 336 -37.28 -22.62 2.06
N ARG F 337 -36.21 -22.10 1.48
CA ARG F 337 -34.89 -22.47 1.92
C ARG F 337 -34.65 -21.89 3.25
N GLY F 338 -35.07 -20.66 3.51
CA GLY F 338 -34.85 -20.06 4.83
C GLY F 338 -35.53 -20.73 6.00
N ALA F 339 -36.72 -21.23 5.75
CA ALA F 339 -37.51 -21.94 6.79
C ALA F 339 -37.24 -23.45 6.89
N PHE F 340 -36.98 -24.10 5.76
CA PHE F 340 -36.94 -25.55 5.67
C PHE F 340 -35.57 -26.23 5.40
N ASP F 341 -34.54 -25.45 5.02
CA ASP F 341 -33.19 -25.97 4.98
C ASP F 341 -32.88 -26.48 6.39
N TYR F 342 -32.27 -27.66 6.43
CA TYR F 342 -31.91 -28.33 7.67
C TYR F 342 -33.10 -28.38 8.68
N GLN F 343 -34.29 -28.57 8.11
CA GLN F 343 -35.46 -28.79 8.92
C GLN F 343 -35.63 -27.65 9.90
N GLY F 344 -35.22 -26.44 9.50
CA GLY F 344 -35.26 -25.25 10.37
C GLY F 344 -34.39 -25.26 11.59
N GLN F 345 -33.29 -26.05 11.60
CA GLN F 345 -32.45 -26.20 12.82
C GLN F 345 -31.12 -25.48 12.79
N LYS F 346 -30.94 -24.54 11.87
CA LYS F 346 -29.74 -23.72 11.92
C LYS F 346 -29.75 -22.86 13.19
N CME F 347 -28.74 -22.00 13.39
CA CME F 347 -28.63 -21.19 14.65
CB CME F 347 -27.29 -20.44 14.73
SG CME F 347 -25.90 -21.52 15.00
SD CME F 347 -26.21 -22.78 16.62
CE CME F 347 -25.66 -21.75 17.95
CZ CME F 347 -26.79 -20.94 18.56
OH CME F 347 -27.76 -21.84 19.12
C CME F 347 -29.83 -20.27 14.69
O CME F 347 -30.40 -19.95 15.75
N SER F 348 -30.24 -19.86 13.51
CA SER F 348 -31.56 -19.33 13.33
C SER F 348 -32.09 -19.86 12.00
N ALA F 349 -33.40 -19.71 11.82
CA ALA F 349 -34.07 -20.08 10.59
C ALA F 349 -35.17 -19.06 10.46
N VAL F 350 -35.64 -18.84 9.24
CA VAL F 350 -36.79 -17.96 9.02
C VAL F 350 -38.07 -18.57 9.65
N SER F 351 -38.65 -17.90 10.62
CA SER F 351 -39.91 -18.33 11.24
C SER F 351 -41.10 -17.46 10.86
N ARG F 352 -40.84 -16.18 10.63
CA ARG F 352 -41.89 -15.21 10.36
C ARG F 352 -41.69 -14.48 9.01
N ALA F 353 -42.72 -14.47 8.18
CA ALA F 353 -42.70 -13.71 6.95
C ALA F 353 -43.84 -12.71 6.96
N PHE F 354 -43.56 -11.49 6.52
CA PHE F 354 -44.59 -10.45 6.35
C PHE F 354 -44.70 -10.13 4.86
N ILE F 355 -45.81 -10.50 4.22
CA ILE F 355 -45.89 -10.41 2.76
C ILE F 355 -47.04 -9.52 2.26
N ALA F 356 -46.70 -8.52 1.46
CA ALA F 356 -47.68 -7.64 0.87
C ALA F 356 -48.76 -8.43 0.13
N HIS F 357 -50.00 -8.00 0.33
CA HIS F 357 -51.15 -8.68 -0.22
C HIS F 357 -51.00 -9.00 -1.72
N SER F 358 -50.61 -8.03 -2.53
CA SER F 358 -50.54 -8.27 -4.00
C SER F 358 -49.47 -9.30 -4.35
N VAL F 359 -48.42 -9.41 -3.55
CA VAL F 359 -47.36 -10.40 -3.79
C VAL F 359 -47.85 -11.75 -3.31
N TRP F 360 -48.54 -11.78 -2.16
CA TRP F 360 -49.18 -13.05 -1.75
C TRP F 360 -50.10 -13.66 -2.87
N GLN F 361 -50.88 -12.83 -3.55
CA GLN F 361 -51.73 -13.36 -4.67
C GLN F 361 -50.95 -14.00 -5.80
N ARG F 362 -49.73 -13.51 -6.05
CA ARG F 362 -48.89 -14.05 -7.08
C ARG F 362 -48.11 -15.33 -6.67
N MET F 363 -47.75 -15.48 -5.38
CA MET F 363 -46.93 -16.65 -5.00
C MET F 363 -47.44 -17.46 -3.83
N GLY F 364 -48.57 -17.09 -3.24
CA GLY F 364 -49.08 -17.87 -2.07
C GLY F 364 -49.38 -19.32 -2.40
N ASP F 365 -50.16 -19.57 -3.43
CA ASP F 365 -50.48 -20.98 -3.76
C ASP F 365 -49.22 -21.82 -4.07
N GLU F 366 -48.25 -21.20 -4.75
CA GLU F 366 -47.03 -21.91 -5.13
C GLU F 366 -46.19 -22.22 -3.88
N LEU F 367 -46.09 -21.27 -2.95
CA LEU F 367 -45.43 -21.55 -1.67
C LEU F 367 -46.00 -22.77 -0.97
N LEU F 368 -47.32 -22.79 -0.85
CA LEU F 368 -48.03 -23.90 -0.19
C LEU F 368 -47.87 -25.24 -0.91
N ALA F 369 -48.02 -25.22 -2.21
CA ALA F 369 -47.88 -26.42 -3.00
C ALA F 369 -46.46 -26.97 -2.84
N LYS F 370 -45.47 -26.10 -3.00
CA LYS F 370 -44.06 -26.56 -2.92
C LYS F 370 -43.65 -27.11 -1.55
N ALA F 371 -44.13 -26.46 -0.49
CA ALA F 371 -43.94 -26.92 0.85
C ALA F 371 -44.65 -28.27 1.06
N ALA F 372 -45.85 -28.44 0.53
CA ALA F 372 -46.48 -29.76 0.53
C ALA F 372 -45.64 -30.83 -0.14
N GLU F 373 -45.01 -30.52 -1.27
CA GLU F 373 -44.27 -31.50 -2.04
C GLU F 373 -42.89 -31.79 -1.41
N LEU F 374 -42.42 -30.96 -0.49
CA LEU F 374 -41.00 -30.96 -0.10
C LEU F 374 -40.66 -32.22 0.67
N ARG F 375 -39.66 -32.96 0.23
CA ARG F 375 -39.43 -34.27 0.78
C ARG F 375 -38.42 -34.28 1.91
N TYR F 376 -38.88 -34.68 3.10
CA TYR F 376 -38.05 -35.03 4.26
C TYR F 376 -37.99 -36.51 4.49
N GLY F 377 -36.79 -37.07 4.55
CA GLY F 377 -36.63 -38.51 4.73
C GLY F 377 -35.21 -38.91 5.15
N ASP F 378 -34.83 -40.14 4.84
CA ASP F 378 -33.53 -40.67 5.16
C ASP F 378 -32.58 -39.94 4.24
N ILE F 379 -31.61 -39.26 4.84
CA ILE F 379 -30.64 -38.44 4.10
C ILE F 379 -29.63 -39.26 3.27
N THR F 380 -29.55 -40.58 3.47
CA THR F 380 -28.75 -41.46 2.58
C THR F 380 -29.47 -41.63 1.27
N ASP F 381 -30.74 -41.24 1.23
CA ASP F 381 -31.46 -41.05 -0.04
C ASP F 381 -31.29 -39.57 -0.44
N LEU F 382 -30.46 -39.37 -1.47
CA LEU F 382 -30.00 -38.03 -1.87
C LEU F 382 -31.06 -37.21 -2.57
N SER F 383 -32.13 -37.84 -3.00
CA SER F 383 -33.22 -37.11 -3.60
C SER F 383 -33.99 -36.26 -2.54
N ASN F 384 -33.95 -36.63 -1.26
CA ASN F 384 -34.63 -35.84 -0.20
C ASN F 384 -34.02 -34.47 0.00
N TYR F 385 -34.88 -33.47 0.27
CA TYR F 385 -34.50 -32.10 0.54
C TYR F 385 -33.81 -31.98 1.86
N GLY F 386 -34.24 -32.81 2.80
CA GLY F 386 -33.78 -32.69 4.22
C GLY F 386 -34.10 -33.96 5.00
N GLY F 387 -33.75 -34.00 6.28
CA GLY F 387 -33.99 -35.16 7.12
C GLY F 387 -35.04 -34.94 8.21
N ALA F 388 -34.65 -35.29 9.44
CA ALA F 388 -35.46 -35.36 10.61
C ALA F 388 -34.94 -34.39 11.64
N LEU F 389 -35.72 -34.15 12.67
CA LEU F 389 -35.27 -33.33 13.74
C LEU F 389 -34.22 -34.08 14.57
N ILE F 390 -33.44 -33.35 15.35
CA ILE F 390 -32.21 -33.89 15.94
C ILE F 390 -32.44 -34.95 16.99
N ASP F 391 -33.47 -34.79 17.83
CA ASP F 391 -33.80 -35.78 18.86
C ASP F 391 -35.25 -35.72 19.35
N GLN F 392 -35.58 -36.49 20.38
CA GLN F 392 -36.98 -36.64 20.84
C GLN F 392 -37.43 -35.36 21.45
N ARG F 393 -36.59 -34.72 22.26
CA ARG F 393 -36.95 -33.47 22.90
C ARG F 393 -37.29 -32.41 21.87
N ALA F 394 -36.54 -32.34 20.78
CA ALA F 394 -36.82 -31.37 19.74
C ALA F 394 -38.14 -31.70 19.05
N PHE F 395 -38.32 -32.97 18.73
CA PHE F 395 -39.59 -33.43 18.18
C PHE F 395 -40.79 -33.02 19.04
N VAL F 396 -40.75 -33.27 20.34
CA VAL F 396 -41.85 -32.98 21.25
C VAL F 396 -42.12 -31.48 21.22
N LYS F 397 -41.08 -30.66 21.16
CA LYS F 397 -41.33 -29.20 21.12
C LYS F 397 -42.11 -28.78 19.88
N ASN F 398 -41.85 -29.44 18.75
CA ASN F 398 -42.48 -29.06 17.53
C ASN F 398 -43.93 -29.53 17.52
N VAL F 399 -44.16 -30.73 18.05
CA VAL F 399 -45.53 -31.21 18.21
C VAL F 399 -46.28 -30.16 19.03
N ASP F 400 -45.72 -29.75 20.15
CA ASP F 400 -46.41 -28.86 21.07
C ASP F 400 -46.75 -27.56 20.36
N ALA F 401 -45.84 -27.11 19.54
CA ALA F 401 -46.03 -25.89 18.82
C ALA F 401 -47.10 -26.04 17.76
N ILE F 402 -47.05 -27.11 16.99
CA ILE F 402 -48.07 -27.37 15.98
C ILE F 402 -49.46 -27.48 16.63
N GLU F 403 -49.54 -28.22 17.75
CA GLU F 403 -50.82 -28.39 18.42
C GLU F 403 -51.32 -27.02 18.92
N ARG F 404 -50.42 -26.21 19.43
CA ARG F 404 -50.77 -24.88 19.92
C ARG F 404 -51.28 -24.00 18.75
N ALA F 405 -50.60 -24.04 17.62
CA ALA F 405 -51.09 -23.32 16.48
C ALA F 405 -52.45 -23.82 15.99
N LYS F 406 -52.68 -25.13 15.98
CA LYS F 406 -53.99 -25.64 15.64
C LYS F 406 -55.03 -25.07 16.64
N GLY F 407 -54.65 -24.96 17.89
CA GLY F 407 -55.57 -24.44 18.93
C GLY F 407 -55.81 -22.92 18.96
N ALA F 408 -54.81 -22.12 18.56
CA ALA F 408 -54.94 -20.65 18.55
C ALA F 408 -55.88 -20.17 17.44
N ALA F 409 -56.68 -19.17 17.75
CA ALA F 409 -57.67 -18.68 16.81
C ALA F 409 -57.02 -17.74 15.81
N ALA F 410 -55.98 -17.04 16.20
CA ALA F 410 -55.20 -16.21 15.27
C ALA F 410 -54.41 -16.98 14.12
N VAL F 411 -54.38 -18.31 14.15
CA VAL F 411 -53.49 -19.11 13.29
C VAL F 411 -54.22 -20.24 12.59
N THR F 412 -53.94 -20.38 11.30
CA THR F 412 -54.49 -21.45 10.47
C THR F 412 -53.31 -22.25 9.93
N VAL F 413 -53.39 -23.58 10.05
CA VAL F 413 -52.45 -24.44 9.39
C VAL F 413 -52.78 -24.54 7.90
N ALA F 414 -52.05 -23.80 7.04
CA ALA F 414 -52.31 -23.86 5.58
C ALA F 414 -51.72 -25.05 4.90
N VAL F 415 -50.61 -25.55 5.36
CA VAL F 415 -50.10 -26.76 4.81
C VAL F 415 -49.18 -27.42 5.85
N GLY F 416 -49.02 -28.73 5.75
CA GLY F 416 -48.17 -29.47 6.62
C GLY F 416 -48.82 -29.68 7.96
N GLY F 417 -48.00 -29.72 9.02
CA GLY F 417 -48.48 -30.01 10.38
C GLY F 417 -48.42 -31.48 10.82
N GLU F 418 -48.18 -32.38 9.87
CA GLU F 418 -48.10 -33.82 10.18
C GLU F 418 -46.74 -34.16 10.80
N TYR F 419 -46.71 -35.23 11.59
CA TYR F 419 -45.52 -35.65 12.30
C TYR F 419 -45.60 -37.11 12.67
N ASP F 420 -44.47 -37.75 12.87
CA ASP F 420 -44.43 -39.18 13.11
C ASP F 420 -43.05 -39.54 13.61
N ASP F 421 -42.90 -39.90 14.88
CA ASP F 421 -41.60 -40.26 15.44
C ASP F 421 -41.37 -41.78 15.47
N SER F 422 -42.16 -42.53 14.72
CA SER F 422 -42.07 -44.01 14.79
C SER F 422 -40.73 -44.54 14.21
N GLU F 423 -40.25 -43.95 13.12
CA GLU F 423 -38.98 -44.39 12.46
C GLU F 423 -37.83 -43.38 12.55
N GLY F 424 -38.17 -42.12 12.27
CA GLY F 424 -37.28 -41.00 12.54
C GLY F 424 -38.06 -39.90 13.18
N TYR F 425 -37.39 -38.87 13.67
CA TYR F 425 -38.05 -37.71 14.28
C TYR F 425 -38.54 -36.70 13.23
N PHE F 426 -39.45 -37.15 12.38
CA PHE F 426 -39.96 -36.37 11.27
C PHE F 426 -41.13 -35.45 11.61
N VAL F 427 -40.92 -34.18 11.26
CA VAL F 427 -41.96 -33.19 11.19
C VAL F 427 -42.00 -32.60 9.78
N ARG F 428 -43.19 -32.48 9.20
CA ARG F 428 -43.31 -32.00 7.82
C ARG F 428 -43.11 -30.48 7.83
N PRO F 429 -42.70 -29.92 6.69
CA PRO F 429 -42.75 -28.46 6.54
C PRO F 429 -44.16 -27.92 6.75
N THR F 430 -44.25 -26.89 7.56
CA THR F 430 -45.51 -26.39 7.96
C THR F 430 -45.61 -24.87 7.71
N VAL F 431 -46.65 -24.45 6.98
CA VAL F 431 -46.97 -23.03 6.86
C VAL F 431 -48.27 -22.69 7.63
N LEU F 432 -48.12 -21.74 8.51
CA LEU F 432 -49.13 -21.16 9.35
C LEU F 432 -49.52 -19.81 8.76
N LEU F 433 -50.81 -19.59 8.52
CA LEU F 433 -51.32 -18.24 8.20
C LEU F 433 -51.75 -17.55 9.46
N SER F 434 -51.30 -16.33 9.62
CA SER F 434 -51.57 -15.57 10.79
C SER F 434 -52.24 -14.26 10.39
N ASP F 435 -53.50 -14.12 10.86
CA ASP F 435 -54.37 -12.96 10.65
C ASP F 435 -53.80 -11.67 11.21
N ASP F 436 -53.05 -11.74 12.30
CA ASP F 436 -52.45 -10.54 12.85
C ASP F 436 -50.93 -10.73 12.93
N PRO F 437 -50.17 -9.64 13.02
CA PRO F 437 -48.73 -9.76 13.36
C PRO F 437 -48.48 -9.88 14.87
N SER F 441 -42.84 -14.35 19.77
CA SER F 441 -42.65 -15.07 21.05
C SER F 441 -43.24 -16.49 21.06
N PHE F 442 -44.14 -16.77 20.09
CA PHE F 442 -44.64 -18.13 19.81
C PHE F 442 -43.61 -18.98 19.02
N VAL F 443 -42.93 -18.34 18.08
CA VAL F 443 -42.01 -19.07 17.19
C VAL F 443 -40.67 -19.50 17.87
N ILE F 444 -40.34 -18.92 19.04
CA ILE F 444 -39.05 -19.21 19.70
C ILE F 444 -39.05 -20.39 20.68
N GLU F 445 -40.20 -21.03 20.88
CA GLU F 445 -40.24 -22.19 21.82
C GLU F 445 -39.68 -23.55 21.23
N TYR F 446 -39.20 -23.49 19.98
CA TYR F 446 -38.77 -24.65 19.20
C TYR F 446 -37.82 -24.24 18.03
N PHE F 447 -37.17 -25.25 17.44
CA PHE F 447 -36.47 -25.16 16.14
C PHE F 447 -37.07 -26.20 15.32
N GLY F 448 -37.56 -25.84 14.15
CA GLY F 448 -38.14 -26.84 13.27
C GLY F 448 -38.73 -26.17 12.09
N PRO F 449 -39.31 -26.96 11.20
CA PRO F 449 -39.71 -26.49 9.90
C PRO F 449 -41.11 -25.89 9.92
N LEU F 450 -41.22 -24.78 10.66
CA LEU F 450 -42.47 -24.06 10.88
C LEU F 450 -42.33 -22.61 10.45
N LEU F 451 -43.12 -22.23 9.44
CA LEU F 451 -43.06 -20.90 8.95
C LEU F 451 -44.41 -20.23 9.14
N SER F 452 -44.42 -19.08 9.82
CA SER F 452 -45.69 -18.36 9.97
C SER F 452 -45.69 -17.15 9.03
N VAL F 453 -46.78 -16.97 8.31
CA VAL F 453 -46.90 -15.92 7.30
C VAL F 453 -48.04 -15.00 7.64
N HIS F 454 -47.77 -13.70 7.62
CA HIS F 454 -48.77 -12.69 7.78
C HIS F 454 -48.86 -11.88 6.50
N VAL F 455 -50.06 -11.79 5.93
CA VAL F 455 -50.34 -10.98 4.75
C VAL F 455 -50.92 -9.65 5.16
N TYR F 456 -50.26 -8.56 4.72
CA TYR F 456 -50.57 -7.18 5.03
C TYR F 456 -50.89 -6.40 3.73
N PRO F 457 -51.67 -5.30 3.85
CA PRO F 457 -52.03 -4.56 2.63
C PRO F 457 -50.85 -3.79 2.19
N ASP F 458 -50.53 -3.93 0.89
CA ASP F 458 -49.41 -3.22 0.25
C ASP F 458 -49.15 -1.83 0.82
N GLU F 459 -50.19 -1.04 1.00
CA GLU F 459 -50.03 0.35 1.46
C GLU F 459 -49.56 0.47 2.94
N ARG F 460 -49.61 -0.62 3.69
CA ARG F 460 -49.16 -0.60 5.11
C ARG F 460 -47.66 -1.04 5.36
N TYR F 461 -46.82 -0.96 4.33
CA TYR F 461 -45.42 -1.39 4.43
C TYR F 461 -44.72 -0.76 5.64
N GLU F 462 -44.81 0.56 5.76
CA GLU F 462 -44.05 1.27 6.78
C GLU F 462 -44.51 0.95 8.21
N GLN F 463 -45.83 0.71 8.35
CA GLN F 463 -46.46 0.27 9.58
C GLN F 463 -46.05 -1.15 9.91
N ILE F 464 -45.97 -2.03 8.91
CA ILE F 464 -45.41 -3.33 9.14
C ILE F 464 -43.94 -3.27 9.61
N LEU F 465 -43.13 -2.40 9.06
CA LEU F 465 -41.79 -2.26 9.57
C LEU F 465 -41.83 -1.87 11.04
N ASP F 466 -42.72 -0.99 11.44
CA ASP F 466 -42.82 -0.57 12.84
C ASP F 466 -43.18 -1.72 13.70
N VAL F 467 -44.12 -2.52 13.24
CA VAL F 467 -44.53 -3.67 13.97
C VAL F 467 -43.36 -4.64 14.11
N ILE F 468 -42.59 -4.88 13.04
CA ILE F 468 -41.46 -5.77 13.15
C ILE F 468 -40.46 -5.16 14.11
N ASP F 469 -40.26 -3.85 14.07
CA ASP F 469 -39.25 -3.26 14.96
C ASP F 469 -39.61 -3.45 16.43
N THR F 470 -40.90 -3.32 16.72
CA THR F 470 -41.43 -3.23 18.07
C THR F 470 -41.46 -4.59 18.73
N GLY F 471 -41.95 -5.58 18.01
CA GLY F 471 -41.99 -6.93 18.57
C GLY F 471 -40.97 -7.91 18.02
N SER F 472 -39.73 -7.46 17.79
CA SER F 472 -38.65 -8.41 17.46
C SER F 472 -37.40 -8.15 18.32
N ARG F 473 -37.17 -9.11 19.21
CA ARG F 473 -36.09 -9.05 20.18
C ARG F 473 -35.15 -10.25 19.93
N TYR F 474 -35.61 -11.29 19.24
CA TYR F 474 -34.83 -12.53 19.09
C TYR F 474 -34.36 -12.85 17.68
N ALA F 475 -34.41 -11.84 16.81
CA ALA F 475 -34.00 -12.01 15.44
C ALA F 475 -32.50 -11.78 15.37
N LEU F 476 -31.80 -12.83 14.91
CA LEU F 476 -30.40 -12.67 14.51
C LEU F 476 -30.28 -12.02 13.14
N THR F 477 -31.24 -12.32 12.25
CA THR F 477 -31.17 -11.85 10.87
C THR F 477 -32.57 -11.52 10.38
N GLY F 478 -32.59 -10.58 9.43
CA GLY F 478 -33.77 -10.07 8.79
C GLY F 478 -33.45 -9.91 7.30
N ALA F 479 -34.50 -9.97 6.49
CA ALA F 479 -34.40 -9.71 5.08
C ALA F 479 -35.58 -8.90 4.57
N VAL F 480 -35.29 -8.05 3.60
CA VAL F 480 -36.26 -7.37 2.76
C VAL F 480 -36.17 -7.88 1.32
N ILE F 481 -37.29 -8.29 0.74
CA ILE F 481 -37.37 -8.60 -0.67
C ILE F 481 -38.11 -7.41 -1.29
N ALA F 482 -37.42 -6.69 -2.19
CA ALA F 482 -37.95 -5.48 -2.83
C ALA F 482 -36.97 -5.03 -3.92
N ASP F 483 -37.53 -4.65 -5.04
CA ASP F 483 -36.77 -4.15 -6.17
C ASP F 483 -36.73 -2.65 -6.05
N ASP F 484 -37.67 -2.08 -5.32
CA ASP F 484 -37.75 -0.63 -5.21
C ASP F 484 -36.71 -0.14 -4.24
N ARG F 485 -35.92 0.87 -4.62
CA ARG F 485 -34.78 1.25 -3.82
C ARG F 485 -35.16 2.01 -2.59
N GLN F 486 -36.15 2.87 -2.68
CA GLN F 486 -36.70 3.48 -1.47
C GLN F 486 -37.12 2.42 -0.44
N ALA F 487 -37.86 1.41 -0.88
CA ALA F 487 -38.35 0.37 0.02
C ALA F 487 -37.19 -0.32 0.67
N VAL F 488 -36.17 -0.62 -0.12
CA VAL F 488 -34.95 -1.25 0.41
C VAL F 488 -34.36 -0.35 1.44
N LEU F 489 -34.11 0.89 1.08
CA LEU F 489 -33.41 1.75 2.02
C LEU F 489 -34.25 2.02 3.32
N THR F 490 -35.56 2.12 3.13
CA THR F 490 -36.46 2.30 4.26
C THR F 490 -36.32 1.12 5.26
N ALA F 491 -36.22 -0.08 4.73
CA ALA F 491 -36.09 -1.29 5.56
C ALA F 491 -34.76 -1.27 6.30
N LEU F 492 -33.65 -0.94 5.61
CA LEU F 492 -32.31 -0.88 6.27
C LEU F 492 -32.26 0.13 7.39
N ASP F 493 -33.00 1.21 7.20
CA ASP F 493 -32.98 2.33 8.13
C ASP F 493 -33.86 2.04 9.32
N ARG F 494 -35.08 1.65 9.05
CA ARG F 494 -36.07 1.42 10.06
C ARG F 494 -35.77 0.15 10.89
N LEU F 495 -35.28 -0.92 10.25
CA LEU F 495 -34.96 -2.15 10.95
C LEU F 495 -33.46 -2.24 11.34
N ARG F 496 -32.81 -1.09 11.40
CA ARG F 496 -31.36 -1.04 11.58
C ARG F 496 -30.95 -1.75 12.87
N PHE F 497 -31.78 -1.59 13.91
CA PHE F 497 -31.59 -2.21 15.22
C PHE F 497 -32.45 -3.43 15.52
N ALA F 498 -33.23 -3.94 14.57
CA ALA F 498 -34.12 -5.05 14.81
C ALA F 498 -33.51 -6.41 14.58
N ALA F 499 -32.31 -6.41 14.01
CA ALA F 499 -31.65 -7.64 13.69
C ALA F 499 -30.19 -7.34 13.55
N GLY F 500 -29.38 -8.40 13.59
CA GLY F 500 -27.95 -8.24 13.52
C GLY F 500 -27.34 -8.32 12.15
N ASN F 501 -27.99 -9.01 11.25
CA ASN F 501 -27.44 -9.16 9.94
C ASN F 501 -28.64 -9.05 9.05
N PHE F 502 -28.55 -8.13 8.08
CA PHE F 502 -29.66 -7.81 7.25
C PHE F 502 -29.40 -8.20 5.81
N TYR F 503 -30.43 -8.69 5.15
CA TYR F 503 -30.32 -9.26 3.84
C TYR F 503 -31.26 -8.58 2.87
N VAL F 504 -30.78 -8.30 1.66
CA VAL F 504 -31.60 -7.69 0.64
C VAL F 504 -31.73 -8.67 -0.53
N ASN F 505 -32.96 -9.01 -0.84
CA ASN F 505 -33.30 -9.89 -1.98
C ASN F 505 -32.62 -11.23 -1.95
N ASP F 506 -32.48 -11.77 -0.74
CA ASP F 506 -32.07 -13.15 -0.56
C ASP F 506 -32.59 -13.65 0.81
N LYS F 507 -32.52 -14.93 1.03
CA LYS F 507 -32.79 -15.49 2.34
C LYS F 507 -31.74 -15.08 3.32
N PRO F 508 -32.15 -14.80 4.57
CA PRO F 508 -31.21 -14.45 5.62
C PRO F 508 -30.68 -15.63 6.37
N THR F 509 -29.61 -16.26 5.90
CA THR F 509 -29.09 -17.44 6.62
C THR F 509 -27.71 -17.28 7.27
N GLY F 510 -27.17 -18.43 7.68
CA GLY F 510 -25.77 -18.56 8.04
C GLY F 510 -24.85 -17.89 7.03
N ALA F 511 -23.93 -17.11 7.58
CA ALA F 511 -22.90 -16.42 6.85
C ALA F 511 -21.83 -17.35 6.30
N VAL F 512 -21.26 -16.97 5.17
CA VAL F 512 -19.98 -17.49 4.69
C VAL F 512 -18.82 -16.74 5.41
N VAL F 513 -17.80 -17.45 5.90
CA VAL F 513 -16.73 -16.84 6.71
C VAL F 513 -16.02 -15.75 5.89
N GLY F 514 -15.71 -14.62 6.53
CA GLY F 514 -15.14 -13.43 5.87
C GLY F 514 -16.13 -12.58 5.07
N ARG F 515 -17.35 -13.08 4.88
CA ARG F 515 -18.34 -12.30 4.09
C ARG F 515 -19.45 -11.65 4.91
N GLN F 516 -19.96 -12.38 5.89
CA GLN F 516 -20.98 -11.83 6.76
C GLN F 516 -20.61 -11.99 8.27
N PRO F 517 -19.56 -11.28 8.74
CA PRO F 517 -19.24 -11.37 10.19
C PRO F 517 -20.29 -10.70 11.10
N PHE F 518 -20.07 -10.85 12.41
CA PHE F 518 -20.70 -10.02 13.43
C PHE F 518 -22.20 -10.10 13.53
N GLY F 519 -22.78 -11.23 13.23
CA GLY F 519 -24.26 -11.27 13.34
C GLY F 519 -24.77 -11.47 14.76
N GLY F 520 -25.33 -10.45 15.43
CA GLY F 520 -25.99 -10.72 16.76
C GLY F 520 -27.45 -10.29 16.97
N ALA F 521 -28.17 -10.95 17.89
CA ALA F 521 -29.52 -10.47 18.26
C ALA F 521 -29.53 -9.14 19.02
N ARG F 522 -30.65 -8.43 18.87
CA ARG F 522 -30.79 -7.09 19.44
C ARG F 522 -30.31 -7.06 20.88
N GLY F 523 -29.44 -6.12 21.18
CA GLY F 523 -28.95 -5.94 22.52
C GLY F 523 -27.76 -6.79 22.86
N SER F 524 -27.52 -7.89 22.12
CA SER F 524 -26.40 -8.80 22.43
C SER F 524 -25.04 -8.07 22.42
N ASP F 525 -24.03 -8.74 22.92
CA ASP F 525 -22.67 -8.20 22.98
C ASP F 525 -21.82 -9.35 22.53
N THR F 526 -21.88 -9.61 21.23
CA THR F 526 -21.19 -10.76 20.70
C THR F 526 -20.44 -10.44 19.40
N ASN F 527 -19.99 -9.21 19.21
CA ASN F 527 -19.11 -8.98 18.07
C ASN F 527 -17.75 -9.74 18.16
N ASP F 528 -17.39 -10.25 19.35
CA ASP F 528 -16.18 -11.09 19.56
C ASP F 528 -16.41 -12.55 19.19
N LYS F 529 -17.52 -12.86 18.56
CA LYS F 529 -17.79 -14.25 18.21
C LYS F 529 -17.01 -14.70 16.98
N ALA F 530 -17.05 -16.01 16.73
CA ALA F 530 -16.35 -16.67 15.63
C ALA F 530 -16.64 -15.92 14.34
N GLY F 531 -15.62 -15.83 13.47
CA GLY F 531 -15.75 -15.21 12.19
C GLY F 531 -14.95 -13.96 11.92
N SER F 532 -14.34 -13.38 12.96
CA SER F 532 -13.49 -12.24 12.73
C SER F 532 -12.25 -12.31 13.61
N PRO F 533 -11.30 -11.41 13.42
CA PRO F 533 -10.14 -11.41 14.26
C PRO F 533 -10.44 -11.13 15.70
N LEU F 534 -11.56 -10.49 15.99
CA LEU F 534 -11.87 -10.14 17.37
C LEU F 534 -12.02 -11.36 18.22
N ASN F 535 -12.54 -12.48 17.68
CA ASN F 535 -12.60 -13.75 18.42
C ASN F 535 -11.22 -14.21 18.90
N LEU F 536 -10.24 -14.13 18.00
CA LEU F 536 -8.90 -14.60 18.32
C LEU F 536 -8.25 -13.69 19.33
N LEU F 537 -8.58 -12.41 19.30
CA LEU F 537 -8.06 -11.48 20.28
C LEU F 537 -8.48 -11.85 21.68
N ARG F 538 -9.66 -12.46 21.82
CA ARG F 538 -10.14 -12.88 23.16
C ARG F 538 -9.30 -14.02 23.77
N TRP F 539 -8.55 -14.74 22.92
CA TRP F 539 -7.68 -15.83 23.40
C TRP F 539 -6.22 -15.41 23.57
N THR F 540 -6.02 -14.10 23.72
CA THR F 540 -4.70 -13.52 23.89
C THR F 540 -4.72 -12.47 24.94
N SER F 541 -3.53 -12.18 25.46
CA SER F 541 -3.41 -11.14 26.43
C SER F 541 -2.18 -10.38 26.00
N ALA F 542 -2.42 -9.24 25.39
CA ALA F 542 -1.34 -8.46 24.83
C ALA F 542 -0.62 -7.70 25.90
N ARG F 543 0.71 -7.67 25.76
CA ARG F 543 1.52 -6.76 26.56
C ARG F 543 2.37 -5.87 25.67
N SER F 544 2.63 -4.68 26.16
CA SER F 544 3.51 -3.73 25.52
C SER F 544 4.86 -3.90 26.14
N ILE F 545 5.89 -3.81 25.30
CA ILE F 545 7.25 -3.83 25.75
C ILE F 545 7.87 -2.60 25.21
N LYS F 546 8.41 -1.78 26.09
CA LYS F 546 9.08 -0.60 25.67
C LYS F 546 10.52 -0.66 26.11
N GLU F 547 11.44 -0.40 25.19
CA GLU F 547 12.86 -0.15 25.58
C GLU F 547 13.26 1.27 25.30
N THR F 548 13.88 1.91 26.27
CA THR F 548 14.44 3.22 26.13
C THR F 548 15.94 3.10 26.03
N PHE F 549 16.52 3.69 24.98
CA PHE F 549 17.93 3.49 24.70
C PHE F 549 18.86 4.29 25.59
N VAL F 550 18.53 5.56 25.83
CA VAL F 550 19.35 6.48 26.62
C VAL F 550 18.44 7.23 27.60
N ALA F 551 18.09 6.55 28.67
CA ALA F 551 17.13 7.08 29.61
C ALA F 551 17.73 8.16 30.49
N ALA F 552 16.84 8.92 31.14
CA ALA F 552 17.26 10.03 32.05
C ALA F 552 18.11 9.52 33.24
N THR F 553 19.09 10.36 33.60
CA THR F 553 20.02 10.13 34.71
C THR F 553 19.96 11.17 35.84
N ASP F 554 19.12 12.18 35.68
CA ASP F 554 18.77 13.08 36.73
C ASP F 554 17.22 13.18 36.80
N HIS F 555 16.65 13.07 37.99
CA HIS F 555 15.18 13.04 38.18
C HIS F 555 14.48 14.38 38.11
N ILE F 556 15.24 15.45 38.23
CA ILE F 556 14.70 16.82 38.30
C ILE F 556 14.06 17.23 36.98
N TYR F 557 13.08 18.09 37.07
CA TYR F 557 12.35 18.52 35.91
C TYR F 557 12.62 19.99 35.61
N PRO F 558 12.54 20.35 34.35
CA PRO F 558 12.84 21.72 33.95
C PRO F 558 12.02 22.79 34.68
N HIS F 559 10.77 22.47 35.06
CA HIS F 559 9.93 23.43 35.77
C HIS F 559 10.43 23.73 37.13
N MET F 560 11.37 22.92 37.63
CA MET F 560 11.79 23.06 39.00
C MET F 560 12.90 24.09 39.20
N ALA F 561 13.41 24.68 38.13
CA ALA F 561 14.63 25.48 38.21
C ALA F 561 14.40 26.83 38.93
CO B12 G . -29.66 19.77 -40.49
N21 B12 G . -31.48 19.85 -40.23
N22 B12 G . -29.89 19.07 -42.27
N23 B12 G . -27.79 19.73 -40.71
N24 B12 G . -29.48 20.55 -38.73
C1 B12 G . -31.92 19.97 -38.84
C20 B12 G . -32.05 18.57 -38.28
C2 B12 G . -33.29 20.68 -38.94
C25 B12 G . -34.33 20.18 -37.90
C26 B12 G . -33.28 22.22 -38.77
C27 B12 G . -32.40 23.09 -39.67
O28 B12 G . -31.75 24.05 -39.22
N29 B12 G . -32.41 22.82 -40.94
C3 B12 G . -33.72 20.27 -40.36
C30 B12 G . -34.65 19.04 -40.55
C31 B12 G . -36.13 19.44 -40.63
C32 B12 G . -37.01 18.19 -40.64
O34 B12 G . -37.85 17.97 -39.78
N33 B12 G . -36.80 17.31 -41.58
C4 B12 G . -32.40 20.00 -41.07
C5 B12 G . -32.13 20.07 -42.52
C35 B12 G . -33.31 20.64 -43.28
C6 B12 G . -30.97 19.64 -43.06
C7 B12 G . -30.77 19.49 -44.59
C36 B12 G . -31.97 18.78 -45.30
C37 B12 G . -30.54 20.82 -45.34
C38 B12 G . -29.41 21.69 -44.77
O39 B12 G . -29.60 22.49 -43.90
N40 B12 G . -28.21 21.52 -45.30
C8 B12 G . -29.54 18.57 -44.54
C41 B12 G . -29.86 17.07 -44.56
C42 B12 G . -28.70 16.10 -44.28
C43 B12 G . -29.17 14.64 -44.21
O44 B12 G . -30.16 14.23 -44.80
N45 B12 G . -28.45 13.84 -43.43
C9 B12 G . -28.96 18.89 -43.20
C10 B12 G . -27.54 18.93 -42.93
C11 B12 G . -27.05 19.41 -41.78
C12 B12 G . -25.56 19.61 -41.64
C46 B12 G . -25.10 20.87 -42.33
C47 B12 G . -24.71 18.51 -42.28
C13 B12 G . -25.47 19.74 -40.12
C48 B12 G . -24.84 18.57 -39.31
C49 B12 G . -23.31 18.32 -39.34
C50 B12 G . -22.52 19.60 -39.25
O51 B12 G . -21.95 20.01 -40.28
N52 B12 G . -22.49 20.23 -38.06
C14 B12 G . -26.93 19.99 -39.75
C15 B12 G . -27.18 20.49 -38.40
C53 B12 G . -26.02 21.00 -37.51
C16 B12 G . -28.42 20.51 -37.90
C17 B12 G . -28.92 20.94 -36.53
C54 B12 G . -28.81 22.47 -36.54
C55 B12 G . -28.22 20.36 -35.25
C56 B12 G . -27.96 18.87 -35.30
C57 B12 G . -27.04 18.50 -34.19
O58 B12 G . -25.87 18.86 -34.27
N59 B12 G . -27.54 17.82 -33.16
C18 B12 G . -30.42 20.49 -36.58
C60 B12 G . -31.39 21.18 -35.61
C61 B12 G . -32.12 20.15 -34.74
O63 B12 G . -31.75 19.00 -34.58
N62 B12 G . -33.23 20.54 -34.14
C19 B12 G . -30.71 20.46 -38.04
C1P B12 G . -26.79 17.41 -32.00
C2P B12 G . -26.25 16.05 -32.25
C3P B12 G . -25.19 15.75 -31.20
O3 B12 G . -27.31 15.05 -32.25
O4 B12 G . -26.26 13.05 -33.67
O5 B12 G . -28.84 13.37 -33.26
P B12 G . -27.46 14.00 -33.47
O2 B12 G . -27.50 14.94 -34.76
C3R B12 G . -27.36 14.53 -36.11
C2R B12 G . -28.57 14.69 -37.01
O7R B12 G . -29.29 15.87 -36.56
C1R B12 G . -27.91 14.83 -38.44
O6R B12 G . -26.66 15.44 -38.17
C4R B12 G . -26.40 15.50 -36.78
C5R B12 G . -24.94 15.18 -36.55
O8R B12 G . -24.72 13.86 -37.13
N1B B12 G . -28.79 15.71 -39.24
C8B B12 G . -29.79 15.32 -40.03
C2B B12 G . -28.70 17.05 -39.30
N3B B12 G . -29.63 17.60 -40.10
C9B B12 G . -30.36 16.56 -40.59
C4B B12 G . -31.49 16.49 -41.39
C5B B12 G . -32.05 15.28 -41.71
C5M B12 G . -33.27 15.24 -42.65
C6B B12 G . -31.46 14.03 -41.18
C6M B12 G . -32.09 12.70 -41.56
C7B B12 G . -30.33 14.08 -40.36
CO B12 H . -13.83 44.94 -26.73
N21 B12 H . -12.60 45.67 -27.86
N22 B12 H . -14.31 46.68 -26.08
N23 B12 H . -15.09 44.17 -25.56
N24 B12 H . -13.38 43.26 -27.45
C1 B12 H . -11.54 44.73 -28.29
C20 B12 H . -10.44 44.63 -27.19
C2 B12 H . -11.06 45.42 -29.59
C25 B12 H . -9.56 45.17 -29.92
C26 B12 H . -11.97 45.02 -30.74
C27 B12 H . -11.71 45.81 -32.01
O28 B12 H . -12.43 46.67 -32.47
N29 B12 H . -10.65 45.48 -32.68
C3 B12 H . -11.36 46.91 -29.30
C30 B12 H . -10.22 47.84 -28.75
C31 B12 H . -9.41 48.60 -29.80
C32 B12 H . -8.17 49.25 -29.16
O34 B12 H . -7.07 49.03 -29.63
N33 B12 H . -8.32 50.06 -28.11
C4 B12 H . -12.51 46.81 -28.33
C5 B12 H . -13.48 47.88 -28.03
C35 B12 H . -13.35 49.13 -28.89
C6 B12 H . -14.34 47.78 -27.01
C7 B12 H . -15.25 48.95 -26.58
C36 B12 H . -14.54 50.30 -26.54
C37 B12 H . -16.56 49.11 -27.40
C38 B12 H . -17.37 47.83 -27.36
O39 B12 H . -17.01 46.87 -28.05
N40 B12 H . -18.44 47.75 -26.53
C8 B12 H . -15.54 48.51 -25.16
C41 B12 H . -14.52 48.99 -24.13
C42 B12 H . -14.62 48.23 -22.81
C43 B12 H . -13.74 48.84 -21.73
O44 B12 H . -13.39 50.03 -21.73
N45 B12 H . -13.34 47.98 -20.79
C9 B12 H . -15.42 47.04 -25.30
C10 B12 H . -16.18 46.10 -24.58
C11 B12 H . -15.95 44.80 -24.73
C12 B12 H . -16.93 43.86 -24.05
C46 B12 H . -18.27 43.99 -24.80
C47 B12 H . -17.32 44.22 -22.61
C13 B12 H . -16.24 42.51 -24.32
C48 B12 H . -15.59 41.79 -23.11
C49 B12 H . -16.53 41.06 -22.11
C50 B12 H . -17.56 40.16 -22.78
O51 B12 H . -18.74 40.34 -22.58
N52 B12 H . -17.17 39.19 -23.59
C14 B12 H . -15.25 42.86 -25.39
C15 B12 H . -14.57 41.77 -26.13
C53 B12 H . -15.04 40.34 -26.00
C16 B12 H . -13.57 41.98 -27.00
C17 B12 H . -12.74 41.03 -27.93
C54 B12 H . -13.59 40.70 -29.24
C55 B12 H . -12.14 39.72 -27.33
C56 B12 H . -11.58 39.92 -25.88
C57 B12 H . -11.33 38.64 -25.15
O58 B12 H . -12.28 38.01 -24.64
N59 B12 H . -10.05 38.23 -25.05
C18 B12 H . -11.57 41.96 -28.34
C60 B12 H . -10.73 41.52 -29.57
C61 B12 H . -9.24 41.42 -29.24
O63 B12 H . -8.79 41.33 -28.09
N62 B12 H . -8.40 41.44 -30.28
C19 B12 H . -12.16 43.33 -28.17
C1P B12 H . -9.68 36.99 -24.32
C2P B12 H . -9.54 37.30 -22.86
C3P B12 H . -9.41 36.00 -22.11
O3 B12 H . -8.37 38.10 -22.64
O4 B12 H . -8.84 39.01 -20.30
O5 B12 H . -7.04 39.98 -22.03
P B12 H . -8.37 39.34 -21.70
O2 B12 H . -9.52 40.23 -22.40
C3R B12 H . -10.19 41.25 -21.69
C2R B12 H . -9.93 42.60 -22.33
O7R B12 H . -9.84 42.41 -23.76
C1R B12 H . -11.15 43.41 -21.92
O6R B12 H . -12.16 42.43 -21.82
C4R B12 H . -11.70 41.08 -21.82
C5R B12 H . -12.45 40.26 -20.74
O8R B12 H . -12.05 40.83 -19.50
N1B B12 H . -11.54 44.36 -22.99
C8B B12 H . -11.12 45.63 -23.11
C2B B12 H . -12.33 44.05 -24.03
N3B B12 H . -12.46 45.13 -24.83
C9B B12 H . -11.75 46.14 -24.34
C4B B12 H . -11.47 47.44 -24.79
C5B B12 H . -10.64 48.27 -24.03
C5M B12 H . -10.42 49.69 -24.48
C6B B12 H . -10.04 47.77 -22.77
C6M B12 H . -9.13 48.69 -21.94
C7B B12 H . -10.30 46.47 -22.35
CO B12 I . 53.60 -7.03 0.73
N21 B12 I . 54.33 -7.60 2.31
N22 B12 I . 54.87 -5.54 0.60
N23 B12 I . 52.73 -6.35 -0.82
N24 B12 I . 52.37 -8.46 0.90
C1 B12 I . 53.41 -8.27 3.26
C20 B12 I . 52.65 -7.31 4.19
C2 B12 I . 54.35 -9.25 4.03
C25 B12 I . 54.02 -9.62 5.47
C26 B12 I . 54.32 -10.61 3.29
C27 B12 I . 55.67 -11.19 3.09
O28 B12 I . 56.21 -10.90 2.03
N29 B12 I . 56.16 -11.96 4.09
C3 B12 I . 55.68 -8.44 3.96
C30 B12 I . 55.99 -7.45 5.11
C31 B12 I . 56.97 -7.93 6.19
C32 B12 I . 57.17 -6.81 7.21
O34 B12 I . 56.92 -6.99 8.39
N33 B12 I . 57.61 -5.61 6.79
C4 B12 I . 55.54 -7.60 2.68
C5 B12 I . 56.58 -6.84 1.95
C35 B12 I . 57.99 -7.17 2.41
C6 B12 I . 56.27 -5.87 1.00
C7 B12 I . 57.33 -4.98 0.32
C36 B12 I . 58.11 -4.15 1.38
C37 B12 I . 58.31 -5.74 -0.60
C38 B12 I . 57.70 -6.97 -1.23
O39 B12 I . 57.83 -8.06 -0.69
N40 B12 I . 57.00 -6.82 -2.38
C8 B12 I . 56.48 -4.09 -0.60
C41 B12 I . 56.33 -2.60 -0.31
C42 B12 I . 55.26 -2.36 0.73
C43 B12 I . 55.22 -0.93 1.22
O44 B12 I . 54.20 -0.28 1.06
N45 B12 I . 56.33 -0.52 1.85
C9 B12 I . 55.15 -4.79 -0.55
C10 B12 I . 54.25 -4.64 -1.65
C11 B12 I . 53.16 -5.41 -1.73
C12 B12 I . 52.35 -5.29 -3.02
C46 B12 I . 53.10 -5.99 -4.15
C47 B12 I . 52.13 -3.85 -3.50
C13 B12 I . 51.11 -6.06 -2.51
C48 B12 I . 49.89 -5.18 -2.14
C49 B12 I . 49.05 -4.63 -3.32
C50 B12 I . 48.94 -5.61 -4.46
O51 B12 I . 49.58 -5.47 -5.50
N52 B12 I . 48.09 -6.64 -4.28
C14 B12 I . 51.58 -6.79 -1.26
C15 B12 I . 50.75 -7.89 -0.71
C53 B12 I . 49.53 -8.38 -1.47
C16 B12 I . 51.09 -8.55 0.40
C17 B12 I . 50.38 -9.64 1.21
C54 B12 I . 50.72 -11.03 0.57
C55 B12 I . 48.86 -9.48 1.35
C56 B12 I . 48.41 -8.11 1.87
C57 B12 I . 46.94 -8.02 1.62
O58 B12 I . 46.55 -8.14 0.47
N59 B12 I . 46.16 -7.89 2.72
C18 B12 I . 51.04 -9.51 2.62
C60 B12 I . 51.02 -10.76 3.56
C61 B12 I . 50.33 -10.47 4.92
O63 B12 I . 49.74 -9.38 5.11
N62 B12 I . 50.34 -11.41 5.89
C19 B12 I . 52.32 -8.81 2.29
C1P B12 I . 44.70 -7.91 2.64
C2P B12 I . 44.19 -6.48 2.76
C3P B12 I . 42.67 -6.45 2.48
O3 B12 I . 44.57 -5.97 4.06
O4 B12 I . 44.46 -3.52 3.44
O5 B12 I . 45.52 -4.33 5.76
P B12 I . 45.26 -4.53 4.25
O2 B12 I . 46.65 -4.81 3.47
C3R B12 I . 47.44 -3.80 2.82
C2R B12 I . 48.86 -3.80 3.42
O7R B12 I . 49.20 -5.12 3.88
C1R B12 I . 49.70 -3.22 2.28
O6R B12 I . 49.02 -3.44 1.04
C4R B12 I . 47.71 -4.01 1.32
C5R B12 I . 46.63 -3.45 0.37
O8R B12 I . 46.72 -2.04 0.37
N1B B12 I . 51.04 -3.84 2.29
C8B B12 I . 52.08 -3.40 3.03
C2B B12 I . 51.39 -4.92 1.59
N3B B12 I . 52.68 -5.22 1.85
C9B B12 I . 53.19 -4.34 2.75
C4B B12 I . 54.43 -4.18 3.38
C5B B12 I . 54.64 -3.13 4.27
C5M B12 I . 56.01 -3.00 4.91
C6B B12 I . 53.51 -2.17 4.57
C6M B12 I . 53.65 -1.00 5.55
C7B B12 I . 52.27 -2.36 3.93
MG MG J . 55.58 21.79 -15.20
CO B12 K . 41.07 -29.87 -18.26
N21 B12 K . 41.56 -29.62 -20.00
N22 B12 K . 41.15 -31.76 -18.48
N23 B12 K . 40.55 -30.05 -16.46
N24 B12 K . 41.07 -27.99 -18.06
C1 B12 K . 41.17 -28.36 -20.59
C20 B12 K . 39.74 -28.51 -21.14
C2 B12 K . 42.18 -28.11 -21.74
C25 B12 K . 41.61 -27.36 -22.97
C26 B12 K . 43.47 -27.28 -21.44
C27 B12 K . 44.37 -27.64 -20.25
O28 B12 K . 44.87 -26.77 -19.50
N29 B12 K . 44.65 -28.88 -20.06
C3 B12 K . 42.57 -29.57 -22.06
C30 B12 K . 41.88 -30.29 -23.20
C31 B12 K . 42.63 -30.06 -24.49
C32 B12 K . 42.03 -30.80 -25.67
O34 B12 K . 41.65 -30.18 -26.62
N33 B12 K . 41.97 -32.09 -25.64
C4 B12 K . 42.29 -30.29 -20.75
C5 B12 K . 42.84 -31.55 -20.32
C35 B12 K . 43.90 -32.09 -21.27
C6 B12 K . 42.34 -32.20 -19.24
C7 B12 K . 42.84 -33.57 -18.82
C36 B12 K . 42.89 -34.54 -20.01
C37 B12 K . 44.21 -33.53 -18.05
C38 B12 K . 44.92 -32.16 -17.75
O39 B12 K . 45.78 -31.49 -18.51
N40 B12 K . 44.55 -31.74 -16.52
C8 B12 K . 41.67 -34.05 -17.93
C41 B12 K . 40.47 -34.78 -18.60
C42 B12 K . 39.19 -34.81 -17.74
C43 B12 K . 37.97 -35.52 -18.32
O44 B12 K . 36.86 -35.23 -17.91
N45 B12 K . 38.07 -36.39 -19.30
C9 B12 K . 41.22 -32.69 -17.46
C10 B12 K . 40.88 -32.40 -16.09
C11 B12 K . 40.58 -31.15 -15.70
C12 B12 K . 40.35 -30.87 -14.23
C46 B12 K . 41.78 -30.85 -13.61
C47 B12 K . 39.58 -31.95 -13.45
C13 B12 K . 39.72 -29.46 -14.29
C48 B12 K . 38.19 -29.36 -14.06
C49 B12 K . 37.63 -29.46 -12.62
C50 B12 K . 38.39 -28.60 -11.62
O51 B12 K . 39.02 -29.10 -10.70
N52 B12 K . 38.37 -27.30 -11.79
C14 B12 K . 40.13 -29.07 -15.67
C15 B12 K . 40.10 -27.64 -15.98
C53 B12 K . 39.84 -26.58 -14.87
C16 B12 K . 40.36 -27.23 -17.23
C17 B12 K . 40.15 -25.90 -17.87
C54 B12 K . 41.25 -24.97 -17.32
C55 B12 K . 38.64 -25.67 -17.71
C56 B12 K . 38.21 -24.37 -17.27
C57 B12 K . 36.70 -24.48 -16.96
O58 B12 K . 36.49 -24.77 -15.81
N59 B12 K . 35.77 -24.06 -17.82
C18 B12 K . 40.30 -26.13 -19.39
C60 B12 K . 40.76 -24.94 -20.26
C61 B12 K . 39.70 -24.61 -21.30
O63 B12 K . 38.61 -25.06 -21.19
N62 B12 K . 40.03 -23.84 -22.36
C19 B12 K . 40.96 -27.45 -19.39
C1P B12 K . 34.59 -23.30 -17.35
C2P B12 K . 33.36 -24.10 -16.98
C3P B12 K . 32.34 -23.20 -16.29
O3 B12 K . 32.86 -24.54 -18.20
O4 B12 K . 31.42 -26.51 -17.50
O5 B12 K . 32.21 -26.03 -19.94
P B12 K . 32.52 -26.04 -18.48
O2 B12 K . 33.94 -26.77 -18.05
C3R B12 K . 34.02 -28.16 -17.79
C2R B12 K . 34.75 -28.95 -18.90
O7R B12 K . 35.74 -28.15 -19.54
C1R B12 K . 35.34 -30.17 -18.14
O6R B12 K . 35.38 -29.80 -16.77
C4R B12 K . 34.83 -28.49 -16.55
C5R B12 K . 34.13 -28.60 -15.19
O8R B12 K . 32.97 -29.39 -15.33
N1B B12 K . 36.73 -30.50 -18.59
C8B B12 K . 37.00 -31.39 -19.51
C2B B12 K . 37.88 -29.97 -18.16
N3B B12 K . 38.97 -30.50 -18.80
C9B B12 K . 38.48 -31.38 -19.67
C4B B12 K . 39.08 -32.16 -20.59
C5B B12 K . 38.28 -32.97 -21.37
C5M B12 K . 38.92 -33.89 -22.38
C6B B12 K . 36.82 -32.99 -21.20
C6M B12 K . 36.03 -33.92 -22.10
C7B B12 K . 36.20 -32.20 -20.27
MG MG L . 27.38 -56.17 -2.10
MG MG M . -55.57 -22.36 14.85
#